data_7UOV
#
_entry.id   7UOV
#
_cell.length_a   1.00
_cell.length_b   1.00
_cell.length_c   1.00
_cell.angle_alpha   90.00
_cell.angle_beta   90.00
_cell.angle_gamma   90.00
#
_symmetry.space_group_name_H-M   'P 1'
#
loop_
_entity.id
_entity.type
_entity.pdbx_description
1 polymer '12.1F heavy chain (variable domain)'
2 polymer '12.1F light chain (variable domain)'
3 polymer 'Glycoprotein G1'
4 polymer 'Glycoprotein G2'
5 polymer '37.2D light chain (variable domain)'
6 polymer '37.2D heavy chain (variable domain)'
7 branched beta-D-mannopyranose-(1-4)-2-acetamido-2-deoxy-beta-D-glucopyranose-(1-4)-2-acetamido-2-deoxy-beta-D-glucopyranose
8 branched alpha-D-mannopyranose-(1-2)-alpha-D-mannopyranose-(1-3)-[alpha-D-mannopyranose-(1-6)]beta-D-mannopyranose-(1-4)-2-acetamido-2-deoxy-beta-D-glucopyranose-(1-4)-2-acetamido-2-deoxy-beta-D-glucopyranose
9 branched alpha-D-mannopyranose-(1-3)-beta-D-mannopyranose-(1-4)-2-acetamido-2-deoxy-beta-D-glucopyranose-(1-4)-[alpha-L-fucopyranose-(1-6)]2-acetamido-2-deoxy-beta-D-glucopyranose
10 branched beta-D-mannopyranose-(1-4)-2-acetamido-2-deoxy-beta-D-glucopyranose-(1-4)-[alpha-L-fucopyranose-(1-6)]2-acetamido-2-deoxy-beta-D-glucopyranose
11 branched 2-acetamido-2-deoxy-beta-D-glucopyranose-(1-4)-2-acetamido-2-deoxy-beta-D-glucopyranose
12 branched alpha-D-mannopyranose-(1-3)-[alpha-D-mannopyranose-(1-6)]beta-D-mannopyranose-(1-4)-2-acetamido-2-deoxy-beta-D-glucopyranose-(1-4)-[alpha-L-fucopyranose-(1-6)]2-acetamido-2-deoxy-beta-D-glucopyranose
13 non-polymer 2-acetamido-2-deoxy-beta-D-glucopyranose
#
loop_
_entity_poly.entity_id
_entity_poly.type
_entity_poly.pdbx_seq_one_letter_code
_entity_poly.pdbx_strand_id
1 'polypeptide(L)'
;QVQLQESGAGLLKPSETLSLSCTVDGESFNGFFWTWIRQPPGKGLEWIGEINHLASTGYNPSLKSRVTISVDTSKNQFSL
KLTSVTAADTAVYYCARGYSYGFAWPNYHYLDVW
;
H,D,F
2 'polypeptide(L)'
;EIVLTQSPATLSLSPGERATLSCRASQSVSSYLAWYQHKPGQAPRLLIYGASKRATGIPSRFSGSGSGTDFSLTISSLEP
EDFAVYYCQHRSDWRTTFGQGTRLEI
;
L,E,G
3 'polypeptide(L)'
;MGQIVTFFQEVPHVIEEVMNIVLIALSVLAVLKGLYNFATCGLVGLVTFLLLCGRSCTTSLYKGVYELQTLELNMETLNM
TMPLSCTKNNSHHYIMVGNETGLELTLTNTSIINHKFCNLSDAHKKNLYDHALMSIISTFHLSIPNFNQYEAMSCDFNGG
KISVQYNLSHSYAGDAANHCGTVANGVLQTFMRMAWGGSYIALDSGRGNWDCIMTSYQYLIIQNTTWEDHCQFSRPSPIG
YLGLLSQRTRDIYISRRLL
;
A,B,C
4 'polypeptide(L)'
;GTFTWTLSDSEGKDTPGGYCLTRWMLIEAELKCFGNTAVAKCNEKHDEEFCDMLRLFDFNKQAIQRLKAEAQTSIQLINK
AVNALINDQLIMKNHLRDIMGIPYCNYSKYWYLNHTTTGRTSLPKCWLVSNGSYLNETHFSDDIEQQADNMITEMLQKEY
MERQGKTPLGLVDLFVFSTSFYLISIFLHLVKIPTHRHIVGKSCPKPHRLNHMGICSCGLYKQPGVPVKWKR
;
a,b,c
5 'polypeptide(L)'
;ETTLTQSPATLSVSPGETATLSCRASQNVINNLAWYQQKPGQAPRLLIYGASTRATGIPARFSGSGSGTEFTLTISSMQS
EDFAVYYCQQYNDWPRSFGQGTRLD
;
T,P,R
6 'polypeptide(L)'
;EVQLVQSGAEVKKPGASVKVSCKASGYTFTKYGISWVRQAPGQGLEWMGWISAFNGYTRYGQRFQGKVTMTTDTSTNTAS
LEVRTLTSNDTAVYYCARQYPDQYSSSGWPRLFAMDVWGQGTTVTV
;
S,O,Q
#
loop_
_chem_comp.id
_chem_comp.type
_chem_comp.name
_chem_comp.formula
BMA D-saccharide, beta linking beta-D-mannopyranose 'C6 H12 O6'
FUC L-saccharide, alpha linking alpha-L-fucopyranose 'C6 H12 O5'
MAN D-saccharide, alpha linking alpha-D-mannopyranose 'C6 H12 O6'
NAG D-saccharide, beta linking 2-acetamido-2-deoxy-beta-D-glucopyranose 'C8 H15 N O6'
#
# COMPACT_ATOMS: atom_id res chain seq x y z
N LEU A 18 59.26 5.72 9.88
CA LEU A 18 59.17 6.87 8.98
C LEU A 18 57.84 7.60 9.14
N SER A 19 57.70 8.37 10.20
CA SER A 19 56.51 9.18 10.44
C SER A 19 56.66 10.48 9.66
N LEU A 20 56.18 10.48 8.42
CA LEU A 20 56.34 11.60 7.50
C LEU A 20 54.97 12.19 7.17
N SER A 21 54.75 13.43 7.57
CA SER A 21 53.51 14.13 7.26
C SER A 21 53.72 15.08 6.09
N CYS A 22 52.64 15.35 5.36
CA CYS A 22 52.67 16.26 4.22
C CYS A 22 51.49 17.22 4.33
N THR A 23 51.71 18.34 5.02
CA THR A 23 50.67 19.33 5.19
C THR A 23 50.60 20.25 3.98
N VAL A 24 49.39 20.40 3.42
CA VAL A 24 49.19 21.27 2.26
C VAL A 24 47.90 22.06 2.48
N ASP A 25 47.95 23.35 2.15
CA ASP A 25 46.76 24.20 2.17
C ASP A 25 46.11 24.27 0.79
N GLY A 26 46.85 24.76 -0.20
CA GLY A 26 46.45 24.76 -1.60
C GLY A 26 44.98 24.99 -1.89
N GLU A 27 44.41 24.14 -2.73
CA GLU A 27 42.99 24.19 -3.07
C GLU A 27 42.23 23.26 -2.12
N SER A 28 40.98 22.94 -2.48
CA SER A 28 40.13 22.13 -1.62
C SER A 28 40.75 20.75 -1.38
N PHE A 29 40.54 20.23 -0.18
CA PHE A 29 41.07 18.94 0.23
C PHE A 29 40.21 17.76 -0.17
N ASN A 30 38.96 18.00 -0.58
CA ASN A 30 38.03 16.93 -0.91
C ASN A 30 38.01 16.69 -2.42
N GLY A 31 38.00 15.42 -2.80
CA GLY A 31 37.97 15.03 -4.20
C GLY A 31 39.31 14.70 -4.82
N PHE A 32 40.37 14.60 -4.02
CA PHE A 32 41.71 14.32 -4.51
C PHE A 32 42.26 13.07 -3.84
N PHE A 33 43.26 12.47 -4.49
CA PHE A 33 43.97 11.32 -3.96
C PHE A 33 45.38 11.74 -3.58
N TRP A 34 45.73 11.56 -2.32
CA TRP A 34 47.03 11.96 -1.79
C TRP A 34 47.90 10.71 -1.68
N THR A 35 48.91 10.62 -2.53
CA THR A 35 49.74 9.43 -2.65
C THR A 35 51.16 9.72 -2.18
N TRP A 36 51.87 8.65 -1.85
CA TRP A 36 53.28 8.69 -1.53
C TRP A 36 54.06 7.85 -2.53
N ILE A 37 55.19 8.38 -3.00
CA ILE A 37 56.01 7.70 -3.98
C ILE A 37 57.46 7.76 -3.52
N ARG A 38 58.11 6.60 -3.48
CA ARG A 38 59.51 6.51 -3.07
C ARG A 38 60.36 6.09 -4.26
N GLN A 39 61.56 6.63 -4.33
CA GLN A 39 62.53 6.30 -5.37
C GLN A 39 63.85 5.90 -4.71
N PRO A 40 64.21 4.62 -4.72
CA PRO A 40 65.53 4.23 -4.24
C PRO A 40 66.61 4.78 -5.17
N PRO A 41 67.80 5.05 -4.65
CA PRO A 41 68.87 5.59 -5.51
C PRO A 41 69.23 4.61 -6.62
N GLY A 42 69.22 5.11 -7.85
CA GLY A 42 69.57 4.32 -9.01
C GLY A 42 68.41 3.57 -9.65
N LYS A 43 67.23 3.58 -9.04
CA LYS A 43 66.06 2.88 -9.55
C LYS A 43 64.96 3.90 -9.86
N GLY A 44 63.84 3.38 -10.38
CA GLY A 44 62.73 4.21 -10.75
C GLY A 44 61.81 4.52 -9.58
N LEU A 45 60.72 5.22 -9.89
CA LEU A 45 59.74 5.58 -8.87
C LEU A 45 58.91 4.36 -8.47
N GLU A 46 58.24 4.47 -7.33
CA GLU A 46 57.39 3.40 -6.83
C GLU A 46 56.30 3.99 -5.96
N TRP A 47 55.05 3.82 -6.38
CA TRP A 47 53.91 4.26 -5.58
C TRP A 47 53.72 3.30 -4.41
N ILE A 48 53.54 3.86 -3.21
CA ILE A 48 53.51 3.06 -1.99
C ILE A 48 52.25 3.27 -1.16
N GLY A 49 51.36 4.18 -1.57
CA GLY A 49 50.14 4.40 -0.81
C GLY A 49 49.29 5.45 -1.48
N GLU A 50 48.04 5.54 -1.02
CA GLU A 50 47.07 6.47 -1.60
C GLU A 50 45.91 6.64 -0.63
N ILE A 51 45.49 7.88 -0.45
CA ILE A 51 44.47 8.23 0.54
C ILE A 51 43.45 9.18 -0.07
N ASN A 52 42.18 8.97 0.24
CA ASN A 52 41.11 9.89 -0.11
C ASN A 52 40.77 10.76 1.09
N HIS A 53 39.90 11.76 0.84
CA HIS A 53 39.50 12.64 1.93
C HIS A 53 38.65 11.93 2.98
N LEU A 54 38.10 10.76 2.65
CA LEU A 54 37.47 9.90 3.63
C LEU A 54 38.55 9.01 4.27
N ALA A 55 38.13 7.98 5.00
CA ALA A 55 39.07 7.06 5.62
C ALA A 55 39.54 5.97 4.69
N SER A 56 39.06 5.93 3.45
CA SER A 56 39.45 4.89 2.52
C SER A 56 40.94 5.02 2.15
N THR A 57 41.55 3.89 1.85
CA THR A 57 42.99 3.85 1.61
C THR A 57 43.33 2.76 0.60
N GLY A 58 44.47 2.92 -0.04
CA GLY A 58 45.02 1.90 -0.90
C GLY A 58 46.52 1.81 -0.70
N TYR A 59 47.05 0.60 -0.82
CA TYR A 59 48.43 0.33 -0.47
C TYR A 59 49.10 -0.52 -1.54
N ASN A 60 50.42 -0.44 -1.57
CA ASN A 60 51.21 -1.30 -2.45
C ASN A 60 51.24 -2.72 -1.89
N PRO A 61 50.84 -3.73 -2.65
CA PRO A 61 50.79 -5.10 -2.09
C PRO A 61 52.13 -5.61 -1.58
N SER A 62 53.24 -5.14 -2.17
CA SER A 62 54.55 -5.63 -1.74
C SER A 62 54.84 -5.28 -0.29
N LEU A 63 54.53 -4.05 0.12
CA LEU A 63 54.84 -3.58 1.46
C LEU A 63 53.60 -3.15 2.25
N LYS A 64 52.42 -3.64 1.84
CA LYS A 64 51.19 -3.29 2.55
C LYS A 64 51.20 -3.77 3.99
N SER A 65 51.85 -4.90 4.26
CA SER A 65 51.82 -5.50 5.60
C SER A 65 52.58 -4.67 6.63
N ARG A 66 53.35 -3.67 6.22
CA ARG A 66 54.14 -2.90 7.17
C ARG A 66 54.08 -1.40 6.94
N VAL A 67 53.04 -0.90 6.28
CA VAL A 67 52.85 0.52 6.04
C VAL A 67 51.45 0.91 6.50
N THR A 68 51.30 2.17 6.92
CA THR A 68 50.00 2.67 7.35
C THR A 68 49.96 4.18 7.13
N ILE A 69 48.94 4.66 6.42
CA ILE A 69 48.81 6.07 6.12
C ILE A 69 47.49 6.57 6.69
N SER A 70 47.55 7.69 7.41
CA SER A 70 46.37 8.32 8.01
C SER A 70 46.20 9.71 7.44
N VAL A 71 45.01 10.28 7.64
CA VAL A 71 44.67 11.60 7.14
C VAL A 71 43.93 12.36 8.22
N ASP A 72 44.25 13.65 8.37
CA ASP A 72 43.56 14.56 9.26
C ASP A 72 42.99 15.69 8.42
N THR A 73 41.65 15.73 8.33
CA THR A 73 40.99 16.75 7.51
C THR A 73 40.97 18.11 8.19
N SER A 74 40.85 18.14 9.52
CA SER A 74 40.82 19.42 10.22
C SER A 74 42.10 20.21 10.00
N LYS A 75 43.25 19.55 10.07
CA LYS A 75 44.53 20.18 9.83
C LYS A 75 44.94 20.14 8.35
N ASN A 76 44.17 19.45 7.51
CA ASN A 76 44.45 19.32 6.08
C ASN A 76 45.83 18.73 5.85
N GLN A 77 46.03 17.50 6.31
CA GLN A 77 47.31 16.84 6.16
C GLN A 77 47.12 15.33 6.07
N PHE A 78 48.14 14.65 5.55
CA PHE A 78 48.16 13.20 5.52
C PHE A 78 49.57 12.73 5.88
N SER A 79 49.64 11.67 6.68
CA SER A 79 50.90 11.19 7.23
C SER A 79 51.08 9.71 6.93
N LEU A 80 52.24 9.36 6.40
CA LEU A 80 52.64 7.98 6.19
C LEU A 80 53.53 7.51 7.32
N LYS A 81 53.40 6.22 7.67
CA LYS A 81 54.22 5.59 8.68
C LYS A 81 54.65 4.23 8.15
N LEU A 82 55.95 3.94 8.23
CA LEU A 82 56.53 2.70 7.74
C LEU A 82 57.37 2.10 8.83
N THR A 83 56.97 0.92 9.33
CA THR A 83 57.68 0.27 10.41
C THR A 83 58.84 -0.57 9.87
N SER A 84 59.65 -1.08 10.79
CA SER A 84 60.82 -1.89 10.47
C SER A 84 61.79 -1.12 9.56
N VAL A 85 62.32 -0.03 10.10
CA VAL A 85 63.25 0.80 9.34
C VAL A 85 64.49 0.01 8.99
N THR A 86 64.97 0.19 7.76
CA THR A 86 66.13 -0.54 7.27
C THR A 86 66.87 0.32 6.26
N ALA A 87 68.19 0.18 6.22
CA ALA A 87 68.98 0.90 5.23
C ALA A 87 68.65 0.47 3.81
N ALA A 88 68.10 -0.73 3.62
CA ALA A 88 67.66 -1.16 2.30
C ALA A 88 66.45 -0.39 1.82
N ASP A 89 65.71 0.26 2.74
CA ASP A 89 64.55 1.06 2.39
C ASP A 89 64.89 2.53 2.19
N THR A 90 66.17 2.90 2.28
CA THR A 90 66.56 4.29 2.04
C THR A 90 66.22 4.70 0.60
N ALA A 91 65.60 5.85 0.46
CA ALA A 91 65.11 6.34 -0.82
C ALA A 91 64.77 7.80 -0.66
N VAL A 92 64.23 8.40 -1.73
CA VAL A 92 63.71 9.76 -1.69
C VAL A 92 62.19 9.68 -1.79
N TYR A 93 61.51 10.35 -0.86
CA TYR A 93 60.07 10.24 -0.71
C TYR A 93 59.38 11.52 -1.12
N TYR A 94 58.30 11.38 -1.89
CA TYR A 94 57.50 12.52 -2.35
C TYR A 94 56.03 12.27 -2.00
N CYS A 95 55.38 13.33 -1.53
CA CYS A 95 53.94 13.33 -1.34
C CYS A 95 53.29 14.11 -2.48
N ALA A 96 52.32 13.49 -3.15
CA ALA A 96 51.76 14.04 -4.37
C ALA A 96 50.24 14.05 -4.30
N ARG A 97 49.65 15.01 -5.00
CA ARG A 97 48.20 15.10 -5.20
C ARG A 97 47.89 14.69 -6.63
N GLY A 98 46.95 13.76 -6.77
CA GLY A 98 46.52 13.32 -8.08
C GLY A 98 45.02 13.17 -8.14
N TYR A 99 44.48 13.39 -9.34
CA TYR A 99 43.04 13.42 -9.58
C TYR A 99 42.69 12.37 -10.63
N SER A 100 41.63 11.61 -10.37
CA SER A 100 41.17 10.55 -11.28
C SER A 100 39.80 10.91 -11.82
N TYR A 101 39.64 10.75 -13.13
CA TYR A 101 38.39 11.06 -13.82
C TYR A 101 37.76 9.78 -14.32
N GLY A 102 36.53 9.51 -13.89
CA GLY A 102 35.85 8.29 -14.30
C GLY A 102 34.41 8.48 -14.74
N PHE A 103 34.10 9.59 -15.42
CA PHE A 103 32.73 9.85 -15.80
C PHE A 103 32.45 9.59 -17.28
N ALA A 104 33.46 9.69 -18.13
CA ALA A 104 33.32 9.50 -19.57
C ALA A 104 34.25 8.38 -20.02
N TRP A 105 34.35 8.20 -21.34
CA TRP A 105 35.32 7.25 -21.89
C TRP A 105 36.77 7.47 -21.52
N PRO A 106 37.51 8.45 -22.05
CA PRO A 106 38.95 8.43 -21.77
C PRO A 106 39.23 8.64 -20.30
N ASN A 107 38.96 7.60 -19.49
CA ASN A 107 39.31 7.65 -18.08
C ASN A 107 40.80 7.87 -17.93
N TYR A 108 41.16 8.81 -17.07
CA TYR A 108 42.54 9.21 -16.92
C TYR A 108 42.82 9.56 -15.47
N HIS A 109 44.03 9.24 -15.02
CA HIS A 109 44.49 9.59 -13.70
C HIS A 109 45.86 10.23 -13.84
N TYR A 110 46.03 11.40 -13.22
CA TYR A 110 47.30 12.12 -13.30
C TYR A 110 47.65 12.65 -11.92
N LEU A 111 48.91 12.50 -11.55
CA LEU A 111 49.42 13.07 -10.30
C LEU A 111 49.61 14.55 -10.52
N ASP A 112 48.67 15.35 -10.01
CA ASP A 112 48.62 16.77 -10.34
C ASP A 112 49.87 17.49 -9.87
N VAL A 113 50.11 17.51 -8.56
CA VAL A 113 51.21 18.28 -8.00
C VAL A 113 52.05 17.40 -7.09
N TRP A 114 53.27 17.85 -6.85
CA TRP A 114 54.20 17.13 -5.99
C TRP A 114 54.71 18.03 -4.86
N GLU B 1 47.62 -7.89 -10.72
CA GLU B 1 48.01 -6.55 -11.12
C GLU B 1 48.78 -6.57 -12.43
N ILE B 2 48.56 -5.55 -13.25
CA ILE B 2 49.24 -5.45 -14.55
C ILE B 2 50.56 -4.71 -14.37
N VAL B 3 51.44 -4.85 -15.36
CA VAL B 3 52.76 -4.24 -15.32
C VAL B 3 52.97 -3.44 -16.60
N LEU B 4 53.87 -2.46 -16.52
CA LEU B 4 54.21 -1.60 -17.65
C LEU B 4 55.66 -1.85 -18.02
N THR B 5 55.91 -2.06 -19.32
CA THR B 5 57.25 -2.29 -19.84
C THR B 5 57.61 -1.17 -20.80
N GLN B 6 58.77 -0.56 -20.58
CA GLN B 6 59.29 0.49 -21.44
C GLN B 6 60.08 -0.15 -22.58
N SER B 7 59.65 0.09 -23.82
CA SER B 7 60.39 -0.43 -24.96
C SER B 7 61.81 0.14 -25.05
N PRO B 8 62.03 1.46 -24.96
CA PRO B 8 63.41 1.95 -24.96
C PRO B 8 64.01 1.98 -23.56
N ALA B 9 65.33 1.85 -23.52
CA ALA B 9 66.07 1.89 -22.27
C ALA B 9 67.35 2.68 -22.47
N THR B 10 67.51 3.77 -21.72
CA THR B 10 68.70 4.62 -21.77
C THR B 10 68.99 5.06 -23.20
N LEU B 11 67.96 5.51 -23.90
CA LEU B 11 68.12 5.95 -25.28
C LEU B 11 68.90 7.26 -25.33
N SER B 12 69.88 7.32 -26.22
CA SER B 12 70.70 8.51 -26.41
C SER B 12 70.44 9.09 -27.78
N LEU B 13 70.29 10.41 -27.85
CA LEU B 13 69.97 11.08 -29.11
C LEU B 13 70.50 12.51 -29.06
N SER B 14 71.01 12.98 -30.20
CA SER B 14 71.49 14.35 -30.28
C SER B 14 70.31 15.32 -30.35
N PRO B 15 70.48 16.53 -29.84
CA PRO B 15 69.39 17.52 -29.91
C PRO B 15 69.11 17.95 -31.34
N GLY B 16 67.85 18.33 -31.57
CA GLY B 16 67.43 18.87 -32.85
C GLY B 16 66.50 17.98 -33.65
N GLU B 17 66.34 16.71 -33.27
CA GLU B 17 65.47 15.78 -33.98
C GLU B 17 64.36 15.30 -33.05
N ARG B 18 63.54 14.38 -33.57
CA ARG B 18 62.42 13.83 -32.82
C ARG B 18 62.85 12.56 -32.09
N ALA B 19 62.16 12.27 -30.98
CA ALA B 19 62.42 11.07 -30.20
C ALA B 19 61.10 10.44 -29.82
N THR B 20 61.13 9.11 -29.63
CA THR B 20 59.93 8.35 -29.27
C THR B 20 60.23 7.43 -28.10
N LEU B 21 59.29 7.35 -27.17
CA LEU B 21 59.39 6.48 -26.01
C LEU B 21 58.05 5.76 -25.85
N SER B 22 58.04 4.45 -26.09
CA SER B 22 56.81 3.67 -26.07
C SER B 22 56.84 2.66 -24.93
N CYS B 23 55.72 2.55 -24.22
CA CYS B 23 55.57 1.57 -23.17
C CYS B 23 54.23 0.86 -23.32
N ARG B 24 54.18 -0.38 -22.87
CA ARG B 24 53.02 -1.23 -23.07
C ARG B 24 52.66 -1.96 -21.78
N ALA B 25 51.38 -2.33 -21.68
CA ALA B 25 50.85 -3.04 -20.52
C ALA B 25 50.60 -4.50 -20.86
N SER B 26 50.27 -5.27 -19.82
CA SER B 26 49.99 -6.69 -20.01
C SER B 26 48.73 -6.90 -20.85
N GLN B 27 47.68 -6.12 -20.58
CA GLN B 27 46.43 -6.22 -21.32
C GLN B 27 45.87 -4.81 -21.51
N SER B 28 44.61 -4.74 -21.92
CA SER B 28 43.97 -3.45 -22.11
C SER B 28 43.95 -2.66 -20.81
N VAL B 29 44.31 -1.39 -20.88
CA VAL B 29 44.41 -0.55 -19.69
C VAL B 29 43.04 -0.04 -19.29
N SER B 30 42.80 0.07 -17.98
CA SER B 30 41.56 0.66 -17.51
C SER B 30 41.56 2.17 -17.70
N SER B 31 42.68 2.81 -17.43
CA SER B 31 42.83 4.26 -17.57
C SER B 31 44.01 4.56 -18.48
N TYR B 32 43.84 5.55 -19.35
CA TYR B 32 44.92 5.93 -20.26
C TYR B 32 46.12 6.43 -19.46
N LEU B 33 47.31 6.07 -19.93
CA LEU B 33 48.52 6.24 -19.14
C LEU B 33 48.87 7.72 -18.99
N ALA B 34 49.69 8.01 -17.98
CA ALA B 34 50.17 9.36 -17.72
C ALA B 34 51.69 9.36 -17.78
N TRP B 35 52.25 10.32 -18.51
CA TRP B 35 53.69 10.43 -18.71
C TRP B 35 54.25 11.56 -17.88
N TYR B 36 55.27 11.25 -17.08
CA TYR B 36 55.96 12.19 -16.20
C TYR B 36 57.42 12.31 -16.62
N GLN B 37 57.98 13.50 -16.41
CA GLN B 37 59.39 13.77 -16.63
C GLN B 37 60.08 13.96 -15.28
N HIS B 38 61.22 13.31 -15.12
CA HIS B 38 61.96 13.29 -13.85
C HIS B 38 63.39 13.75 -14.12
N LYS B 39 63.69 14.99 -13.75
CA LYS B 39 65.05 15.50 -13.80
C LYS B 39 65.84 15.04 -12.57
N PRO B 40 67.15 14.88 -12.69
CA PRO B 40 67.95 14.48 -11.52
C PRO B 40 68.01 15.60 -10.50
N GLY B 41 67.77 15.26 -9.24
CA GLY B 41 67.77 16.23 -8.17
C GLY B 41 66.55 17.12 -8.09
N GLN B 42 65.49 16.81 -8.84
CA GLN B 42 64.27 17.60 -8.83
C GLN B 42 63.07 16.67 -8.79
N ALA B 43 61.97 17.19 -8.25
CA ALA B 43 60.75 16.40 -8.16
C ALA B 43 60.17 16.20 -9.56
N PRO B 44 59.57 15.04 -9.83
CA PRO B 44 58.95 14.81 -11.14
C PRO B 44 57.76 15.72 -11.36
N ARG B 45 57.51 16.05 -12.62
CA ARG B 45 56.39 16.89 -12.99
C ARG B 45 55.56 16.20 -14.07
N LEU B 46 54.26 16.48 -14.05
CA LEU B 46 53.34 15.87 -15.01
C LEU B 46 53.54 16.46 -16.40
N LEU B 47 53.65 15.59 -17.41
CA LEU B 47 53.78 16.00 -18.79
C LEU B 47 52.52 15.72 -19.61
N ILE B 48 52.08 14.46 -19.62
CA ILE B 48 50.94 14.04 -20.44
C ILE B 48 49.94 13.31 -19.54
N TYR B 49 48.67 13.70 -19.64
CA TYR B 49 47.61 12.99 -18.94
C TYR B 49 46.53 12.59 -19.94
N GLY B 50 45.96 11.42 -19.75
CA GLY B 50 44.99 10.89 -20.68
C GLY B 50 45.57 10.37 -21.98
N ALA B 51 46.90 10.26 -22.06
CA ALA B 51 47.67 9.77 -23.20
C ALA B 51 47.60 10.71 -24.40
N SER B 52 46.85 11.81 -24.33
CA SER B 52 46.78 12.74 -25.44
C SER B 52 46.80 14.20 -25.03
N LYS B 53 46.61 14.53 -23.76
CA LYS B 53 46.49 15.91 -23.31
C LYS B 53 47.74 16.34 -22.56
N ARG B 54 48.00 17.65 -22.59
CA ARG B 54 49.17 18.22 -21.95
C ARG B 54 48.75 19.06 -20.75
N ALA B 55 49.55 19.00 -19.69
CA ALA B 55 49.30 19.79 -18.50
C ALA B 55 49.62 21.27 -18.76
N THR B 56 49.20 22.11 -17.84
CA THR B 56 49.46 23.54 -17.96
C THR B 56 50.96 23.83 -17.88
N GLY B 57 51.42 24.76 -18.71
CA GLY B 57 52.82 25.13 -18.74
C GLY B 57 53.70 24.24 -19.58
N ILE B 58 53.16 23.20 -20.19
CA ILE B 58 53.95 22.27 -21.01
C ILE B 58 53.92 22.74 -22.46
N PRO B 59 55.08 22.92 -23.09
CA PRO B 59 55.08 23.38 -24.49
C PRO B 59 54.55 22.34 -25.46
N SER B 60 54.52 22.69 -26.75
CA SER B 60 53.93 21.83 -27.77
C SER B 60 54.91 20.79 -28.31
N ARG B 61 56.17 20.80 -27.86
CA ARG B 61 57.12 19.80 -28.33
C ARG B 61 56.76 18.40 -27.86
N PHE B 62 55.97 18.28 -26.81
CA PHE B 62 55.59 16.99 -26.25
C PHE B 62 54.25 16.55 -26.83
N SER B 63 54.16 15.30 -27.25
CA SER B 63 52.90 14.74 -27.75
C SER B 63 52.77 13.31 -27.25
N GLY B 64 51.55 12.81 -27.27
CA GLY B 64 51.27 11.46 -26.81
C GLY B 64 50.26 10.78 -27.70
N SER B 65 50.34 9.46 -27.74
CA SER B 65 49.39 8.66 -28.50
C SER B 65 49.20 7.32 -27.83
N GLY B 66 48.06 6.70 -28.08
CA GLY B 66 47.77 5.40 -27.50
C GLY B 66 46.40 4.93 -27.92
N SER B 67 46.19 3.62 -27.81
CA SER B 67 44.93 3.02 -28.21
C SER B 67 44.43 1.92 -27.28
N GLY B 68 45.12 1.66 -26.17
CA GLY B 68 44.62 0.66 -25.24
C GLY B 68 45.67 -0.27 -24.68
N THR B 69 46.71 -0.56 -25.46
CA THR B 69 47.79 -1.43 -25.01
C THR B 69 49.19 -0.89 -25.28
N ASP B 70 49.36 0.04 -26.23
CA ASP B 70 50.65 0.64 -26.53
C ASP B 70 50.50 2.15 -26.42
N PHE B 71 51.39 2.79 -25.66
CA PHE B 71 51.32 4.22 -25.46
C PHE B 71 52.69 4.83 -25.70
N SER B 72 52.75 5.83 -26.58
CA SER B 72 54.01 6.41 -27.02
C SER B 72 54.01 7.91 -26.79
N LEU B 73 55.07 8.39 -26.14
CA LEU B 73 55.36 9.82 -26.02
C LEU B 73 56.38 10.21 -27.09
N THR B 74 56.22 11.41 -27.64
CA THR B 74 57.04 11.88 -28.74
C THR B 74 57.52 13.29 -28.46
N ILE B 75 58.82 13.52 -28.72
CA ILE B 75 59.43 14.84 -28.65
C ILE B 75 59.71 15.29 -30.07
N SER B 76 59.11 16.42 -30.46
CA SER B 76 59.34 16.95 -31.80
C SER B 76 60.79 17.39 -32.00
N SER B 77 61.37 18.04 -31.00
CA SER B 77 62.75 18.52 -31.08
C SER B 77 63.35 18.50 -29.69
N LEU B 78 64.46 17.79 -29.52
CA LEU B 78 65.12 17.72 -28.23
C LEU B 78 65.73 19.07 -27.86
N GLU B 79 65.86 19.30 -26.56
CA GLU B 79 66.44 20.50 -25.98
C GLU B 79 67.50 20.10 -24.97
N PRO B 80 68.45 20.98 -24.68
CA PRO B 80 69.47 20.65 -23.67
C PRO B 80 68.89 20.29 -22.31
N GLU B 81 67.77 20.89 -21.93
CA GLU B 81 67.11 20.58 -20.67
C GLU B 81 66.11 19.44 -20.77
N ASP B 82 65.95 18.85 -21.96
CA ASP B 82 65.03 17.75 -22.16
C ASP B 82 65.66 16.39 -21.83
N PHE B 83 66.92 16.36 -21.43
CA PHE B 83 67.61 15.11 -21.12
C PHE B 83 67.35 14.76 -19.66
N ALA B 84 66.43 13.84 -19.43
CA ALA B 84 66.06 13.39 -18.09
C ALA B 84 65.42 12.01 -18.22
N VAL B 85 64.79 11.55 -17.15
CA VAL B 85 64.12 10.25 -17.15
C VAL B 85 62.64 10.47 -17.48
N TYR B 86 62.01 9.48 -18.09
CA TYR B 86 60.60 9.56 -18.45
C TYR B 86 59.88 8.31 -17.99
N TYR B 87 58.73 8.50 -17.36
CA TYR B 87 57.95 7.40 -16.81
C TYR B 87 56.52 7.43 -17.35
N CYS B 88 55.92 6.25 -17.48
CA CYS B 88 54.51 6.12 -17.78
C CYS B 88 53.84 5.34 -16.65
N GLN B 89 52.68 5.83 -16.21
CA GLN B 89 52.02 5.30 -15.03
C GLN B 89 50.54 5.06 -15.32
N HIS B 90 49.95 4.17 -14.54
CA HIS B 90 48.57 3.74 -14.75
C HIS B 90 47.94 3.39 -13.41
N ARG B 91 46.72 3.88 -13.19
CA ARG B 91 45.97 3.60 -11.96
C ARG B 91 44.70 2.82 -12.29
N SER B 92 44.36 1.88 -11.42
CA SER B 92 43.15 1.08 -11.60
C SER B 92 42.66 0.61 -10.24
N ASP B 93 41.66 1.30 -9.70
CA ASP B 93 40.95 0.88 -8.49
C ASP B 93 41.91 0.72 -7.31
N TRP B 94 42.48 1.86 -6.90
CA TRP B 94 43.39 1.93 -5.76
C TRP B 94 44.62 1.06 -5.98
N ARG B 95 45.17 1.12 -7.20
CA ARG B 95 46.38 0.37 -7.53
C ARG B 95 47.12 1.14 -8.62
N THR B 96 48.18 1.83 -8.23
CA THR B 96 48.97 2.65 -9.14
C THR B 96 50.27 1.93 -9.46
N THR B 97 50.60 1.84 -10.76
CA THR B 97 51.81 1.19 -11.22
C THR B 97 52.57 2.15 -12.13
N PHE B 98 53.91 2.00 -12.11
CA PHE B 98 54.82 2.82 -12.88
C PHE B 98 55.57 1.95 -13.88
N GLY B 99 56.32 2.61 -14.75
CA GLY B 99 57.22 1.94 -15.67
C GLY B 99 58.65 1.90 -15.14
N GLN B 100 59.50 1.18 -15.87
CA GLN B 100 60.90 1.10 -15.50
C GLN B 100 61.67 2.38 -15.81
N GLY B 101 61.13 3.23 -16.69
CA GLY B 101 61.75 4.50 -16.98
C GLY B 101 62.79 4.43 -18.08
N THR B 102 62.77 5.43 -18.98
CA THR B 102 63.75 5.55 -20.05
C THR B 102 64.49 6.86 -19.88
N ARG B 103 65.82 6.80 -19.94
CA ARG B 103 66.68 7.95 -19.71
C ARG B 103 67.19 8.49 -21.05
N LEU B 104 67.10 9.80 -21.23
CA LEU B 104 67.54 10.47 -22.44
C LEU B 104 68.89 11.11 -22.19
N GLU B 105 69.88 10.79 -23.04
CA GLU B 105 71.23 11.30 -22.91
C GLU B 105 71.66 11.91 -24.24
N ILE B 106 72.66 12.79 -24.17
CA ILE B 106 73.18 13.45 -25.36
C ILE B 106 73.93 12.43 -26.22
N THR C 59 0.69 29.02 -37.33
CA THR C 59 -0.46 28.82 -36.45
C THR C 59 -1.65 28.27 -37.21
N SER C 60 -2.06 27.05 -36.85
CA SER C 60 -3.19 26.39 -37.47
C SER C 60 -4.43 26.54 -36.59
N LEU C 61 -5.59 26.62 -37.25
CA LEU C 61 -6.87 26.82 -36.57
C LEU C 61 -7.72 25.58 -36.83
N TYR C 62 -7.96 24.80 -35.78
CA TYR C 62 -8.61 23.51 -35.94
C TYR C 62 -10.11 23.70 -36.15
N LYS C 63 -10.61 23.20 -37.29
CA LYS C 63 -11.98 23.44 -37.74
C LYS C 63 -12.29 24.93 -37.86
N GLY C 64 -11.27 25.76 -38.05
CA GLY C 64 -11.48 27.17 -38.30
C GLY C 64 -12.02 27.96 -37.13
N VAL C 65 -12.14 27.35 -35.96
CA VAL C 65 -12.68 28.06 -34.80
C VAL C 65 -11.86 27.84 -33.53
N TYR C 66 -10.99 26.85 -33.44
CA TYR C 66 -10.24 26.59 -32.21
C TYR C 66 -8.74 26.72 -32.48
N GLU C 67 -8.04 27.35 -31.54
CA GLU C 67 -6.60 27.56 -31.63
C GLU C 67 -5.89 26.70 -30.59
N LEU C 68 -4.80 26.07 -31.01
CA LEU C 68 -4.01 25.22 -30.13
C LEU C 68 -3.02 26.07 -29.35
N GLN C 69 -3.02 25.89 -28.03
CA GLN C 69 -2.14 26.64 -27.14
C GLN C 69 -1.48 25.69 -26.16
N THR C 70 -0.30 26.08 -25.68
CA THR C 70 0.50 25.23 -24.80
C THR C 70 0.91 26.00 -23.55
N LEU C 71 1.16 25.26 -22.48
CA LEU C 71 1.70 25.82 -21.25
C LEU C 71 2.75 24.87 -20.70
N GLU C 72 3.68 25.42 -19.92
CA GLU C 72 4.74 24.65 -19.29
C GLU C 72 4.77 24.95 -17.80
N LEU C 73 4.78 23.92 -16.98
CA LEU C 73 4.75 24.10 -15.54
C LEU C 73 6.14 24.46 -15.01
N ASN C 74 6.16 25.04 -13.82
CA ASN C 74 7.39 25.44 -13.13
C ASN C 74 7.47 24.64 -11.83
N MET C 75 8.14 23.50 -11.88
CA MET C 75 8.26 22.64 -10.71
C MET C 75 9.10 23.26 -9.61
N GLU C 76 10.00 24.18 -9.95
CA GLU C 76 10.93 24.73 -8.96
C GLU C 76 10.21 25.48 -7.85
N THR C 77 8.96 25.87 -8.06
CA THR C 77 8.20 26.55 -7.01
C THR C 77 7.72 25.60 -5.93
N LEU C 78 7.88 24.29 -6.12
CA LEU C 78 7.51 23.29 -5.13
C LEU C 78 8.66 22.89 -4.23
N ASN C 79 9.65 23.76 -4.05
CA ASN C 79 10.89 23.37 -3.39
C ASN C 79 10.85 23.43 -1.87
N MET C 80 9.75 23.90 -1.26
CA MET C 80 9.64 23.76 0.19
C MET C 80 8.87 22.53 0.60
N THR C 81 8.22 21.84 -0.32
CA THR C 81 7.35 20.73 0.02
C THR C 81 7.81 19.40 -0.53
N MET C 82 8.40 19.37 -1.72
CA MET C 82 8.77 18.13 -2.36
C MET C 82 10.21 18.18 -2.84
N PRO C 83 10.93 17.06 -2.78
CA PRO C 83 12.25 16.99 -3.43
C PRO C 83 12.10 17.11 -4.94
N LEU C 84 13.13 17.69 -5.56
CA LEU C 84 13.13 17.90 -7.00
C LEU C 84 14.35 17.22 -7.60
N SER C 85 14.13 16.34 -8.56
CA SER C 85 15.20 15.57 -9.18
C SER C 85 15.46 16.06 -10.59
N CYS C 86 16.73 16.19 -10.96
CA CYS C 86 17.10 16.54 -12.32
C CYS C 86 18.44 15.93 -12.66
N THR C 87 18.89 16.15 -13.89
CA THR C 87 20.12 15.58 -14.40
C THR C 87 21.00 16.68 -14.97
N LYS C 88 22.31 16.59 -14.69
CA LYS C 88 23.26 17.53 -15.27
C LYS C 88 23.81 17.01 -16.60
N ASN C 89 24.38 15.81 -16.60
CA ASN C 89 24.77 15.16 -17.84
C ASN C 89 24.59 13.65 -17.65
N ASN C 90 25.26 12.87 -18.50
CA ASN C 90 25.14 11.41 -18.45
C ASN C 90 25.49 10.85 -17.08
N SER C 91 26.41 11.47 -16.37
CA SER C 91 26.93 10.90 -15.12
C SER C 91 26.40 11.58 -13.86
N HIS C 92 26.05 12.85 -13.91
CA HIS C 92 25.67 13.61 -12.72
C HIS C 92 24.17 13.84 -12.68
N HIS C 93 23.57 13.50 -11.55
CA HIS C 93 22.15 13.73 -11.29
C HIS C 93 22.01 14.28 -9.89
N TYR C 94 20.93 15.01 -9.64
CA TYR C 94 20.78 15.71 -8.37
C TYR C 94 19.35 15.58 -7.86
N ILE C 95 19.23 15.50 -6.54
CA ILE C 95 17.95 15.45 -5.84
C ILE C 95 18.01 16.55 -4.80
N MET C 96 17.39 17.69 -5.08
CA MET C 96 17.46 18.85 -4.21
C MET C 96 16.29 18.86 -3.24
N VAL C 97 16.60 19.09 -1.97
CA VAL C 97 15.61 19.27 -0.90
C VAL C 97 15.78 20.69 -0.36
N GLY C 98 14.68 21.42 -0.32
CA GLY C 98 14.74 22.81 0.06
C GLY C 98 15.52 23.61 -0.97
N ASN C 99 15.91 24.81 -0.58
CA ASN C 99 16.86 25.62 -1.33
C ASN C 99 18.23 25.67 -0.67
N GLU C 100 18.55 24.68 0.17
CA GLU C 100 19.87 24.53 0.74
C GLU C 100 20.48 23.15 0.52
N THR C 101 19.69 22.08 0.54
CA THR C 101 20.24 20.74 0.65
C THR C 101 20.07 19.97 -0.64
N GLY C 102 20.94 18.99 -0.88
CA GLY C 102 20.73 18.10 -2.00
C GLY C 102 21.61 16.88 -1.92
N LEU C 103 21.22 15.85 -2.67
CA LEU C 103 21.99 14.63 -2.85
C LEU C 103 22.48 14.57 -4.28
N GLU C 104 23.75 14.18 -4.45
CA GLU C 104 24.37 14.05 -5.76
C GLU C 104 24.54 12.57 -6.08
N LEU C 105 24.06 12.17 -7.25
CA LEU C 105 24.13 10.81 -7.76
C LEU C 105 25.12 10.79 -8.93
N THR C 106 26.10 9.89 -8.89
CA THR C 106 27.12 9.81 -9.92
C THR C 106 27.37 8.36 -10.30
N LEU C 107 27.68 8.15 -11.59
CA LEU C 107 28.04 6.83 -12.11
C LEU C 107 29.49 6.89 -12.59
N THR C 108 30.36 6.04 -12.03
CA THR C 108 31.79 6.17 -12.29
C THR C 108 32.46 4.81 -12.43
N ASN C 109 33.60 4.79 -13.14
CA ASN C 109 34.60 3.76 -12.96
C ASN C 109 35.38 3.91 -11.66
N THR C 110 35.33 5.07 -11.02
CA THR C 110 36.18 5.38 -9.87
C THR C 110 35.37 5.38 -8.58
N SER C 111 35.80 4.56 -7.62
CA SER C 111 35.15 4.47 -6.32
C SER C 111 35.76 5.45 -5.33
N ILE C 112 35.08 5.62 -4.20
CA ILE C 112 35.58 6.47 -3.13
C ILE C 112 35.61 5.74 -1.78
N ILE C 113 34.93 4.62 -1.63
CA ILE C 113 35.02 3.78 -0.44
C ILE C 113 35.66 2.45 -0.84
N ASN C 114 36.71 2.06 -0.13
CA ASN C 114 37.42 0.82 -0.42
C ASN C 114 37.11 -0.31 0.56
N HIS C 115 36.48 -0.01 1.68
CA HIS C 115 36.09 -1.02 2.66
C HIS C 115 34.68 -1.53 2.35
N LYS C 116 34.19 -2.42 3.22
CA LYS C 116 32.88 -3.02 3.08
C LYS C 116 32.08 -2.86 4.38
N PHE C 117 32.03 -1.64 4.90
CA PHE C 117 31.43 -1.35 6.20
C PHE C 117 30.32 -0.31 6.03
N CYS C 118 29.10 -0.76 5.84
CA CYS C 118 27.92 0.12 5.87
C CYS C 118 27.31 0.03 7.26
N ASN C 119 27.88 0.78 8.19
CA ASN C 119 27.56 0.63 9.60
C ASN C 119 26.45 1.62 9.97
N LEU C 120 25.27 1.10 10.33
CA LEU C 120 24.08 1.93 10.46
C LEU C 120 23.61 2.13 11.89
N SER C 121 23.83 1.18 12.79
CA SER C 121 23.43 1.39 14.18
C SER C 121 24.19 2.55 14.79
N ASP C 122 25.48 2.68 14.47
CA ASP C 122 26.25 3.82 14.96
C ASP C 122 25.74 5.13 14.37
N ALA C 123 25.38 5.12 13.08
CA ALA C 123 24.86 6.34 12.46
C ALA C 123 23.55 6.78 13.10
N HIS C 124 22.65 5.83 13.38
CA HIS C 124 21.41 6.17 14.06
C HIS C 124 21.67 6.63 15.49
N LYS C 125 22.65 6.01 16.16
CA LYS C 125 22.97 6.41 17.53
C LYS C 125 23.47 7.84 17.58
N LYS C 126 24.30 8.24 16.62
CA LYS C 126 24.83 9.60 16.52
C LYS C 126 23.94 10.38 15.57
N ASN C 127 22.88 10.98 16.11
CA ASN C 127 21.88 11.67 15.30
C ASN C 127 22.46 12.98 14.79
N LEU C 128 23.30 12.86 13.76
CA LEU C 128 23.97 14.00 13.16
C LEU C 128 23.61 14.26 11.71
N TYR C 129 23.06 13.27 11.01
CA TYR C 129 22.77 13.42 9.59
C TYR C 129 21.50 14.25 9.39
N ASP C 130 21.28 14.64 8.13
CA ASP C 130 20.04 15.29 7.76
C ASP C 130 18.92 14.25 7.64
N HIS C 131 17.83 14.48 8.36
CA HIS C 131 16.76 13.49 8.39
C HIS C 131 16.09 13.33 7.03
N ALA C 132 15.95 14.43 6.29
CA ALA C 132 15.37 14.36 4.95
C ALA C 132 16.22 13.50 4.03
N LEU C 133 17.54 13.74 4.04
CA LEU C 133 18.44 12.96 3.18
C LEU C 133 18.47 11.50 3.59
N MET C 134 18.46 11.22 4.89
CA MET C 134 18.44 9.84 5.36
C MET C 134 17.16 9.15 4.93
N SER C 135 16.03 9.84 5.01
CA SER C 135 14.76 9.27 4.55
C SER C 135 14.81 8.99 3.05
N ILE C 136 15.39 9.91 2.28
CA ILE C 136 15.46 9.71 0.83
C ILE C 136 16.31 8.49 0.49
N ILE C 137 17.47 8.35 1.15
CA ILE C 137 18.32 7.21 0.82
C ILE C 137 17.72 5.91 1.33
N SER C 138 16.97 5.95 2.44
CA SER C 138 16.26 4.75 2.88
C SER C 138 15.20 4.35 1.87
N THR C 139 14.46 5.32 1.34
CA THR C 139 13.47 5.03 0.31
C THR C 139 14.13 4.44 -0.93
N PHE C 140 15.28 4.99 -1.32
CA PHE C 140 15.99 4.47 -2.49
C PHE C 140 16.44 3.02 -2.25
N HIS C 141 17.04 2.75 -1.09
CA HIS C 141 17.55 1.41 -0.82
C HIS C 141 16.42 0.39 -0.74
N LEU C 142 15.32 0.75 -0.07
CA LEU C 142 14.23 -0.20 0.09
C LEU C 142 13.57 -0.54 -1.24
N SER C 143 13.59 0.38 -2.20
CA SER C 143 12.93 0.18 -3.48
C SER C 143 13.70 -0.75 -4.41
N ILE C 144 14.92 -1.16 -4.05
CA ILE C 144 15.71 -2.04 -4.90
C ILE C 144 15.08 -3.43 -4.91
N PRO C 145 14.74 -3.97 -6.07
CA PRO C 145 14.10 -5.29 -6.11
C PRO C 145 15.12 -6.42 -6.10
N ASN C 146 14.84 -7.43 -5.27
CA ASN C 146 15.64 -8.65 -5.19
C ASN C 146 17.10 -8.34 -4.85
N PHE C 147 17.29 -7.61 -3.76
CA PHE C 147 18.62 -7.28 -3.26
C PHE C 147 19.04 -8.32 -2.23
N ASN C 148 20.14 -9.02 -2.51
CA ASN C 148 20.63 -10.05 -1.60
C ASN C 148 22.14 -10.05 -1.41
N GLN C 149 22.90 -9.31 -2.21
CA GLN C 149 24.35 -9.19 -2.04
C GLN C 149 24.62 -7.95 -1.20
N TYR C 150 24.72 -8.15 0.12
CA TYR C 150 24.92 -7.03 1.02
C TYR C 150 26.31 -6.43 0.88
N GLU C 151 27.29 -7.22 0.45
CA GLU C 151 28.65 -6.71 0.30
C GLU C 151 28.81 -5.75 -0.86
N ALA C 152 27.79 -5.62 -1.72
CA ALA C 152 27.85 -4.71 -2.85
C ALA C 152 27.54 -3.27 -2.47
N MET C 153 27.18 -3.02 -1.23
CA MET C 153 26.84 -1.68 -0.75
C MET C 153 27.80 -1.29 0.37
N SER C 154 28.42 -0.13 0.22
CA SER C 154 29.33 0.42 1.23
C SER C 154 28.86 1.82 1.61
N CYS C 155 29.14 2.22 2.85
CA CYS C 155 28.64 3.49 3.33
C CYS C 155 29.66 4.14 4.27
N ASP C 156 29.58 5.47 4.34
CA ASP C 156 30.40 6.26 5.27
C ASP C 156 29.52 7.39 5.78
N PHE C 157 29.25 7.38 7.09
CA PHE C 157 28.39 8.38 7.71
C PHE C 157 29.10 9.17 8.81
N ASN C 158 30.41 9.04 8.94
CA ASN C 158 31.13 9.71 10.02
C ASN C 158 31.10 11.22 9.83
N GLY C 159 30.81 11.94 10.91
CA GLY C 159 30.77 13.38 10.88
C GLY C 159 29.46 13.99 10.46
N GLY C 160 28.39 13.19 10.35
CA GLY C 160 27.10 13.69 9.96
C GLY C 160 26.83 13.64 8.47
N LYS C 161 27.87 13.51 7.65
CA LYS C 161 27.66 13.36 6.21
C LYS C 161 27.13 11.97 5.90
N ILE C 162 26.59 11.82 4.69
CA ILE C 162 26.15 10.52 4.21
C ILE C 162 26.79 10.26 2.85
N SER C 163 27.46 9.11 2.73
CA SER C 163 28.07 8.72 1.47
C SER C 163 27.76 7.25 1.24
N VAL C 164 27.09 6.95 0.14
CA VAL C 164 26.67 5.59 -0.18
C VAL C 164 27.27 5.20 -1.53
N GLN C 165 27.77 3.98 -1.63
CA GLN C 165 28.37 3.48 -2.86
C GLN C 165 27.81 2.10 -3.15
N TYR C 166 27.17 1.96 -4.31
CA TYR C 166 26.65 0.69 -4.80
C TYR C 166 27.61 0.17 -5.86
N ASN C 167 28.20 -0.99 -5.60
CA ASN C 167 29.31 -1.47 -6.40
C ASN C 167 28.76 -2.48 -7.41
N LEU C 168 28.75 -2.08 -8.68
CA LEU C 168 27.90 -2.73 -9.69
C LEU C 168 28.64 -3.73 -10.55
N SER C 169 29.80 -4.21 -10.13
CA SER C 169 30.55 -5.17 -10.92
C SER C 169 30.48 -6.58 -10.31
N CYS C 180 22.52 -11.88 -16.24
CA CYS C 180 21.47 -10.89 -16.02
C CYS C 180 20.74 -11.17 -14.72
N GLY C 181 19.85 -10.28 -14.32
CA GLY C 181 19.14 -10.43 -13.05
C GLY C 181 20.06 -10.35 -11.85
N THR C 182 21.00 -9.41 -11.85
CA THR C 182 21.98 -9.26 -10.80
C THR C 182 21.64 -8.03 -9.96
N VAL C 183 22.53 -7.70 -9.01
CA VAL C 183 22.35 -6.53 -8.17
C VAL C 183 22.41 -5.26 -8.99
N ALA C 184 23.26 -5.24 -10.03
CA ALA C 184 23.37 -4.07 -10.88
C ALA C 184 22.04 -3.75 -11.55
N ASN C 185 21.31 -4.78 -11.99
CA ASN C 185 20.03 -4.56 -12.64
C ASN C 185 19.03 -3.87 -11.71
N GLY C 186 18.91 -4.38 -10.49
CA GLY C 186 17.99 -3.78 -9.54
C GLY C 186 18.38 -2.36 -9.14
N VAL C 187 19.67 -2.15 -8.89
CA VAL C 187 20.13 -0.82 -8.52
C VAL C 187 19.89 0.16 -9.65
N LEU C 188 20.17 -0.25 -10.89
CA LEU C 188 19.97 0.63 -12.03
C LEU C 188 18.49 0.91 -12.27
N GLN C 189 17.63 -0.08 -12.05
CA GLN C 189 16.19 0.16 -12.18
C GLN C 189 15.71 1.17 -11.15
N THR C 190 16.16 1.01 -9.89
CA THR C 190 15.77 1.98 -8.86
C THR C 190 16.30 3.36 -9.18
N PHE C 191 17.54 3.45 -9.67
CA PHE C 191 18.10 4.75 -10.04
C PHE C 191 17.34 5.38 -11.19
N MET C 192 16.96 4.58 -12.20
CA MET C 192 16.20 5.10 -13.33
C MET C 192 14.85 5.63 -12.89
N ARG C 193 14.17 4.91 -11.98
CA ARG C 193 12.90 5.41 -11.47
C ARG C 193 13.08 6.66 -10.62
N MET C 194 14.13 6.70 -9.79
CA MET C 194 14.42 7.91 -9.00
C MET C 194 14.72 9.10 -9.90
N ALA C 195 15.67 8.94 -10.81
CA ALA C 195 16.03 10.02 -11.74
C ALA C 195 15.25 9.90 -13.05
N TRP C 196 13.94 9.79 -12.93
CA TRP C 196 13.09 9.61 -14.09
C TRP C 196 13.03 10.88 -14.92
N GLY C 197 13.04 10.73 -16.24
CA GLY C 197 12.96 11.84 -17.17
C GLY C 197 14.29 12.27 -17.76
N GLY C 198 15.40 11.89 -17.15
CA GLY C 198 16.70 12.24 -17.69
C GLY C 198 17.75 11.15 -17.58
N SER C 199 17.38 10.01 -16.99
CA SER C 199 18.30 8.89 -16.85
C SER C 199 18.29 7.95 -18.06
N TYR C 200 17.35 8.13 -18.98
CA TYR C 200 17.28 7.27 -20.16
C TYR C 200 18.53 7.37 -21.02
N ILE C 201 19.31 8.46 -20.88
CA ILE C 201 20.56 8.59 -21.62
C ILE C 201 21.67 7.70 -21.08
N ALA C 202 21.42 7.00 -19.98
CA ALA C 202 22.40 6.07 -19.40
C ALA C 202 21.83 4.66 -19.35
N LEU C 203 21.13 4.25 -20.41
CA LEU C 203 20.56 2.91 -20.46
C LEU C 203 21.62 1.87 -20.75
N TRP C 210 13.41 -8.73 -21.13
CA TRP C 210 12.52 -7.70 -20.60
C TRP C 210 13.27 -6.39 -20.40
N ASP C 211 13.67 -6.12 -19.15
CA ASP C 211 14.38 -4.88 -18.85
C ASP C 211 15.90 -5.09 -18.92
N CYS C 212 16.42 -5.94 -18.03
CA CYS C 212 17.84 -6.31 -17.98
C CYS C 212 18.76 -5.13 -18.27
N ILE C 213 18.65 -4.10 -17.43
CA ILE C 213 19.44 -2.91 -17.63
C ILE C 213 20.90 -3.20 -17.31
N MET C 214 21.77 -2.89 -18.27
CA MET C 214 23.22 -3.03 -18.09
C MET C 214 23.89 -1.74 -18.51
N THR C 215 24.91 -1.33 -17.75
CA THR C 215 25.62 -0.10 -18.02
C THR C 215 27.12 -0.35 -17.91
N SER C 216 27.89 0.52 -18.57
CA SER C 216 29.33 0.41 -18.53
C SER C 216 29.92 0.86 -17.20
N TYR C 217 29.18 1.65 -16.43
CA TYR C 217 29.70 2.13 -15.15
C TYR C 217 29.82 0.99 -14.14
N GLN C 218 30.71 1.18 -13.18
CA GLN C 218 30.99 0.17 -12.16
C GLN C 218 30.51 0.56 -10.78
N TYR C 219 30.33 1.85 -10.50
CA TYR C 219 29.97 2.34 -9.18
C TYR C 219 28.88 3.39 -9.30
N LEU C 220 27.96 3.37 -8.34
CA LEU C 220 26.96 4.42 -8.16
C LEU C 220 27.18 5.08 -6.81
N ILE C 221 27.39 6.39 -6.81
CA ILE C 221 27.84 7.12 -5.63
C ILE C 221 26.82 8.19 -5.28
N ILE C 222 26.41 8.23 -4.01
CA ILE C 222 25.45 9.19 -3.48
C ILE C 222 26.17 9.99 -2.40
N GLN C 223 26.20 11.31 -2.56
CA GLN C 223 26.89 12.18 -1.61
C GLN C 223 26.07 13.44 -1.36
N ASN C 224 26.62 14.33 -0.52
CA ASN C 224 25.99 15.61 -0.20
C ASN C 224 26.33 16.65 -1.25
N THR C 225 25.41 17.59 -1.45
CA THR C 225 25.67 18.83 -2.17
C THR C 225 24.84 19.95 -1.56
N THR C 226 25.34 21.16 -1.70
CA THR C 226 24.54 22.36 -1.46
C THR C 226 23.82 22.71 -2.76
N TRP C 227 22.75 23.50 -2.62
CA TRP C 227 21.94 23.83 -3.78
C TRP C 227 22.75 24.63 -4.79
N GLU C 228 22.56 24.32 -6.07
CA GLU C 228 23.21 25.02 -7.15
C GLU C 228 22.43 24.75 -8.43
N ASP C 229 22.54 25.66 -9.39
CA ASP C 229 21.83 25.50 -10.65
C ASP C 229 22.44 24.36 -11.45
N HIS C 230 21.90 23.16 -11.28
CA HIS C 230 22.44 21.95 -11.91
C HIS C 230 21.53 21.37 -12.97
N CYS C 231 20.27 21.83 -13.06
CA CYS C 231 19.26 21.18 -13.88
C CYS C 231 19.36 21.74 -15.30
N GLN C 232 20.39 21.31 -16.02
CA GLN C 232 20.65 21.83 -17.36
C GLN C 232 20.36 20.82 -18.47
N PHE C 233 20.07 19.56 -18.14
CA PHE C 233 19.64 18.60 -19.14
C PHE C 233 18.17 18.23 -19.02
N SER C 234 17.62 18.24 -17.80
CA SER C 234 16.21 18.01 -17.57
C SER C 234 15.75 18.90 -16.44
N ARG C 235 14.50 19.37 -16.53
CA ARG C 235 13.96 20.23 -15.50
C ARG C 235 13.74 19.45 -14.21
N PRO C 236 13.80 20.13 -13.06
CA PRO C 236 13.50 19.45 -11.80
C PRO C 236 12.07 18.94 -11.79
N SER C 237 11.86 17.83 -11.08
CA SER C 237 10.54 17.20 -11.06
C SER C 237 10.42 16.31 -9.85
N PRO C 238 9.29 16.35 -9.14
CA PRO C 238 9.13 15.47 -7.97
C PRO C 238 8.53 14.13 -8.31
N ILE C 239 8.50 13.78 -9.60
CA ILE C 239 7.78 12.60 -10.05
C ILE C 239 8.48 11.32 -9.58
N GLY C 240 9.81 11.27 -9.71
CA GLY C 240 10.51 10.05 -9.37
C GLY C 240 10.41 9.68 -7.89
N TYR C 241 10.64 10.65 -7.01
CA TYR C 241 10.54 10.39 -5.58
C TYR C 241 9.12 10.03 -5.19
N LEU C 242 8.13 10.74 -5.74
CA LEU C 242 6.74 10.40 -5.49
C LEU C 242 6.38 9.03 -6.08
N GLY C 243 7.17 8.54 -7.03
CA GLY C 243 6.92 7.25 -7.63
C GLY C 243 7.47 6.10 -6.81
N LEU C 244 8.66 6.27 -6.25
CA LEU C 244 9.22 5.21 -5.43
C LEU C 244 8.71 5.23 -3.99
N LEU C 245 7.86 6.19 -3.64
CA LEU C 245 7.17 6.11 -2.35
C LEU C 245 6.21 4.94 -2.30
N SER C 246 5.48 4.70 -3.40
CA SER C 246 4.53 3.59 -3.43
C SER C 246 5.23 2.24 -3.39
N GLN C 247 6.24 2.08 -4.25
CA GLN C 247 7.00 0.82 -4.32
C GLN C 247 8.20 0.96 -3.39
N ARG C 248 7.96 0.66 -2.11
CA ARG C 248 8.96 0.83 -1.07
C ARG C 248 9.45 -0.49 -0.51
N THR C 249 8.56 -1.35 -0.04
CA THR C 249 8.93 -2.64 0.51
C THR C 249 8.19 -3.77 -0.22
N ARG C 250 8.14 -3.68 -1.54
CA ARG C 250 7.35 -4.60 -2.34
C ARG C 250 8.16 -5.75 -2.92
N ASP C 251 9.47 -5.61 -3.07
CA ASP C 251 10.31 -6.61 -3.70
C ASP C 251 11.56 -6.87 -2.87
N ILE C 252 11.38 -7.06 -1.57
CA ILE C 252 12.48 -7.32 -0.64
C ILE C 252 12.44 -8.79 -0.24
N TYR C 253 13.61 -9.44 -0.28
CA TYR C 253 13.71 -10.82 0.15
C TYR C 253 13.65 -10.91 1.67
N ILE C 254 13.24 -12.07 2.15
CA ILE C 254 13.22 -12.35 3.59
C ILE C 254 14.61 -12.79 4.01
N SER C 255 15.13 -12.19 5.08
CA SER C 255 16.43 -12.56 5.63
C SER C 255 16.33 -13.16 7.03
N ARG C 256 15.12 -13.27 7.57
CA ARG C 256 14.93 -13.82 8.91
C ARG C 256 13.51 -14.35 9.01
N ARG C 257 13.34 -15.41 9.79
CA ARG C 257 12.02 -16.00 9.95
C ARG C 257 11.06 -15.03 10.64
N LEU C 258 11.54 -14.33 11.66
CA LEU C 258 10.72 -13.40 12.44
C LEU C 258 11.23 -11.98 12.18
N LEU C 259 10.65 -11.33 11.18
CA LEU C 259 11.04 -9.96 10.83
C LEU C 259 10.36 -8.97 11.77
N GLY D 1 -6.90 3.17 -2.59
CA GLY D 1 -7.32 4.51 -2.26
C GLY D 1 -7.56 5.37 -3.48
N THR D 2 -8.08 6.58 -3.24
CA THR D 2 -8.36 7.53 -4.32
C THR D 2 -8.17 8.94 -3.78
N PHE D 3 -7.62 9.83 -4.61
CA PHE D 3 -7.34 11.19 -4.17
C PHE D 3 -8.61 11.88 -3.71
N THR D 4 -8.48 12.70 -2.67
CA THR D 4 -9.61 13.42 -2.11
C THR D 4 -9.41 14.92 -2.04
N TRP D 5 -8.30 15.44 -2.55
CA TRP D 5 -8.05 16.88 -2.51
C TRP D 5 -8.91 17.58 -3.53
N THR D 6 -9.59 18.64 -3.09
CA THR D 6 -10.46 19.44 -3.95
C THR D 6 -9.78 20.76 -4.26
N LEU D 7 -9.79 21.15 -5.54
CA LEU D 7 -9.10 22.36 -5.96
C LEU D 7 -9.78 23.60 -5.38
N SER D 8 -8.98 24.62 -5.13
CA SER D 8 -9.44 25.85 -4.51
C SER D 8 -10.14 26.72 -5.57
N ASP D 9 -10.40 27.97 -5.21
CA ASP D 9 -11.04 28.91 -6.13
C ASP D 9 -10.17 30.14 -6.35
N PRO D 16 -15.86 31.83 -11.53
CA PRO D 16 -16.48 31.06 -10.45
C PRO D 16 -16.40 29.56 -10.67
N GLY D 17 -15.69 28.86 -9.80
CA GLY D 17 -15.53 27.43 -9.89
C GLY D 17 -14.32 26.97 -10.69
N GLY D 18 -13.71 27.86 -11.47
CA GLY D 18 -12.52 27.52 -12.22
C GLY D 18 -11.27 27.59 -11.37
N TYR D 19 -10.13 27.40 -12.04
CA TYR D 19 -8.84 27.45 -11.38
C TYR D 19 -7.88 28.31 -12.18
N CYS D 20 -7.15 29.18 -11.49
CA CYS D 20 -6.24 30.12 -12.14
C CYS D 20 -4.81 29.84 -11.67
N LEU D 21 -3.93 29.54 -12.62
CA LEU D 21 -2.52 29.36 -12.34
C LEU D 21 -1.81 30.70 -12.46
N THR D 22 -1.08 31.06 -11.41
CA THR D 22 -0.42 32.36 -11.34
C THR D 22 0.82 32.39 -12.25
N ARG D 23 1.50 33.53 -12.25
CA ARG D 23 2.71 33.67 -13.06
C ARG D 23 3.85 32.83 -12.50
N TRP D 24 3.85 32.56 -11.19
CA TRP D 24 4.94 31.79 -10.60
C TRP D 24 4.88 30.32 -11.01
N MET D 25 3.70 29.77 -11.19
CA MET D 25 3.56 28.36 -11.53
C MET D 25 3.97 28.04 -12.97
N LEU D 26 4.15 29.05 -13.82
CA LEU D 26 4.48 28.86 -15.21
C LEU D 26 5.81 29.52 -15.53
N ILE D 27 6.50 29.00 -16.54
CA ILE D 27 7.77 29.56 -17.00
C ILE D 27 7.50 30.35 -18.28
N GLU D 28 8.04 31.57 -18.33
CA GLU D 28 7.91 32.45 -19.50
C GLU D 28 6.44 32.59 -19.88
N ALA D 29 5.59 32.79 -18.88
CA ALA D 29 4.16 32.92 -19.12
C ALA D 29 3.53 33.72 -17.99
N GLU D 30 2.35 34.27 -18.26
CA GLU D 30 1.57 35.03 -17.31
C GLU D 30 0.49 34.14 -16.70
N LEU D 31 -0.42 34.76 -15.96
CA LEU D 31 -1.53 34.04 -15.35
C LEU D 31 -2.43 33.42 -16.40
N LYS D 32 -2.96 32.24 -16.10
CA LYS D 32 -3.86 31.53 -17.01
C LYS D 32 -5.01 30.92 -16.23
N CYS D 33 -6.24 31.20 -16.63
CA CYS D 33 -7.42 30.72 -15.93
C CYS D 33 -8.15 29.69 -16.77
N PHE D 34 -8.71 28.67 -16.09
CA PHE D 34 -9.49 27.63 -16.71
C PHE D 34 -10.87 27.59 -16.06
N GLY D 35 -11.90 27.45 -16.89
CA GLY D 35 -13.27 27.54 -16.42
C GLY D 35 -13.69 26.33 -15.60
N ASN D 36 -14.92 26.44 -15.06
CA ASN D 36 -15.43 25.38 -14.20
C ASN D 36 -15.73 24.11 -14.98
N THR D 37 -16.14 24.23 -16.25
CA THR D 37 -16.48 23.06 -17.04
C THR D 37 -15.28 22.14 -17.27
N ALA D 38 -14.06 22.67 -17.19
CA ALA D 38 -12.86 21.86 -17.34
C ALA D 38 -12.33 21.38 -15.99
N VAL D 39 -12.43 22.22 -14.95
CA VAL D 39 -11.98 21.82 -13.63
C VAL D 39 -12.85 20.72 -13.06
N ALA D 40 -14.15 20.73 -13.36
CA ALA D 40 -15.07 19.72 -12.84
C ALA D 40 -14.66 18.32 -13.27
N LYS D 41 -14.01 18.18 -14.42
CA LYS D 41 -13.52 16.87 -14.85
C LYS D 41 -12.41 16.37 -13.94
N CYS D 42 -11.64 17.28 -13.33
CA CYS D 42 -10.52 16.88 -12.50
C CYS D 42 -10.96 16.21 -11.20
N ASN D 43 -12.24 16.33 -10.83
CA ASN D 43 -12.74 15.72 -9.60
C ASN D 43 -13.31 14.33 -9.82
N GLU D 44 -13.36 13.84 -11.05
CA GLU D 44 -13.96 12.54 -11.31
C GLU D 44 -13.02 11.62 -12.08
N LYS D 45 -12.21 12.18 -12.98
CA LYS D 45 -11.30 11.36 -13.77
C LYS D 45 -10.13 10.88 -12.93
N HIS D 46 -9.56 9.74 -13.33
CA HIS D 46 -8.44 9.14 -12.62
C HIS D 46 -7.17 9.08 -13.46
N ASP D 47 -7.19 9.55 -14.70
CA ASP D 47 -6.07 9.38 -15.63
C ASP D 47 -5.75 10.67 -16.37
N GLU D 48 -5.66 11.77 -15.64
CA GLU D 48 -5.33 13.08 -16.22
C GLU D 48 -4.11 13.64 -15.51
N GLU D 49 -3.04 13.87 -16.27
CA GLU D 49 -1.80 14.39 -15.69
C GLU D 49 -2.02 15.76 -15.07
N PHE D 50 -2.72 16.63 -15.80
CA PHE D 50 -2.86 18.02 -15.37
C PHE D 50 -3.63 18.14 -14.07
N CYS D 51 -4.60 17.24 -13.85
CA CYS D 51 -5.36 17.28 -12.59
C CYS D 51 -4.46 16.98 -11.40
N ASP D 52 -3.63 15.94 -11.52
CA ASP D 52 -2.70 15.62 -10.44
C ASP D 52 -1.71 16.75 -10.20
N MET D 53 -1.19 17.35 -11.27
CA MET D 53 -0.25 18.45 -11.08
C MET D 53 -0.92 19.67 -10.46
N LEU D 54 -2.18 19.95 -10.85
CA LEU D 54 -2.92 21.03 -10.22
C LEU D 54 -3.14 20.77 -8.74
N ARG D 55 -3.45 19.52 -8.38
CA ARG D 55 -3.61 19.18 -6.97
C ARG D 55 -2.30 19.36 -6.21
N LEU D 56 -1.18 18.96 -6.81
CA LEU D 56 0.12 19.16 -6.17
C LEU D 56 0.41 20.64 -5.95
N PHE D 57 0.16 21.46 -6.97
CA PHE D 57 0.42 22.90 -6.84
C PHE D 57 -0.49 23.53 -5.79
N ASP D 58 -1.76 23.14 -5.76
CA ASP D 58 -2.68 23.68 -4.78
C ASP D 58 -2.28 23.26 -3.37
N PHE D 59 -1.86 22.01 -3.19
CA PHE D 59 -1.40 21.57 -1.88
C PHE D 59 -0.16 22.34 -1.45
N ASN D 60 0.78 22.57 -2.37
CA ASN D 60 1.97 23.34 -2.03
C ASN D 60 1.59 24.76 -1.60
N LYS D 61 0.69 25.40 -2.34
CA LYS D 61 0.29 26.76 -2.01
C LYS D 61 -0.40 26.82 -0.65
N GLN D 62 -1.32 25.89 -0.39
CA GLN D 62 -2.02 25.90 0.89
C GLN D 62 -1.09 25.59 2.05
N ALA D 63 -0.15 24.67 1.86
CA ALA D 63 0.81 24.37 2.91
C ALA D 63 1.70 25.57 3.20
N ILE D 64 2.11 26.29 2.16
CA ILE D 64 2.91 27.49 2.37
C ILE D 64 2.10 28.55 3.13
N GLN D 65 0.84 28.75 2.73
CA GLN D 65 0.05 29.83 3.31
C GLN D 65 -0.33 29.54 4.75
N ARG D 66 -0.82 28.33 5.03
CA ARG D 66 -1.47 28.02 6.30
C ARG D 66 -0.56 27.28 7.27
N LEU D 67 0.72 27.11 6.95
CA LEU D 67 1.64 26.41 7.83
C LEU D 67 2.96 27.17 7.87
N LYS D 68 3.71 26.96 8.95
CA LYS D 68 5.00 27.61 9.13
C LYS D 68 6.08 26.86 8.36
N ALA D 69 7.30 27.39 8.42
CA ALA D 69 8.44 26.78 7.72
C ALA D 69 9.66 26.81 8.63
N GLU D 70 10.37 25.69 8.69
CA GLU D 70 11.56 25.59 9.54
C GLU D 70 12.34 24.35 9.15
N ALA D 71 13.66 24.52 8.97
CA ALA D 71 14.60 23.43 8.73
C ALA D 71 14.37 22.72 7.40
N GLN D 72 13.37 23.17 6.63
CA GLN D 72 13.05 22.63 5.31
C GLN D 72 12.81 21.12 5.34
N THR D 73 12.43 20.57 6.49
CA THR D 73 12.18 19.14 6.61
C THR D 73 10.68 18.88 6.45
N SER D 74 10.19 19.12 5.24
CA SER D 74 8.80 18.95 4.90
C SER D 74 8.52 17.64 4.18
N ILE D 75 9.50 16.72 4.15
CA ILE D 75 9.28 15.42 3.54
C ILE D 75 8.20 14.64 4.29
N GLN D 76 8.04 14.91 5.59
CA GLN D 76 7.00 14.24 6.37
C GLN D 76 5.62 14.54 5.83
N LEU D 77 5.34 15.81 5.52
CA LEU D 77 4.01 16.20 5.07
C LEU D 77 3.70 15.59 3.71
N ILE D 78 4.65 15.66 2.77
CA ILE D 78 4.39 15.10 1.45
C ILE D 78 4.31 13.58 1.51
N ASN D 79 5.05 12.95 2.42
CA ASN D 79 4.93 11.51 2.61
C ASN D 79 3.55 11.15 3.13
N LYS D 80 3.03 11.94 4.08
CA LYS D 80 1.69 11.68 4.59
C LYS D 80 0.62 11.89 3.52
N ALA D 81 0.76 12.94 2.71
CA ALA D 81 -0.33 13.38 1.85
C ALA D 81 -0.08 13.13 0.37
N VAL D 82 0.85 12.23 0.02
CA VAL D 82 1.12 11.98 -1.39
C VAL D 82 -0.05 11.28 -2.04
N ASN D 83 -0.66 10.31 -1.34
CA ASN D 83 -1.71 9.51 -1.95
C ASN D 83 -3.04 10.23 -2.04
N ALA D 84 -3.21 11.33 -1.33
CA ALA D 84 -4.44 12.11 -1.37
C ALA D 84 -4.44 13.16 -2.47
N LEU D 85 -3.34 13.30 -3.21
CA LEU D 85 -3.25 14.30 -4.27
C LEU D 85 -3.04 13.69 -5.64
N ILE D 86 -2.21 12.67 -5.77
CA ILE D 86 -1.85 12.10 -7.07
C ILE D 86 -2.26 10.63 -7.10
N ASN D 87 -2.24 10.08 -8.31
CA ASN D 87 -2.49 8.66 -8.55
C ASN D 87 -1.16 8.03 -8.97
N ASP D 88 -0.66 7.11 -8.12
CA ASP D 88 0.64 6.49 -8.40
C ASP D 88 0.59 5.62 -9.64
N GLN D 89 -0.54 4.95 -9.90
CA GLN D 89 -0.62 4.07 -11.05
C GLN D 89 -0.55 4.85 -12.36
N LEU D 90 -0.83 6.16 -12.33
CA LEU D 90 -0.72 6.95 -13.56
C LEU D 90 0.74 7.12 -13.96
N ILE D 91 1.60 7.49 -13.01
CA ILE D 91 3.03 7.58 -13.33
C ILE D 91 3.60 6.18 -13.55
N MET D 92 3.02 5.15 -12.93
CA MET D 92 3.42 3.78 -13.26
C MET D 92 3.12 3.46 -14.72
N LYS D 93 1.94 3.86 -15.21
CA LYS D 93 1.61 3.65 -16.61
C LYS D 93 2.54 4.43 -17.52
N ASN D 94 2.89 5.66 -17.14
CA ASN D 94 3.84 6.43 -17.93
C ASN D 94 5.21 5.74 -17.99
N HIS D 95 5.66 5.21 -16.86
CA HIS D 95 6.93 4.48 -16.83
C HIS D 95 6.87 3.23 -17.71
N LEU D 96 5.76 2.49 -17.66
CA LEU D 96 5.61 1.32 -18.51
C LEU D 96 5.63 1.69 -19.99
N ARG D 97 4.94 2.77 -20.35
CA ARG D 97 4.95 3.20 -21.74
C ARG D 97 6.34 3.65 -22.16
N ASP D 98 7.11 4.24 -21.24
CA ASP D 98 8.50 4.56 -21.54
C ASP D 98 9.32 3.29 -21.77
N ILE D 99 9.06 2.24 -20.98
CA ILE D 99 9.82 1.00 -21.11
C ILE D 99 9.62 0.38 -22.48
N MET D 100 8.38 0.35 -22.95
CA MET D 100 8.03 -0.33 -24.19
C MET D 100 8.37 0.48 -25.44
N GLY D 101 9.20 1.52 -25.32
CA GLY D 101 9.59 2.29 -26.49
C GLY D 101 8.43 3.04 -27.14
N ILE D 102 7.57 3.64 -26.33
CA ILE D 102 6.40 4.36 -26.82
C ILE D 102 6.45 5.77 -26.25
N PRO D 103 6.03 6.79 -26.99
CA PRO D 103 6.05 8.15 -26.45
C PRO D 103 5.29 8.25 -25.14
N TYR D 104 5.85 9.00 -24.21
CA TYR D 104 5.33 9.11 -22.86
C TYR D 104 5.32 10.58 -22.46
N CYS D 105 5.16 10.84 -21.17
CA CYS D 105 4.97 12.19 -20.65
C CYS D 105 5.74 12.33 -19.36
N ASN D 106 6.60 13.35 -19.24
CA ASN D 106 7.31 13.54 -17.99
C ASN D 106 6.69 14.65 -17.14
N TYR D 107 5.46 15.08 -17.46
CA TYR D 107 4.71 16.06 -16.69
C TYR D 107 5.28 17.47 -16.81
N SER D 108 5.85 17.84 -17.96
CA SER D 108 6.43 19.16 -18.13
C SER D 108 5.59 20.08 -19.02
N LYS D 109 5.22 19.63 -20.20
CA LYS D 109 4.53 20.45 -21.18
C LYS D 109 3.10 19.94 -21.39
N TYR D 110 2.18 20.88 -21.60
CA TYR D 110 0.77 20.57 -21.79
C TYR D 110 0.23 21.36 -22.96
N TRP D 111 -0.81 20.83 -23.60
CA TRP D 111 -1.48 21.50 -24.70
C TRP D 111 -2.98 21.48 -24.48
N TYR D 112 -3.64 22.52 -24.96
CA TYR D 112 -5.09 22.64 -24.81
C TYR D 112 -5.64 23.43 -26.00
N LEU D 113 -6.95 23.42 -26.14
CA LEU D 113 -7.64 24.10 -27.22
C LEU D 113 -8.34 25.34 -26.69
N ASN D 114 -8.14 26.46 -27.36
CA ASN D 114 -8.80 27.72 -27.05
C ASN D 114 -9.82 28.09 -28.12
N HIS D 115 -11.02 28.47 -27.67
CA HIS D 115 -12.00 29.11 -28.52
C HIS D 115 -11.62 30.59 -28.66
N THR D 116 -11.44 31.04 -29.90
CA THR D 116 -10.92 32.39 -30.13
C THR D 116 -11.87 33.45 -29.60
N THR D 117 -13.18 33.28 -29.84
CA THR D 117 -14.15 34.30 -29.46
C THR D 117 -14.71 34.04 -28.05
N THR D 118 -15.28 32.85 -27.83
CA THR D 118 -15.89 32.56 -26.53
C THR D 118 -14.87 32.56 -25.41
N GLY D 119 -13.67 32.03 -25.67
CA GLY D 119 -12.64 31.96 -24.66
C GLY D 119 -12.70 30.74 -23.77
N ARG D 120 -13.56 29.78 -24.07
CA ARG D 120 -13.63 28.56 -23.28
C ARG D 120 -12.56 27.57 -23.76
N THR D 121 -11.92 26.92 -22.80
CA THR D 121 -10.79 26.05 -23.06
C THR D 121 -11.09 24.62 -22.63
N SER D 122 -10.42 23.67 -23.27
CA SER D 122 -10.51 22.27 -22.88
C SER D 122 -9.57 21.99 -21.72
N LEU D 123 -9.74 20.82 -21.11
CA LEU D 123 -8.81 20.38 -20.08
C LEU D 123 -7.48 20.05 -20.73
N PRO D 124 -6.38 20.68 -20.33
CA PRO D 124 -5.10 20.44 -21.00
C PRO D 124 -4.66 18.98 -20.92
N LYS D 125 -4.12 18.49 -22.03
CA LYS D 125 -3.51 17.17 -22.10
C LYS D 125 -2.00 17.34 -22.21
N CYS D 126 -1.26 16.52 -21.48
CA CYS D 126 0.18 16.71 -21.40
C CYS D 126 0.85 16.29 -22.71
N TRP D 127 1.92 17.00 -23.04
CA TRP D 127 2.57 16.84 -24.33
C TRP D 127 3.40 15.55 -24.29
N LEU D 128 3.58 14.92 -25.44
CA LEU D 128 4.27 13.65 -25.50
C LEU D 128 5.73 13.82 -25.92
N VAL D 129 6.61 13.01 -25.36
CA VAL D 129 8.04 13.05 -25.64
C VAL D 129 8.49 11.70 -26.19
N SER D 130 9.24 11.73 -27.28
CA SER D 130 9.87 10.55 -27.84
C SER D 130 11.26 10.93 -28.30
N ASN D 131 12.22 10.01 -28.15
CA ASN D 131 13.63 10.32 -28.38
C ASN D 131 14.12 11.45 -27.48
N GLY D 132 13.52 11.55 -26.29
CA GLY D 132 13.87 12.66 -25.43
C GLY D 132 13.58 14.02 -26.02
N SER D 133 12.64 14.10 -26.96
CA SER D 133 12.28 15.34 -27.61
C SER D 133 10.77 15.43 -27.73
N TYR D 134 10.27 16.66 -27.78
CA TYR D 134 8.83 16.87 -27.85
C TYR D 134 8.31 16.46 -29.21
N LEU D 135 7.22 15.69 -29.22
CA LEU D 135 6.59 15.27 -30.46
C LEU D 135 6.08 16.48 -31.23
N ASN D 136 6.18 16.43 -32.55
CA ASN D 136 5.68 17.51 -33.37
C ASN D 136 4.15 17.41 -33.40
N GLU D 137 3.48 18.51 -33.77
CA GLU D 137 2.02 18.50 -33.75
C GLU D 137 1.44 17.50 -34.74
N THR D 138 2.15 17.23 -35.84
CA THR D 138 1.60 16.37 -36.88
C THR D 138 1.41 14.92 -36.42
N HIS D 139 2.12 14.50 -35.38
CA HIS D 139 2.08 13.10 -34.96
C HIS D 139 1.05 12.81 -33.87
N PHE D 140 0.31 13.81 -33.42
CA PHE D 140 -0.83 13.55 -32.56
C PHE D 140 -2.01 14.45 -32.91
N SER D 141 -2.12 14.81 -34.20
CA SER D 141 -3.20 15.69 -34.63
C SER D 141 -4.56 15.03 -34.45
N ASP D 142 -4.65 13.72 -34.69
CA ASP D 142 -5.92 13.02 -34.52
C ASP D 142 -6.43 13.13 -33.09
N ASP D 143 -5.52 13.13 -32.11
CA ASP D 143 -5.93 13.33 -30.72
C ASP D 143 -6.52 14.72 -30.53
N ILE D 144 -5.94 15.73 -31.17
CA ILE D 144 -6.46 17.08 -31.07
C ILE D 144 -7.86 17.16 -31.69
N GLU D 145 -8.05 16.53 -32.85
CA GLU D 145 -9.37 16.53 -33.47
C GLU D 145 -10.39 15.80 -32.60
N GLN D 146 -9.99 14.68 -31.99
CA GLN D 146 -10.91 13.96 -31.12
C GLN D 146 -11.29 14.81 -29.92
N GLN D 147 -10.33 15.51 -29.32
CA GLN D 147 -10.63 16.38 -28.19
C GLN D 147 -11.57 17.51 -28.60
N ALA D 148 -11.33 18.11 -29.76
CA ALA D 148 -12.20 19.16 -30.25
C ALA D 148 -13.62 18.64 -30.49
N ASP D 149 -13.74 17.46 -31.08
CA ASP D 149 -15.06 16.87 -31.32
C ASP D 149 -15.78 16.61 -30.01
N ASN D 150 -15.07 16.05 -29.03
CA ASN D 150 -15.70 15.77 -27.74
C ASN D 150 -16.17 17.05 -27.07
N MET D 151 -15.36 18.11 -27.14
CA MET D 151 -15.73 19.34 -26.46
C MET D 151 -16.85 20.08 -27.20
N ILE D 152 -16.89 20.00 -28.53
CA ILE D 152 -18.03 20.55 -29.27
C ILE D 152 -19.31 19.79 -28.94
N THR D 153 -19.20 18.45 -28.81
CA THR D 153 -20.35 17.68 -28.39
C THR D 153 -20.82 18.08 -27.00
N GLU D 154 -19.87 18.31 -26.08
CA GLU D 154 -20.22 18.72 -24.73
C GLU D 154 -20.92 20.08 -24.73
N MET D 155 -20.39 21.04 -25.50
CA MET D 155 -20.99 22.37 -25.52
C MET D 155 -22.30 22.40 -26.29
N LEU D 156 -22.54 21.42 -27.17
CA LEU D 156 -23.80 21.36 -27.89
C LEU D 156 -24.97 21.11 -26.94
N GLN D 157 -24.78 20.23 -25.97
CA GLN D 157 -25.82 19.94 -24.99
C GLN D 157 -25.86 20.99 -23.89
N THR E 2 -5.68 38.28 17.74
CA THR E 2 -4.52 38.94 17.15
C THR E 2 -4.60 40.44 17.35
N THR E 3 -3.45 41.07 17.55
CA THR E 3 -3.34 42.52 17.68
C THR E 3 -2.46 43.03 16.55
N LEU E 4 -2.97 43.98 15.77
CA LEU E 4 -2.24 44.54 14.64
C LEU E 4 -2.09 46.04 14.82
N THR E 5 -0.95 46.56 14.39
CA THR E 5 -0.58 47.95 14.61
C THR E 5 -0.15 48.60 13.30
N GLN E 6 -0.41 49.91 13.19
CA GLN E 6 0.02 50.71 12.06
C GLN E 6 1.23 51.54 12.49
N SER E 7 2.38 51.24 11.90
CA SER E 7 3.62 51.89 12.34
C SER E 7 3.65 53.40 12.11
N PRO E 8 3.36 53.92 10.90
CA PRO E 8 3.59 55.36 10.67
C PRO E 8 2.72 56.27 11.53
N ALA E 9 1.40 56.08 11.46
CA ALA E 9 0.43 56.77 12.31
C ALA E 9 0.31 58.26 12.01
N THR E 10 1.12 58.78 11.09
CA THR E 10 1.03 60.19 10.69
C THR E 10 1.84 60.39 9.42
N LEU E 11 1.19 60.92 8.38
CA LEU E 11 1.87 61.31 7.14
C LEU E 11 1.40 62.71 6.78
N SER E 12 2.25 63.71 7.00
CA SER E 12 1.95 65.08 6.59
C SER E 12 2.41 65.28 5.14
N VAL E 13 1.72 64.60 4.25
CA VAL E 13 2.07 64.55 2.83
C VAL E 13 1.27 65.58 2.06
N SER E 14 1.94 66.29 1.15
CA SER E 14 1.30 67.25 0.28
C SER E 14 0.55 66.54 -0.85
N PRO E 15 -0.49 67.16 -1.40
CA PRO E 15 -1.21 66.54 -2.52
C PRO E 15 -0.32 66.43 -3.75
N GLY E 16 -0.57 65.38 -4.53
CA GLY E 16 0.13 65.19 -5.79
C GLY E 16 0.98 63.94 -5.86
N GLU E 17 1.68 63.62 -4.79
CA GLU E 17 2.57 62.46 -4.76
C GLU E 17 1.94 61.31 -3.99
N THR E 18 2.54 60.13 -4.15
CA THR E 18 1.99 58.91 -3.58
C THR E 18 2.19 58.88 -2.07
N ALA E 19 1.36 58.07 -1.41
CA ALA E 19 1.44 57.85 0.02
C ALA E 19 1.39 56.35 0.31
N THR E 20 2.15 55.91 1.31
CA THR E 20 2.29 54.51 1.65
C THR E 20 1.94 54.30 3.12
N LEU E 21 1.08 53.33 3.39
CA LEU E 21 0.67 52.97 4.74
C LEU E 21 0.98 51.51 4.99
N SER E 22 1.43 51.20 6.21
CA SER E 22 1.87 49.85 6.55
C SER E 22 1.03 49.29 7.69
N CYS E 23 0.74 47.99 7.62
CA CYS E 23 0.02 47.27 8.66
C CYS E 23 0.77 45.98 8.98
N ARG E 24 0.93 45.70 10.27
CA ARG E 24 1.64 44.51 10.73
C ARG E 24 0.76 43.75 11.69
N ALA E 25 0.62 42.44 11.48
CA ALA E 25 -0.25 41.60 12.28
C ALA E 25 0.55 40.77 13.27
N SER E 26 -0.08 40.45 14.40
CA SER E 26 0.58 39.64 15.42
C SER E 26 0.87 38.23 14.90
N GLN E 27 -0.09 37.61 14.24
CA GLN E 27 0.10 36.26 13.71
C GLN E 27 -0.21 36.20 12.22
N ASN E 28 -0.26 35.00 11.66
CA ASN E 28 -0.50 34.84 10.24
C ASN E 28 -1.96 35.14 9.91
N VAL E 29 -2.16 36.04 8.95
CA VAL E 29 -3.48 36.37 8.43
C VAL E 29 -3.35 36.35 6.91
N ILE E 30 -3.72 35.23 6.29
CA ILE E 30 -3.55 35.05 4.85
C ILE E 30 -4.63 35.86 4.14
N ASN E 31 -4.18 36.89 3.40
CA ASN E 31 -4.97 37.74 2.51
C ASN E 31 -6.38 38.00 3.02
N ASN E 32 -6.50 38.24 4.32
CA ASN E 32 -7.80 38.45 4.95
C ASN E 32 -7.82 39.80 5.65
N LEU E 33 -7.34 40.83 4.98
CA LEU E 33 -7.23 42.16 5.55
C LEU E 33 -8.24 43.10 4.90
N ALA E 34 -8.56 44.19 5.61
CA ALA E 34 -9.48 45.19 5.11
C ALA E 34 -8.96 46.57 5.45
N TRP E 35 -9.01 47.47 4.49
CA TRP E 35 -8.64 48.87 4.66
C TRP E 35 -9.90 49.73 4.53
N TYR E 36 -10.16 50.53 5.56
CA TYR E 36 -11.30 51.42 5.62
C TYR E 36 -10.83 52.87 5.68
N GLN E 37 -11.65 53.76 5.12
CA GLN E 37 -11.39 55.19 5.14
C GLN E 37 -12.50 55.87 5.94
N GLN E 38 -12.11 56.76 6.86
CA GLN E 38 -13.05 57.50 7.68
C GLN E 38 -12.70 58.97 7.62
N LYS E 39 -13.51 59.74 6.89
CA LYS E 39 -13.39 61.18 6.92
C LYS E 39 -13.88 61.70 8.27
N PRO E 40 -13.39 62.86 8.72
CA PRO E 40 -13.74 63.31 10.08
C PRO E 40 -15.18 63.79 10.12
N GLY E 41 -16.00 63.08 10.91
CA GLY E 41 -17.42 63.36 10.99
C GLY E 41 -18.32 62.44 10.21
N GLN E 42 -17.78 61.40 9.57
CA GLN E 42 -18.58 60.44 8.83
C GLN E 42 -18.18 59.02 9.24
N ALA E 43 -19.09 58.09 9.00
CA ALA E 43 -18.83 56.69 9.29
C ALA E 43 -17.78 56.13 8.35
N PRO E 44 -17.01 55.14 8.79
CA PRO E 44 -16.01 54.53 7.91
C PRO E 44 -16.66 53.83 6.73
N ARG E 45 -15.93 53.77 5.62
CA ARG E 45 -16.39 53.07 4.43
C ARG E 45 -15.31 52.10 3.98
N LEU E 46 -15.72 51.02 3.33
CA LEU E 46 -14.80 49.97 2.93
C LEU E 46 -14.07 50.38 1.66
N LEU E 47 -12.74 50.43 1.74
CA LEU E 47 -11.90 50.69 0.56
C LEU E 47 -11.37 49.40 -0.04
N ILE E 48 -10.68 48.59 0.76
CA ILE E 48 -10.02 47.38 0.27
C ILE E 48 -10.49 46.21 1.12
N TYR E 49 -10.88 45.11 0.47
CA TYR E 49 -11.17 43.87 1.16
C TYR E 49 -10.37 42.74 0.52
N GLY E 50 -10.06 41.74 1.33
CA GLY E 50 -9.16 40.71 0.85
C GLY E 50 -7.74 41.24 0.78
N ALA E 51 -6.95 40.61 -0.11
CA ALA E 51 -5.57 41.05 -0.28
C ALA E 51 -5.51 42.43 -0.93
N SER E 52 -6.03 42.53 -2.16
CA SER E 52 -5.95 43.78 -2.90
C SER E 52 -7.24 44.11 -3.65
N THR E 53 -8.31 43.36 -3.46
CA THR E 53 -9.54 43.61 -4.20
C THR E 53 -10.18 44.91 -3.75
N ARG E 54 -10.58 45.73 -4.72
CA ARG E 54 -11.16 47.03 -4.45
C ARG E 54 -12.67 46.92 -4.30
N ALA E 55 -13.21 47.69 -3.35
CA ALA E 55 -14.65 47.73 -3.17
C ALA E 55 -15.31 48.43 -4.35
N THR E 56 -16.62 48.21 -4.49
CA THR E 56 -17.36 48.79 -5.61
C THR E 56 -17.35 50.31 -5.55
N GLY E 57 -17.05 50.94 -6.68
CA GLY E 57 -17.03 52.38 -6.77
C GLY E 57 -15.77 53.05 -6.26
N ILE E 58 -14.78 52.29 -5.82
CA ILE E 58 -13.55 52.86 -5.27
C ILE E 58 -12.61 53.22 -6.42
N PRO E 59 -12.07 54.44 -6.46
CA PRO E 59 -11.14 54.80 -7.53
C PRO E 59 -9.86 53.97 -7.48
N ALA E 60 -9.24 53.80 -8.64
CA ALA E 60 -8.08 52.93 -8.79
C ALA E 60 -6.84 53.42 -8.04
N ARG E 61 -6.84 54.67 -7.56
CA ARG E 61 -5.67 55.20 -6.88
C ARG E 61 -5.34 54.41 -5.62
N PHE E 62 -6.36 54.01 -4.87
CA PHE E 62 -6.15 53.19 -3.67
C PHE E 62 -5.82 51.76 -4.10
N SER E 63 -4.71 51.23 -3.60
CA SER E 63 -4.33 49.87 -3.97
C SER E 63 -3.67 49.17 -2.78
N GLY E 64 -4.19 48.00 -2.43
CA GLY E 64 -3.59 47.19 -1.39
C GLY E 64 -2.60 46.16 -1.92
N SER E 65 -1.81 45.62 -1.02
CA SER E 65 -0.84 44.59 -1.35
C SER E 65 -0.33 43.96 -0.06
N GLY E 66 0.31 42.81 -0.20
CA GLY E 66 0.88 42.10 0.92
C GLY E 66 0.01 40.96 1.40
N SER E 67 0.65 39.99 2.05
CA SER E 67 -0.03 38.82 2.59
C SER E 67 0.75 38.32 3.80
N GLY E 68 0.07 37.56 4.64
CA GLY E 68 0.70 37.01 5.82
C GLY E 68 0.66 37.95 6.99
N THR E 69 1.75 38.68 7.21
CA THR E 69 1.87 39.62 8.32
C THR E 69 2.05 41.06 7.87
N GLU E 70 2.88 41.30 6.86
CA GLU E 70 3.11 42.65 6.36
C GLU E 70 2.09 42.98 5.27
N PHE E 71 1.46 44.16 5.39
CA PHE E 71 0.52 44.63 4.39
C PHE E 71 0.77 46.10 4.12
N THR E 72 0.49 46.52 2.89
CA THR E 72 0.77 47.87 2.45
C THR E 72 -0.38 48.42 1.63
N LEU E 73 -0.74 49.68 1.87
CA LEU E 73 -1.75 50.38 1.10
C LEU E 73 -1.11 51.61 0.47
N THR E 74 -1.25 51.76 -0.85
CA THR E 74 -0.61 52.82 -1.60
C THR E 74 -1.67 53.67 -2.30
N ILE E 75 -1.53 54.98 -2.17
CA ILE E 75 -2.36 55.93 -2.89
C ILE E 75 -1.47 56.67 -3.88
N SER E 76 -1.75 56.49 -5.18
CA SER E 76 -0.90 57.09 -6.21
C SER E 76 -1.08 58.59 -6.27
N SER E 77 -2.28 59.05 -6.57
CA SER E 77 -2.59 60.47 -6.67
C SER E 77 -3.37 60.91 -5.44
N MET E 78 -2.94 62.01 -4.82
CA MET E 78 -3.59 62.55 -3.64
C MET E 78 -4.48 63.72 -4.04
N GLN E 79 -5.76 63.63 -3.69
CA GLN E 79 -6.72 64.68 -3.92
C GLN E 79 -7.08 65.34 -2.59
N SER E 80 -7.99 66.31 -2.65
CA SER E 80 -8.37 67.04 -1.45
C SER E 80 -9.10 66.12 -0.46
N GLU E 81 -9.97 65.25 -0.95
CA GLU E 81 -10.77 64.41 -0.07
C GLU E 81 -10.07 63.13 0.37
N ASP E 82 -8.86 62.86 -0.13
CA ASP E 82 -8.10 61.70 0.32
C ASP E 82 -7.60 61.84 1.75
N PHE E 83 -7.64 63.03 2.32
CA PHE E 83 -7.15 63.27 3.66
C PHE E 83 -8.20 62.80 4.67
N ALA E 84 -7.93 61.67 5.31
CA ALA E 84 -8.86 61.08 6.27
C ALA E 84 -8.06 60.18 7.21
N VAL E 85 -8.75 59.36 7.99
CA VAL E 85 -8.13 58.39 8.88
C VAL E 85 -8.35 57.00 8.31
N TYR E 86 -7.27 56.26 8.12
CA TYR E 86 -7.32 54.95 7.46
C TYR E 86 -7.11 53.87 8.50
N TYR E 87 -7.99 52.87 8.48
CA TYR E 87 -8.02 51.81 9.49
C TYR E 87 -7.78 50.45 8.84
N CYS E 88 -7.13 49.58 9.60
CA CYS E 88 -6.69 48.27 9.13
C CYS E 88 -7.35 47.21 10.02
N GLN E 89 -8.07 46.27 9.41
CA GLN E 89 -8.78 45.24 10.13
C GLN E 89 -8.42 43.86 9.61
N GLN E 90 -8.27 42.91 10.52
CA GLN E 90 -8.15 41.50 10.17
C GLN E 90 -9.48 40.80 10.43
N TYR E 91 -9.82 39.85 9.56
CA TYR E 91 -11.01 39.03 9.78
C TYR E 91 -10.71 37.56 9.54
N ASN E 92 -9.49 37.13 9.85
CA ASN E 92 -9.14 35.73 9.72
C ASN E 92 -9.61 34.90 10.92
N ASP E 93 -9.99 35.54 12.02
CA ASP E 93 -10.43 34.84 13.21
C ASP E 93 -11.20 35.80 14.09
N TRP E 94 -11.86 35.24 15.11
CA TRP E 94 -12.62 36.07 16.03
C TRP E 94 -11.86 36.26 17.33
N PRO E 95 -11.97 37.43 17.98
CA PRO E 95 -12.73 38.59 17.53
C PRO E 95 -12.00 39.42 16.47
N ARG E 96 -12.74 40.21 15.71
CA ARG E 96 -12.13 41.09 14.73
C ARG E 96 -11.31 42.17 15.44
N SER E 97 -10.18 42.54 14.84
CA SER E 97 -9.27 43.51 15.41
C SER E 97 -9.06 44.67 14.45
N PHE E 98 -8.94 45.87 15.00
CA PHE E 98 -8.72 47.08 14.23
C PHE E 98 -7.38 47.69 14.60
N GLY E 99 -6.79 48.43 13.66
CA GLY E 99 -5.58 49.15 13.93
C GLY E 99 -5.83 50.48 14.62
N GLN E 100 -4.74 51.13 15.03
CA GLN E 100 -4.85 52.43 15.68
C GLN E 100 -5.18 53.53 14.68
N GLY E 101 -4.93 53.32 13.40
CA GLY E 101 -5.26 54.30 12.38
C GLY E 101 -4.15 55.32 12.18
N THR E 102 -4.04 55.80 10.95
CA THR E 102 -3.06 56.82 10.58
C THR E 102 -3.80 58.02 10.01
N ARG E 103 -3.49 59.20 10.53
CA ARG E 103 -4.13 60.44 10.09
C ARG E 103 -3.36 61.01 8.90
N LEU E 104 -4.03 61.20 7.79
CA LEU E 104 -3.43 61.73 6.57
C LEU E 104 -3.67 63.23 6.52
N ASP E 105 -2.61 64.01 6.68
CA ASP E 105 -2.71 65.47 6.68
C ASP E 105 -1.51 66.12 6.00
N VAL F 2 -30.02 49.95 0.59
CA VAL F 2 -28.86 49.25 1.13
C VAL F 2 -28.38 49.96 2.39
N GLN F 3 -28.82 51.21 2.55
CA GLN F 3 -28.39 52.02 3.67
C GLN F 3 -28.99 51.53 4.99
N LEU F 4 -28.42 52.00 6.08
CA LEU F 4 -28.89 51.69 7.43
C LEU F 4 -29.02 52.98 8.22
N VAL F 5 -30.09 53.11 8.99
CA VAL F 5 -30.37 54.28 9.80
C VAL F 5 -30.38 53.85 11.26
N GLN F 6 -29.69 54.61 12.11
CA GLN F 6 -29.40 54.18 13.48
C GLN F 6 -30.18 54.98 14.53
N SER F 7 -31.28 55.62 14.14
CA SER F 7 -32.24 56.22 15.07
C SER F 7 -31.60 57.28 15.97
N GLY F 8 -31.12 58.34 15.34
CA GLY F 8 -30.75 59.55 16.05
C GLY F 8 -29.61 59.36 17.03
N ALA F 9 -29.59 60.23 18.04
CA ALA F 9 -28.56 60.22 19.07
C ALA F 9 -29.20 60.40 20.43
N GLU F 10 -28.84 59.54 21.38
CA GLU F 10 -29.40 59.57 22.72
C GLU F 10 -28.37 60.06 23.73
N VAL F 11 -28.84 60.80 24.73
CA VAL F 11 -28.02 61.19 25.88
C VAL F 11 -28.77 60.79 27.15
N LYS F 12 -28.09 60.04 28.02
CA LYS F 12 -28.71 59.57 29.25
C LYS F 12 -27.68 59.58 30.37
N LYS F 13 -28.18 59.59 31.61
CA LYS F 13 -27.31 59.59 32.77
C LYS F 13 -26.62 58.24 32.94
N PRO F 14 -25.44 58.21 33.56
CA PRO F 14 -24.73 56.94 33.75
C PRO F 14 -25.51 55.99 34.65
N GLY F 15 -25.34 54.70 34.38
CA GLY F 15 -26.05 53.66 35.11
C GLY F 15 -27.32 53.18 34.45
N ALA F 16 -27.78 53.83 33.40
CA ALA F 16 -28.98 53.43 32.70
C ALA F 16 -28.64 52.48 31.55
N SER F 17 -29.68 51.93 30.93
CA SER F 17 -29.54 51.00 29.81
C SER F 17 -29.84 51.72 28.51
N VAL F 18 -28.99 51.53 27.51
CA VAL F 18 -29.12 52.18 26.21
C VAL F 18 -29.59 51.14 25.21
N LYS F 19 -30.60 51.49 24.42
CA LYS F 19 -31.22 50.60 23.45
C LYS F 19 -31.15 51.29 22.08
N VAL F 20 -30.14 50.95 21.29
CA VAL F 20 -29.91 51.59 19.99
C VAL F 20 -30.13 50.57 18.89
N SER F 21 -30.96 50.91 17.91
CA SER F 21 -31.34 49.98 16.87
C SER F 21 -31.14 50.60 15.49
N CYS F 22 -30.85 49.75 14.51
CA CYS F 22 -30.77 50.17 13.12
C CYS F 22 -31.58 49.24 12.24
N LYS F 23 -32.29 49.82 11.28
CA LYS F 23 -33.14 49.09 10.35
C LYS F 23 -32.47 49.06 8.98
N ALA F 24 -32.41 47.87 8.38
CA ALA F 24 -31.75 47.66 7.11
C ALA F 24 -32.79 47.53 6.01
N SER F 25 -32.64 48.31 4.95
CA SER F 25 -33.55 48.29 3.81
C SER F 25 -32.76 48.28 2.52
N GLY F 26 -33.21 47.50 1.55
CA GLY F 26 -32.56 47.40 0.26
C GLY F 26 -31.94 46.05 -0.04
N TYR F 27 -32.02 45.10 0.88
CA TYR F 27 -31.46 43.77 0.66
C TYR F 27 -32.18 42.80 1.58
N THR F 28 -32.02 41.50 1.29
CA THR F 28 -32.62 40.46 2.11
C THR F 28 -31.97 40.46 3.49
N PHE F 29 -32.71 40.89 4.51
CA PHE F 29 -32.15 41.03 5.85
C PHE F 29 -31.70 39.71 6.44
N THR F 30 -32.25 38.59 5.98
CA THR F 30 -31.94 37.30 6.60
C THR F 30 -30.53 36.83 6.23
N LYS F 31 -30.08 37.12 5.02
CA LYS F 31 -28.82 36.57 4.54
C LYS F 31 -27.63 37.10 5.34
N TYR F 32 -27.60 38.40 5.63
CA TYR F 32 -26.45 39.04 6.23
C TYR F 32 -26.71 39.32 7.71
N GLY F 33 -25.65 39.20 8.52
CA GLY F 33 -25.72 39.61 9.91
C GLY F 33 -25.22 41.03 10.10
N ILE F 34 -25.26 41.47 11.35
CA ILE F 34 -24.91 42.83 11.72
C ILE F 34 -23.77 42.77 12.73
N SER F 35 -22.73 43.57 12.49
CA SER F 35 -21.59 43.69 13.38
C SER F 35 -21.57 45.08 13.99
N TRP F 36 -21.32 45.14 15.30
CA TRP F 36 -21.37 46.39 16.04
C TRP F 36 -19.96 46.86 16.36
N VAL F 37 -19.70 48.15 16.08
CA VAL F 37 -18.39 48.74 16.27
C VAL F 37 -18.54 50.00 17.11
N ARG F 38 -17.67 50.16 18.10
CA ARG F 38 -17.68 51.31 18.98
C ARG F 38 -16.43 52.15 18.75
N GLN F 39 -16.61 53.46 18.60
CA GLN F 39 -15.49 54.39 18.41
C GLN F 39 -15.53 55.41 19.54
N ALA F 40 -14.55 55.34 20.43
CA ALA F 40 -14.45 56.32 21.51
C ALA F 40 -14.05 57.67 20.94
N PRO F 41 -14.42 58.77 21.60
CA PRO F 41 -14.04 60.10 21.09
C PRO F 41 -12.54 60.33 21.18
N GLY F 42 -11.88 60.39 20.03
CA GLY F 42 -10.44 60.58 19.97
C GLY F 42 -9.63 59.30 19.80
N GLN F 43 -10.24 58.14 20.00
CA GLN F 43 -9.57 56.86 19.84
C GLN F 43 -10.04 56.18 18.56
N GLY F 44 -9.54 54.96 18.34
CA GLY F 44 -9.88 54.21 17.15
C GLY F 44 -11.12 53.34 17.34
N LEU F 45 -11.44 52.61 16.28
CA LEU F 45 -12.62 51.74 16.30
C LEU F 45 -12.38 50.54 17.19
N GLU F 46 -13.47 50.04 17.78
CA GLU F 46 -13.43 48.85 18.63
C GLU F 46 -14.60 47.95 18.26
N TRP F 47 -14.34 46.65 18.23
CA TRP F 47 -15.34 45.68 17.80
C TRP F 47 -16.15 45.18 19.01
N MET F 48 -17.47 45.23 18.88
CA MET F 48 -18.38 44.84 19.95
C MET F 48 -18.85 43.40 19.82
N GLY F 49 -19.45 43.06 18.68
CA GLY F 49 -19.94 41.71 18.47
C GLY F 49 -20.56 41.59 17.09
N TRP F 50 -21.07 40.40 16.81
CA TRP F 50 -21.67 40.10 15.52
C TRP F 50 -22.83 39.15 15.70
N ILE F 51 -24.00 39.54 15.20
CA ILE F 51 -25.21 38.72 15.32
C ILE F 51 -25.73 38.41 13.92
N SER F 52 -25.89 37.13 13.63
CA SER F 52 -26.47 36.69 12.36
C SER F 52 -27.99 36.74 12.46
N ALA F 53 -28.60 37.49 11.55
CA ALA F 53 -30.06 37.64 11.52
C ALA F 53 -30.73 36.31 11.26
N PHE F 54 -30.18 35.51 10.33
CA PHE F 54 -30.66 34.15 10.17
C PHE F 54 -30.41 33.40 11.47
N ASN F 55 -31.50 32.98 12.11
CA ASN F 55 -31.64 32.32 13.41
C ASN F 55 -30.90 33.05 14.53
N GLY F 56 -30.48 34.28 14.28
CA GLY F 56 -29.98 35.15 15.33
C GLY F 56 -28.80 34.64 16.13
N TYR F 57 -27.75 34.17 15.47
CA TYR F 57 -26.62 33.55 16.16
C TYR F 57 -25.59 34.61 16.54
N THR F 58 -25.23 34.68 17.81
CA THR F 58 -24.44 35.79 18.33
C THR F 58 -23.03 35.33 18.71
N ARG F 59 -22.04 36.18 18.38
CA ARG F 59 -20.68 36.05 18.87
C ARG F 59 -20.26 37.39 19.46
N TYR F 60 -19.94 37.39 20.75
CA TYR F 60 -19.60 38.61 21.47
C TYR F 60 -18.10 38.78 21.58
N GLY F 61 -17.69 39.97 21.99
CA GLY F 61 -16.29 40.24 22.27
C GLY F 61 -15.86 39.64 23.59
N GLN F 62 -14.55 39.60 23.79
CA GLN F 62 -14.00 39.01 25.01
C GLN F 62 -14.41 39.80 26.25
N ARG F 63 -14.35 41.13 26.18
CA ARG F 63 -14.63 41.97 27.32
C ARG F 63 -16.07 42.47 27.37
N PHE F 64 -16.81 42.37 26.27
CA PHE F 64 -18.19 42.85 26.22
C PHE F 64 -19.21 41.78 26.55
N GLN F 65 -18.77 40.57 26.90
CA GLN F 65 -19.72 39.50 27.20
C GLN F 65 -20.52 39.83 28.45
N GLY F 66 -21.84 39.76 28.32
CA GLY F 66 -22.73 40.05 29.44
C GLY F 66 -23.05 41.52 29.59
N LYS F 67 -22.07 42.38 29.31
CA LYS F 67 -22.29 43.82 29.44
C LYS F 67 -23.26 44.33 28.37
N VAL F 68 -23.19 43.76 27.16
CA VAL F 68 -23.99 44.22 26.04
C VAL F 68 -24.64 43.02 25.38
N THR F 69 -25.86 43.23 24.87
CA THR F 69 -26.61 42.18 24.21
C THR F 69 -27.06 42.65 22.83
N MET F 70 -27.24 41.70 21.93
CA MET F 70 -27.69 41.98 20.56
C MET F 70 -28.94 41.17 20.26
N THR F 71 -29.91 41.81 19.61
CA THR F 71 -31.16 41.16 19.21
C THR F 71 -31.49 41.54 17.78
N THR F 72 -32.32 40.70 17.15
CA THR F 72 -32.78 40.95 15.80
C THR F 72 -34.28 40.75 15.70
N ASP F 73 -34.91 41.47 14.77
CA ASP F 73 -36.33 41.34 14.49
C ASP F 73 -36.48 41.32 12.97
N THR F 74 -36.83 40.15 12.43
CA THR F 74 -36.96 40.00 10.99
C THR F 74 -38.21 40.68 10.46
N SER F 75 -39.28 40.72 11.27
CA SER F 75 -40.51 41.37 10.82
C SER F 75 -40.30 42.84 10.54
N THR F 76 -39.57 43.53 11.41
CA THR F 76 -39.27 44.94 11.23
C THR F 76 -37.94 45.18 10.52
N ASN F 77 -37.20 44.11 10.21
CA ASN F 77 -35.89 44.22 9.57
C ASN F 77 -34.94 45.10 10.40
N THR F 78 -34.93 44.88 11.70
CA THR F 78 -34.15 45.71 12.61
C THR F 78 -33.17 44.86 13.40
N ALA F 79 -32.03 45.47 13.76
CA ALA F 79 -31.06 44.88 14.65
C ALA F 79 -30.77 45.87 15.77
N SER F 80 -30.84 45.41 17.01
CA SER F 80 -30.74 46.29 18.16
C SER F 80 -29.63 45.83 19.09
N LEU F 81 -29.04 46.82 19.77
CA LEU F 81 -27.94 46.62 20.71
C LEU F 81 -28.33 47.28 22.02
N GLU F 82 -28.19 46.54 23.11
CA GLU F 82 -28.63 46.99 24.43
C GLU F 82 -27.46 46.91 25.40
N VAL F 83 -27.18 48.05 26.04
CA VAL F 83 -26.10 48.18 27.02
C VAL F 83 -26.72 48.34 28.40
N ARG F 84 -26.28 47.51 29.35
CA ARG F 84 -26.91 47.48 30.67
C ARG F 84 -26.54 48.71 31.49
N THR F 85 -25.26 48.89 31.78
CA THR F 85 -24.79 49.97 32.64
C THR F 85 -23.83 50.86 31.88
N LEU F 86 -23.90 52.16 32.14
CA LEU F 86 -23.05 53.14 31.50
C LEU F 86 -21.96 53.62 32.45
N THR F 87 -20.92 54.20 31.88
CA THR F 87 -19.78 54.70 32.63
C THR F 87 -19.16 55.84 31.82
N SER F 88 -18.35 56.66 32.49
CA SER F 88 -17.77 57.83 31.84
C SER F 88 -16.97 57.46 30.59
N ASN F 89 -16.42 56.25 30.54
CA ASN F 89 -15.68 55.80 29.37
C ASN F 89 -16.57 55.08 28.35
N ASP F 90 -17.87 54.96 28.62
CA ASP F 90 -18.80 54.35 27.70
C ASP F 90 -19.35 55.32 26.66
N THR F 91 -19.10 56.62 26.82
CA THR F 91 -19.49 57.58 25.80
C THR F 91 -18.67 57.36 24.53
N ALA F 92 -19.35 57.23 23.40
CA ALA F 92 -18.70 56.89 22.14
C ALA F 92 -19.69 57.09 21.01
N VAL F 93 -19.31 56.62 19.82
CA VAL F 93 -20.19 56.56 18.66
C VAL F 93 -20.31 55.10 18.25
N TYR F 94 -21.55 54.65 18.08
CA TYR F 94 -21.84 53.24 17.79
C TYR F 94 -22.27 53.12 16.33
N TYR F 95 -21.65 52.17 15.63
CA TYR F 95 -21.98 51.88 14.24
C TYR F 95 -22.41 50.43 14.12
N CYS F 96 -23.37 50.17 13.23
CA CYS F 96 -23.77 48.82 12.87
C CYS F 96 -23.50 48.63 11.38
N ALA F 97 -22.84 47.53 11.04
CA ALA F 97 -22.38 47.30 9.67
C ALA F 97 -22.84 45.92 9.19
N ARG F 98 -23.29 45.86 7.95
CA ARG F 98 -23.68 44.59 7.36
C ARG F 98 -22.46 43.71 7.13
N GLN F 99 -22.59 42.42 7.44
CA GLN F 99 -21.49 41.48 7.27
C GLN F 99 -22.05 40.11 6.92
N TYR F 100 -21.55 39.53 5.85
CA TYR F 100 -21.99 38.19 5.48
C TYR F 100 -21.34 37.15 6.40
N PRO F 101 -22.10 36.16 6.86
CA PRO F 101 -21.50 35.13 7.73
C PRO F 101 -20.43 34.34 7.01
N ASP F 102 -19.40 33.96 7.75
CA ASP F 102 -18.34 33.14 7.19
C ASP F 102 -18.88 31.79 6.77
N GLN F 103 -18.42 31.29 5.62
CA GLN F 103 -18.95 30.08 5.03
C GLN F 103 -17.89 28.99 5.03
N TYR F 104 -18.26 27.81 5.50
CA TYR F 104 -17.40 26.64 5.50
C TYR F 104 -18.11 25.49 4.78
N SER F 105 -17.32 24.62 4.17
CA SER F 105 -17.87 23.47 3.48
C SER F 105 -16.85 22.34 3.51
N SER F 106 -17.35 21.12 3.33
CA SER F 106 -16.45 19.96 3.31
C SER F 106 -15.61 19.94 2.04
N SER F 107 -16.26 20.17 0.89
CA SER F 107 -15.56 20.22 -0.39
C SER F 107 -15.35 21.69 -0.76
N GLY F 108 -14.40 22.31 -0.08
CA GLY F 108 -14.13 23.72 -0.32
C GLY F 108 -13.24 24.28 0.77
N TRP F 109 -13.06 25.59 0.72
CA TRP F 109 -12.22 26.31 1.67
C TRP F 109 -13.00 27.44 2.31
N PRO F 110 -12.64 27.84 3.52
CA PRO F 110 -13.40 28.89 4.21
C PRO F 110 -13.42 30.19 3.41
N ARG F 111 -14.56 30.85 3.43
CA ARG F 111 -14.76 32.14 2.78
C ARG F 111 -15.17 33.14 3.85
N LEU F 112 -14.26 34.05 4.21
CA LEU F 112 -14.49 35.02 5.26
C LEU F 112 -14.79 36.38 4.66
N PHE F 113 -15.57 37.18 5.39
CA PHE F 113 -16.09 38.44 4.87
C PHE F 113 -15.82 39.57 5.85
N ALA F 114 -15.77 40.78 5.31
CA ALA F 114 -15.62 42.00 6.09
C ALA F 114 -16.95 42.76 6.10
N MET F 115 -16.94 43.94 6.70
CA MET F 115 -18.14 44.75 6.83
C MET F 115 -18.35 45.54 5.54
N ASP F 116 -19.40 45.20 4.79
CA ASP F 116 -19.61 45.79 3.47
C ASP F 116 -20.04 47.25 3.58
N VAL F 117 -21.18 47.50 4.22
CA VAL F 117 -21.73 48.84 4.31
C VAL F 117 -21.93 49.19 5.78
N TRP F 118 -21.92 50.49 6.06
CA TRP F 118 -22.05 51.01 7.41
C TRP F 118 -23.20 51.99 7.48
N GLY F 119 -23.77 52.12 8.67
CA GLY F 119 -24.77 53.13 8.94
C GLY F 119 -24.17 54.29 9.71
N GLN F 120 -24.81 55.45 9.61
CA GLN F 120 -24.34 56.61 10.35
C GLN F 120 -24.39 56.33 11.85
N GLY F 121 -23.38 56.82 12.56
CA GLY F 121 -23.22 56.46 13.94
C GLY F 121 -24.24 57.10 14.86
N THR F 122 -24.41 56.48 16.02
CA THR F 122 -25.23 57.02 17.10
C THR F 122 -24.29 57.45 18.23
N THR F 123 -24.37 58.71 18.62
CA THR F 123 -23.50 59.25 19.66
C THR F 123 -24.16 59.07 21.02
N VAL F 124 -23.53 58.27 21.88
CA VAL F 124 -24.03 58.03 23.23
C VAL F 124 -23.08 58.73 24.20
N THR F 125 -23.59 59.72 24.91
CA THR F 125 -22.82 60.49 25.87
C THR F 125 -23.47 60.39 27.25
N VAL F 126 -22.64 60.20 28.27
CA VAL F 126 -23.14 60.05 29.63
C VAL F 126 -22.71 61.25 30.48
N LEU G 18 32.78 -49.20 13.67
CA LEU G 18 31.96 -49.91 12.71
C LEU G 18 31.49 -48.97 11.61
N SER G 19 31.91 -49.24 10.37
CA SER G 19 31.55 -48.42 9.22
C SER G 19 30.94 -49.32 8.15
N LEU G 20 29.82 -48.91 7.60
CA LEU G 20 29.14 -49.65 6.55
C LEU G 20 28.62 -48.67 5.50
N SER G 21 28.46 -49.16 4.28
CA SER G 21 27.97 -48.34 3.18
C SER G 21 26.91 -49.10 2.41
N CYS G 22 26.05 -48.36 1.73
CA CYS G 22 25.00 -48.96 0.92
C CYS G 22 24.68 -48.02 -0.23
N THR G 23 24.79 -48.53 -1.46
CA THR G 23 24.45 -47.78 -2.66
C THR G 23 23.19 -48.35 -3.28
N VAL G 24 22.45 -47.50 -3.99
CA VAL G 24 21.19 -47.89 -4.59
C VAL G 24 21.44 -48.50 -5.95
N ASP G 25 20.67 -49.54 -6.28
CA ASP G 25 20.82 -50.20 -7.57
C ASP G 25 20.35 -49.30 -8.70
N GLY G 26 19.17 -48.71 -8.54
CA GLY G 26 18.60 -47.86 -9.58
C GLY G 26 17.47 -46.99 -9.06
N GLU G 27 16.43 -46.84 -9.87
CA GLU G 27 15.23 -46.03 -9.56
C GLU G 27 15.72 -44.63 -9.19
N SER G 28 15.11 -43.98 -8.19
CA SER G 28 15.46 -42.62 -7.81
C SER G 28 15.85 -42.58 -6.34
N PHE G 29 16.70 -41.60 -6.00
CA PHE G 29 17.16 -41.42 -4.64
C PHE G 29 16.33 -40.41 -3.86
N ASN G 30 15.55 -39.57 -4.54
CA ASN G 30 14.77 -38.53 -3.88
C ASN G 30 13.40 -39.07 -3.50
N GLY G 31 12.96 -38.74 -2.29
CA GLY G 31 11.62 -39.06 -1.85
C GLY G 31 11.48 -40.33 -1.04
N PHE G 32 12.59 -40.97 -0.67
CA PHE G 32 12.55 -42.21 0.10
C PHE G 32 13.25 -42.00 1.44
N PHE G 33 13.15 -43.01 2.29
CA PHE G 33 13.84 -43.03 3.57
C PHE G 33 14.76 -44.24 3.61
N TRP G 34 16.04 -44.01 3.87
CA TRP G 34 17.05 -45.05 3.86
C TRP G 34 17.36 -45.43 5.31
N THR G 35 16.82 -46.56 5.76
CA THR G 35 16.91 -46.98 7.14
C THR G 35 17.94 -48.10 7.28
N TRP G 36 18.42 -48.26 8.52
CA TRP G 36 19.32 -49.34 8.87
C TRP G 36 18.65 -50.21 9.94
N ILE G 37 18.71 -51.53 9.74
CA ILE G 37 18.04 -52.50 10.58
C ILE G 37 19.09 -53.46 11.13
N ARG G 38 19.00 -53.74 12.43
CA ARG G 38 19.92 -54.63 13.12
C ARG G 38 19.16 -55.86 13.62
N GLN G 39 19.72 -57.04 13.37
CA GLN G 39 19.17 -58.31 13.84
C GLN G 39 20.21 -59.00 14.70
N PRO G 40 20.12 -58.87 16.02
CA PRO G 40 21.06 -59.61 16.89
C PRO G 40 20.74 -61.09 16.88
N PRO G 41 21.73 -61.95 17.13
CA PRO G 41 21.46 -63.38 17.25
C PRO G 41 20.59 -63.66 18.46
N GLY G 42 19.45 -64.31 18.24
CA GLY G 42 18.52 -64.59 19.31
C GLY G 42 17.58 -63.45 19.64
N LYS G 43 17.62 -62.35 18.89
CA LYS G 43 16.77 -61.21 19.13
C LYS G 43 15.99 -60.89 17.86
N GLY G 44 15.09 -59.90 17.97
CA GLY G 44 14.30 -59.47 16.83
C GLY G 44 14.91 -58.31 16.08
N LEU G 45 14.29 -57.99 14.95
CA LEU G 45 14.72 -56.85 14.15
C LEU G 45 14.50 -55.54 14.90
N GLU G 46 15.42 -54.60 14.73
CA GLU G 46 15.25 -53.27 15.29
C GLU G 46 15.78 -52.22 14.32
N TRP G 47 15.21 -51.03 14.39
CA TRP G 47 15.58 -49.92 13.52
C TRP G 47 16.52 -48.99 14.27
N ILE G 48 17.66 -48.67 13.66
CA ILE G 48 18.67 -47.89 14.35
C ILE G 48 18.80 -46.47 13.80
N GLY G 49 18.44 -46.23 12.54
CA GLY G 49 18.56 -44.88 12.01
C GLY G 49 17.81 -44.76 10.69
N GLU G 50 17.68 -43.52 10.24
CA GLU G 50 16.92 -43.24 9.04
C GLU G 50 17.31 -41.87 8.50
N ILE G 51 17.53 -41.78 7.19
CA ILE G 51 17.84 -40.52 6.52
C ILE G 51 17.04 -40.41 5.23
N ASN G 52 16.92 -39.19 4.74
CA ASN G 52 16.33 -38.92 3.42
C ASN G 52 17.38 -38.26 2.54
N HIS G 53 16.96 -37.81 1.36
CA HIS G 53 17.89 -37.19 0.42
C HIS G 53 18.42 -35.86 0.89
N LEU G 54 17.79 -35.25 1.90
CA LEU G 54 18.35 -34.08 2.57
C LEU G 54 19.20 -34.54 3.74
N ALA G 55 19.61 -33.60 4.60
CA ALA G 55 20.41 -33.94 5.77
C ALA G 55 19.57 -34.38 6.96
N SER G 56 18.25 -34.40 6.82
CA SER G 56 17.38 -34.77 7.94
C SER G 56 17.63 -36.21 8.34
N THR G 57 17.61 -36.47 9.65
CA THR G 57 17.98 -37.77 10.16
C THR G 57 17.21 -38.07 11.44
N GLY G 58 16.80 -39.32 11.59
CA GLY G 58 16.22 -39.81 12.83
C GLY G 58 17.04 -40.96 13.36
N TYR G 59 17.14 -41.04 14.69
CA TYR G 59 17.96 -42.05 15.36
C TYR G 59 17.16 -42.74 16.45
N ASN G 60 17.57 -43.97 16.75
CA ASN G 60 17.02 -44.71 17.88
C ASN G 60 17.63 -44.18 19.18
N PRO G 61 16.81 -43.83 20.17
CA PRO G 61 17.36 -43.23 21.40
C PRO G 61 18.29 -44.14 22.17
N SER G 62 18.17 -45.45 22.02
CA SER G 62 19.00 -46.37 22.78
C SER G 62 20.48 -46.20 22.44
N LEU G 63 20.79 -46.04 21.16
CA LEU G 63 22.17 -45.90 20.71
C LEU G 63 22.40 -44.60 19.94
N LYS G 64 21.57 -43.59 20.17
CA LYS G 64 21.68 -42.33 19.44
C LYS G 64 23.02 -41.65 19.67
N SER G 65 23.63 -41.86 20.85
CA SER G 65 24.86 -41.15 21.18
C SER G 65 26.00 -41.52 20.26
N ARG G 66 26.12 -42.81 19.92
CA ARG G 66 27.28 -43.33 19.19
C ARG G 66 26.91 -43.81 17.79
N VAL G 67 26.02 -43.09 17.11
CA VAL G 67 25.60 -43.46 15.76
C VAL G 67 25.55 -42.21 14.90
N THR G 68 26.06 -42.31 13.67
CA THR G 68 25.93 -41.26 12.68
C THR G 68 25.59 -41.90 11.33
N ILE G 69 24.80 -41.17 10.54
CA ILE G 69 24.46 -41.61 9.20
C ILE G 69 24.72 -40.47 8.24
N SER G 70 25.40 -40.76 7.13
CA SER G 70 25.76 -39.76 6.14
C SER G 70 25.21 -40.14 4.78
N VAL G 71 24.99 -39.14 3.94
CA VAL G 71 24.42 -39.34 2.61
C VAL G 71 25.22 -38.54 1.59
N ASP G 72 25.51 -39.16 0.45
CA ASP G 72 26.13 -38.49 -0.68
C ASP G 72 25.22 -38.71 -1.90
N THR G 73 24.58 -37.63 -2.35
CA THR G 73 23.64 -37.71 -3.46
C THR G 73 24.35 -37.81 -4.81
N SER G 74 25.60 -37.36 -4.90
CA SER G 74 26.31 -37.36 -6.18
C SER G 74 26.44 -38.77 -6.74
N LYS G 75 26.82 -39.73 -5.90
CA LYS G 75 26.92 -41.11 -6.32
C LYS G 75 25.81 -41.98 -5.74
N ASN G 76 24.81 -41.36 -5.11
CA ASN G 76 23.64 -42.07 -4.58
C ASN G 76 24.05 -43.16 -3.58
N GLN G 77 24.66 -42.73 -2.49
CA GLN G 77 25.18 -43.65 -1.48
C GLN G 77 24.81 -43.14 -0.10
N PHE G 78 24.57 -44.06 0.83
CA PHE G 78 24.37 -43.67 2.23
C PHE G 78 25.13 -44.64 3.13
N SER G 79 25.76 -44.09 4.16
CA SER G 79 26.69 -44.83 4.99
C SER G 79 26.33 -44.66 6.46
N LEU G 80 26.70 -45.68 7.25
CA LEU G 80 26.45 -45.73 8.68
C LEU G 80 27.78 -45.87 9.41
N LYS G 81 27.93 -45.11 10.49
CA LYS G 81 29.11 -45.16 11.34
C LYS G 81 28.67 -45.33 12.78
N LEU G 82 29.28 -46.29 13.48
CA LEU G 82 28.97 -46.57 14.87
C LEU G 82 30.27 -46.59 15.67
N THR G 83 30.39 -45.70 16.64
CA THR G 83 31.58 -45.63 17.47
C THR G 83 31.37 -46.42 18.76
N SER G 84 32.49 -46.72 19.42
CA SER G 84 32.49 -47.50 20.67
C SER G 84 31.81 -48.85 20.46
N VAL G 85 32.40 -49.65 19.57
CA VAL G 85 31.83 -50.95 19.24
C VAL G 85 31.92 -51.87 20.45
N THR G 86 30.80 -52.48 20.81
CA THR G 86 30.70 -53.39 21.93
C THR G 86 30.44 -54.80 21.42
N ALA G 87 31.00 -55.80 22.12
CA ALA G 87 30.81 -57.19 21.72
C ALA G 87 29.34 -57.59 21.73
N ALA G 88 28.49 -56.87 22.47
CA ALA G 88 27.06 -57.12 22.48
C ALA G 88 26.34 -56.46 21.31
N ASP G 89 27.04 -55.69 20.48
CA ASP G 89 26.43 -55.04 19.33
C ASP G 89 26.64 -55.79 18.03
N THR G 90 27.28 -56.96 18.06
CA THR G 90 27.43 -57.75 16.85
C THR G 90 26.08 -58.33 16.44
N ALA G 91 25.76 -58.22 15.15
CA ALA G 91 24.43 -58.58 14.65
C ALA G 91 24.51 -58.63 13.13
N VAL G 92 23.35 -58.75 12.49
CA VAL G 92 23.23 -58.70 11.04
C VAL G 92 22.66 -57.34 10.67
N TYR G 93 23.34 -56.63 9.76
CA TYR G 93 22.98 -55.27 9.41
C TYR G 93 22.39 -55.22 8.01
N TYR G 94 21.24 -54.58 7.87
CA TYR G 94 20.55 -54.44 6.59
C TYR G 94 20.30 -52.96 6.30
N CYS G 95 20.53 -52.57 5.06
CA CYS G 95 20.19 -51.24 4.57
C CYS G 95 18.94 -51.34 3.72
N ALA G 96 17.88 -50.65 4.13
CA ALA G 96 16.58 -50.80 3.50
C ALA G 96 16.07 -49.45 2.99
N ARG G 97 15.32 -49.51 1.90
CA ARG G 97 14.62 -48.35 1.36
C ARG G 97 13.14 -48.47 1.70
N GLY G 98 12.56 -47.41 2.27
CA GLY G 98 11.17 -47.41 2.65
C GLY G 98 10.49 -46.12 2.25
N TYR G 99 9.17 -46.19 2.19
CA TYR G 99 8.33 -45.10 1.71
C TYR G 99 7.23 -44.82 2.72
N SER G 100 6.91 -43.54 2.91
CA SER G 100 5.90 -43.11 3.87
C SER G 100 4.83 -42.31 3.14
N TYR G 101 3.57 -42.63 3.42
CA TYR G 101 2.43 -41.97 2.81
C TYR G 101 1.71 -41.10 3.84
N GLY G 102 1.45 -39.85 3.50
CA GLY G 102 0.80 -38.95 4.42
C GLY G 102 -0.20 -38.00 3.79
N PHE G 103 -0.75 -38.38 2.64
CA PHE G 103 -1.69 -37.52 1.93
C PHE G 103 -3.15 -37.84 2.21
N ALA G 104 -3.47 -39.07 2.61
CA ALA G 104 -4.82 -39.46 2.98
C ALA G 104 -4.76 -40.13 4.35
N TRP G 105 -5.95 -40.36 4.94
CA TRP G 105 -5.98 -40.89 6.30
C TRP G 105 -5.32 -42.25 6.43
N PRO G 106 -5.70 -43.30 5.70
CA PRO G 106 -4.97 -44.56 5.84
C PRO G 106 -3.50 -44.33 5.52
N ASN G 107 -2.66 -44.37 6.56
CA ASN G 107 -1.26 -44.03 6.44
C ASN G 107 -0.43 -45.29 6.58
N TYR G 108 0.54 -45.45 5.68
CA TYR G 108 1.34 -46.65 5.64
C TYR G 108 2.80 -46.30 5.45
N HIS G 109 3.66 -46.98 6.20
CA HIS G 109 5.11 -46.93 6.00
C HIS G 109 5.60 -48.35 5.83
N TYR G 110 6.21 -48.64 4.69
CA TYR G 110 6.69 -49.98 4.39
C TYR G 110 8.14 -49.89 3.96
N LEU G 111 8.97 -50.78 4.50
CA LEU G 111 10.36 -50.89 4.05
C LEU G 111 10.34 -51.56 2.69
N ASP G 112 10.41 -50.73 1.65
CA ASP G 112 10.11 -51.19 0.29
C ASP G 112 11.05 -52.30 -0.15
N VAL G 113 12.36 -52.02 -0.15
CA VAL G 113 13.34 -52.98 -0.63
C VAL G 113 14.45 -53.11 0.42
N TRP G 114 15.16 -54.23 0.34
CA TRP G 114 16.25 -54.52 1.27
C TRP G 114 17.54 -54.82 0.53
N GLU H 1 8.15 -43.95 22.10
CA GLU H 1 6.95 -43.68 22.89
C GLU H 1 5.93 -44.81 22.75
N ILE H 2 5.49 -45.05 21.52
CA ILE H 2 4.51 -46.09 21.26
C ILE H 2 5.23 -47.44 21.17
N VAL H 3 4.60 -48.47 21.71
CA VAL H 3 5.19 -49.81 21.76
C VAL H 3 4.21 -50.80 21.15
N LEU H 4 4.74 -51.69 20.31
CA LEU H 4 3.96 -52.73 19.65
C LEU H 4 4.23 -54.06 20.31
N THR H 5 3.18 -54.74 20.75
CA THR H 5 3.29 -56.05 21.38
C THR H 5 2.46 -57.06 20.58
N GLN H 6 3.07 -58.23 20.32
CA GLN H 6 2.41 -59.30 19.59
C GLN H 6 1.93 -60.35 20.59
N SER H 7 0.62 -60.59 20.60
CA SER H 7 0.07 -61.60 21.51
C SER H 7 0.61 -63.00 21.22
N PRO H 8 0.61 -63.50 19.97
CA PRO H 8 1.20 -64.81 19.73
C PRO H 8 2.71 -64.78 19.85
N ALA H 9 3.28 -65.85 20.40
CA ALA H 9 4.74 -65.90 20.54
C ALA H 9 5.37 -67.03 19.74
N THR H 10 4.97 -68.27 20.02
CA THR H 10 5.51 -69.46 19.34
C THR H 10 4.33 -70.38 19.00
N LEU H 11 4.07 -70.55 17.70
CA LEU H 11 2.89 -71.27 17.23
C LEU H 11 3.31 -72.49 16.42
N SER H 12 3.13 -73.68 17.02
CA SER H 12 3.31 -74.94 16.32
C SER H 12 1.98 -75.31 15.67
N LEU H 13 1.82 -74.95 14.40
CA LEU H 13 0.58 -75.17 13.66
C LEU H 13 0.82 -76.17 12.53
N SER H 14 -0.16 -77.06 12.34
CA SER H 14 -0.08 -78.03 11.27
C SER H 14 -0.30 -77.35 9.92
N PRO H 15 0.24 -77.92 8.84
CA PRO H 15 0.10 -77.27 7.52
C PRO H 15 -1.34 -77.30 7.02
N GLY H 16 -1.63 -76.38 6.11
CA GLY H 16 -2.95 -76.25 5.54
C GLY H 16 -4.03 -75.83 6.53
N GLU H 17 -3.73 -74.84 7.36
CA GLU H 17 -4.67 -74.34 8.35
C GLU H 17 -4.63 -72.82 8.37
N ARG H 18 -5.53 -72.23 9.15
CA ARG H 18 -5.63 -70.79 9.29
C ARG H 18 -4.72 -70.29 10.40
N ALA H 19 -3.91 -69.27 10.10
CA ALA H 19 -2.92 -68.74 11.05
C ALA H 19 -3.23 -67.27 11.29
N THR H 20 -3.75 -66.96 12.48
CA THR H 20 -4.02 -65.59 12.88
C THR H 20 -2.89 -65.07 13.77
N LEU H 21 -2.39 -63.88 13.46
CA LEU H 21 -1.33 -63.24 14.23
C LEU H 21 -1.73 -61.80 14.51
N SER H 22 -2.02 -61.50 15.77
CA SER H 22 -2.54 -60.18 16.16
C SER H 22 -1.52 -59.45 17.02
N CYS H 23 -1.26 -58.19 16.68
CA CYS H 23 -0.40 -57.33 17.48
C CYS H 23 -1.07 -55.98 17.68
N ARG H 24 -0.81 -55.37 18.83
CA ARG H 24 -1.49 -54.14 19.22
C ARG H 24 -0.49 -53.14 19.77
N ALA H 25 -0.85 -51.87 19.67
CA ALA H 25 -0.01 -50.78 20.13
C ALA H 25 -0.45 -50.28 21.50
N SER H 26 0.38 -49.43 22.09
CA SER H 26 0.05 -48.85 23.39
C SER H 26 -1.16 -47.94 23.29
N GLN H 27 -1.24 -47.12 22.25
CA GLN H 27 -2.37 -46.23 22.03
C GLN H 27 -2.73 -46.25 20.54
N SER H 28 -3.62 -45.35 20.14
CA SER H 28 -4.02 -45.27 18.75
C SER H 28 -2.84 -44.90 17.86
N VAL H 29 -2.72 -45.60 16.74
CA VAL H 29 -1.62 -45.39 15.81
C VAL H 29 -2.01 -44.32 14.80
N SER H 30 -1.00 -43.68 14.23
CA SER H 30 -1.21 -42.73 13.14
C SER H 30 -1.10 -43.42 11.78
N SER H 31 -0.07 -44.25 11.60
CA SER H 31 0.11 -45.03 10.40
C SER H 31 -0.23 -46.48 10.68
N TYR H 32 -1.01 -47.09 9.79
CA TYR H 32 -1.40 -48.48 9.96
C TYR H 32 -0.18 -49.38 9.87
N LEU H 33 -0.19 -50.44 10.68
CA LEU H 33 0.99 -51.28 10.85
C LEU H 33 1.35 -51.99 9.55
N ALA H 34 2.64 -52.32 9.41
CA ALA H 34 3.14 -53.04 8.25
C ALA H 34 3.70 -54.38 8.69
N TRP H 35 3.30 -55.44 7.98
CA TRP H 35 3.66 -56.81 8.34
C TRP H 35 4.73 -57.34 7.40
N TYR H 36 5.80 -57.88 7.98
CA TYR H 36 6.92 -58.48 7.26
C TYR H 36 7.13 -59.92 7.69
N GLN H 37 7.64 -60.71 6.75
CA GLN H 37 8.04 -62.10 7.00
C GLN H 37 9.56 -62.21 6.92
N HIS H 38 10.15 -62.83 7.93
CA HIS H 38 11.60 -62.99 8.04
C HIS H 38 11.91 -64.48 8.07
N LYS H 39 12.54 -64.96 7.00
CA LYS H 39 13.01 -66.33 6.90
C LYS H 39 14.31 -66.49 7.70
N PRO H 40 14.59 -67.70 8.18
CA PRO H 40 15.87 -67.94 8.89
C PRO H 40 17.04 -67.80 7.94
N GLY H 41 17.97 -66.91 8.27
CA GLY H 41 19.14 -66.68 7.44
C GLY H 41 18.84 -66.08 6.09
N GLN H 42 17.91 -65.14 6.03
CA GLN H 42 17.57 -64.48 4.77
C GLN H 42 17.04 -63.08 5.06
N ALA H 43 17.09 -62.24 4.04
CA ALA H 43 16.58 -60.89 4.18
C ALA H 43 15.07 -60.89 4.29
N PRO H 44 14.48 -60.11 5.19
CA PRO H 44 13.02 -60.06 5.29
C PRO H 44 12.40 -59.44 4.05
N ARG H 45 11.16 -59.83 3.79
CA ARG H 45 10.41 -59.35 2.64
C ARG H 45 9.08 -58.75 3.11
N LEU H 46 8.62 -57.74 2.36
CA LEU H 46 7.39 -57.07 2.72
C LEU H 46 6.18 -57.94 2.38
N LEU H 47 5.23 -58.02 3.31
CA LEU H 47 4.01 -58.78 3.11
C LEU H 47 2.78 -57.88 3.03
N ILE H 48 2.54 -57.07 4.05
CA ILE H 48 1.35 -56.23 4.12
C ILE H 48 1.76 -54.80 4.45
N TYR H 49 1.22 -53.84 3.71
CA TYR H 49 1.40 -52.44 4.03
C TYR H 49 0.03 -51.75 4.05
N GLY H 50 -0.16 -50.85 5.00
CA GLY H 50 -1.45 -50.24 5.19
C GLY H 50 -2.44 -51.07 5.97
N ALA H 51 -2.02 -52.23 6.48
CA ALA H 51 -2.81 -53.17 7.26
C ALA H 51 -3.89 -53.87 6.45
N SER H 52 -4.06 -53.52 5.18
CA SER H 52 -5.05 -54.20 4.34
C SER H 52 -4.57 -54.50 2.93
N LYS H 53 -3.47 -53.90 2.47
CA LYS H 53 -2.99 -54.08 1.11
C LYS H 53 -1.84 -55.08 1.07
N ARG H 54 -1.57 -55.58 -0.13
CA ARG H 54 -0.54 -56.59 -0.34
C ARG H 54 0.52 -56.06 -1.29
N ALA H 55 1.78 -56.43 -1.04
CA ALA H 55 2.86 -56.04 -1.92
C ALA H 55 2.82 -56.85 -3.21
N THR H 56 3.68 -56.46 -4.16
CA THR H 56 3.74 -57.14 -5.44
C THR H 56 4.25 -58.56 -5.28
N GLY H 57 3.59 -59.50 -5.95
CA GLY H 57 3.98 -60.89 -5.91
C GLY H 57 3.56 -61.65 -4.67
N ILE H 58 2.81 -61.01 -3.78
CA ILE H 58 2.39 -61.67 -2.53
C ILE H 58 1.23 -62.62 -2.83
N PRO H 59 1.29 -63.86 -2.37
CA PRO H 59 0.16 -64.78 -2.59
C PRO H 59 -1.10 -64.28 -1.90
N SER H 60 -2.25 -64.64 -2.49
CA SER H 60 -3.53 -64.18 -1.99
C SER H 60 -3.90 -64.77 -0.64
N ARG H 61 -3.19 -65.79 -0.17
CA ARG H 61 -3.51 -66.39 1.12
C ARG H 61 -3.17 -65.49 2.30
N PHE H 62 -2.47 -64.38 2.08
CA PHE H 62 -2.14 -63.43 3.13
C PHE H 62 -3.17 -62.30 3.12
N SER H 63 -3.76 -62.02 4.28
CA SER H 63 -4.73 -60.94 4.40
C SER H 63 -4.44 -60.15 5.67
N GLY H 64 -4.87 -58.89 5.66
CA GLY H 64 -4.67 -58.02 6.81
C GLY H 64 -5.98 -57.37 7.23
N SER H 65 -6.06 -57.07 8.51
CA SER H 65 -7.23 -56.38 9.06
C SER H 65 -6.82 -55.64 10.32
N GLY H 66 -7.68 -54.74 10.76
CA GLY H 66 -7.46 -54.01 12.00
C GLY H 66 -7.72 -52.53 11.84
N SER H 67 -7.97 -51.87 12.98
CA SER H 67 -8.25 -50.44 12.98
C SER H 67 -8.05 -49.92 14.40
N GLY H 68 -7.33 -48.80 14.51
CA GLY H 68 -7.13 -48.14 15.79
C GLY H 68 -6.01 -48.71 16.63
N THR H 69 -6.23 -49.86 17.25
CA THR H 69 -5.26 -50.44 18.16
C THR H 69 -4.81 -51.84 17.77
N ASP H 70 -5.73 -52.72 17.39
CA ASP H 70 -5.41 -54.11 17.08
C ASP H 70 -5.24 -54.28 15.58
N PHE H 71 -4.22 -55.04 15.19
CA PHE H 71 -3.99 -55.34 13.78
C PHE H 71 -3.62 -56.80 13.65
N SER H 72 -4.31 -57.51 12.75
CA SER H 72 -4.17 -58.94 12.60
C SER H 72 -3.81 -59.31 11.17
N LEU H 73 -2.86 -60.23 11.03
CA LEU H 73 -2.50 -60.83 9.77
C LEU H 73 -3.00 -62.27 9.75
N THR H 74 -3.70 -62.64 8.68
CA THR H 74 -4.34 -63.93 8.57
C THR H 74 -3.76 -64.69 7.38
N ILE H 75 -3.43 -65.96 7.62
CA ILE H 75 -2.88 -66.85 6.61
C ILE H 75 -3.91 -67.94 6.34
N SER H 76 -4.37 -68.04 5.09
CA SER H 76 -5.41 -68.99 4.76
C SER H 76 -4.93 -70.43 4.88
N SER H 77 -3.78 -70.73 4.26
CA SER H 77 -3.24 -72.09 4.27
C SER H 77 -1.75 -72.03 4.59
N LEU H 78 -1.28 -73.04 5.31
CA LEU H 78 0.11 -73.13 5.72
C LEU H 78 0.89 -74.02 4.75
N GLU H 79 2.10 -73.59 4.43
CA GLU H 79 3.00 -74.30 3.53
C GLU H 79 4.37 -74.40 4.20
N PRO H 80 5.20 -75.36 3.78
CA PRO H 80 6.53 -75.49 4.40
C PRO H 80 7.37 -74.24 4.28
N GLU H 81 7.21 -73.45 3.21
CA GLU H 81 7.93 -72.20 3.08
C GLU H 81 7.26 -71.04 3.80
N ASP H 82 6.10 -71.27 4.42
CA ASP H 82 5.39 -70.24 5.17
C ASP H 82 5.73 -70.23 6.65
N PHE H 83 6.67 -71.08 7.08
CA PHE H 83 7.09 -71.12 8.49
C PHE H 83 8.28 -70.20 8.65
N ALA H 84 8.06 -69.04 9.26
CA ALA H 84 9.09 -68.04 9.45
C ALA H 84 8.67 -67.14 10.61
N VAL H 85 9.38 -66.02 10.78
CA VAL H 85 9.06 -65.05 11.82
C VAL H 85 8.24 -63.93 11.20
N TYR H 86 7.35 -63.32 11.97
CA TYR H 86 6.48 -62.27 11.45
C TYR H 86 6.54 -61.05 12.36
N TYR H 87 6.71 -59.88 11.75
CA TYR H 87 6.82 -58.62 12.48
C TYR H 87 5.80 -57.61 11.99
N CYS H 88 5.39 -56.72 12.88
CA CYS H 88 4.53 -55.58 12.55
C CYS H 88 5.22 -54.31 13.01
N GLN H 89 5.28 -53.30 12.14
CA GLN H 89 5.94 -52.05 12.49
C GLN H 89 5.00 -50.85 12.35
N HIS H 90 5.36 -49.80 13.09
CA HIS H 90 4.75 -48.49 13.04
C HIS H 90 5.85 -47.44 12.94
N ARG H 91 5.57 -46.33 12.26
CA ARG H 91 6.57 -45.29 12.06
C ARG H 91 6.28 -43.99 12.79
N SER H 92 5.01 -43.57 12.88
CA SER H 92 4.66 -42.27 13.42
C SER H 92 5.39 -41.17 12.67
N ASP H 93 6.47 -40.65 13.25
CA ASP H 93 7.28 -39.63 12.59
C ASP H 93 8.73 -39.79 13.03
N TRP H 94 9.60 -40.18 12.10
CA TRP H 94 11.03 -40.32 12.33
C TRP H 94 11.37 -41.32 13.44
N ARG H 95 10.45 -42.23 13.77
CA ARG H 95 10.70 -43.19 14.85
C ARG H 95 10.07 -44.53 14.46
N THR H 96 10.84 -45.38 13.82
CA THR H 96 10.36 -46.70 13.41
C THR H 96 10.44 -47.67 14.56
N THR H 97 9.33 -48.35 14.86
CA THR H 97 9.26 -49.30 15.95
C THR H 97 8.79 -50.65 15.41
N PHE H 98 9.49 -51.71 15.79
CA PHE H 98 9.15 -53.06 15.40
C PHE H 98 8.42 -53.76 16.55
N GLY H 99 8.15 -55.07 16.37
CA GLY H 99 7.56 -55.88 17.40
C GLY H 99 8.50 -57.00 17.81
N GLN H 100 8.14 -57.66 18.92
CA GLN H 100 8.97 -58.75 19.41
C GLN H 100 8.99 -59.94 18.46
N GLY H 101 7.99 -60.08 17.61
CA GLY H 101 7.99 -61.11 16.60
C GLY H 101 7.39 -62.42 17.09
N THR H 102 6.82 -63.17 16.14
CA THR H 102 6.27 -64.48 16.40
C THR H 102 6.75 -65.44 15.32
N ARG H 103 6.94 -66.70 15.69
CA ARG H 103 7.54 -67.70 14.81
C ARG H 103 6.55 -68.82 14.54
N LEU H 104 6.63 -69.37 13.33
CA LEU H 104 5.79 -70.47 12.90
C LEU H 104 6.64 -71.70 12.65
N GLU H 105 6.21 -72.83 13.22
CA GLU H 105 6.89 -74.10 13.03
C GLU H 105 5.85 -75.18 12.73
N ILE H 106 6.32 -76.26 12.12
CA ILE H 106 5.46 -77.36 11.67
C ILE H 106 4.68 -77.96 12.85
N THR I 59 -31.95 -23.43 -24.65
CA THR I 59 -31.75 -22.19 -25.38
C THR I 59 -32.91 -21.22 -25.16
N SER I 60 -33.12 -20.85 -23.89
CA SER I 60 -34.18 -19.92 -23.56
C SER I 60 -33.89 -18.54 -24.11
N LEU I 61 -34.95 -17.79 -24.41
CA LEU I 61 -34.85 -16.43 -24.92
C LEU I 61 -35.39 -15.47 -23.88
N TYR I 62 -34.57 -14.49 -23.51
CA TYR I 62 -34.92 -13.54 -22.46
C TYR I 62 -35.51 -12.29 -23.08
N LYS I 63 -36.70 -11.90 -22.60
CA LYS I 63 -37.48 -10.77 -23.12
C LYS I 63 -37.87 -10.94 -24.58
N GLY I 64 -37.76 -12.14 -25.12
CA GLY I 64 -38.13 -12.41 -26.49
C GLY I 64 -37.17 -11.92 -27.54
N VAL I 65 -36.08 -11.25 -27.14
CA VAL I 65 -35.12 -10.73 -28.11
C VAL I 65 -33.67 -11.04 -27.74
N TYR I 66 -33.37 -11.43 -26.51
CA TYR I 66 -32.01 -11.61 -26.05
C TYR I 66 -31.70 -13.09 -25.82
N GLU I 67 -30.51 -13.51 -26.22
CA GLU I 67 -30.05 -14.88 -26.03
C GLU I 67 -28.88 -14.89 -25.05
N LEU I 68 -28.86 -15.89 -24.18
CA LEU I 68 -27.81 -16.01 -23.16
C LEU I 68 -26.67 -16.84 -23.72
N GLN I 69 -25.46 -16.28 -23.69
CA GLN I 69 -24.26 -16.95 -24.16
C GLN I 69 -23.17 -16.83 -23.11
N THR I 70 -22.26 -17.80 -23.12
CA THR I 70 -21.19 -17.87 -22.12
C THR I 70 -19.83 -18.01 -22.81
N LEU I 71 -18.79 -17.62 -22.09
CA LEU I 71 -17.42 -17.80 -22.52
C LEU I 71 -16.56 -18.16 -21.32
N GLU I 72 -15.45 -18.84 -21.59
CA GLU I 72 -14.50 -19.22 -20.56
C GLU I 72 -13.11 -18.74 -20.94
N LEU I 73 -12.39 -18.19 -19.98
CA LEU I 73 -11.09 -17.59 -20.23
C LEU I 73 -9.98 -18.62 -20.08
N ASN I 74 -8.95 -18.49 -20.92
CA ASN I 74 -7.79 -19.40 -20.93
C ASN I 74 -6.66 -18.72 -20.18
N MET I 75 -6.58 -18.99 -18.87
CA MET I 75 -5.53 -18.42 -18.05
C MET I 75 -4.17 -19.02 -18.37
N GLU I 76 -4.12 -20.18 -19.02
CA GLU I 76 -2.87 -20.87 -19.28
C GLU I 76 -1.99 -20.14 -20.29
N THR I 77 -2.54 -19.19 -21.04
CA THR I 77 -1.75 -18.39 -21.95
C THR I 77 -1.15 -17.17 -21.28
N LEU I 78 -1.40 -16.99 -19.98
CA LEU I 78 -0.87 -15.88 -19.21
C LEU I 78 0.50 -16.18 -18.62
N ASN I 79 1.16 -17.25 -19.05
CA ASN I 79 2.48 -17.58 -18.51
C ASN I 79 3.48 -16.49 -18.91
N MET I 80 4.72 -16.67 -18.50
CA MET I 80 5.86 -15.84 -18.90
C MET I 80 5.73 -14.41 -18.39
N THR I 81 4.62 -14.05 -17.78
CA THR I 81 4.35 -12.75 -17.20
C THR I 81 3.83 -12.85 -15.78
N MET I 82 3.05 -13.88 -15.48
CA MET I 82 2.47 -14.08 -14.17
C MET I 82 2.58 -15.55 -13.77
N PRO I 83 2.78 -15.82 -12.48
CA PRO I 83 2.66 -17.20 -12.00
C PRO I 83 1.22 -17.66 -12.05
N LEU I 84 1.03 -18.95 -12.27
CA LEU I 84 -0.30 -19.54 -12.36
C LEU I 84 -0.45 -20.63 -11.31
N SER I 85 -1.47 -20.52 -10.49
CA SER I 85 -1.69 -21.46 -9.38
C SER I 85 -2.91 -22.32 -9.67
N CYS I 86 -2.79 -23.62 -9.39
CA CYS I 86 -3.94 -24.51 -9.50
C CYS I 86 -3.71 -25.76 -8.67
N THR I 87 -4.79 -26.48 -8.42
CA THR I 87 -4.83 -27.59 -7.48
C THR I 87 -4.99 -28.91 -8.21
N LYS I 88 -4.20 -29.90 -7.81
CA LYS I 88 -4.30 -31.26 -8.36
C LYS I 88 -5.34 -32.08 -7.61
N ASN I 89 -5.16 -32.23 -6.31
CA ASN I 89 -6.12 -32.93 -5.48
C ASN I 89 -6.08 -32.30 -4.09
N ASN I 90 -6.59 -33.03 -3.09
CA ASN I 90 -6.67 -32.50 -1.72
C ASN I 90 -5.30 -32.10 -1.20
N SER I 91 -4.27 -32.88 -1.51
CA SER I 91 -2.95 -32.69 -0.91
C SER I 91 -2.01 -31.82 -1.72
N HIS I 92 -2.01 -31.96 -3.05
CA HIS I 92 -1.00 -31.34 -3.89
C HIS I 92 -1.56 -30.09 -4.57
N HIS I 93 -0.78 -29.01 -4.54
CA HIS I 93 -1.14 -27.76 -5.17
C HIS I 93 0.12 -27.20 -5.83
N TYR I 94 -0.03 -26.42 -6.89
CA TYR I 94 1.14 -25.97 -7.63
C TYR I 94 0.99 -24.51 -8.03
N ILE I 95 2.12 -23.82 -8.05
CA ILE I 95 2.22 -22.48 -8.62
C ILE I 95 3.39 -22.48 -9.61
N MET I 96 3.10 -22.24 -10.88
CA MET I 96 4.06 -22.41 -11.95
C MET I 96 4.52 -21.06 -12.49
N VAL I 97 5.82 -20.97 -12.77
CA VAL I 97 6.44 -19.81 -13.39
C VAL I 97 7.03 -20.27 -14.72
N GLY I 98 6.65 -19.59 -15.80
CA GLY I 98 7.02 -19.96 -17.14
C GLY I 98 6.47 -21.32 -17.48
N ASN I 99 7.03 -21.91 -18.54
CA ASN I 99 6.82 -23.32 -18.83
C ASN I 99 8.01 -24.15 -18.38
N GLU I 100 8.81 -23.62 -17.45
CA GLU I 100 9.97 -24.31 -16.92
C GLU I 100 9.80 -24.69 -15.45
N THR I 101 9.51 -23.74 -14.57
CA THR I 101 9.69 -24.00 -13.14
C THR I 101 8.37 -23.87 -12.39
N GLY I 102 8.38 -24.33 -11.15
CA GLY I 102 7.24 -24.10 -10.28
C GLY I 102 7.53 -24.55 -8.86
N LEU I 103 6.59 -24.21 -7.99
CA LEU I 103 6.61 -24.61 -6.59
C LEU I 103 5.44 -25.53 -6.30
N GLU I 104 5.72 -26.65 -5.65
CA GLU I 104 4.73 -27.60 -5.23
C GLU I 104 4.50 -27.46 -3.73
N LEU I 105 3.25 -27.26 -3.35
CA LEU I 105 2.83 -27.16 -1.95
C LEU I 105 2.01 -28.39 -1.60
N THR I 106 2.41 -29.11 -0.57
CA THR I 106 1.75 -30.34 -0.16
C THR I 106 1.42 -30.26 1.32
N LEU I 107 0.25 -30.78 1.68
CA LEU I 107 -0.16 -30.93 3.07
C LEU I 107 0.05 -32.39 3.45
N THR I 108 0.89 -32.64 4.46
CA THR I 108 1.29 -34.01 4.76
C THR I 108 1.32 -34.23 6.26
N ASN I 109 1.16 -35.50 6.65
CA ASN I 109 1.52 -35.97 7.97
C ASN I 109 2.98 -36.42 8.05
N THR I 110 3.70 -36.45 6.94
CA THR I 110 5.10 -36.87 6.93
C THR I 110 5.98 -35.66 6.64
N SER I 111 6.95 -35.42 7.52
CA SER I 111 7.86 -34.30 7.39
C SER I 111 9.13 -34.72 6.66
N ILE I 112 9.76 -33.75 6.01
CA ILE I 112 11.00 -34.00 5.27
C ILE I 112 12.20 -33.31 5.90
N ILE I 113 11.99 -32.39 6.84
CA ILE I 113 13.08 -31.69 7.51
C ILE I 113 12.91 -31.88 9.01
N ASN I 114 13.97 -32.33 9.68
CA ASN I 114 13.95 -32.54 11.11
C ASN I 114 14.69 -31.47 11.90
N HIS I 115 15.66 -30.80 11.28
CA HIS I 115 16.39 -29.73 11.95
C HIS I 115 15.59 -28.44 11.97
N LYS I 116 15.76 -27.68 13.03
CA LYS I 116 15.07 -26.40 13.21
C LYS I 116 15.97 -25.25 12.78
N PHE I 117 16.42 -25.30 11.53
CA PHE I 117 17.32 -24.30 10.95
C PHE I 117 16.67 -23.63 9.76
N CYS I 118 17.12 -22.40 9.47
CA CYS I 118 16.70 -21.70 8.27
C CYS I 118 17.88 -20.83 7.83
N ASN I 119 18.59 -21.27 6.79
CA ASN I 119 19.88 -20.70 6.41
C ASN I 119 19.67 -19.54 5.42
N LEU I 120 18.86 -18.55 5.82
CA LEU I 120 18.46 -17.52 4.87
C LEU I 120 19.63 -16.62 4.48
N SER I 121 20.41 -16.18 5.45
CA SER I 121 21.55 -15.31 5.14
C SER I 121 22.59 -16.04 4.29
N ASP I 122 22.88 -17.29 4.65
CA ASP I 122 23.83 -18.07 3.87
C ASP I 122 23.30 -18.33 2.46
N ALA I 123 21.99 -18.59 2.34
CA ALA I 123 21.40 -18.78 1.02
C ALA I 123 21.52 -17.52 0.18
N HIS I 124 21.30 -16.36 0.78
CA HIS I 124 21.46 -15.10 0.05
C HIS I 124 22.91 -14.89 -0.35
N LYS I 125 23.85 -15.29 0.50
CA LYS I 125 25.27 -15.10 0.18
C LYS I 125 25.67 -15.89 -1.05
N LYS I 126 25.21 -17.13 -1.17
CA LYS I 126 25.48 -17.97 -2.34
C LYS I 126 24.28 -17.85 -3.28
N ASN I 127 24.41 -16.96 -4.26
CA ASN I 127 23.31 -16.66 -5.16
C ASN I 127 23.09 -17.81 -6.15
N LEU I 128 22.54 -18.92 -5.66
CA LEU I 128 22.34 -20.10 -6.49
C LEU I 128 20.88 -20.42 -6.76
N TYR I 129 19.95 -19.94 -5.94
CA TYR I 129 18.55 -20.28 -6.13
C TYR I 129 17.95 -19.46 -7.27
N ASP I 130 16.74 -19.86 -7.67
CA ASP I 130 15.99 -19.10 -8.66
C ASP I 130 15.40 -17.87 -7.97
N HIS I 131 15.59 -16.70 -8.59
CA HIS I 131 15.13 -15.46 -7.98
C HIS I 131 13.60 -15.38 -7.96
N ALA I 132 12.95 -15.89 -9.00
CA ALA I 132 11.49 -15.84 -9.06
C ALA I 132 10.86 -16.68 -7.94
N LEU I 133 11.36 -17.90 -7.74
CA LEU I 133 10.81 -18.76 -6.71
C LEU I 133 11.10 -18.21 -5.32
N MET I 134 12.28 -17.65 -5.11
CA MET I 134 12.60 -17.02 -3.83
C MET I 134 11.69 -15.82 -3.57
N SER I 135 11.40 -15.04 -4.61
CA SER I 135 10.47 -13.93 -4.46
C SER I 135 9.08 -14.44 -4.08
N ILE I 136 8.64 -15.55 -4.71
CA ILE I 136 7.32 -16.09 -4.41
C ILE I 136 7.25 -16.57 -2.96
N ILE I 137 8.28 -17.28 -2.50
CA ILE I 137 8.25 -17.78 -1.13
C ILE I 137 8.37 -16.64 -0.13
N SER I 138 9.11 -15.57 -0.47
CA SER I 138 9.17 -14.40 0.39
C SER I 138 7.79 -13.73 0.49
N THR I 139 7.11 -13.61 -0.64
CA THR I 139 5.76 -13.04 -0.62
C THR I 139 4.82 -13.89 0.22
N PHE I 140 4.93 -15.21 0.12
CA PHE I 140 4.09 -16.09 0.92
C PHE I 140 4.38 -15.92 2.40
N HIS I 141 5.66 -15.93 2.78
CA HIS I 141 6.01 -15.87 4.20
C HIS I 141 5.63 -14.53 4.81
N LEU I 142 5.87 -13.43 4.09
CA LEU I 142 5.58 -12.12 4.65
C LEU I 142 4.09 -11.91 4.87
N SER I 143 3.25 -12.60 4.10
CA SER I 143 1.81 -12.40 4.17
C SER I 143 1.14 -13.19 5.29
N ILE I 144 1.89 -13.99 6.04
CA ILE I 144 1.31 -14.76 7.14
C ILE I 144 0.88 -13.80 8.24
N PRO I 145 -0.38 -13.84 8.67
CA PRO I 145 -0.84 -12.90 9.71
C PRO I 145 -0.41 -13.35 11.09
N ASN I 146 0.18 -12.42 11.84
CA ASN I 146 0.52 -12.62 13.26
C ASN I 146 1.44 -13.82 13.44
N PHE I 147 2.53 -13.84 12.66
CA PHE I 147 3.52 -14.90 12.78
C PHE I 147 4.50 -14.56 13.90
N ASN I 148 4.56 -15.42 14.92
CA ASN I 148 5.44 -15.18 16.05
C ASN I 148 6.23 -16.40 16.50
N GLN I 149 5.95 -17.58 15.97
CA GLN I 149 6.69 -18.80 16.31
C GLN I 149 7.69 -19.08 15.20
N TYR I 150 8.87 -18.47 15.30
CA TYR I 150 9.91 -18.70 14.32
C TYR I 150 10.41 -20.13 14.32
N GLU I 151 10.28 -20.83 15.44
CA GLU I 151 10.77 -22.21 15.53
C GLU I 151 9.92 -23.17 14.71
N ALA I 152 8.72 -22.76 14.30
CA ALA I 152 7.81 -23.63 13.57
C ALA I 152 8.09 -23.67 12.07
N MET I 153 9.07 -22.93 11.58
CA MET I 153 9.41 -22.90 10.17
C MET I 153 10.83 -23.38 9.98
N SER I 154 11.02 -24.38 9.13
CA SER I 154 12.33 -24.93 8.82
C SER I 154 12.61 -24.75 7.33
N CYS I 155 13.89 -24.56 7.00
CA CYS I 155 14.28 -24.25 5.63
C CYS I 155 15.48 -25.09 5.24
N ASP I 156 15.62 -25.33 3.95
CA ASP I 156 16.79 -25.99 3.38
C ASP I 156 17.06 -25.39 2.01
N PHE I 157 18.25 -24.82 1.84
CA PHE I 157 18.60 -24.14 0.60
C PHE I 157 19.93 -24.64 0.01
N ASN I 158 20.43 -25.78 0.48
CA ASN I 158 21.72 -26.27 0.01
C ASN I 158 21.67 -26.65 -1.46
N GLY I 159 22.69 -26.22 -2.19
CA GLY I 159 22.81 -26.55 -3.60
C GLY I 159 21.99 -25.70 -4.55
N GLY I 160 21.28 -24.70 -4.05
CA GLY I 160 20.46 -23.85 -4.88
C GLY I 160 18.97 -24.19 -4.85
N LYS I 161 18.62 -25.38 -4.38
CA LYS I 161 17.22 -25.74 -4.24
C LYS I 161 16.60 -24.97 -3.07
N ILE I 162 15.28 -24.96 -3.02
CA ILE I 162 14.54 -24.36 -1.92
C ILE I 162 13.56 -25.39 -1.38
N SER I 163 13.51 -25.53 -0.06
CA SER I 163 12.60 -26.48 0.57
C SER I 163 12.18 -25.90 1.91
N VAL I 164 10.90 -25.54 2.03
CA VAL I 164 10.38 -24.92 3.24
C VAL I 164 9.36 -25.86 3.87
N GLN I 165 9.42 -25.99 5.19
CA GLN I 165 8.49 -26.83 5.93
C GLN I 165 7.88 -26.03 7.07
N TYR I 166 6.56 -25.97 7.12
CA TYR I 166 5.81 -25.32 8.18
C TYR I 166 5.21 -26.39 9.09
N ASN I 167 5.54 -26.31 10.37
CA ASN I 167 4.97 -27.17 11.40
C ASN I 167 3.60 -26.65 11.80
N LEU I 168 2.56 -27.45 11.62
CA LEU I 168 1.20 -27.05 11.96
C LEU I 168 0.70 -27.69 13.26
N SER I 169 1.57 -28.36 14.00
CA SER I 169 1.15 -29.00 15.24
C SER I 169 1.02 -28.01 16.38
N CYS I 180 -8.26 -21.65 18.58
CA CYS I 180 -7.14 -21.52 17.65
C CYS I 180 -6.26 -20.31 17.97
N GLY I 181 -6.10 -19.43 16.99
CA GLY I 181 -5.18 -18.31 17.17
C GLY I 181 -3.73 -18.74 17.26
N THR I 182 -3.33 -19.72 16.46
CA THR I 182 -1.99 -20.28 16.47
C THR I 182 -1.31 -20.05 15.13
N VAL I 183 -0.10 -20.60 14.99
CA VAL I 183 0.64 -20.46 13.74
C VAL I 183 -0.06 -21.20 12.61
N ALA I 184 -0.67 -22.35 12.91
CA ALA I 184 -1.35 -23.13 11.89
C ALA I 184 -2.49 -22.35 11.26
N ASN I 185 -3.24 -21.60 12.07
CA ASN I 185 -4.33 -20.79 11.54
C ASN I 185 -3.84 -19.83 10.48
N GLY I 186 -2.82 -19.03 10.80
CA GLY I 186 -2.31 -18.06 9.85
C GLY I 186 -1.69 -18.69 8.62
N VAL I 187 -0.98 -19.82 8.82
CA VAL I 187 -0.40 -20.51 7.67
C VAL I 187 -1.49 -20.99 6.72
N LEU I 188 -2.58 -21.53 7.26
CA LEU I 188 -3.67 -21.98 6.40
C LEU I 188 -4.38 -20.81 5.72
N GLN I 189 -4.55 -19.68 6.44
CA GLN I 189 -5.12 -18.51 5.78
C GLN I 189 -4.28 -18.11 4.57
N THR I 190 -2.96 -17.97 4.77
CA THR I 190 -2.09 -17.58 3.66
C THR I 190 -2.11 -18.63 2.56
N PHE I 191 -2.15 -19.90 2.91
CA PHE I 191 -2.15 -20.97 1.92
C PHE I 191 -3.38 -20.92 1.04
N MET I 192 -4.57 -20.87 1.64
CA MET I 192 -5.76 -20.85 0.82
C MET I 192 -6.03 -19.48 0.20
N ARG I 193 -5.32 -18.44 0.62
CA ARG I 193 -5.32 -17.22 -0.17
C ARG I 193 -4.41 -17.34 -1.39
N MET I 194 -3.33 -18.13 -1.27
CA MET I 194 -2.46 -18.38 -2.43
C MET I 194 -3.13 -19.33 -3.42
N ALA I 195 -3.42 -20.55 -2.98
CA ALA I 195 -4.07 -21.55 -3.82
C ALA I 195 -5.58 -21.39 -3.76
N TRP I 196 -6.04 -20.22 -4.17
CA TRP I 196 -7.46 -19.87 -4.11
C TRP I 196 -8.20 -20.48 -5.29
N GLY I 197 -9.15 -21.36 -5.01
CA GLY I 197 -9.93 -21.99 -6.06
C GLY I 197 -10.17 -23.47 -5.84
N GLY I 198 -9.22 -24.15 -5.19
CA GLY I 198 -9.36 -25.56 -4.93
C GLY I 198 -8.94 -25.98 -3.53
N SER I 199 -8.42 -25.03 -2.76
CA SER I 199 -7.99 -25.30 -1.40
C SER I 199 -9.13 -25.31 -0.40
N TYR I 200 -10.35 -24.98 -0.83
CA TYR I 200 -11.50 -24.96 0.07
C TYR I 200 -11.90 -26.35 0.55
N ILE I 201 -11.39 -27.41 -0.06
CA ILE I 201 -11.79 -28.76 0.32
C ILE I 201 -11.35 -29.07 1.74
N ALA I 202 -10.15 -28.63 2.12
CA ALA I 202 -9.57 -28.95 3.42
C ALA I 202 -9.88 -27.91 4.49
N LEU I 203 -11.03 -27.25 4.39
CA LEU I 203 -11.44 -26.27 5.40
C LEU I 203 -11.59 -26.92 6.77
N TRP I 210 -15.09 -16.56 13.51
CA TRP I 210 -14.95 -15.89 12.22
C TRP I 210 -14.44 -16.86 11.17
N ASP I 211 -13.13 -17.08 11.14
CA ASP I 211 -12.53 -18.10 10.28
C ASP I 211 -11.92 -19.23 11.09
N CYS I 212 -10.96 -18.93 11.95
CA CYS I 212 -10.37 -19.87 12.91
C CYS I 212 -10.12 -21.25 12.27
N ILE I 213 -9.28 -21.24 11.24
CA ILE I 213 -9.10 -22.41 10.40
C ILE I 213 -8.34 -23.49 11.17
N MET I 214 -8.84 -24.72 11.08
CA MET I 214 -8.18 -25.88 11.67
C MET I 214 -8.27 -27.04 10.69
N THR I 215 -7.18 -27.81 10.59
CA THR I 215 -7.09 -28.91 9.66
C THR I 215 -6.39 -30.08 10.33
N SER I 216 -6.61 -31.28 9.77
CA SER I 216 -6.00 -32.49 10.30
C SER I 216 -4.55 -32.66 9.88
N TYR I 217 -4.08 -31.90 8.90
CA TYR I 217 -2.70 -32.01 8.45
C TYR I 217 -1.75 -31.42 9.50
N GLN I 218 -0.53 -31.94 9.53
CA GLN I 218 0.48 -31.49 10.48
C GLN I 218 1.60 -30.67 9.86
N TYR I 219 1.90 -30.87 8.58
CA TYR I 219 3.01 -30.16 7.96
C TYR I 219 2.59 -29.63 6.59
N LEU I 220 3.14 -28.47 6.24
CA LEU I 220 3.00 -27.89 4.91
C LEU I 220 4.39 -27.79 4.28
N ILE I 221 4.57 -28.43 3.14
CA ILE I 221 5.87 -28.55 2.50
C ILE I 221 5.83 -27.83 1.16
N ILE I 222 6.80 -26.94 0.95
CA ILE I 222 6.95 -26.23 -0.32
C ILE I 222 8.30 -26.62 -0.91
N GLN I 223 8.27 -27.19 -2.11
CA GLN I 223 9.48 -27.60 -2.81
C GLN I 223 9.42 -27.07 -4.23
N ASN I 224 10.50 -27.23 -4.98
CA ASN I 224 10.49 -26.79 -6.37
C ASN I 224 10.38 -28.01 -7.29
N THR I 225 9.72 -27.80 -8.43
CA THR I 225 9.45 -28.85 -9.40
C THR I 225 9.49 -28.29 -10.81
N THR I 226 9.64 -29.18 -11.78
CA THR I 226 9.54 -28.84 -13.18
C THR I 226 8.08 -28.80 -13.61
N TRP I 227 7.83 -28.07 -14.70
CA TRP I 227 6.46 -27.92 -15.18
C TRP I 227 5.91 -29.24 -15.68
N GLU I 228 4.63 -29.49 -15.38
CA GLU I 228 3.94 -30.69 -15.83
C GLU I 228 2.45 -30.42 -15.77
N ASP I 229 1.69 -31.21 -16.53
CA ASP I 229 0.23 -31.11 -16.53
C ASP I 229 -0.28 -31.72 -15.22
N HIS I 230 -0.15 -30.95 -14.15
CA HIS I 230 -0.40 -31.44 -12.81
C HIS I 230 -1.85 -31.27 -12.39
N CYS I 231 -2.33 -30.03 -12.38
CA CYS I 231 -3.60 -29.70 -11.74
C CYS I 231 -4.78 -30.11 -12.62
N GLN I 232 -5.65 -30.94 -12.06
CA GLN I 232 -6.84 -31.44 -12.74
C GLN I 232 -8.12 -31.14 -11.97
N PHE I 233 -8.04 -30.53 -10.78
CA PHE I 233 -9.22 -30.17 -10.02
C PHE I 233 -9.66 -28.74 -10.28
N SER I 234 -8.73 -27.84 -10.58
CA SER I 234 -9.05 -26.45 -10.87
C SER I 234 -8.10 -25.92 -11.93
N ARG I 235 -8.62 -25.04 -12.78
CA ARG I 235 -7.81 -24.47 -13.84
C ARG I 235 -6.76 -23.52 -13.25
N PRO I 236 -5.65 -23.31 -13.95
CA PRO I 236 -4.66 -22.34 -13.48
C PRO I 236 -5.24 -20.94 -13.41
N SER I 237 -4.75 -20.15 -12.48
CA SER I 237 -5.26 -18.79 -12.27
C SER I 237 -4.25 -17.95 -11.52
N PRO I 238 -3.99 -16.72 -11.96
CA PRO I 238 -3.07 -15.83 -11.24
C PRO I 238 -3.72 -15.00 -10.13
N ILE I 239 -4.94 -15.33 -9.73
CA ILE I 239 -5.66 -14.49 -8.78
C ILE I 239 -5.04 -14.60 -7.39
N GLY I 240 -4.66 -15.80 -6.97
CA GLY I 240 -4.16 -15.98 -5.61
C GLY I 240 -2.86 -15.24 -5.36
N TYR I 241 -1.90 -15.35 -6.28
CA TYR I 241 -0.65 -14.64 -6.12
C TYR I 241 -0.86 -13.14 -6.19
N LEU I 242 -1.67 -12.68 -7.14
CA LEU I 242 -1.96 -11.27 -7.26
C LEU I 242 -2.72 -10.73 -6.05
N GLY I 243 -3.37 -11.60 -5.29
CA GLY I 243 -4.06 -11.20 -4.09
C GLY I 243 -3.14 -11.11 -2.89
N LEU I 244 -2.30 -12.13 -2.70
CA LEU I 244 -1.32 -12.04 -1.63
C LEU I 244 -0.23 -11.03 -1.91
N LEU I 245 -0.10 -10.54 -3.15
CA LEU I 245 0.86 -9.49 -3.43
C LEU I 245 0.51 -8.21 -2.69
N SER I 246 -0.77 -7.86 -2.63
CA SER I 246 -1.18 -6.61 -1.99
C SER I 246 -0.93 -6.64 -0.49
N GLN I 247 -1.41 -7.68 0.19
CA GLN I 247 -1.24 -7.80 1.64
C GLN I 247 0.05 -8.56 1.92
N ARG I 248 1.17 -7.85 1.71
CA ARG I 248 2.47 -8.47 1.88
C ARG I 248 3.05 -8.17 3.26
N THR I 249 3.37 -6.91 3.53
CA THR I 249 3.85 -6.48 4.84
C THR I 249 2.76 -5.77 5.63
N ARG I 250 1.70 -6.51 5.98
CA ARG I 250 0.54 -5.90 6.59
C ARG I 250 0.19 -6.43 7.98
N ASP I 251 0.60 -7.64 8.33
CA ASP I 251 0.28 -8.23 9.63
C ASP I 251 1.52 -8.82 10.28
N ILE I 252 2.66 -8.16 10.13
CA ILE I 252 3.91 -8.63 10.70
C ILE I 252 4.12 -8.00 12.07
N TYR I 253 4.52 -8.81 13.04
CA TYR I 253 4.84 -8.32 14.36
C TYR I 253 6.20 -7.65 14.38
N ILE I 254 6.43 -6.82 15.40
CA ILE I 254 7.71 -6.16 15.58
C ILE I 254 8.58 -7.05 16.47
N SER I 255 9.81 -7.31 16.02
CA SER I 255 10.76 -8.10 16.78
C SER I 255 11.90 -7.27 17.36
N ARG I 256 12.08 -6.03 16.89
CA ARG I 256 13.16 -5.18 17.34
C ARG I 256 12.68 -3.73 17.35
N ARG I 257 13.31 -2.93 18.21
CA ARG I 257 12.92 -1.52 18.31
C ARG I 257 13.21 -0.77 17.03
N LEU I 258 14.36 -1.06 16.41
CA LEU I 258 14.78 -0.39 15.19
C LEU I 258 14.70 -1.35 14.01
N LEU I 259 13.98 -0.95 12.98
CA LEU I 259 13.83 -1.78 11.79
C LEU I 259 14.47 -1.13 10.58
N GLY J 1 -5.35 3.55 -5.14
CA GLY J 1 -4.78 3.84 -6.43
C GLY J 1 -5.52 3.15 -7.56
N THR J 2 -6.25 3.92 -8.35
CA THR J 2 -7.04 3.38 -9.43
C THR J 2 -6.15 2.96 -10.60
N PHE J 3 -6.60 1.93 -11.32
CA PHE J 3 -5.87 1.45 -12.48
C PHE J 3 -5.85 2.50 -13.58
N THR J 4 -4.89 2.38 -14.50
CA THR J 4 -4.73 3.33 -15.58
C THR J 4 -4.48 2.70 -16.93
N TRP J 5 -4.54 1.37 -17.03
CA TRP J 5 -4.30 0.71 -18.31
C TRP J 5 -5.52 0.83 -19.22
N THR J 6 -5.28 1.24 -20.46
CA THR J 6 -6.34 1.41 -21.44
C THR J 6 -6.24 0.31 -22.49
N LEU J 7 -7.40 -0.22 -22.88
CA LEU J 7 -7.44 -1.36 -23.78
C LEU J 7 -7.18 -0.93 -25.23
N SER J 8 -6.45 -1.77 -25.96
CA SER J 8 -6.11 -1.50 -27.35
C SER J 8 -7.30 -1.85 -28.24
N ASP J 9 -7.07 -1.89 -29.56
CA ASP J 9 -8.12 -2.26 -30.50
C ASP J 9 -7.64 -3.36 -31.45
N PRO J 16 -14.72 -1.06 -34.36
CA PRO J 16 -14.09 0.20 -33.98
C PRO J 16 -14.43 0.63 -32.55
N GLY J 17 -13.41 0.67 -31.68
CA GLY J 17 -13.60 1.04 -30.30
C GLY J 17 -13.86 -0.11 -29.35
N GLY J 18 -14.17 -1.30 -29.87
CA GLY J 18 -14.38 -2.47 -29.04
C GLY J 18 -13.09 -3.23 -28.79
N TYR J 19 -13.24 -4.43 -28.25
CA TYR J 19 -12.09 -5.30 -28.00
C TYR J 19 -12.42 -6.71 -28.44
N CYS J 20 -11.43 -7.40 -29.00
CA CYS J 20 -11.62 -8.73 -29.55
C CYS J 20 -10.73 -9.72 -28.80
N LEU J 21 -11.36 -10.71 -28.18
CA LEU J 21 -10.64 -11.83 -27.57
C LEU J 21 -10.33 -12.87 -28.64
N THR J 22 -9.05 -13.11 -28.89
CA THR J 22 -8.64 -14.08 -29.89
C THR J 22 -8.91 -15.50 -29.40
N ARG J 23 -8.71 -16.46 -30.30
CA ARG J 23 -8.97 -17.85 -29.97
C ARG J 23 -8.02 -18.39 -28.92
N TRP J 24 -6.87 -17.74 -28.70
CA TRP J 24 -5.92 -18.23 -27.72
C TRP J 24 -6.36 -17.91 -26.29
N MET J 25 -7.03 -16.78 -26.09
CA MET J 25 -7.48 -16.38 -24.75
C MET J 25 -8.75 -17.11 -24.32
N LEU J 26 -9.38 -17.88 -25.20
CA LEU J 26 -10.61 -18.59 -24.91
C LEU J 26 -10.39 -20.08 -25.11
N ILE J 27 -11.06 -20.89 -24.27
CA ILE J 27 -11.00 -22.34 -24.38
C ILE J 27 -12.26 -22.81 -25.10
N GLU J 28 -12.08 -23.76 -26.03
CA GLU J 28 -13.18 -24.36 -26.77
C GLU J 28 -14.05 -23.30 -27.44
N ALA J 29 -13.40 -22.29 -28.02
CA ALA J 29 -14.12 -21.21 -28.67
C ALA J 29 -13.22 -20.55 -29.71
N GLU J 30 -13.87 -19.87 -30.65
CA GLU J 30 -13.20 -19.13 -31.70
C GLU J 30 -13.10 -17.65 -31.31
N LEU J 31 -12.72 -16.81 -32.27
CA LEU J 31 -12.61 -15.38 -32.02
C LEU J 31 -13.94 -14.80 -31.54
N LYS J 32 -13.85 -13.95 -30.52
CA LYS J 32 -15.01 -13.26 -29.98
C LYS J 32 -14.72 -11.76 -29.96
N CYS J 33 -15.76 -10.94 -30.12
CA CYS J 33 -15.55 -9.50 -30.19
C CYS J 33 -16.68 -8.77 -29.47
N PHE J 34 -16.34 -7.68 -28.80
CA PHE J 34 -17.29 -6.87 -28.06
C PHE J 34 -17.19 -5.43 -28.53
N GLY J 35 -18.34 -4.77 -28.63
CA GLY J 35 -18.42 -3.46 -29.23
C GLY J 35 -17.92 -2.35 -28.33
N ASN J 36 -17.99 -1.13 -28.86
CA ASN J 36 -17.48 0.04 -28.15
C ASN J 36 -18.26 0.30 -26.87
N THR J 37 -19.58 0.11 -26.91
CA THR J 37 -20.40 0.42 -25.74
C THR J 37 -20.03 -0.46 -24.55
N ALA J 38 -19.84 -1.75 -24.78
CA ALA J 38 -19.47 -2.65 -23.70
C ALA J 38 -18.07 -2.34 -23.16
N VAL J 39 -17.14 -2.03 -24.06
CA VAL J 39 -15.77 -1.78 -23.63
C VAL J 39 -15.67 -0.48 -22.83
N ALA J 40 -16.46 0.53 -23.22
CA ALA J 40 -16.39 1.83 -22.56
C ALA J 40 -16.76 1.75 -21.08
N LYS J 41 -17.51 0.74 -20.67
CA LYS J 41 -17.81 0.57 -19.24
C LYS J 41 -16.61 0.09 -18.45
N CYS J 42 -15.61 -0.49 -19.11
CA CYS J 42 -14.44 -0.99 -18.41
C CYS J 42 -13.52 0.12 -17.94
N ASN J 43 -13.65 1.32 -18.48
CA ASN J 43 -12.79 2.44 -18.12
C ASN J 43 -13.43 3.36 -17.08
N GLU J 44 -14.60 3.00 -16.56
CA GLU J 44 -15.31 3.89 -15.64
C GLU J 44 -15.69 3.20 -14.33
N LYS J 45 -15.92 1.89 -14.37
CA LYS J 45 -16.38 1.16 -13.21
C LYS J 45 -15.24 0.40 -12.56
N HIS J 46 -15.25 0.36 -11.23
CA HIS J 46 -14.17 -0.23 -10.46
C HIS J 46 -14.52 -1.63 -9.92
N ASP J 47 -15.65 -2.19 -10.32
CA ASP J 47 -16.14 -3.44 -9.74
C ASP J 47 -16.59 -4.42 -10.82
N GLU J 48 -15.77 -4.61 -11.85
CA GLU J 48 -16.02 -5.58 -12.90
C GLU J 48 -14.83 -6.52 -13.00
N GLU J 49 -15.09 -7.82 -12.82
CA GLU J 49 -14.02 -8.81 -12.89
C GLU J 49 -13.57 -9.04 -14.32
N PHE J 50 -14.52 -9.03 -15.27
CA PHE J 50 -14.18 -9.23 -16.67
C PHE J 50 -13.27 -8.13 -17.18
N CYS J 51 -13.51 -6.89 -16.76
CA CYS J 51 -12.64 -5.79 -17.17
C CYS J 51 -11.22 -6.00 -16.64
N ASP J 52 -11.09 -6.45 -15.39
CA ASP J 52 -9.78 -6.69 -14.81
C ASP J 52 -9.03 -7.78 -15.57
N MET J 53 -9.71 -8.90 -15.85
CA MET J 53 -9.06 -9.97 -16.59
C MET J 53 -8.73 -9.56 -18.01
N LEU J 54 -9.59 -8.75 -18.63
CA LEU J 54 -9.34 -8.30 -19.99
C LEU J 54 -8.13 -7.38 -20.03
N ARG J 55 -7.99 -6.51 -19.02
CA ARG J 55 -6.78 -5.69 -18.91
C ARG J 55 -5.54 -6.55 -18.70
N LEU J 56 -5.66 -7.61 -17.89
CA LEU J 56 -4.53 -8.52 -17.70
C LEU J 56 -4.10 -9.16 -19.01
N PHE J 57 -5.08 -9.63 -19.81
CA PHE J 57 -4.75 -10.24 -21.09
C PHE J 57 -4.12 -9.24 -22.05
N ASP J 58 -4.64 -8.01 -22.08
CA ASP J 58 -4.06 -6.98 -22.93
C ASP J 58 -2.63 -6.66 -22.51
N PHE J 59 -2.38 -6.57 -21.21
CA PHE J 59 -1.03 -6.31 -20.73
C PHE J 59 -0.10 -7.44 -21.10
N ASN J 60 -0.55 -8.69 -20.97
CA ASN J 60 0.28 -9.82 -21.37
C ASN J 60 0.63 -9.76 -22.85
N LYS J 61 -0.36 -9.48 -23.69
CA LYS J 61 -0.11 -9.41 -25.13
C LYS J 61 0.89 -8.30 -25.45
N GLN J 62 0.70 -7.12 -24.87
CA GLN J 62 1.60 -6.01 -25.15
C GLN J 62 3.00 -6.28 -24.63
N ALA J 63 3.12 -6.91 -23.45
CA ALA J 63 4.43 -7.25 -22.93
C ALA J 63 5.15 -8.25 -23.82
N ILE J 64 4.41 -9.23 -24.35
CA ILE J 64 5.02 -10.20 -25.25
C ILE J 64 5.49 -9.53 -26.53
N GLN J 65 4.65 -8.67 -27.11
CA GLN J 65 5.01 -8.06 -28.40
C GLN J 65 6.14 -7.05 -28.25
N ARG J 66 6.02 -6.13 -27.29
CA ARG J 66 6.95 -5.01 -27.23
C ARG J 66 8.32 -5.44 -26.71
N LEU J 67 8.36 -6.27 -25.68
CA LEU J 67 9.60 -6.60 -24.99
C LEU J 67 10.15 -7.94 -25.48
N LYS J 68 11.33 -8.27 -24.98
CA LYS J 68 12.01 -9.51 -25.32
C LYS J 68 11.64 -10.60 -24.33
N ALA J 69 12.35 -11.74 -24.40
CA ALA J 69 12.12 -12.85 -23.49
C ALA J 69 13.46 -13.40 -23.02
N GLU J 70 13.56 -13.68 -21.73
CA GLU J 70 14.80 -14.22 -21.17
C GLU J 70 14.47 -14.91 -19.85
N ALA J 71 14.63 -16.24 -19.82
CA ALA J 71 14.49 -17.05 -18.61
C ALA J 71 13.07 -17.03 -18.05
N GLN J 72 12.17 -16.29 -18.69
CA GLN J 72 10.75 -16.24 -18.33
C GLN J 72 10.53 -15.84 -16.87
N THR J 73 11.52 -15.19 -16.25
CA THR J 73 11.42 -14.76 -14.86
C THR J 73 10.97 -13.29 -14.80
N SER J 74 9.77 -13.05 -15.32
CA SER J 74 9.20 -11.72 -15.42
C SER J 74 8.28 -11.38 -14.26
N ILE J 75 8.53 -11.94 -13.08
CA ILE J 75 7.72 -11.60 -11.92
C ILE J 75 7.95 -10.14 -11.52
N GLN J 76 9.13 -9.60 -11.78
CA GLN J 76 9.39 -8.19 -11.47
C GLN J 76 8.45 -7.27 -12.23
N LEU J 77 8.22 -7.57 -13.51
CA LEU J 77 7.37 -6.70 -14.33
C LEU J 77 5.94 -6.69 -13.82
N ILE J 78 5.39 -7.86 -13.47
CA ILE J 78 4.02 -7.89 -12.97
C ILE J 78 3.95 -7.31 -11.56
N ASN J 79 5.02 -7.45 -10.77
CA ASN J 79 5.02 -6.86 -9.43
C ASN J 79 5.03 -5.34 -9.51
N LYS J 80 5.70 -4.78 -10.52
CA LYS J 80 5.70 -3.33 -10.69
C LYS J 80 4.33 -2.83 -11.13
N ALA J 81 3.64 -3.58 -11.98
CA ALA J 81 2.42 -3.10 -12.64
C ALA J 81 1.20 -3.94 -12.27
N VAL J 82 1.18 -4.50 -11.07
CA VAL J 82 0.01 -5.28 -10.65
C VAL J 82 -1.19 -4.37 -10.41
N ASN J 83 -0.97 -3.19 -9.83
CA ASN J 83 -2.05 -2.30 -9.43
C ASN J 83 -2.49 -1.35 -10.55
N ALA J 84 -1.78 -1.32 -11.67
CA ALA J 84 -2.18 -0.51 -12.81
C ALA J 84 -3.12 -1.24 -13.74
N LEU J 85 -3.44 -2.49 -13.46
CA LEU J 85 -4.29 -3.30 -14.33
C LEU J 85 -5.56 -3.77 -13.66
N ILE J 86 -5.49 -4.20 -12.40
CA ILE J 86 -6.63 -4.79 -11.71
C ILE J 86 -6.89 -4.04 -10.42
N ASN J 87 -8.00 -4.38 -9.78
CA ASN J 87 -8.39 -3.86 -8.47
C ASN J 87 -8.31 -5.00 -7.47
N ASP J 88 -7.35 -4.93 -6.55
CA ASP J 88 -7.17 -6.00 -5.58
C ASP J 88 -8.35 -6.12 -4.63
N GLN J 89 -9.04 -5.03 -4.38
CA GLN J 89 -10.20 -5.09 -3.50
C GLN J 89 -11.33 -5.89 -4.10
N LEU J 90 -11.37 -6.06 -5.43
CA LEU J 90 -12.38 -6.90 -6.04
C LEU J 90 -12.19 -8.37 -5.65
N ILE J 91 -10.97 -8.88 -5.80
CA ILE J 91 -10.72 -10.25 -5.38
C ILE J 91 -10.78 -10.38 -3.87
N MET J 92 -10.49 -9.29 -3.14
CA MET J 92 -10.66 -9.32 -1.69
C MET J 92 -12.13 -9.49 -1.32
N LYS J 93 -13.02 -8.75 -2.01
CA LYS J 93 -14.45 -8.89 -1.77
C LYS J 93 -14.94 -10.28 -2.14
N ASN J 94 -14.42 -10.84 -3.23
CA ASN J 94 -14.78 -12.20 -3.59
C ASN J 94 -14.33 -13.20 -2.53
N HIS J 95 -13.15 -12.98 -1.95
CA HIS J 95 -12.68 -13.84 -0.86
C HIS J 95 -13.60 -13.73 0.35
N LEU J 96 -14.03 -12.51 0.70
CA LEU J 96 -14.98 -12.34 1.79
C LEU J 96 -16.29 -13.07 1.52
N ARG J 97 -16.82 -12.94 0.29
CA ARG J 97 -18.05 -13.62 -0.04
C ARG J 97 -17.88 -15.14 0.05
N ASP J 98 -16.72 -15.64 -0.38
CA ASP J 98 -16.44 -17.07 -0.25
C ASP J 98 -16.42 -17.49 1.22
N ILE J 99 -15.83 -16.67 2.09
CA ILE J 99 -15.74 -17.01 3.50
C ILE J 99 -17.13 -17.12 4.11
N MET J 100 -18.02 -16.19 3.77
CA MET J 100 -19.35 -16.14 4.38
C MET J 100 -20.32 -17.17 3.82
N GLY J 101 -19.83 -18.17 3.10
CA GLY J 101 -20.72 -19.20 2.56
C GLY J 101 -21.70 -18.68 1.54
N ILE J 102 -21.23 -17.85 0.61
CA ILE J 102 -22.08 -17.22 -0.39
C ILE J 102 -21.43 -17.44 -1.75
N PRO J 103 -22.19 -17.63 -2.83
CA PRO J 103 -21.59 -17.78 -4.15
C PRO J 103 -20.69 -16.60 -4.48
N TYR J 104 -19.50 -16.90 -5.00
CA TYR J 104 -18.47 -15.90 -5.25
C TYR J 104 -18.03 -15.97 -6.71
N CYS J 105 -17.11 -15.08 -7.07
CA CYS J 105 -16.70 -14.90 -8.46
C CYS J 105 -15.38 -15.64 -8.72
N ASN J 106 -15.49 -16.96 -8.81
CA ASN J 106 -14.54 -17.75 -9.58
C ASN J 106 -14.31 -17.10 -10.94
N TYR J 107 -13.04 -16.85 -11.26
CA TYR J 107 -12.71 -16.03 -12.43
C TYR J 107 -12.68 -16.81 -13.73
N SER J 108 -13.30 -18.00 -13.79
CA SER J 108 -13.21 -18.84 -14.97
C SER J 108 -14.29 -18.51 -16.01
N LYS J 109 -15.55 -18.62 -15.63
CA LYS J 109 -16.66 -18.55 -16.55
C LYS J 109 -17.35 -17.19 -16.48
N TYR J 110 -17.90 -16.77 -17.63
CA TYR J 110 -18.64 -15.51 -17.73
C TYR J 110 -19.87 -15.75 -18.59
N TRP J 111 -20.88 -14.90 -18.41
CA TRP J 111 -22.10 -14.96 -19.20
C TRP J 111 -22.47 -13.56 -19.67
N TYR J 112 -23.17 -13.50 -20.80
CA TYR J 112 -23.58 -12.23 -21.37
C TYR J 112 -24.83 -12.45 -22.21
N LEU J 113 -25.48 -11.35 -22.56
CA LEU J 113 -26.70 -11.36 -23.35
C LEU J 113 -26.39 -10.91 -24.77
N ASN J 114 -26.81 -11.70 -25.75
CA ASN J 114 -26.65 -11.40 -27.17
C ASN J 114 -27.99 -11.01 -27.79
N HIS J 115 -27.99 -9.93 -28.55
CA HIS J 115 -29.14 -9.59 -29.36
C HIS J 115 -29.26 -10.57 -30.53
N THR J 116 -30.49 -11.04 -30.77
CA THR J 116 -30.69 -12.08 -31.78
C THR J 116 -30.31 -11.60 -33.17
N THR J 117 -30.72 -10.38 -33.53
CA THR J 117 -30.54 -9.87 -34.88
C THR J 117 -29.52 -8.75 -34.97
N THR J 118 -29.59 -7.76 -34.08
CA THR J 118 -28.65 -6.65 -34.14
C THR J 118 -27.22 -7.10 -33.86
N GLY J 119 -27.04 -8.05 -32.96
CA GLY J 119 -25.72 -8.50 -32.57
C GLY J 119 -25.11 -7.73 -31.43
N ARG J 120 -25.81 -6.77 -30.85
CA ARG J 120 -25.29 -6.03 -29.71
C ARG J 120 -25.13 -6.95 -28.52
N THR J 121 -24.09 -6.71 -27.72
CA THR J 121 -23.72 -7.59 -26.63
C THR J 121 -23.49 -6.77 -25.37
N SER J 122 -24.02 -7.27 -24.25
CA SER J 122 -23.80 -6.64 -22.97
C SER J 122 -22.42 -7.01 -22.42
N LEU J 123 -21.96 -6.25 -21.45
CA LEU J 123 -20.67 -6.52 -20.81
C LEU J 123 -20.77 -7.82 -20.03
N PRO J 124 -19.91 -8.80 -20.29
CA PRO J 124 -20.03 -10.09 -19.60
C PRO J 124 -19.87 -9.95 -18.09
N LYS J 125 -20.67 -10.72 -17.36
CA LYS J 125 -20.57 -10.83 -15.92
C LYS J 125 -20.15 -12.24 -15.55
N CYS J 126 -19.35 -12.36 -14.49
CA CYS J 126 -18.78 -13.65 -14.15
C CYS J 126 -19.83 -14.60 -13.59
N TRP J 127 -19.64 -15.88 -13.86
CA TRP J 127 -20.62 -16.90 -13.51
C TRP J 127 -20.36 -17.29 -12.06
N LEU J 128 -21.39 -17.20 -11.22
CA LEU J 128 -21.20 -17.50 -9.81
C LEU J 128 -21.08 -18.99 -9.58
N VAL J 129 -20.28 -19.36 -8.57
CA VAL J 129 -20.07 -20.74 -8.19
C VAL J 129 -20.38 -20.91 -6.72
N SER J 130 -20.85 -22.11 -6.36
CA SER J 130 -21.15 -22.45 -4.98
C SER J 130 -21.01 -23.95 -4.82
N ASN J 131 -20.49 -24.39 -3.68
CA ASN J 131 -20.21 -25.81 -3.45
C ASN J 131 -19.27 -26.37 -4.52
N GLY J 132 -18.38 -25.55 -5.04
CA GLY J 132 -17.48 -26.01 -6.07
C GLY J 132 -18.14 -26.39 -7.37
N SER J 133 -19.39 -25.97 -7.57
CA SER J 133 -20.11 -26.22 -8.81
C SER J 133 -20.73 -24.92 -9.30
N TYR J 134 -20.80 -24.76 -10.61
CA TYR J 134 -21.39 -23.55 -11.19
C TYR J 134 -22.86 -23.45 -10.83
N LEU J 135 -23.29 -22.23 -10.48
CA LEU J 135 -24.71 -21.98 -10.29
C LEU J 135 -25.45 -22.16 -11.61
N ASN J 136 -26.72 -22.53 -11.53
CA ASN J 136 -27.52 -22.79 -12.72
C ASN J 136 -28.52 -21.66 -12.89
N GLU J 137 -28.73 -21.24 -14.15
CA GLU J 137 -29.39 -19.96 -14.43
C GLU J 137 -30.79 -19.84 -13.85
N THR J 138 -31.40 -20.93 -13.38
CA THR J 138 -32.66 -20.80 -12.68
C THR J 138 -32.51 -20.08 -11.35
N HIS J 139 -31.29 -19.94 -10.85
CA HIS J 139 -31.04 -19.32 -9.56
C HIS J 139 -30.45 -17.92 -9.64
N PHE J 140 -30.19 -17.41 -10.84
CA PHE J 140 -29.89 -15.99 -10.99
C PHE J 140 -30.60 -15.39 -12.20
N SER J 141 -31.81 -15.87 -12.49
CA SER J 141 -32.56 -15.34 -13.62
C SER J 141 -32.95 -13.88 -13.42
N ASP J 142 -33.11 -13.45 -12.16
CA ASP J 142 -33.44 -12.06 -11.90
C ASP J 142 -32.33 -11.13 -12.36
N ASP J 143 -31.07 -11.54 -12.15
CA ASP J 143 -29.94 -10.73 -12.59
C ASP J 143 -29.92 -10.63 -14.11
N ILE J 144 -30.25 -11.73 -14.81
CA ILE J 144 -30.32 -11.69 -16.26
C ILE J 144 -31.43 -10.77 -16.73
N GLU J 145 -32.58 -10.80 -16.07
CA GLU J 145 -33.67 -9.90 -16.43
C GLU J 145 -33.27 -8.44 -16.19
N GLN J 146 -32.55 -8.17 -15.10
CA GLN J 146 -32.07 -6.83 -14.84
C GLN J 146 -31.10 -6.37 -15.93
N GLN J 147 -30.21 -7.27 -16.37
CA GLN J 147 -29.29 -6.93 -17.45
C GLN J 147 -30.04 -6.64 -18.75
N ALA J 148 -31.07 -7.44 -19.04
CA ALA J 148 -31.88 -7.19 -20.24
C ALA J 148 -32.59 -5.85 -20.15
N ASP J 149 -33.13 -5.52 -18.97
CA ASP J 149 -33.79 -4.23 -18.79
C ASP J 149 -32.81 -3.08 -19.00
N ASN J 150 -31.59 -3.21 -18.45
CA ASN J 150 -30.59 -2.16 -18.65
C ASN J 150 -30.22 -2.04 -20.12
N MET J 151 -30.11 -3.17 -20.82
CA MET J 151 -29.81 -3.12 -22.25
C MET J 151 -30.91 -2.41 -23.02
N ILE J 152 -32.17 -2.70 -22.69
CA ILE J 152 -33.29 -2.03 -23.36
C ILE J 152 -33.27 -0.53 -23.08
N THR J 153 -33.01 -0.16 -21.82
CA THR J 153 -32.95 1.26 -21.47
C THR J 153 -31.84 1.97 -22.23
N GLU J 154 -30.67 1.34 -22.33
CA GLU J 154 -29.58 1.93 -23.11
C GLU J 154 -29.95 2.03 -24.58
N MET J 155 -30.64 1.03 -25.11
CA MET J 155 -31.09 1.08 -26.49
C MET J 155 -32.08 2.23 -26.72
N LEU J 156 -32.87 2.57 -25.71
CA LEU J 156 -33.82 3.67 -25.87
C LEU J 156 -33.10 4.99 -26.12
N GLN J 157 -32.02 5.24 -25.39
CA GLN J 157 -31.21 6.44 -25.63
C GLN J 157 -30.18 6.18 -26.72
N THR K 2 16.58 -0.33 -39.08
CA THR K 2 16.64 -1.77 -39.22
C THR K 2 16.74 -2.18 -40.69
N THR K 3 17.47 -3.26 -40.95
CA THR K 3 17.64 -3.80 -42.29
C THR K 3 16.96 -5.15 -42.37
N LEU K 4 16.17 -5.35 -43.42
CA LEU K 4 15.45 -6.60 -43.63
C LEU K 4 15.86 -7.20 -44.96
N THR K 5 15.95 -8.53 -45.00
CA THR K 5 16.42 -9.26 -46.16
C THR K 5 15.38 -10.28 -46.60
N GLN K 6 15.37 -10.57 -47.90
CA GLN K 6 14.52 -11.60 -48.49
C GLN K 6 15.43 -12.73 -48.99
N SER K 7 15.42 -13.86 -48.27
CA SER K 7 16.37 -14.93 -48.56
C SER K 7 16.22 -15.54 -49.95
N PRO K 8 15.02 -15.92 -50.44
CA PRO K 8 14.96 -16.68 -51.69
C PRO K 8 15.46 -15.88 -52.90
N ALA K 9 14.89 -14.69 -53.11
CA ALA K 9 15.27 -13.73 -54.14
C ALA K 9 14.98 -14.19 -55.56
N THR K 10 14.51 -15.42 -55.75
CA THR K 10 14.19 -15.92 -57.09
C THR K 10 13.28 -17.13 -56.95
N LEU K 11 12.08 -17.05 -57.52
CA LEU K 11 11.12 -18.16 -57.52
C LEU K 11 10.72 -18.46 -58.96
N SER K 12 11.37 -19.45 -59.56
CA SER K 12 11.03 -19.90 -60.90
C SER K 12 10.00 -21.00 -60.79
N VAL K 13 8.72 -20.62 -60.80
CA VAL K 13 7.61 -21.56 -60.63
C VAL K 13 6.62 -21.35 -61.76
N SER K 14 6.11 -22.45 -62.31
CA SER K 14 5.11 -22.39 -63.35
C SER K 14 3.76 -21.97 -62.76
N PRO K 15 2.88 -21.39 -63.58
CA PRO K 15 1.56 -20.99 -63.07
C PRO K 15 0.77 -22.20 -62.61
N GLY K 16 -0.03 -22.00 -61.56
CA GLY K 16 -0.90 -23.05 -61.08
C GLY K 16 -0.71 -23.41 -59.62
N GLU K 17 0.55 -23.43 -59.16
CA GLU K 17 0.87 -23.85 -57.80
C GLU K 17 1.19 -22.65 -56.92
N THR K 18 1.18 -22.89 -55.61
CA THR K 18 1.42 -21.84 -54.64
C THR K 18 2.89 -21.43 -54.62
N ALA K 19 3.14 -20.19 -54.19
CA ALA K 19 4.48 -19.66 -54.02
C ALA K 19 4.57 -19.01 -52.65
N THR K 20 5.76 -19.11 -52.04
CA THR K 20 5.99 -18.60 -50.70
C THR K 20 7.23 -17.74 -50.68
N LEU K 21 7.12 -16.52 -50.13
CA LEU K 21 8.22 -15.60 -49.97
C LEU K 21 8.44 -15.30 -48.50
N SER K 22 9.70 -15.19 -48.10
CA SER K 22 10.07 -15.01 -46.70
C SER K 22 10.77 -13.66 -46.50
N CYS K 23 10.45 -13.00 -45.41
CA CYS K 23 11.05 -11.73 -45.03
C CYS K 23 11.55 -11.83 -43.60
N ARG K 24 12.81 -11.44 -43.39
CA ARG K 24 13.44 -11.48 -42.07
C ARG K 24 14.01 -10.10 -41.76
N ALA K 25 13.71 -9.60 -40.56
CA ALA K 25 14.10 -8.26 -40.14
C ALA K 25 15.22 -8.32 -39.12
N SER K 26 16.03 -7.26 -39.08
CA SER K 26 17.15 -7.21 -38.15
C SER K 26 16.68 -7.19 -36.69
N GLN K 27 15.64 -6.42 -36.40
CA GLN K 27 15.13 -6.26 -35.05
C GLN K 27 13.64 -6.59 -35.02
N ASN K 28 13.01 -6.34 -33.88
CA ASN K 28 11.61 -6.67 -33.71
C ASN K 28 10.74 -5.64 -34.44
N VAL K 29 9.89 -6.13 -35.34
CA VAL K 29 8.91 -5.31 -36.04
C VAL K 29 7.57 -6.00 -35.86
N ILE K 30 6.82 -5.61 -34.84
CA ILE K 30 5.56 -6.27 -34.52
C ILE K 30 4.51 -5.84 -35.54
N ASN K 31 4.02 -6.82 -36.33
CA ASN K 31 2.90 -6.71 -37.26
C ASN K 31 2.82 -5.35 -37.95
N ASN K 32 3.97 -4.82 -38.35
CA ASN K 32 4.07 -3.51 -38.98
C ASN K 32 4.85 -3.61 -40.28
N LEU K 33 4.50 -4.60 -41.09
CA LEU K 33 5.21 -4.89 -42.32
C LEU K 33 4.28 -4.70 -43.51
N ALA K 34 4.84 -4.33 -44.65
CA ALA K 34 4.08 -4.13 -45.86
C ALA K 34 4.72 -4.88 -47.02
N TRP K 35 3.87 -5.52 -47.82
CA TRP K 35 4.28 -6.24 -49.02
C TRP K 35 3.76 -5.48 -50.24
N TYR K 36 4.66 -5.14 -51.15
CA TYR K 36 4.33 -4.40 -52.36
C TYR K 36 4.63 -5.24 -53.59
N GLN K 37 3.88 -4.98 -54.65
CA GLN K 37 4.05 -5.66 -55.94
C GLN K 37 4.36 -4.61 -57.00
N GLN K 38 5.37 -4.87 -57.82
CA GLN K 38 5.79 -3.97 -58.87
C GLN K 38 5.84 -4.73 -60.19
N LYS K 39 4.98 -4.35 -61.13
CA LYS K 39 5.03 -4.88 -62.47
C LYS K 39 6.26 -4.34 -63.19
N PRO K 40 6.73 -5.03 -64.24
CA PRO K 40 7.91 -4.53 -64.97
C PRO K 40 7.68 -3.14 -65.55
N GLY K 41 8.41 -2.15 -65.03
CA GLY K 41 8.33 -0.79 -65.50
C GLY K 41 7.26 0.06 -64.83
N GLN K 42 6.36 -0.54 -64.07
CA GLN K 42 5.29 0.19 -63.40
C GLN K 42 5.65 0.53 -61.97
N ALA K 43 4.88 1.45 -61.39
CA ALA K 43 5.10 1.85 -60.01
C ALA K 43 4.62 0.76 -59.06
N PRO K 44 5.27 0.61 -57.91
CA PRO K 44 4.82 -0.39 -56.92
C PRO K 44 3.44 -0.06 -56.39
N ARG K 45 2.70 -1.11 -56.04
CA ARG K 45 1.38 -0.96 -55.44
C ARG K 45 1.33 -1.75 -54.14
N LEU K 46 0.56 -1.24 -53.19
CA LEU K 46 0.48 -1.85 -51.86
C LEU K 46 -0.42 -3.08 -51.93
N LEU K 47 0.18 -4.25 -51.70
CA LEU K 47 -0.59 -5.49 -51.62
C LEU K 47 -1.07 -5.75 -50.20
N ILE K 48 -0.14 -5.84 -49.26
CA ILE K 48 -0.45 -6.18 -47.88
C ILE K 48 0.06 -5.07 -46.97
N TYR K 49 -0.81 -4.55 -46.12
CA TYR K 49 -0.41 -3.64 -45.05
C TYR K 49 -0.73 -4.30 -43.72
N GLY K 50 0.14 -4.11 -42.74
CA GLY K 50 0.05 -4.88 -41.52
C GLY K 50 0.54 -6.30 -41.75
N ALA K 51 0.44 -7.10 -40.70
CA ALA K 51 0.92 -8.48 -40.80
C ALA K 51 0.11 -9.28 -41.81
N SER K 52 -1.22 -9.29 -41.67
CA SER K 52 -2.07 -10.19 -42.43
C SER K 52 -3.35 -9.48 -42.89
N THR K 53 -3.23 -8.26 -43.39
CA THR K 53 -4.37 -7.49 -43.85
C THR K 53 -4.13 -7.07 -45.30
N ARG K 54 -5.06 -7.41 -46.18
CA ARG K 54 -4.95 -7.08 -47.59
C ARG K 54 -5.51 -5.69 -47.86
N ALA K 55 -4.93 -5.02 -48.85
CA ALA K 55 -5.42 -3.72 -49.26
C ALA K 55 -6.74 -3.86 -50.02
N THR K 56 -7.43 -2.73 -50.19
CA THR K 56 -8.70 -2.74 -50.90
C THR K 56 -8.48 -3.07 -52.38
N GLY K 57 -9.35 -3.93 -52.91
CA GLY K 57 -9.25 -4.35 -54.29
C GLY K 57 -8.23 -5.44 -54.56
N ILE K 58 -7.59 -5.98 -53.52
CA ILE K 58 -6.58 -7.01 -53.69
C ILE K 58 -7.24 -8.38 -53.63
N PRO K 59 -7.03 -9.25 -54.62
CA PRO K 59 -7.64 -10.58 -54.59
C PRO K 59 -7.14 -11.41 -53.42
N ALA K 60 -7.99 -12.31 -52.95
CA ALA K 60 -7.69 -13.13 -51.78
C ALA K 60 -6.61 -14.17 -52.03
N ARG K 61 -6.01 -14.20 -53.22
CA ARG K 61 -4.92 -15.14 -53.46
C ARG K 61 -3.72 -14.84 -52.59
N PHE K 62 -3.39 -13.56 -52.42
CA PHE K 62 -2.25 -13.16 -51.61
C PHE K 62 -2.61 -13.18 -50.13
N SER K 63 -1.80 -13.87 -49.34
CA SER K 63 -2.03 -13.99 -47.91
C SER K 63 -0.74 -13.72 -47.15
N GLY K 64 -0.80 -12.86 -46.16
CA GLY K 64 0.33 -12.56 -45.31
C GLY K 64 0.23 -13.29 -43.98
N SER K 65 1.40 -13.60 -43.40
CA SER K 65 1.43 -14.29 -42.12
C SER K 65 2.76 -14.00 -41.46
N GLY K 66 2.83 -14.31 -40.17
CA GLY K 66 4.06 -14.11 -39.40
C GLY K 66 4.00 -12.84 -38.58
N SER K 67 5.10 -12.62 -37.85
CA SER K 67 5.20 -11.49 -36.93
C SER K 67 6.65 -11.38 -36.47
N GLY K 68 6.88 -10.44 -35.55
CA GLY K 68 8.18 -10.28 -34.93
C GLY K 68 9.28 -10.04 -35.94
N THR K 69 10.11 -11.06 -36.14
CA THR K 69 11.19 -11.02 -37.12
C THR K 69 10.82 -11.72 -38.42
N GLU K 70 10.03 -12.78 -38.38
CA GLU K 70 9.80 -13.65 -39.53
C GLU K 70 8.41 -13.42 -40.11
N PHE K 71 8.35 -13.18 -41.42
CA PHE K 71 7.09 -12.98 -42.12
C PHE K 71 7.09 -13.79 -43.40
N THR K 72 5.90 -14.19 -43.84
CA THR K 72 5.72 -14.98 -45.04
C THR K 72 4.57 -14.42 -45.86
N LEU K 73 4.72 -14.46 -47.19
CA LEU K 73 3.68 -14.08 -48.12
C LEU K 73 3.44 -15.24 -49.08
N THR K 74 2.18 -15.68 -49.17
CA THR K 74 1.83 -16.86 -49.94
C THR K 74 0.83 -16.50 -51.02
N ILE K 75 1.07 -17.03 -52.22
CA ILE K 75 0.15 -16.91 -53.35
C ILE K 75 -0.37 -18.30 -53.66
N SER K 76 -1.69 -18.48 -53.58
CA SER K 76 -2.27 -19.82 -53.73
C SER K 76 -2.34 -20.23 -55.19
N SER K 77 -3.11 -19.50 -56.00
CA SER K 77 -3.31 -19.82 -57.41
C SER K 77 -2.68 -18.69 -58.23
N MET K 78 -1.39 -18.85 -58.52
CA MET K 78 -0.66 -17.81 -59.25
C MET K 78 -1.16 -17.72 -60.69
N GLN K 79 -1.69 -16.57 -61.06
CA GLN K 79 -2.26 -16.36 -62.38
C GLN K 79 -1.20 -15.73 -63.29
N SER K 80 -1.63 -15.31 -64.48
CA SER K 80 -0.69 -14.72 -65.45
C SER K 80 -0.20 -13.35 -65.01
N GLU K 81 -1.04 -12.58 -64.34
CA GLU K 81 -0.69 -11.22 -63.93
C GLU K 81 0.02 -11.17 -62.59
N ASP K 82 0.26 -12.31 -61.95
CA ASP K 82 0.95 -12.36 -60.67
C ASP K 82 2.46 -12.40 -60.80
N PHE K 83 2.98 -12.35 -62.02
CA PHE K 83 4.43 -12.35 -62.25
C PHE K 83 4.92 -10.92 -62.14
N ALA K 84 5.57 -10.60 -61.02
CA ALA K 84 6.05 -9.25 -60.74
C ALA K 84 7.15 -9.35 -59.69
N VAL K 85 7.73 -8.19 -59.36
CA VAL K 85 8.76 -8.10 -58.33
C VAL K 85 8.10 -7.74 -57.01
N TYR K 86 8.39 -8.49 -55.96
CA TYR K 86 7.75 -8.32 -54.67
C TYR K 86 8.74 -7.72 -53.68
N TYR K 87 8.27 -6.71 -52.94
CA TYR K 87 9.11 -5.93 -52.05
C TYR K 87 8.56 -5.95 -50.63
N CYS K 88 9.46 -5.88 -49.66
CA CYS K 88 9.15 -5.97 -48.24
C CYS K 88 9.63 -4.70 -47.56
N GLN K 89 8.73 -4.01 -46.87
CA GLN K 89 9.08 -2.75 -46.20
C GLN K 89 8.54 -2.73 -44.78
N GLN K 90 9.41 -2.46 -43.82
CA GLN K 90 8.99 -2.27 -42.45
C GLN K 90 8.72 -0.79 -42.19
N TYR K 91 7.75 -0.52 -41.32
CA TYR K 91 7.47 0.86 -40.92
C TYR K 91 7.25 0.98 -39.43
N ASN K 92 7.89 0.10 -38.63
CA ASN K 92 7.77 0.19 -37.19
C ASN K 92 8.57 1.36 -36.62
N ASP K 93 9.65 1.75 -37.30
CA ASP K 93 10.48 2.85 -36.84
C ASP K 93 11.16 3.50 -38.03
N TRP K 94 11.61 4.73 -37.82
CA TRP K 94 12.30 5.50 -38.83
C TRP K 94 13.79 5.19 -38.82
N PRO K 95 14.46 5.19 -39.99
CA PRO K 95 13.86 5.42 -41.30
C PRO K 95 13.22 4.17 -41.89
N ARG K 96 12.30 4.37 -42.84
CA ARG K 96 11.70 3.22 -43.52
C ARG K 96 12.74 2.52 -44.38
N SER K 97 12.73 1.20 -44.34
CA SER K 97 13.70 0.40 -45.08
C SER K 97 12.99 -0.65 -45.90
N PHE K 98 13.36 -0.75 -47.18
CA PHE K 98 12.85 -1.77 -48.07
C PHE K 98 13.78 -2.97 -48.08
N GLY K 99 13.42 -4.00 -48.85
CA GLY K 99 14.25 -5.16 -49.03
C GLY K 99 14.94 -5.15 -50.38
N GLN K 100 15.84 -6.13 -50.56
CA GLN K 100 16.54 -6.26 -51.83
C GLN K 100 15.63 -6.71 -52.96
N GLY K 101 14.43 -7.18 -52.66
CA GLY K 101 13.48 -7.60 -53.67
C GLY K 101 13.63 -9.05 -54.06
N THR K 102 12.65 -9.53 -54.80
CA THR K 102 12.63 -10.90 -55.28
C THR K 102 11.95 -10.93 -56.64
N ARG K 103 12.53 -11.69 -57.57
CA ARG K 103 12.02 -11.78 -58.94
C ARG K 103 11.26 -13.09 -59.06
N LEU K 104 9.94 -13.00 -59.17
CA LEU K 104 9.07 -14.17 -59.21
C LEU K 104 8.61 -14.38 -60.64
N ASP K 105 9.18 -15.39 -61.30
CA ASP K 105 8.83 -15.70 -62.69
C ASP K 105 8.36 -17.14 -62.86
N VAL L 2 -7.49 10.37 -56.81
CA VAL L 2 -6.63 9.79 -55.78
C VAL L 2 -5.21 9.69 -56.34
N GLN L 3 -5.10 9.69 -57.66
CA GLN L 3 -3.81 9.51 -58.31
C GLN L 3 -2.91 10.72 -58.09
N LEU L 4 -1.60 10.49 -58.20
CA LEU L 4 -0.60 11.53 -58.09
C LEU L 4 0.23 11.55 -59.37
N VAL L 5 0.34 12.72 -59.98
CA VAL L 5 1.12 12.90 -61.21
C VAL L 5 2.42 13.61 -60.86
N GLN L 6 3.54 13.06 -61.35
CA GLN L 6 4.87 13.52 -60.96
C GLN L 6 5.53 14.37 -62.04
N SER L 7 4.75 15.18 -62.76
CA SER L 7 5.28 16.21 -63.66
C SER L 7 6.22 15.63 -64.72
N GLY L 8 5.86 14.48 -65.27
CA GLY L 8 6.64 13.91 -66.35
C GLY L 8 8.03 13.52 -65.90
N ALA L 9 9.00 13.70 -66.80
CA ALA L 9 10.39 13.36 -66.51
C ALA L 9 11.30 14.20 -67.38
N GLU L 10 12.56 14.32 -66.96
CA GLU L 10 13.54 15.10 -67.67
C GLU L 10 14.94 14.63 -67.29
N VAL L 11 15.92 15.03 -68.10
CA VAL L 11 17.32 14.70 -67.89
C VAL L 11 18.14 15.99 -67.96
N LYS L 12 19.32 15.95 -67.34
CA LYS L 12 20.15 17.15 -67.28
C LYS L 12 21.60 16.73 -67.04
N LYS L 13 22.50 17.68 -67.28
CA LYS L 13 23.93 17.45 -67.08
C LYS L 13 24.23 17.24 -65.60
N PRO L 14 25.10 16.28 -65.26
CA PRO L 14 25.47 16.10 -63.86
C PRO L 14 26.23 17.30 -63.31
N GLY L 15 26.05 17.54 -62.01
CA GLY L 15 26.61 18.68 -61.34
C GLY L 15 25.62 19.79 -61.08
N ALA L 16 24.46 19.77 -61.74
CA ALA L 16 23.42 20.76 -61.54
C ALA L 16 22.34 20.20 -60.62
N SER L 17 21.37 21.05 -60.29
CA SER L 17 20.26 20.69 -59.42
C SER L 17 19.07 20.23 -60.24
N VAL L 18 18.32 19.27 -59.68
CA VAL L 18 17.14 18.72 -60.34
C VAL L 18 15.93 18.94 -59.43
N LYS L 19 14.78 19.21 -60.05
CA LYS L 19 13.55 19.51 -59.34
C LYS L 19 12.41 18.70 -59.94
N VAL L 20 11.68 17.97 -59.09
CA VAL L 20 10.54 17.16 -59.52
C VAL L 20 9.40 17.34 -58.53
N SER L 21 8.19 17.54 -59.03
CA SER L 21 7.03 17.80 -58.21
C SER L 21 5.93 16.80 -58.51
N CYS L 22 5.24 16.36 -57.45
CA CYS L 22 4.09 15.49 -57.57
C CYS L 22 2.85 16.22 -57.05
N LYS L 23 1.80 16.25 -57.87
CA LYS L 23 0.57 16.96 -57.55
C LYS L 23 -0.49 15.95 -57.17
N ALA L 24 -1.06 16.10 -55.98
CA ALA L 24 -2.09 15.20 -55.48
C ALA L 24 -3.47 15.73 -55.82
N SER L 25 -4.43 14.81 -55.89
CA SER L 25 -5.81 15.17 -56.20
C SER L 25 -6.72 14.06 -55.69
N GLY L 26 -8.01 14.38 -55.57
CA GLY L 26 -9.00 13.42 -55.17
C GLY L 26 -9.12 13.17 -53.68
N TYR L 27 -8.34 13.85 -52.86
CA TYR L 27 -8.39 13.68 -51.42
C TYR L 27 -7.88 14.94 -50.75
N THR L 28 -8.15 15.06 -49.46
CA THR L 28 -7.70 16.21 -48.68
C THR L 28 -6.18 16.17 -48.56
N PHE L 29 -5.51 17.11 -49.22
CA PHE L 29 -4.06 17.12 -49.26
C PHE L 29 -3.44 17.35 -47.88
N THR L 30 -4.19 17.96 -46.96
CA THR L 30 -3.62 18.30 -45.65
C THR L 30 -3.47 17.07 -44.77
N LYS L 31 -4.38 16.10 -44.87
CA LYS L 31 -4.39 15.01 -43.91
C LYS L 31 -3.21 14.06 -44.09
N TYR L 32 -2.79 13.83 -45.34
CA TYR L 32 -1.77 12.83 -45.65
C TYR L 32 -0.49 13.50 -46.11
N GLY L 33 0.65 13.04 -45.58
CA GLY L 33 1.94 13.50 -46.02
C GLY L 33 2.46 12.71 -47.20
N ILE L 34 3.63 13.14 -47.69
CA ILE L 34 4.22 12.61 -48.91
C ILE L 34 5.58 12.02 -48.57
N SER L 35 5.80 10.77 -48.96
CA SER L 35 7.09 10.11 -48.85
C SER L 35 7.72 9.98 -50.22
N TRP L 36 9.04 10.00 -50.26
CA TRP L 36 9.79 9.96 -51.51
C TRP L 36 10.67 8.72 -51.54
N VAL L 37 10.57 7.96 -52.63
CA VAL L 37 11.31 6.72 -52.79
C VAL L 37 12.18 6.81 -54.04
N ARG L 38 13.41 6.31 -53.96
CA ARG L 38 14.33 6.30 -55.08
C ARG L 38 14.65 4.86 -55.46
N GLN L 39 14.59 4.56 -56.76
CA GLN L 39 14.92 3.23 -57.27
C GLN L 39 16.00 3.38 -58.33
N ALA L 40 17.18 2.84 -58.04
CA ALA L 40 18.25 2.83 -59.02
C ALA L 40 17.92 1.83 -60.13
N PRO L 41 18.44 2.04 -61.34
CA PRO L 41 18.15 1.10 -62.43
C PRO L 41 18.73 -0.28 -62.16
N GLY L 42 17.85 -1.26 -61.98
CA GLY L 42 18.26 -2.61 -61.66
C GLY L 42 18.41 -2.91 -60.18
N GLN L 43 18.22 -1.92 -59.32
CA GLN L 43 18.36 -2.11 -57.88
C GLN L 43 17.00 -1.99 -57.20
N GLY L 44 17.00 -2.25 -55.89
CA GLY L 44 15.78 -2.17 -55.12
C GLY L 44 15.42 -0.75 -54.74
N LEU L 45 14.24 -0.60 -54.15
CA LEU L 45 13.76 0.70 -53.73
C LEU L 45 14.56 1.23 -52.54
N GLU L 46 14.73 2.55 -52.51
CA GLU L 46 15.46 3.22 -51.45
C GLU L 46 14.63 4.39 -50.93
N TRP L 47 14.54 4.50 -49.60
CA TRP L 47 13.74 5.54 -48.97
C TRP L 47 14.59 6.77 -48.73
N MET L 48 13.99 7.95 -48.94
CA MET L 48 14.68 9.22 -48.79
C MET L 48 14.12 10.07 -47.66
N GLY L 49 12.82 10.35 -47.67
CA GLY L 49 12.25 11.21 -46.65
C GLY L 49 10.75 11.22 -46.70
N TRP L 50 10.16 11.86 -45.69
CA TRP L 50 8.72 11.99 -45.57
C TRP L 50 8.39 13.36 -45.00
N ILE L 51 7.53 14.10 -45.69
CA ILE L 51 7.12 15.44 -45.29
C ILE L 51 5.63 15.46 -45.05
N SER L 52 5.24 15.94 -43.86
CA SER L 52 3.84 16.11 -43.53
C SER L 52 3.35 17.45 -44.07
N ALA L 53 2.32 17.39 -44.92
CA ALA L 53 1.78 18.60 -45.53
C ALA L 53 1.17 19.53 -44.47
N PHE L 54 0.47 18.96 -43.50
CA PHE L 54 -0.06 19.73 -42.38
C PHE L 54 1.11 20.18 -41.51
N ASN L 55 1.54 21.42 -41.72
CA ASN L 55 2.66 22.21 -41.17
C ASN L 55 3.98 21.90 -41.87
N GLY L 56 4.00 20.96 -42.82
CA GLY L 56 5.20 20.70 -43.59
C GLY L 56 6.39 20.19 -42.78
N TYR L 57 6.16 19.20 -41.93
CA TYR L 57 7.20 18.70 -41.03
C TYR L 57 7.99 17.60 -41.71
N THR L 58 9.32 17.75 -41.76
CA THR L 58 10.17 16.87 -42.55
C THR L 58 10.91 15.89 -41.67
N ARG L 59 10.99 14.64 -42.13
CA ARG L 59 11.92 13.65 -41.60
C ARG L 59 12.75 13.12 -42.76
N TYR L 60 14.06 13.23 -42.63
CA TYR L 60 14.99 12.94 -43.72
C TYR L 60 15.72 11.62 -43.46
N GLY L 61 16.21 11.03 -44.54
CA GLY L 61 17.05 9.86 -44.41
C GLY L 61 18.42 10.21 -43.88
N GLN L 62 19.12 9.17 -43.40
CA GLN L 62 20.43 9.39 -42.78
C GLN L 62 21.44 9.93 -43.78
N ARG L 63 21.43 9.40 -45.01
CA ARG L 63 22.42 9.76 -46.01
C ARG L 63 21.89 10.76 -47.04
N PHE L 64 20.74 11.37 -46.79
CA PHE L 64 20.15 12.32 -47.73
C PHE L 64 20.01 13.73 -47.17
N GLN L 65 20.51 13.97 -45.95
CA GLN L 65 20.41 15.30 -45.37
C GLN L 65 21.27 16.29 -46.15
N GLY L 66 20.73 17.47 -46.39
CA GLY L 66 21.45 18.49 -47.14
C GLY L 66 21.42 18.33 -48.64
N LYS L 67 21.72 17.13 -49.13
CA LYS L 67 21.71 16.89 -50.57
C LYS L 67 20.29 16.96 -51.15
N VAL L 68 19.30 16.55 -50.38
CA VAL L 68 17.91 16.44 -50.84
C VAL L 68 17.06 17.41 -50.03
N THR L 69 16.26 18.21 -50.72
CA THR L 69 15.35 19.16 -50.07
C THR L 69 13.93 18.92 -50.56
N MET L 70 13.00 18.74 -49.63
CA MET L 70 11.61 18.45 -49.93
C MET L 70 10.71 19.48 -49.27
N THR L 71 9.75 20.00 -50.03
CA THR L 71 8.83 21.02 -49.56
C THR L 71 7.41 20.67 -50.00
N THR L 72 6.44 21.33 -49.40
CA THR L 72 5.03 21.16 -49.76
C THR L 72 4.40 22.53 -49.99
N ASP L 73 3.39 22.54 -50.87
CA ASP L 73 2.65 23.75 -51.19
C ASP L 73 1.17 23.38 -51.17
N THR L 74 0.46 23.86 -50.15
CA THR L 74 -0.96 23.56 -49.99
C THR L 74 -1.84 24.38 -50.93
N SER L 75 -1.36 25.52 -51.41
CA SER L 75 -2.17 26.36 -52.29
C SER L 75 -2.53 25.62 -53.57
N THR L 76 -1.57 24.91 -54.16
CA THR L 76 -1.81 24.14 -55.37
C THR L 76 -1.75 22.64 -55.13
N ASN L 77 -1.66 22.21 -53.87
CA ASN L 77 -1.67 20.79 -53.50
C ASN L 77 -0.55 20.02 -54.22
N THR L 78 0.69 20.43 -53.94
CA THR L 78 1.85 19.80 -54.57
C THR L 78 2.92 19.52 -53.52
N ALA L 79 3.75 18.52 -53.82
CA ALA L 79 4.94 18.22 -53.02
C ALA L 79 6.14 18.20 -53.95
N SER L 80 7.14 19.00 -53.64
CA SER L 80 8.31 19.19 -54.49
C SER L 80 9.55 18.61 -53.83
N LEU L 81 10.44 18.07 -54.66
CA LEU L 81 11.71 17.52 -54.25
C LEU L 81 12.80 18.07 -55.15
N GLU L 82 13.98 18.28 -54.58
CA GLU L 82 15.08 18.83 -55.36
C GLU L 82 16.40 18.32 -54.81
N VAL L 83 17.35 18.12 -55.73
CA VAL L 83 18.68 17.59 -55.43
C VAL L 83 19.72 18.58 -55.94
N ARG L 84 20.71 18.88 -55.10
CA ARG L 84 21.70 19.90 -55.44
C ARG L 84 22.71 19.38 -56.48
N THR L 85 23.48 18.37 -56.11
CA THR L 85 24.62 17.92 -56.92
C THR L 85 24.31 16.55 -57.49
N LEU L 86 23.97 16.52 -58.78
CA LEU L 86 23.75 15.24 -59.46
C LEU L 86 25.07 14.50 -59.65
N THR L 87 24.99 13.18 -59.60
CA THR L 87 26.17 12.31 -59.68
C THR L 87 25.81 11.11 -60.54
N SER L 88 26.83 10.35 -60.93
CA SER L 88 26.61 9.18 -61.78
C SER L 88 25.68 8.17 -61.11
N ASN L 89 25.78 8.02 -59.79
CA ASN L 89 24.91 7.11 -59.07
C ASN L 89 23.56 7.74 -58.72
N ASP L 90 23.36 9.01 -59.04
CA ASP L 90 22.07 9.66 -58.79
C ASP L 90 21.05 9.40 -59.89
N THR L 91 21.46 8.80 -61.01
CA THR L 91 20.52 8.42 -62.05
C THR L 91 19.60 7.32 -61.53
N ALA L 92 18.30 7.60 -61.51
CA ALA L 92 17.35 6.68 -60.88
C ALA L 92 15.94 7.08 -61.30
N VAL L 93 14.95 6.47 -60.65
CA VAL L 93 13.55 6.81 -60.82
C VAL L 93 12.99 7.17 -59.46
N TYR L 94 12.28 8.29 -59.39
CA TYR L 94 11.77 8.84 -58.14
C TYR L 94 10.26 8.68 -58.08
N TYR L 95 9.76 8.21 -56.93
CA TYR L 95 8.36 7.90 -56.73
C TYR L 95 7.82 8.72 -55.57
N CYS L 96 6.66 9.34 -55.78
CA CYS L 96 5.94 10.10 -54.78
C CYS L 96 4.80 9.25 -54.24
N ALA L 97 4.85 8.94 -52.94
CA ALA L 97 3.88 8.07 -52.31
C ALA L 97 3.13 8.82 -51.22
N ARG L 98 1.89 8.41 -50.98
CA ARG L 98 1.03 9.04 -49.98
C ARG L 98 1.06 8.22 -48.70
N GLN L 99 1.43 8.87 -47.59
CA GLN L 99 1.55 8.19 -46.30
C GLN L 99 0.82 9.00 -45.24
N TYR L 100 -0.02 8.34 -44.46
CA TYR L 100 -0.66 9.04 -43.36
C TYR L 100 0.33 9.20 -42.21
N PRO L 101 0.35 10.36 -41.56
CA PRO L 101 1.29 10.55 -40.44
C PRO L 101 1.00 9.58 -39.31
N ASP L 102 2.07 9.12 -38.66
CA ASP L 102 1.93 8.22 -37.53
C ASP L 102 1.23 8.95 -36.39
N GLN L 103 0.41 8.22 -35.64
CA GLN L 103 -0.41 8.80 -34.60
C GLN L 103 -0.08 8.19 -33.25
N TYR L 104 0.12 9.04 -32.25
CA TYR L 104 0.32 8.62 -30.87
C TYR L 104 -0.66 9.37 -29.98
N SER L 105 -1.02 8.75 -28.86
CA SER L 105 -1.96 9.38 -27.94
C SER L 105 -1.66 8.90 -26.53
N SER L 106 -2.08 9.70 -25.55
CA SER L 106 -1.89 9.33 -24.16
C SER L 106 -2.71 8.09 -23.79
N SER L 107 -3.94 8.02 -24.27
CA SER L 107 -4.83 6.89 -24.03
C SER L 107 -4.99 6.14 -25.35
N GLY L 108 -4.10 5.20 -25.59
CA GLY L 108 -4.11 4.44 -26.82
C GLY L 108 -2.72 3.92 -27.14
N TRP L 109 -2.60 3.38 -28.34
CA TRP L 109 -1.35 2.81 -28.81
C TRP L 109 -1.00 3.37 -30.17
N PRO L 110 0.28 3.42 -30.52
CA PRO L 110 0.67 4.02 -31.80
C PRO L 110 0.03 3.31 -32.97
N ARG L 111 -0.36 4.10 -33.97
CA ARG L 111 -0.95 3.59 -35.21
C ARG L 111 -0.07 4.05 -36.36
N LEU L 112 0.74 3.14 -36.88
CA LEU L 112 1.68 3.45 -37.94
C LEU L 112 1.07 3.11 -39.30
N PHE L 113 1.59 3.76 -40.34
CA PHE L 113 1.01 3.68 -41.67
C PHE L 113 2.11 3.47 -42.70
N ALA L 114 1.72 2.88 -43.82
CA ALA L 114 2.59 2.63 -44.96
C ALA L 114 2.18 3.52 -46.13
N MET L 115 2.86 3.35 -47.25
CA MET L 115 2.61 4.14 -48.45
C MET L 115 1.49 3.48 -49.25
N ASP L 116 0.29 4.05 -49.16
CA ASP L 116 -0.88 3.44 -49.78
C ASP L 116 -0.91 3.68 -51.29
N VAL L 117 -0.95 4.94 -51.69
CA VAL L 117 -1.10 5.32 -53.10
C VAL L 117 0.23 5.87 -53.59
N TRP L 118 0.75 5.27 -54.66
CA TRP L 118 1.97 5.72 -55.30
C TRP L 118 1.64 6.50 -56.57
N GLY L 119 2.66 7.15 -57.11
CA GLY L 119 2.51 7.87 -58.36
C GLY L 119 3.46 7.37 -59.42
N GLN L 120 3.13 7.60 -60.69
CA GLN L 120 4.02 7.20 -61.77
C GLN L 120 5.36 7.91 -61.64
N GLY L 121 6.45 7.15 -61.76
CA GLY L 121 7.75 7.67 -61.41
C GLY L 121 8.27 8.70 -62.40
N THR L 122 9.28 9.44 -61.93
CA THR L 122 10.01 10.40 -62.75
C THR L 122 11.45 9.92 -62.88
N THR L 123 11.92 9.74 -64.11
CA THR L 123 13.27 9.25 -64.33
C THR L 123 14.24 10.43 -64.46
N VAL L 124 15.42 10.27 -63.87
CA VAL L 124 16.48 11.27 -63.94
C VAL L 124 17.77 10.56 -64.30
N THR L 125 18.38 10.96 -65.42
CA THR L 125 19.62 10.39 -65.90
C THR L 125 20.66 11.50 -66.07
N VAL L 126 21.88 11.23 -65.64
CA VAL L 126 22.96 12.18 -65.77
C VAL L 126 23.89 11.78 -66.91
N LEU M 18 21.16 -8.86 56.52
CA LEU M 18 20.19 -7.79 56.71
C LEU M 18 19.14 -7.81 55.62
N SER M 19 18.07 -8.57 55.83
CA SER M 19 16.97 -8.67 54.89
C SER M 19 15.67 -8.32 55.59
N LEU M 20 14.93 -7.37 55.03
CA LEU M 20 13.67 -6.90 55.60
C LEU M 20 12.55 -7.12 54.59
N SER M 21 11.49 -7.78 55.03
CA SER M 21 10.35 -8.09 54.17
C SER M 21 9.12 -7.35 54.65
N CYS M 22 8.41 -6.71 53.73
CA CYS M 22 7.18 -5.97 54.05
C CYS M 22 6.07 -6.46 53.15
N THR M 23 4.96 -6.86 53.75
CA THR M 23 3.79 -7.35 53.04
C THR M 23 2.63 -6.40 53.24
N VAL M 24 1.89 -6.13 52.16
CA VAL M 24 0.82 -5.15 52.21
C VAL M 24 -0.40 -5.75 52.89
N ASP M 25 -1.20 -4.88 53.52
CA ASP M 25 -2.41 -5.34 54.19
C ASP M 25 -3.50 -5.68 53.18
N GLY M 26 -3.65 -4.86 52.14
CA GLY M 26 -4.67 -5.08 51.14
C GLY M 26 -4.64 -4.05 50.03
N GLU M 27 -5.81 -3.54 49.66
CA GLU M 27 -5.97 -2.52 48.61
C GLU M 27 -5.44 -3.12 47.31
N SER M 28 -4.63 -2.41 46.53
CA SER M 28 -4.08 -2.93 45.29
C SER M 28 -2.58 -2.75 45.28
N PHE M 29 -1.85 -3.78 44.83
CA PHE M 29 -0.40 -3.73 44.76
C PHE M 29 0.08 -2.90 43.58
N ASN M 30 -0.65 -2.93 42.46
CA ASN M 30 -0.22 -2.23 41.26
C ASN M 30 -0.45 -0.73 41.39
N GLY M 31 0.34 0.03 40.65
CA GLY M 31 0.18 1.47 40.57
C GLY M 31 0.75 2.27 41.71
N PHE M 32 1.52 1.65 42.60
CA PHE M 32 2.07 2.34 43.75
C PHE M 32 3.58 2.13 43.80
N PHE M 33 4.26 3.04 44.48
CA PHE M 33 5.70 2.95 44.70
C PHE M 33 5.95 2.47 46.12
N TRP M 34 6.66 1.36 46.25
CA TRP M 34 6.94 0.75 47.55
C TRP M 34 8.33 1.16 47.96
N THR M 35 8.41 2.06 48.94
CA THR M 35 9.63 2.76 49.30
C THR M 35 10.17 2.26 50.64
N TRP M 36 11.49 2.29 50.77
CA TRP M 36 12.18 2.02 52.02
C TRP M 36 12.84 3.30 52.50
N ILE M 37 12.70 3.59 53.79
CA ILE M 37 13.25 4.81 54.38
C ILE M 37 14.08 4.44 55.60
N ARG M 38 15.27 5.03 55.72
CA ARG M 38 16.19 4.73 56.80
C ARG M 38 16.43 5.99 57.62
N GLN M 39 16.24 5.89 58.93
CA GLN M 39 16.45 7.02 59.83
C GLN M 39 17.51 6.67 60.87
N PRO M 40 18.68 7.29 60.81
CA PRO M 40 19.69 7.04 61.84
C PRO M 40 19.21 7.57 63.18
N PRO M 41 19.69 7.01 64.30
CA PRO M 41 19.25 7.49 65.61
C PRO M 41 19.54 8.96 65.85
N GLY M 42 20.64 9.48 65.32
CA GLY M 42 20.99 10.88 65.48
C GLY M 42 20.84 11.75 64.25
N LYS M 43 20.25 11.23 63.18
CA LYS M 43 20.10 12.00 61.94
C LYS M 43 18.69 11.84 61.40
N GLY M 44 18.36 12.66 60.41
CA GLY M 44 17.04 12.60 59.82
C GLY M 44 16.88 11.43 58.87
N LEU M 45 15.62 11.07 58.64
CA LEU M 45 15.30 9.97 57.75
C LEU M 45 15.62 10.32 56.29
N GLU M 46 15.93 9.29 55.51
CA GLU M 46 16.36 9.48 54.14
C GLU M 46 15.91 8.30 53.28
N TRP M 47 15.75 8.56 51.99
CA TRP M 47 15.25 7.58 51.04
C TRP M 47 16.36 6.62 50.61
N ILE M 48 16.05 5.33 50.59
CA ILE M 48 17.05 4.32 50.24
C ILE M 48 16.55 3.39 49.15
N GLY M 49 15.57 3.84 48.36
CA GLY M 49 15.14 3.06 47.22
C GLY M 49 13.64 2.79 47.14
N GLU M 50 13.17 2.40 45.95
CA GLU M 50 11.75 2.14 45.74
C GLU M 50 11.59 1.21 44.54
N ILE M 51 10.41 0.60 44.44
CA ILE M 51 10.05 -0.28 43.34
C ILE M 51 8.57 -0.09 43.02
N ASN M 52 8.13 -0.74 41.95
CA ASN M 52 6.72 -0.79 41.60
C ASN M 52 6.31 -2.23 41.31
N HIS M 53 5.09 -2.43 40.79
CA HIS M 53 4.63 -3.77 40.49
C HIS M 53 5.43 -4.43 39.38
N LEU M 54 6.12 -3.65 38.56
CA LEU M 54 7.04 -4.19 37.56
C LEU M 54 8.39 -4.43 38.21
N ALA M 55 9.41 -4.71 37.40
CA ALA M 55 10.75 -4.95 37.90
C ALA M 55 11.58 -3.67 38.00
N SER M 56 11.04 -2.53 37.57
CA SER M 56 11.79 -1.28 37.60
C SER M 56 12.05 -0.85 39.04
N THR M 57 13.18 -0.17 39.24
CA THR M 57 13.60 0.21 40.58
C THR M 57 14.47 1.45 40.51
N GLY M 58 14.55 2.14 41.64
CA GLY M 58 15.47 3.26 41.79
C GLY M 58 16.20 3.13 43.11
N TYR M 59 17.47 3.55 43.11
CA TYR M 59 18.35 3.31 44.24
C TYR M 59 18.99 4.62 44.70
N ASN M 60 19.36 4.66 45.96
CA ASN M 60 20.07 5.80 46.51
C ASN M 60 21.51 5.79 46.00
N PRO M 61 21.97 6.83 45.31
CA PRO M 61 23.33 6.80 44.74
C PRO M 61 24.43 6.65 45.77
N SER M 62 24.19 7.09 47.00
CA SER M 62 25.22 6.96 48.05
C SER M 62 25.50 5.50 48.36
N LEU M 63 24.46 4.66 48.40
CA LEU M 63 24.60 3.26 48.80
C LEU M 63 24.07 2.29 47.74
N LYS M 64 23.96 2.73 46.49
CA LYS M 64 23.44 1.87 45.43
C LYS M 64 24.34 0.68 45.13
N SER M 65 25.59 0.71 45.60
CA SER M 65 26.54 -0.36 45.29
C SER M 65 26.36 -1.59 46.16
N ARG M 66 25.53 -1.53 47.21
CA ARG M 66 25.39 -2.66 48.11
C ARG M 66 23.94 -2.91 48.53
N VAL M 67 22.97 -2.47 47.73
CA VAL M 67 21.56 -2.55 48.10
C VAL M 67 20.79 -3.20 46.96
N THR M 68 19.77 -3.99 47.31
CA THR M 68 18.94 -4.65 46.32
C THR M 68 17.51 -4.76 46.85
N ILE M 69 16.56 -4.29 46.05
CA ILE M 69 15.14 -4.35 46.40
C ILE M 69 14.45 -5.30 45.44
N SER M 70 13.73 -6.28 45.98
CA SER M 70 13.04 -7.29 45.20
C SER M 70 11.55 -7.24 45.47
N VAL M 71 10.76 -7.69 44.51
CA VAL M 71 9.31 -7.65 44.58
C VAL M 71 8.76 -9.03 44.26
N ASP M 72 7.72 -9.44 44.98
CA ASP M 72 6.99 -10.68 44.71
C ASP M 72 5.52 -10.33 44.60
N THR M 73 5.01 -10.35 43.36
CA THR M 73 3.62 -9.94 43.13
C THR M 73 2.65 -10.99 43.64
N SER M 74 3.02 -12.26 43.60
CA SER M 74 2.10 -13.32 44.03
C SER M 74 1.73 -13.17 45.51
N LYS M 75 2.70 -12.87 46.35
CA LYS M 75 2.45 -12.67 47.78
C LYS M 75 2.23 -11.21 48.14
N ASN M 76 2.28 -10.30 47.17
CA ASN M 76 2.16 -8.86 47.42
C ASN M 76 3.18 -8.41 48.46
N GLN M 77 4.45 -8.72 48.20
CA GLN M 77 5.52 -8.51 49.16
C GLN M 77 6.68 -7.79 48.50
N PHE M 78 7.41 -6.99 49.28
CA PHE M 78 8.64 -6.39 48.79
C PHE M 78 9.71 -6.48 49.86
N SER M 79 10.92 -6.77 49.44
CA SER M 79 12.02 -7.07 50.35
C SER M 79 13.24 -6.22 50.02
N LEU M 80 14.01 -5.91 51.06
CA LEU M 80 15.22 -5.11 50.99
C LEU M 80 16.38 -5.95 51.49
N LYS M 81 17.50 -5.91 50.76
CA LYS M 81 18.71 -6.64 51.13
C LYS M 81 19.88 -5.67 51.03
N LEU M 82 20.56 -5.46 52.15
CA LEU M 82 21.71 -4.57 52.23
C LEU M 82 22.95 -5.42 52.45
N THR M 83 23.71 -5.65 51.37
CA THR M 83 24.92 -6.44 51.48
C THR M 83 26.01 -5.64 52.20
N SER M 84 27.05 -6.36 52.63
CA SER M 84 28.15 -5.79 53.42
C SER M 84 27.61 -5.14 54.69
N VAL M 85 27.03 -5.99 55.55
CA VAL M 85 26.38 -5.51 56.77
C VAL M 85 27.41 -4.80 57.64
N THR M 86 27.04 -3.64 58.15
CA THR M 86 27.92 -2.83 58.98
C THR M 86 27.16 -2.35 60.22
N ALA M 87 27.80 -2.45 61.37
CA ALA M 87 27.19 -1.96 62.61
C ALA M 87 27.09 -0.44 62.64
N ALA M 88 27.94 0.26 61.87
CA ALA M 88 27.87 1.71 61.80
C ALA M 88 26.68 2.20 60.99
N ASP M 89 25.99 1.31 60.28
CA ASP M 89 24.83 1.67 59.48
C ASP M 89 23.53 1.30 60.21
N THR M 90 23.58 1.17 61.53
CA THR M 90 22.38 0.87 62.30
C THR M 90 21.45 2.07 62.31
N ALA M 91 20.15 1.81 62.20
CA ALA M 91 19.13 2.85 62.09
C ALA M 91 17.78 2.19 62.29
N VAL M 92 16.71 2.94 62.05
CA VAL M 92 15.35 2.40 62.03
C VAL M 92 14.84 2.45 60.59
N TYR M 93 14.23 1.36 60.15
CA TYR M 93 13.86 1.19 58.76
C TYR M 93 12.35 1.07 58.63
N TYR M 94 11.78 1.80 57.67
CA TYR M 94 10.34 1.85 57.43
C TYR M 94 10.05 1.44 56.00
N CYS M 95 9.01 0.61 55.84
CA CYS M 95 8.48 0.27 54.53
C CYS M 95 7.16 1.03 54.33
N ALA M 96 7.07 1.78 53.23
CA ALA M 96 5.95 2.69 53.03
C ALA M 96 5.42 2.55 51.61
N ARG M 97 4.16 2.95 51.45
CA ARG M 97 3.50 3.02 50.15
C ARG M 97 3.28 4.47 49.79
N GLY M 98 3.77 4.87 48.62
CA GLY M 98 3.62 6.23 48.16
C GLY M 98 3.12 6.28 46.73
N TYR M 99 2.48 7.41 46.40
CA TYR M 99 1.83 7.61 45.11
C TYR M 99 2.34 8.89 44.46
N SER M 100 2.58 8.83 43.17
CA SER M 100 3.08 9.96 42.39
C SER M 100 2.08 10.31 41.31
N TYR M 101 1.74 11.60 41.20
CA TYR M 101 0.76 12.08 40.24
C TYR M 101 1.49 12.86 39.15
N GLY M 102 1.30 12.44 37.90
CA GLY M 102 2.00 13.07 36.79
C GLY M 102 1.12 13.44 35.62
N PHE M 103 -0.10 13.90 35.87
CA PHE M 103 -1.04 14.15 34.78
C PHE M 103 -1.39 15.62 34.58
N ALA M 104 -1.25 16.46 35.61
CA ALA M 104 -1.49 17.89 35.50
C ALA M 104 -0.31 18.63 36.13
N TRP M 105 -0.27 19.94 35.92
CA TRP M 105 0.81 20.75 36.47
C TRP M 105 1.03 20.66 37.98
N PRO M 106 0.04 20.79 38.84
CA PRO M 106 0.35 20.62 40.27
C PRO M 106 0.72 19.18 40.56
N ASN M 107 1.89 18.76 40.07
CA ASN M 107 2.37 17.40 40.31
C ASN M 107 2.77 17.25 41.76
N TYR M 108 2.66 16.03 42.26
CA TYR M 108 2.94 15.79 43.66
C TYR M 108 3.26 14.31 43.86
N HIS M 109 4.10 14.05 44.86
CA HIS M 109 4.39 12.70 45.31
C HIS M 109 4.31 12.70 46.82
N TYR M 110 3.66 11.69 47.39
CA TYR M 110 3.48 11.60 48.83
C TYR M 110 3.55 10.15 49.26
N LEU M 111 4.30 9.88 50.32
CA LEU M 111 4.32 8.56 50.94
C LEU M 111 2.99 8.37 51.66
N ASP M 112 2.07 7.66 51.02
CA ASP M 112 0.68 7.64 51.50
C ASP M 112 0.57 7.00 52.87
N VAL M 113 1.12 5.80 53.03
CA VAL M 113 0.98 5.07 54.29
C VAL M 113 2.33 4.49 54.68
N TRP M 114 2.54 4.32 55.98
CA TRP M 114 3.79 3.76 56.49
C TRP M 114 3.52 2.49 57.29
N GLU N 1 20.40 15.49 42.59
CA GLU N 1 20.88 16.81 42.23
C GLU N 1 20.20 17.89 43.07
N ILE N 2 18.88 17.83 43.15
CA ILE N 2 18.12 18.81 43.92
C ILE N 2 18.15 18.43 45.39
N VAL N 3 18.58 19.38 46.23
CA VAL N 3 18.64 19.19 47.67
C VAL N 3 17.77 20.25 48.34
N LEU N 4 17.07 19.85 49.39
CA LEU N 4 16.15 20.73 50.10
C LEU N 4 16.76 21.15 51.42
N THR N 5 16.74 22.45 51.70
CA THR N 5 17.29 23.00 52.94
C THR N 5 16.21 23.80 53.64
N GLN N 6 15.89 23.41 54.87
CA GLN N 6 14.97 24.19 55.71
C GLN N 6 15.76 25.31 56.38
N SER N 7 15.46 26.55 56.02
CA SER N 7 16.18 27.69 56.59
C SER N 7 16.06 27.77 58.11
N PRO N 8 14.86 27.64 58.72
CA PRO N 8 14.79 27.63 60.19
C PRO N 8 15.19 26.27 60.73
N ALA N 9 16.32 26.24 61.46
CA ALA N 9 16.83 24.98 61.98
C ALA N 9 15.94 24.41 63.07
N THR N 10 15.55 25.25 64.03
CA THR N 10 14.75 24.81 65.17
C THR N 10 13.87 25.95 65.64
N LEU N 11 12.63 25.63 66.01
CA LEU N 11 11.68 26.60 66.52
C LEU N 11 11.27 26.24 67.93
N SER N 12 11.20 27.26 68.79
CA SER N 12 10.75 27.10 70.17
C SER N 12 9.83 28.27 70.49
N LEU N 13 8.53 28.08 70.27
CA LEU N 13 7.53 29.12 70.48
C LEU N 13 6.47 28.62 71.45
N SER N 14 5.78 29.57 72.08
CA SER N 14 4.72 29.23 73.01
C SER N 14 3.54 28.61 72.29
N PRO N 15 2.81 27.70 72.95
CA PRO N 15 1.65 27.09 72.31
C PRO N 15 0.57 28.12 72.01
N GLY N 16 -0.21 27.85 70.96
CA GLY N 16 -1.25 28.77 70.54
C GLY N 16 -0.80 29.88 69.62
N GLU N 17 0.38 29.75 69.01
CA GLU N 17 0.94 30.79 68.16
C GLU N 17 1.31 30.16 66.81
N ARG N 18 1.13 30.94 65.74
CA ARG N 18 1.46 30.47 64.41
C ARG N 18 2.95 30.16 64.30
N ALA N 19 3.27 29.13 63.51
CA ALA N 19 4.65 28.75 63.24
C ALA N 19 4.83 28.59 61.74
N THR N 20 5.89 29.18 61.20
CA THR N 20 6.17 29.14 59.77
C THR N 20 7.50 28.44 59.53
N LEU N 21 7.51 27.45 58.63
CA LEU N 21 8.70 26.73 58.26
C LEU N 21 8.88 26.84 56.75
N SER N 22 10.02 27.38 56.31
CA SER N 22 10.28 27.59 54.89
C SER N 22 11.49 26.76 54.48
N CYS N 23 11.34 26.03 53.38
CA CYS N 23 12.45 25.25 52.82
C CYS N 23 12.56 25.52 51.32
N ARG N 24 13.79 25.52 50.84
CA ARG N 24 14.11 25.94 49.47
C ARG N 24 14.87 24.83 48.75
N ALA N 25 14.61 24.70 47.46
CA ALA N 25 15.26 23.70 46.64
C ALA N 25 16.48 24.28 45.93
N SER N 26 17.26 23.40 45.31
CA SER N 26 18.42 23.84 44.54
C SER N 26 18.01 24.67 43.34
N GLN N 27 16.95 24.26 42.65
CA GLN N 27 16.45 24.98 41.48
C GLN N 27 14.95 24.80 41.42
N SER N 28 14.35 25.11 40.27
CA SER N 28 12.91 24.93 40.09
C SER N 28 12.55 23.46 40.25
N VAL N 29 11.53 23.19 41.05
CA VAL N 29 11.13 21.82 41.33
C VAL N 29 10.26 21.29 40.20
N SER N 30 10.19 19.97 40.13
CA SER N 30 9.31 19.29 39.17
C SER N 30 7.97 18.95 39.79
N SER N 31 7.98 18.34 40.97
CA SER N 31 6.78 18.05 41.73
C SER N 31 6.79 18.87 43.02
N TYR N 32 5.63 19.42 43.37
CA TYR N 32 5.54 20.27 44.54
C TYR N 32 5.86 19.47 45.81
N LEU N 33 6.47 20.15 46.77
CA LEU N 33 7.03 19.48 47.93
C LEU N 33 5.94 18.92 48.83
N ALA N 34 6.29 17.89 49.58
CA ALA N 34 5.37 17.25 50.52
C ALA N 34 5.92 17.40 51.93
N TRP N 35 5.05 17.80 52.86
CA TRP N 35 5.43 18.04 54.24
C TRP N 35 4.95 16.89 55.13
N TYR N 36 5.88 16.32 55.89
CA TYR N 36 5.65 15.16 56.75
C TYR N 36 5.92 15.51 58.20
N GLN N 37 5.16 14.87 59.08
CA GLN N 37 5.29 15.01 60.53
C GLN N 37 5.79 13.71 61.12
N HIS N 38 6.85 13.78 61.91
CA HIS N 38 7.46 12.62 62.54
C HIS N 38 7.52 12.83 64.04
N LYS N 39 6.97 11.87 64.80
CA LYS N 39 6.90 11.79 66.25
C LYS N 39 7.98 10.86 66.78
N PRO N 40 8.51 11.13 67.98
CA PRO N 40 9.51 10.23 68.56
C PRO N 40 8.88 8.90 68.95
N GLY N 41 9.46 7.82 68.46
CA GLY N 41 8.94 6.49 68.73
C GLY N 41 7.70 6.13 67.95
N GLN N 42 7.32 6.93 66.96
CA GLN N 42 6.13 6.68 66.16
C GLN N 42 6.46 6.84 64.69
N ALA N 43 5.73 6.11 63.85
CA ALA N 43 5.95 6.19 62.42
C ALA N 43 5.58 7.59 61.90
N PRO N 44 6.35 8.14 60.98
CA PRO N 44 6.00 9.45 60.42
C PRO N 44 4.69 9.40 59.65
N ARG N 45 3.97 10.52 59.67
CA ARG N 45 2.69 10.63 58.99
C ARG N 45 2.73 11.81 58.03
N LEU N 46 2.06 11.66 56.89
CA LEU N 46 2.01 12.72 55.90
C LEU N 46 1.06 13.81 56.34
N LEU N 47 1.52 15.07 56.24
CA LEU N 47 0.69 16.23 56.57
C LEU N 47 0.11 16.87 55.30
N ILE N 48 0.97 17.29 54.39
CA ILE N 48 0.54 18.01 53.20
C ILE N 48 1.20 17.41 51.96
N TYR N 49 0.43 17.22 50.91
CA TYR N 49 0.95 16.79 49.62
C TYR N 49 0.58 17.82 48.56
N GLY N 50 1.47 18.00 47.60
CA GLY N 50 1.27 19.01 46.57
C GLY N 50 1.53 20.43 47.03
N ALA N 51 2.05 20.62 48.23
CA ALA N 51 2.37 21.89 48.86
C ALA N 51 1.14 22.74 49.18
N SER N 52 -0.05 22.32 48.77
CA SER N 52 -1.26 23.07 49.08
C SER N 52 -2.44 22.21 49.52
N LYS N 53 -2.40 20.89 49.35
CA LYS N 53 -3.53 20.02 49.65
C LYS N 53 -3.31 19.31 50.96
N ARG N 54 -4.33 19.33 51.82
CA ARG N 54 -4.27 18.66 53.10
C ARG N 54 -4.59 17.19 52.97
N ALA N 55 -3.90 16.36 53.74
CA ALA N 55 -4.18 14.93 53.77
C ALA N 55 -5.44 14.66 54.58
N THR N 56 -5.99 13.46 54.39
CA THR N 56 -7.21 13.08 55.09
C THR N 56 -6.96 12.94 56.59
N GLY N 57 -7.92 13.38 57.39
CA GLY N 57 -7.81 13.29 58.83
C GLY N 57 -6.79 14.22 59.45
N ILE N 58 -6.50 15.33 58.79
CA ILE N 58 -5.50 16.29 59.25
C ILE N 58 -6.22 17.56 59.66
N PRO N 59 -5.89 18.14 60.83
CA PRO N 59 -6.58 19.36 61.25
C PRO N 59 -6.32 20.52 60.31
N SER N 60 -7.29 21.45 60.25
CA SER N 60 -7.24 22.56 59.32
C SER N 60 -6.19 23.60 59.67
N ARG N 61 -5.56 23.51 60.84
CA ARG N 61 -4.54 24.48 61.22
C ARG N 61 -3.27 24.37 60.39
N PHE N 62 -3.09 23.27 59.66
CA PHE N 62 -1.92 23.08 58.81
C PHE N 62 -2.23 23.60 57.42
N SER N 63 -1.41 24.53 56.93
CA SER N 63 -1.58 25.10 55.60
C SER N 63 -0.23 25.13 54.90
N GLY N 64 -0.29 25.12 53.56
CA GLY N 64 0.93 25.11 52.77
C GLY N 64 0.87 26.15 51.66
N SER N 65 2.07 26.53 51.21
CA SER N 65 2.20 27.45 50.10
C SER N 65 3.46 27.13 49.32
N GLY N 66 3.41 27.30 48.02
CA GLY N 66 4.56 27.00 47.17
C GLY N 66 4.56 27.86 45.93
N SER N 67 5.76 28.13 45.42
CA SER N 67 5.90 28.98 44.24
C SER N 67 6.89 28.44 43.21
N GLY N 68 7.56 27.32 43.48
CA GLY N 68 8.51 26.73 42.56
C GLY N 68 9.89 26.54 43.17
N THR N 69 10.30 27.43 44.05
CA THR N 69 11.59 27.32 44.71
C THR N 69 11.51 27.37 46.22
N ASP N 70 10.61 28.19 46.77
CA ASP N 70 10.44 28.32 48.21
C ASP N 70 9.08 27.73 48.60
N PHE N 71 9.07 26.86 49.61
CA PHE N 71 7.85 26.22 50.06
C PHE N 71 7.69 26.44 51.56
N SER N 72 6.51 26.87 51.97
CA SER N 72 6.26 27.25 53.35
C SER N 72 5.11 26.43 53.93
N LEU N 73 5.28 26.00 55.18
CA LEU N 73 4.26 25.32 55.96
C LEU N 73 3.92 26.17 57.17
N THR N 74 2.63 26.41 57.38
CA THR N 74 2.14 27.29 58.43
C THR N 74 1.22 26.53 59.36
N ILE N 75 1.42 26.72 60.66
CA ILE N 75 0.59 26.12 61.70
C ILE N 75 -0.09 27.24 62.44
N SER N 76 -1.42 27.20 62.50
CA SER N 76 -2.19 28.29 63.13
C SER N 76 -1.88 28.40 64.61
N SER N 77 -1.84 27.26 65.32
CA SER N 77 -1.59 27.27 66.74
C SER N 77 -0.97 25.94 67.14
N LEU N 78 -0.14 25.98 68.17
CA LEU N 78 0.53 24.78 68.68
C LEU N 78 -0.32 24.10 69.73
N GLU N 79 -0.17 22.79 69.82
CA GLU N 79 -0.87 21.95 70.77
C GLU N 79 0.13 21.00 71.43
N PRO N 80 -0.21 20.46 72.60
CA PRO N 80 0.71 19.50 73.24
C PRO N 80 1.04 18.31 72.38
N GLU N 81 0.13 17.86 71.53
CA GLU N 81 0.37 16.77 70.61
C GLU N 81 1.03 17.21 69.31
N ASP N 82 1.29 18.51 69.15
CA ASP N 82 1.86 19.05 67.92
C ASP N 82 3.39 19.05 67.95
N PHE N 83 4.00 18.90 69.13
CA PHE N 83 5.45 18.95 69.26
C PHE N 83 6.08 17.73 68.60
N ALA N 84 6.70 17.94 67.44
CA ALA N 84 7.32 16.86 66.68
C ALA N 84 8.29 17.48 65.67
N VAL N 85 8.77 16.67 64.75
CA VAL N 85 9.73 17.09 63.73
C VAL N 85 9.01 17.17 62.39
N TYR N 86 9.39 18.15 61.58
CA TYR N 86 8.76 18.38 60.29
C TYR N 86 9.79 18.29 59.17
N TYR N 87 9.41 17.61 58.08
CA TYR N 87 10.28 17.45 56.92
C TYR N 87 9.55 17.90 55.66
N CYS N 88 10.32 18.42 54.70
CA CYS N 88 9.83 18.69 53.36
C CYS N 88 10.61 17.84 52.37
N GLN N 89 9.90 17.17 51.47
CA GLN N 89 10.52 16.21 50.58
C GLN N 89 10.07 16.43 49.14
N HIS N 90 10.89 15.94 48.22
CA HIS N 90 10.70 16.12 46.78
C HIS N 90 11.02 14.81 46.08
N ARG N 91 10.39 14.60 44.93
CA ARG N 91 10.67 13.42 44.11
C ARG N 91 10.75 13.83 42.64
N SER N 92 11.65 13.18 41.91
CA SER N 92 11.81 13.43 40.48
C SER N 92 12.52 12.23 39.86
N ASP N 93 11.86 11.58 38.91
CA ASP N 93 12.45 10.54 38.08
C ASP N 93 13.21 9.50 38.91
N TRP N 94 12.47 8.80 39.76
CA TRP N 94 12.99 7.74 40.60
C TRP N 94 14.08 8.23 41.55
N ARG N 95 14.09 9.52 41.88
CA ARG N 95 15.03 10.07 42.85
C ARG N 95 14.25 10.86 43.89
N THR N 96 14.30 10.42 45.14
CA THR N 96 13.56 11.06 46.23
C THR N 96 14.56 11.69 47.19
N THR N 97 14.39 12.98 47.46
CA THR N 97 15.26 13.72 48.36
C THR N 97 14.45 14.30 49.50
N PHE N 98 14.96 14.17 50.71
CA PHE N 98 14.32 14.68 51.91
C PHE N 98 15.03 15.97 52.35
N GLY N 99 14.64 16.47 53.53
CA GLY N 99 15.29 17.62 54.14
C GLY N 99 15.86 17.25 55.50
N GLN N 100 16.73 18.12 56.00
CA GLN N 100 17.31 17.90 57.32
C GLN N 100 16.25 17.92 58.40
N GLY N 101 15.28 18.81 58.28
CA GLY N 101 14.15 18.84 59.19
C GLY N 101 14.28 19.95 60.22
N THR N 102 13.13 20.43 60.70
CA THR N 102 13.04 21.45 61.72
C THR N 102 12.33 20.89 62.94
N ARG N 103 12.92 21.08 64.11
CA ARG N 103 12.39 20.53 65.35
C ARG N 103 11.49 21.56 66.03
N LEU N 104 10.27 21.15 66.36
CA LEU N 104 9.28 22.01 66.98
C LEU N 104 9.07 21.56 68.43
N GLU N 105 9.26 22.48 69.37
CA GLU N 105 9.16 22.16 70.78
C GLU N 105 8.86 23.45 71.55
N ILE N 106 8.62 23.29 72.84
CA ILE N 106 8.38 24.43 73.72
C ILE N 106 9.70 24.89 74.34
N THR O 59 -36.37 25.58 13.59
CA THR O 59 -37.25 24.83 12.71
C THR O 59 -37.47 25.56 11.39
N SER O 60 -36.38 26.05 10.81
CA SER O 60 -36.47 26.76 9.54
C SER O 60 -36.81 25.79 8.41
N LEU O 61 -37.25 26.36 7.29
CA LEU O 61 -37.66 25.60 6.11
C LEU O 61 -36.89 26.12 4.91
N TYR O 62 -35.86 25.39 4.50
CA TYR O 62 -34.99 25.85 3.43
C TYR O 62 -35.68 25.74 2.08
N LYS O 63 -35.57 26.79 1.27
CA LYS O 63 -36.19 26.86 -0.06
C LYS O 63 -37.70 26.67 0.02
N GLY O 64 -38.30 27.03 1.15
CA GLY O 64 -39.73 26.95 1.32
C GLY O 64 -40.33 25.57 1.31
N VAL O 65 -39.55 24.52 1.02
CA VAL O 65 -40.08 23.17 0.98
C VAL O 65 -39.23 22.16 1.74
N TYR O 66 -37.96 22.43 2.04
CA TYR O 66 -37.05 21.46 2.61
C TYR O 66 -36.79 21.75 4.07
N GLU O 67 -36.76 20.69 4.88
CA GLU O 67 -36.49 20.77 6.31
C GLU O 67 -35.20 20.04 6.63
N LEU O 68 -34.47 20.53 7.62
CA LEU O 68 -33.15 20.02 7.97
C LEU O 68 -33.24 19.18 9.24
N GLN O 69 -32.90 17.90 9.12
CA GLN O 69 -32.73 17.02 10.27
C GLN O 69 -31.28 16.60 10.40
N THR O 70 -30.95 16.05 11.57
CA THR O 70 -29.62 15.55 11.85
C THR O 70 -29.72 14.14 12.43
N LEU O 71 -28.71 13.33 12.13
CA LEU O 71 -28.55 12.02 12.74
C LEU O 71 -27.13 11.87 13.22
N GLU O 72 -26.96 11.15 14.32
CA GLU O 72 -25.64 10.91 14.89
C GLU O 72 -25.44 9.41 15.03
N LEU O 73 -24.36 8.90 14.44
CA LEU O 73 -24.12 7.47 14.40
C LEU O 73 -23.70 6.94 15.76
N ASN O 74 -23.91 5.65 15.97
CA ASN O 74 -23.53 4.95 17.19
C ASN O 74 -22.38 4.02 16.86
N MET O 75 -21.16 4.51 17.01
CA MET O 75 -19.98 3.69 16.76
C MET O 75 -19.86 2.54 17.73
N GLU O 76 -20.47 2.66 18.91
CA GLU O 76 -20.31 1.66 19.95
C GLU O 76 -20.92 0.31 19.58
N THR O 77 -21.53 0.18 18.41
CA THR O 77 -22.02 -1.10 17.92
C THR O 77 -21.00 -1.84 17.05
N LEU O 78 -19.94 -1.17 16.60
CA LEU O 78 -18.85 -1.83 15.88
C LEU O 78 -17.81 -2.42 16.83
N ASN O 79 -18.24 -2.76 18.04
CA ASN O 79 -17.41 -3.10 19.17
C ASN O 79 -17.00 -4.56 19.26
N MET O 80 -17.43 -5.41 18.34
CA MET O 80 -16.79 -6.72 18.18
C MET O 80 -16.38 -7.01 16.75
N THR O 81 -16.12 -5.97 15.96
CA THR O 81 -15.56 -6.14 14.63
C THR O 81 -14.37 -5.20 14.44
N MET O 82 -14.37 -4.09 15.18
CA MET O 82 -13.37 -3.06 15.07
C MET O 82 -12.88 -2.64 16.45
N PRO O 83 -11.65 -2.14 16.56
CA PRO O 83 -11.22 -1.50 17.79
C PRO O 83 -11.72 -0.06 17.88
N LEU O 84 -12.24 0.30 19.04
CA LEU O 84 -12.85 1.61 19.24
C LEU O 84 -11.95 2.45 20.13
N SER O 85 -11.51 3.59 19.64
CA SER O 85 -10.60 4.47 20.38
C SER O 85 -11.32 5.75 20.76
N CYS O 86 -11.15 6.18 22.00
CA CYS O 86 -11.78 7.40 22.48
C CYS O 86 -11.04 7.94 23.68
N THR O 87 -11.30 9.21 23.98
CA THR O 87 -10.52 9.99 24.94
C THR O 87 -11.36 10.31 26.16
N LYS O 88 -10.83 10.03 27.35
CA LYS O 88 -11.53 10.34 28.59
C LYS O 88 -11.29 11.78 29.02
N ASN O 89 -10.03 12.19 29.06
CA ASN O 89 -9.67 13.54 29.50
C ASN O 89 -8.31 13.87 28.89
N ASN O 90 -7.67 14.90 29.44
CA ASN O 90 -6.48 15.46 28.80
C ASN O 90 -5.36 14.42 28.70
N SER O 91 -5.17 13.60 29.72
CA SER O 91 -4.05 12.68 29.77
C SER O 91 -4.41 11.24 29.40
N HIS O 92 -5.64 10.80 29.66
CA HIS O 92 -6.00 9.40 29.47
C HIS O 92 -6.72 9.19 28.14
N HIS O 93 -6.39 8.08 27.48
CA HIS O 93 -6.96 7.73 26.19
C HIS O 93 -7.08 6.21 26.16
N TYR O 94 -8.02 5.69 25.38
CA TYR O 94 -8.27 4.26 25.40
C TYR O 94 -8.55 3.74 24.00
N ILE O 95 -8.12 2.51 23.75
CA ILE O 95 -8.42 1.78 22.53
C ILE O 95 -8.95 0.43 22.98
N MET O 96 -10.27 0.26 22.96
CA MET O 96 -10.89 -0.95 23.48
C MET O 96 -11.17 -1.92 22.35
N VAL O 97 -10.92 -3.19 22.62
CA VAL O 97 -11.24 -4.30 21.72
C VAL O 97 -12.23 -5.21 22.43
N GLY O 98 -13.38 -5.42 21.80
CA GLY O 98 -14.47 -6.18 22.35
C GLY O 98 -15.05 -5.47 23.57
N ASN O 99 -15.73 -6.27 24.38
CA ASN O 99 -16.18 -5.86 25.70
C ASN O 99 -15.30 -6.43 26.80
N GLU O 100 -14.11 -6.90 26.46
CA GLU O 100 -13.20 -7.50 27.43
C GLU O 100 -11.85 -6.80 27.52
N THR O 101 -11.25 -6.39 26.40
CA THR O 101 -9.87 -5.93 26.45
C THR O 101 -9.76 -4.48 26.02
N GLY O 102 -8.65 -3.85 26.40
CA GLY O 102 -8.35 -2.54 25.87
C GLY O 102 -6.94 -2.13 26.22
N LEU O 103 -6.47 -1.10 25.54
CA LEU O 103 -5.18 -0.48 25.80
C LEU O 103 -5.40 0.93 26.34
N GLU O 104 -4.76 1.24 27.46
CA GLU O 104 -4.81 2.57 28.05
C GLU O 104 -3.51 3.31 27.73
N LEU O 105 -3.65 4.49 27.13
CA LEU O 105 -2.54 5.35 26.76
C LEU O 105 -2.59 6.58 27.65
N THR O 106 -1.48 6.84 28.35
CA THR O 106 -1.40 7.97 29.28
C THR O 106 -0.18 8.81 28.93
N LEU O 107 -0.41 10.10 28.70
CA LEU O 107 0.66 11.08 28.62
C LEU O 107 0.95 11.54 30.04
N THR O 108 2.02 11.03 30.63
CA THR O 108 2.31 11.28 32.03
C THR O 108 3.62 12.06 32.18
N ASN O 109 3.72 12.79 33.29
CA ASN O 109 4.80 13.72 33.51
C ASN O 109 5.97 13.00 34.17
N THR O 110 5.73 11.77 34.62
CA THR O 110 6.70 10.90 35.30
C THR O 110 6.56 9.48 34.75
N SER O 111 7.65 8.71 34.84
CA SER O 111 7.72 7.40 34.19
C SER O 111 7.41 6.26 35.15
N ILE O 112 7.30 5.05 34.59
CA ILE O 112 7.11 3.84 35.37
C ILE O 112 8.13 2.75 35.07
N ILE O 113 8.83 2.79 33.93
CA ILE O 113 9.82 1.78 33.59
C ILE O 113 11.20 2.43 33.60
N ASN O 114 12.13 1.82 34.33
CA ASN O 114 13.48 2.35 34.47
C ASN O 114 14.51 1.64 33.61
N HIS O 115 14.41 0.32 33.48
CA HIS O 115 15.40 -0.42 32.69
C HIS O 115 15.28 -0.06 31.21
N LYS O 116 16.42 -0.08 30.53
CA LYS O 116 16.48 0.29 29.12
C LYS O 116 16.48 -0.95 28.24
N PHE O 117 15.39 -1.71 28.33
CA PHE O 117 15.26 -3.01 27.68
C PHE O 117 13.94 -3.12 26.95
N CYS O 118 13.92 -3.96 25.92
CA CYS O 118 12.68 -4.35 25.24
C CYS O 118 12.93 -5.75 24.66
N ASN O 119 12.58 -6.79 25.42
CA ASN O 119 12.64 -8.15 24.91
C ASN O 119 11.36 -8.51 24.17
N LEU O 120 11.31 -8.12 22.90
CA LEU O 120 10.22 -8.53 22.04
C LEU O 120 10.36 -9.98 21.62
N SER O 121 11.59 -10.43 21.37
CA SER O 121 11.81 -11.81 20.91
C SER O 121 11.39 -12.82 21.96
N ASP O 122 11.72 -12.58 23.23
CA ASP O 122 11.31 -13.49 24.29
C ASP O 122 9.80 -13.50 24.43
N ALA O 123 9.17 -12.34 24.31
CA ALA O 123 7.72 -12.27 24.37
C ALA O 123 7.08 -13.07 23.24
N HIS O 124 7.64 -12.97 22.03
CA HIS O 124 7.14 -13.75 20.91
C HIS O 124 7.32 -15.24 21.15
N LYS O 125 8.47 -15.63 21.71
CA LYS O 125 8.70 -17.04 22.02
C LYS O 125 7.72 -17.54 23.07
N LYS O 126 7.49 -16.75 24.12
CA LYS O 126 6.53 -17.09 25.16
C LYS O 126 5.18 -16.47 24.78
N ASN O 127 4.44 -17.20 23.94
CA ASN O 127 3.19 -16.70 23.37
C ASN O 127 2.13 -16.68 24.46
N LEU O 128 2.18 -15.64 25.30
CA LEU O 128 1.25 -15.49 26.41
C LEU O 128 0.39 -14.24 26.33
N TYR O 129 0.75 -13.27 25.50
CA TYR O 129 0.02 -12.00 25.44
C TYR O 129 -1.25 -12.16 24.62
N ASP O 130 -2.00 -11.08 24.50
CA ASP O 130 -3.17 -11.02 23.64
C ASP O 130 -2.74 -10.61 22.24
N HIS O 131 -3.16 -11.37 21.23
CA HIS O 131 -2.73 -11.12 19.86
C HIS O 131 -3.23 -9.77 19.36
N ALA O 132 -4.46 -9.40 19.74
CA ALA O 132 -5.02 -8.14 19.29
C ALA O 132 -4.20 -6.95 19.81
N LEU O 133 -3.88 -6.97 21.10
CA LEU O 133 -3.11 -5.87 21.68
C LEU O 133 -1.71 -5.79 21.10
N MET O 134 -1.08 -6.94 20.90
CA MET O 134 0.25 -6.95 20.28
C MET O 134 0.20 -6.40 18.86
N SER O 135 -0.82 -6.77 18.10
CA SER O 135 -0.97 -6.23 16.75
C SER O 135 -1.17 -4.72 16.80
N ILE O 136 -1.97 -4.24 17.75
CA ILE O 136 -2.23 -2.80 17.84
C ILE O 136 -0.95 -2.05 18.18
N ILE O 137 -0.18 -2.54 19.14
CA ILE O 137 1.05 -1.84 19.52
C ILE O 137 2.08 -1.93 18.40
N SER O 138 2.12 -3.04 17.66
CA SER O 138 3.02 -3.13 16.51
C SER O 138 2.64 -2.13 15.44
N THR O 139 1.34 -1.98 15.16
CA THR O 139 0.90 -0.98 14.20
C THR O 139 1.25 0.42 14.67
N PHE O 140 1.10 0.69 15.97
CA PHE O 140 1.44 2.01 16.49
C PHE O 140 2.93 2.29 16.33
N HIS O 141 3.78 1.35 16.77
CA HIS O 141 5.22 1.59 16.71
C HIS O 141 5.72 1.71 15.29
N LEU O 142 5.23 0.86 14.38
CA LEU O 142 5.71 0.90 13.01
C LEU O 142 5.34 2.21 12.33
N SER O 143 4.23 2.82 12.73
CA SER O 143 3.75 4.05 12.10
C SER O 143 4.57 5.28 12.49
N ILE O 144 5.46 5.17 13.47
CA ILE O 144 6.27 6.31 13.91
C ILE O 144 7.23 6.69 12.79
N PRO O 145 7.22 7.94 12.33
CA PRO O 145 8.09 8.33 11.22
C PRO O 145 9.48 8.74 11.67
N ASN O 146 10.48 8.26 10.93
CA ASN O 146 11.89 8.58 11.17
C ASN O 146 12.30 8.26 12.61
N PHE O 147 11.94 7.06 13.06
CA PHE O 147 12.34 6.59 14.39
C PHE O 147 13.74 6.01 14.30
N ASN O 148 14.71 6.69 14.91
CA ASN O 148 16.10 6.23 14.91
C ASN O 148 16.70 6.07 16.29
N GLN O 149 16.07 6.61 17.34
CA GLN O 149 16.59 6.50 18.70
C GLN O 149 15.88 5.35 19.39
N TYR O 150 16.43 4.13 19.23
CA TYR O 150 15.86 2.97 19.91
C TYR O 150 16.07 3.02 21.41
N GLU O 151 16.90 3.94 21.91
CA GLU O 151 17.12 4.09 23.34
C GLU O 151 15.91 4.67 24.04
N ALA O 152 15.00 5.30 23.31
CA ALA O 152 13.89 6.05 23.90
C ALA O 152 12.66 5.21 24.18
N MET O 153 12.68 3.92 23.85
CA MET O 153 11.53 3.05 24.03
C MET O 153 11.89 1.90 24.94
N SER O 154 11.06 1.65 25.95
CA SER O 154 11.23 0.55 26.88
C SER O 154 9.96 -0.28 26.90
N CYS O 155 10.11 -1.56 27.23
CA CYS O 155 8.99 -2.49 27.18
C CYS O 155 9.05 -3.44 28.38
N ASP O 156 7.89 -4.00 28.68
CA ASP O 156 7.79 -5.07 29.67
C ASP O 156 6.64 -5.98 29.27
N PHE O 157 6.94 -7.28 29.09
CA PHE O 157 5.94 -8.26 28.69
C PHE O 157 5.95 -9.49 29.61
N ASN O 158 6.48 -9.36 30.82
CA ASN O 158 6.57 -10.50 31.73
C ASN O 158 5.17 -10.95 32.16
N GLY O 159 4.89 -12.23 32.01
CA GLY O 159 3.61 -12.79 32.40
C GLY O 159 2.50 -12.60 31.39
N GLY O 160 2.77 -11.97 30.24
CA GLY O 160 1.78 -11.73 29.23
C GLY O 160 1.23 -10.32 29.20
N LYS O 161 1.44 -9.54 30.27
CA LYS O 161 0.98 -8.16 30.30
C LYS O 161 1.94 -7.28 29.52
N ILE O 162 1.40 -6.51 28.59
CA ILE O 162 2.23 -5.62 27.78
C ILE O 162 2.22 -4.23 28.38
N SER O 163 3.39 -3.60 28.41
CA SER O 163 3.52 -2.25 28.94
C SER O 163 4.70 -1.58 28.26
N VAL O 164 4.44 -0.59 27.42
CA VAL O 164 5.50 0.10 26.69
C VAL O 164 5.56 1.55 27.15
N GLN O 165 6.75 2.14 27.05
CA GLN O 165 7.00 3.49 27.53
C GLN O 165 7.92 4.22 26.56
N TYR O 166 7.59 5.46 26.25
CA TYR O 166 8.39 6.32 25.38
C TYR O 166 8.90 7.52 26.17
N ASN O 167 10.21 7.78 26.04
CA ASN O 167 10.89 8.83 26.80
C ASN O 167 10.42 10.22 26.40
N LEU O 168 10.35 10.50 25.09
CA LEU O 168 9.88 11.78 24.57
C LEU O 168 10.62 12.96 25.19
N SER O 169 11.94 12.81 25.36
CA SER O 169 12.75 13.88 25.93
C SER O 169 14.22 13.75 25.58
N CYS O 180 12.95 21.45 16.93
CA CYS O 180 12.06 20.30 16.77
C CYS O 180 12.56 19.35 15.69
N GLY O 181 11.90 18.19 15.57
CA GLY O 181 12.35 17.16 14.66
C GLY O 181 13.06 16.02 15.38
N THR O 182 12.50 15.60 16.50
CA THR O 182 13.08 14.57 17.35
C THR O 182 12.12 13.39 17.45
N VAL O 183 12.47 12.43 18.32
CA VAL O 183 11.63 11.25 18.52
C VAL O 183 10.28 11.64 19.12
N ALA O 184 10.27 12.65 20.00
CA ALA O 184 9.03 13.10 20.59
C ALA O 184 8.05 13.58 19.53
N ASN O 185 8.56 14.29 18.52
CA ASN O 185 7.71 14.75 17.42
C ASN O 185 7.01 13.59 16.75
N GLY O 186 7.77 12.58 16.33
CA GLY O 186 7.17 11.46 15.62
C GLY O 186 6.19 10.67 16.46
N VAL O 187 6.55 10.43 17.72
CA VAL O 187 5.65 9.69 18.60
C VAL O 187 4.37 10.47 18.83
N LEU O 188 4.47 11.80 18.93
CA LEU O 188 3.27 12.62 19.12
C LEU O 188 2.40 12.61 17.86
N GLN O 189 3.00 12.66 16.68
CA GLN O 189 2.21 12.54 15.46
C GLN O 189 1.46 11.22 15.41
N THR O 190 2.15 10.12 15.71
CA THR O 190 1.50 8.82 15.70
C THR O 190 0.39 8.74 16.76
N PHE O 191 0.64 9.31 17.93
CA PHE O 191 -0.36 9.31 19.00
C PHE O 191 -1.60 10.09 18.59
N MET O 192 -1.41 11.29 18.03
CA MET O 192 -2.55 12.10 17.64
C MET O 192 -3.28 11.52 16.44
N ARG O 193 -2.62 10.70 15.63
CA ARG O 193 -3.34 9.99 14.58
C ARG O 193 -4.10 8.79 15.12
N MET O 194 -3.56 8.10 16.12
CA MET O 194 -4.28 7.01 16.78
C MET O 194 -5.56 7.49 17.44
N ALA O 195 -5.42 8.34 18.46
CA ALA O 195 -6.58 8.95 19.12
C ALA O 195 -6.89 10.25 18.38
N TRP O 196 -7.52 10.09 17.21
CA TRP O 196 -7.67 11.21 16.29
C TRP O 196 -8.51 12.34 16.89
N GLY O 197 -9.63 11.98 17.53
CA GLY O 197 -10.52 12.96 18.11
C GLY O 197 -10.30 13.13 19.59
N GLY O 198 -9.99 14.35 20.01
CA GLY O 198 -9.78 14.67 21.40
C GLY O 198 -8.33 14.83 21.82
N SER O 199 -7.38 14.47 20.96
CA SER O 199 -5.97 14.58 21.31
C SER O 199 -5.42 15.99 21.13
N TYR O 200 -6.16 16.89 20.50
CA TYR O 200 -5.66 18.23 20.23
C TYR O 200 -5.46 19.06 21.49
N ILE O 201 -5.98 18.62 22.64
CA ILE O 201 -5.77 19.35 23.88
C ILE O 201 -4.30 19.36 24.26
N ALA O 202 -3.64 18.21 24.15
CA ALA O 202 -2.25 18.06 24.60
C ALA O 202 -1.27 18.86 23.76
N LEU O 203 -1.68 19.33 22.58
CA LEU O 203 -0.80 20.11 21.73
C LEU O 203 -0.50 21.46 22.38
N TRP O 210 7.64 22.09 10.01
CA TRP O 210 6.29 22.57 9.74
C TRP O 210 5.39 22.41 10.96
N ASP O 211 5.07 21.17 11.32
CA ASP O 211 4.25 20.93 12.50
C ASP O 211 5.15 20.65 13.71
N CYS O 212 5.88 19.53 13.66
CA CYS O 212 6.81 19.09 14.71
C CYS O 212 6.31 19.46 16.10
N ILE O 213 5.11 18.99 16.45
CA ILE O 213 4.43 19.47 17.65
C ILE O 213 5.22 19.10 18.90
N MET O 214 5.17 20.00 19.89
CA MET O 214 5.82 19.82 21.17
C MET O 214 4.77 19.78 22.28
N THR O 215 5.07 19.03 23.33
CA THR O 215 4.19 18.93 24.48
C THR O 215 5.03 19.02 25.76
N SER O 216 4.37 19.40 26.84
CA SER O 216 5.01 19.47 28.14
C SER O 216 5.03 18.14 28.88
N TYR O 217 4.35 17.12 28.35
CA TYR O 217 4.38 15.80 28.95
C TYR O 217 5.71 15.12 28.64
N GLN O 218 6.24 14.38 29.61
CA GLN O 218 7.52 13.71 29.44
C GLN O 218 7.37 12.33 28.81
N TYR O 219 6.67 11.42 29.48
CA TYR O 219 6.62 10.03 29.05
C TYR O 219 5.25 9.68 28.49
N LEU O 220 5.25 8.74 27.55
CA LEU O 220 4.02 8.17 27.01
C LEU O 220 3.96 6.69 27.38
N ILE O 221 2.90 6.29 28.06
CA ILE O 221 2.78 4.93 28.59
C ILE O 221 1.59 4.25 27.93
N ILE O 222 1.78 3.01 27.47
CA ILE O 222 0.70 2.19 26.94
C ILE O 222 0.67 0.89 27.72
N GLN O 223 -0.44 0.64 28.42
CA GLN O 223 -0.65 -0.58 29.18
C GLN O 223 -1.96 -1.21 28.74
N ASN O 224 -2.31 -2.36 29.33
CA ASN O 224 -3.61 -2.95 29.05
C ASN O 224 -4.59 -2.59 30.17
N THR O 225 -5.87 -2.86 29.89
CA THR O 225 -6.93 -2.61 30.86
C THR O 225 -8.15 -3.43 30.46
N THR O 226 -9.05 -3.61 31.43
CA THR O 226 -10.32 -4.27 31.18
C THR O 226 -11.29 -3.25 30.58
N TRP O 227 -12.57 -3.59 30.49
CA TRP O 227 -13.56 -2.72 29.88
C TRP O 227 -14.39 -2.03 30.95
N GLU O 228 -14.50 -0.70 30.85
CA GLU O 228 -15.45 0.08 31.62
C GLU O 228 -15.65 1.39 30.88
N ASP O 229 -16.72 2.10 31.24
CA ASP O 229 -17.09 3.32 30.53
C ASP O 229 -16.07 4.41 30.86
N HIS O 230 -15.06 4.56 30.00
CA HIS O 230 -13.96 5.48 30.24
C HIS O 230 -14.24 6.88 29.71
N CYS O 231 -14.46 7.00 28.41
CA CYS O 231 -14.34 8.28 27.73
C CYS O 231 -15.64 9.08 27.78
N GLN O 232 -15.56 10.28 28.32
CA GLN O 232 -16.66 11.23 28.30
C GLN O 232 -16.31 12.51 27.57
N PHE O 233 -15.15 12.59 26.93
CA PHE O 233 -14.79 13.77 26.15
C PHE O 233 -15.03 13.60 24.66
N SER O 234 -14.83 12.39 24.13
CA SER O 234 -15.14 12.10 22.74
C SER O 234 -15.74 10.71 22.65
N ARG O 235 -16.67 10.55 21.71
CA ARG O 235 -17.32 9.27 21.54
C ARG O 235 -16.36 8.25 20.95
N PRO O 236 -16.57 6.96 21.20
CA PRO O 236 -15.73 5.93 20.57
C PRO O 236 -15.82 6.00 19.06
N SER O 237 -14.70 5.67 18.40
CA SER O 237 -14.64 5.76 16.95
C SER O 237 -13.50 4.88 16.46
N PRO O 238 -13.70 4.10 15.39
CA PRO O 238 -12.63 3.26 14.85
C PRO O 238 -11.74 3.95 13.81
N ILE O 239 -11.87 5.26 13.63
CA ILE O 239 -11.23 5.92 12.51
C ILE O 239 -9.73 6.01 12.70
N GLY O 240 -9.27 6.24 13.94
CA GLY O 240 -7.84 6.38 14.16
C GLY O 240 -7.07 5.11 13.84
N TYR O 241 -7.54 3.97 14.35
CA TYR O 241 -6.87 2.71 14.07
C TYR O 241 -6.96 2.35 12.59
N LEU O 242 -8.13 2.55 11.99
CA LEU O 242 -8.28 2.31 10.56
C LEU O 242 -7.44 3.28 9.73
N GLY O 243 -6.97 4.37 10.33
CA GLY O 243 -6.13 5.31 9.64
C GLY O 243 -4.66 4.95 9.72
N LEU O 244 -4.22 4.49 10.89
CA LEU O 244 -2.83 4.09 11.01
C LEU O 244 -2.54 2.77 10.33
N LEU O 245 -3.55 2.04 9.88
CA LEU O 245 -3.31 0.82 9.11
C LEU O 245 -2.64 1.13 7.78
N SER O 246 -3.11 2.18 7.09
CA SER O 246 -2.53 2.54 5.80
C SER O 246 -1.09 3.01 5.94
N GLN O 247 -0.84 3.88 6.93
CA GLN O 247 0.50 4.39 7.18
C GLN O 247 1.13 3.52 8.26
N ARG O 248 1.62 2.36 7.84
CA ARG O 248 2.20 1.38 8.75
C ARG O 248 3.72 1.29 8.64
N THR O 249 4.25 1.07 7.45
CA THR O 249 5.69 1.04 7.24
C THR O 249 6.12 2.10 6.23
N ARG O 250 5.41 3.22 6.19
CA ARG O 250 5.67 4.24 5.18
C ARG O 250 6.99 4.95 5.44
N ASP O 251 7.27 5.30 6.70
CA ASP O 251 8.45 6.06 7.07
C ASP O 251 9.23 5.28 8.13
N ILE O 252 10.16 4.45 7.69
CA ILE O 252 11.06 3.71 8.58
C ILE O 252 12.46 3.78 8.01
N TYR O 253 13.44 4.01 8.88
CA TYR O 253 14.83 4.05 8.47
C TYR O 253 15.40 2.65 8.34
N ILE O 254 16.31 2.49 7.38
CA ILE O 254 16.97 1.21 7.18
C ILE O 254 18.01 1.01 8.27
N SER O 255 17.99 -0.16 8.92
CA SER O 255 18.96 -0.48 9.95
C SER O 255 20.08 -1.39 9.48
N ARG O 256 19.91 -2.05 8.33
CA ARG O 256 20.94 -2.91 7.77
C ARG O 256 20.70 -3.05 6.29
N ARG O 257 21.74 -3.49 5.58
CA ARG O 257 21.65 -3.63 4.13
C ARG O 257 20.64 -4.69 3.72
N LEU O 258 20.63 -5.81 4.43
CA LEU O 258 19.68 -6.90 4.17
C LEU O 258 18.65 -6.93 5.29
N LEU O 259 17.42 -6.51 4.97
CA LEU O 259 16.36 -6.46 5.96
C LEU O 259 15.94 -7.85 6.41
N GLY P 1 -6.29 0.67 -4.89
CA GLY P 1 -7.61 0.24 -5.32
C GLY P 1 -8.71 1.06 -4.72
N THR P 2 -9.96 0.69 -4.99
CA THR P 2 -11.13 1.37 -4.46
C THR P 2 -12.02 0.37 -3.73
N PHE P 3 -12.98 0.90 -2.98
CA PHE P 3 -13.91 0.05 -2.24
C PHE P 3 -14.77 -0.77 -3.19
N THR P 4 -15.13 -1.97 -2.76
CA THR P 4 -15.95 -2.86 -3.56
C THR P 4 -17.17 -3.41 -2.82
N TRP P 5 -17.34 -3.07 -1.55
CA TRP P 5 -18.50 -3.55 -0.80
C TRP P 5 -19.77 -2.88 -1.28
N THR P 6 -20.82 -3.67 -1.46
CA THR P 6 -22.11 -3.19 -1.92
C THR P 6 -23.13 -3.27 -0.81
N LEU P 7 -23.96 -2.23 -0.68
CA LEU P 7 -24.91 -2.14 0.41
C LEU P 7 -26.09 -3.08 0.19
N SER P 8 -26.53 -3.71 1.27
CA SER P 8 -27.65 -4.65 1.22
C SER P 8 -28.96 -3.87 1.21
N ASP P 9 -30.07 -4.57 1.43
CA ASP P 9 -31.39 -3.94 1.46
C ASP P 9 -32.03 -4.02 2.84
N PRO P 16 -37.80 0.28 -1.75
CA PRO P 16 -36.96 -0.67 -2.50
C PRO P 16 -35.70 0.00 -3.07
N GLY P 17 -34.55 -0.62 -2.80
CA GLY P 17 -33.28 -0.10 -3.28
C GLY P 17 -32.58 0.85 -2.34
N GLY P 18 -33.23 1.29 -1.26
CA GLY P 18 -32.62 2.15 -0.28
C GLY P 18 -31.96 1.35 0.83
N TYR P 19 -31.54 2.08 1.86
CA TYR P 19 -30.90 1.47 3.02
C TYR P 19 -31.52 2.04 4.28
N CYS P 20 -31.78 1.17 5.26
CA CYS P 20 -32.43 1.57 6.50
C CYS P 20 -31.51 1.30 7.67
N LEU P 21 -31.20 2.34 8.44
CA LEU P 21 -30.43 2.21 9.66
C LEU P 21 -31.37 1.91 10.82
N THR P 22 -31.09 0.82 11.52
CA THR P 22 -31.92 0.38 12.63
C THR P 22 -31.70 1.27 13.85
N ARG P 23 -32.52 1.06 14.88
CA ARG P 23 -32.43 1.86 16.09
C ARG P 23 -31.14 1.63 16.86
N TRP P 24 -30.39 0.56 16.55
CA TRP P 24 -29.13 0.32 17.23
C TRP P 24 -27.97 1.10 16.60
N MET P 25 -28.07 1.43 15.31
CA MET P 25 -27.02 2.16 14.63
C MET P 25 -27.06 3.66 14.92
N LEU P 26 -28.08 4.14 15.60
CA LEU P 26 -28.19 5.55 15.94
C LEU P 26 -28.38 5.70 17.45
N ILE P 27 -28.10 6.89 17.95
CA ILE P 27 -28.27 7.22 19.36
C ILE P 27 -29.46 8.16 19.49
N GLU P 28 -30.35 7.87 20.44
CA GLU P 28 -31.52 8.70 20.71
C GLU P 28 -32.35 8.91 19.45
N ALA P 29 -32.55 7.83 18.70
CA ALA P 29 -33.31 7.91 17.46
C ALA P 29 -33.87 6.54 17.13
N GLU P 30 -34.90 6.54 16.28
CA GLU P 30 -35.55 5.33 15.83
C GLU P 30 -34.99 4.91 14.47
N LEU P 31 -35.63 3.92 13.85
CA LEU P 31 -35.21 3.46 12.53
C LEU P 31 -35.36 4.58 11.51
N LYS P 32 -34.42 4.66 10.58
CA LYS P 32 -34.37 5.75 9.61
C LYS P 32 -33.99 5.19 8.25
N CYS P 33 -34.85 5.39 7.26
CA CYS P 33 -34.64 4.84 5.93
C CYS P 33 -34.25 5.93 4.93
N PHE P 34 -33.42 5.56 3.95
CA PHE P 34 -33.02 6.43 2.88
C PHE P 34 -33.30 5.74 1.55
N GLY P 35 -33.81 6.51 0.59
CA GLY P 35 -34.31 5.96 -0.65
C GLY P 35 -33.20 5.52 -1.59
N ASN P 36 -33.64 4.94 -2.71
CA ASN P 36 -32.71 4.43 -3.71
C ASN P 36 -31.91 5.56 -4.34
N THR P 37 -32.54 6.71 -4.59
CA THR P 37 -31.87 7.80 -5.28
C THR P 37 -30.70 8.37 -4.48
N ALA P 38 -30.70 8.19 -3.16
CA ALA P 38 -29.60 8.66 -2.33
C ALA P 38 -28.55 7.59 -2.11
N VAL P 39 -28.98 6.35 -1.86
CA VAL P 39 -28.03 5.25 -1.65
C VAL P 39 -27.25 4.96 -2.92
N ALA P 40 -27.87 5.11 -4.09
CA ALA P 40 -27.20 4.84 -5.36
C ALA P 40 -25.98 5.71 -5.57
N LYS P 41 -25.93 6.90 -4.95
CA LYS P 41 -24.75 7.74 -5.07
C LYS P 41 -23.56 7.19 -4.29
N CYS P 42 -23.81 6.28 -3.32
CA CYS P 42 -22.73 5.75 -2.51
C CYS P 42 -21.82 4.80 -3.28
N ASN P 43 -22.23 4.33 -4.46
CA ASN P 43 -21.44 3.37 -5.22
C ASN P 43 -20.53 4.01 -6.25
N GLU P 44 -20.63 5.32 -6.48
CA GLU P 44 -19.74 6.01 -7.41
C GLU P 44 -18.91 7.10 -6.76
N LYS P 45 -19.41 7.76 -5.72
CA LYS P 45 -18.67 8.85 -5.10
C LYS P 45 -17.51 8.29 -4.29
N HIS P 46 -16.32 8.83 -4.52
CA HIS P 46 -15.12 8.41 -3.82
C HIS P 46 -14.83 9.24 -2.58
N ASP P 47 -15.62 10.28 -2.31
CA ASP P 47 -15.34 11.23 -1.25
C ASP P 47 -16.58 11.51 -0.41
N GLU P 48 -17.37 10.49 -0.13
CA GLU P 48 -18.54 10.60 0.74
C GLU P 48 -18.26 9.90 2.05
N GLU P 49 -18.34 10.64 3.15
CA GLU P 49 -18.00 10.10 4.46
C GLU P 49 -19.11 9.20 4.99
N PHE P 50 -20.37 9.62 4.80
CA PHE P 50 -21.50 8.83 5.23
C PHE P 50 -21.54 7.49 4.52
N CYS P 51 -21.20 7.47 3.24
CA CYS P 51 -21.17 6.21 2.50
C CYS P 51 -20.16 5.24 3.10
N ASP P 52 -18.96 5.73 3.44
CA ASP P 52 -17.95 4.88 4.05
C ASP P 52 -18.41 4.33 5.39
N MET P 53 -19.00 5.20 6.22
CA MET P 53 -19.45 4.72 7.53
C MET P 53 -20.61 3.74 7.39
N LEU P 54 -21.49 3.96 6.42
CA LEU P 54 -22.61 3.06 6.20
C LEU P 54 -22.12 1.70 5.69
N ARG P 55 -21.08 1.70 4.86
CA ARG P 55 -20.46 0.45 4.45
C ARG P 55 -19.84 -0.27 5.65
N LEU P 56 -19.20 0.47 6.55
CA LEU P 56 -18.67 -0.15 7.76
C LEU P 56 -19.77 -0.81 8.58
N PHE P 57 -20.88 -0.10 8.76
CA PHE P 57 -22.00 -0.66 9.53
C PHE P 57 -22.58 -1.90 8.85
N ASP P 58 -22.73 -1.86 7.53
CA ASP P 58 -23.25 -3.02 6.81
C ASP P 58 -22.31 -4.22 6.94
N PHE P 59 -21.00 -3.99 6.81
CA PHE P 59 -20.04 -5.08 6.97
C PHE P 59 -20.10 -5.66 8.37
N ASN P 60 -20.21 -4.80 9.39
CA ASN P 60 -20.31 -5.31 10.76
C ASN P 60 -21.57 -6.16 10.92
N LYS P 61 -22.70 -5.69 10.40
CA LYS P 61 -23.94 -6.44 10.53
C LYS P 61 -23.84 -7.81 9.85
N GLN P 62 -23.29 -7.84 8.63
CA GLN P 62 -23.19 -9.10 7.91
C GLN P 62 -22.23 -10.06 8.60
N ALA P 63 -21.10 -9.54 9.10
CA ALA P 63 -20.14 -10.39 9.79
C ALA P 63 -20.75 -10.97 11.07
N ILE P 64 -21.53 -10.18 11.79
CA ILE P 64 -22.21 -10.72 12.97
C ILE P 64 -23.23 -11.78 12.58
N GLN P 65 -24.00 -11.51 11.52
CA GLN P 65 -25.08 -12.43 11.15
C GLN P 65 -24.53 -13.78 10.68
N ARG P 66 -23.50 -13.76 9.83
CA ARG P 66 -23.08 -14.96 9.13
C ARG P 66 -21.92 -15.67 9.82
N LEU P 67 -20.80 -14.97 10.02
CA LEU P 67 -19.64 -15.60 10.65
C LEU P 67 -19.87 -15.81 12.14
N LYS P 68 -19.20 -16.82 12.69
CA LYS P 68 -19.31 -17.13 14.10
C LYS P 68 -18.49 -16.13 14.93
N ALA P 69 -18.86 -16.01 16.19
CA ALA P 69 -18.19 -15.13 17.13
C ALA P 69 -17.51 -15.95 18.21
N GLU P 70 -16.22 -15.72 18.41
CA GLU P 70 -15.46 -16.45 19.42
C GLU P 70 -14.17 -15.71 19.71
N ALA P 71 -13.92 -15.43 21.00
CA ALA P 71 -12.72 -14.78 21.50
C ALA P 71 -12.64 -13.32 21.07
N GLN P 72 -13.57 -12.87 20.22
CA GLN P 72 -13.67 -11.48 19.79
C GLN P 72 -12.35 -10.93 19.26
N THR P 73 -11.49 -11.80 18.74
CA THR P 73 -10.23 -11.39 18.14
C THR P 73 -10.37 -11.17 16.64
N SER P 74 -11.35 -10.37 16.26
CA SER P 74 -11.66 -10.11 14.86
C SER P 74 -10.78 -9.03 14.26
N ILE P 75 -9.63 -8.74 14.86
CA ILE P 75 -8.73 -7.73 14.32
C ILE P 75 -8.19 -8.18 12.96
N GLN P 76 -7.96 -9.49 12.80
CA GLN P 76 -7.48 -10.01 11.52
C GLN P 76 -8.51 -9.76 10.42
N LEU P 77 -9.79 -9.96 10.72
CA LEU P 77 -10.83 -9.78 9.72
C LEU P 77 -10.91 -8.33 9.24
N ILE P 78 -10.88 -7.39 10.18
CA ILE P 78 -10.99 -5.98 9.80
C ILE P 78 -9.71 -5.52 9.10
N ASN P 79 -8.55 -5.98 9.56
CA ASN P 79 -7.31 -5.64 8.88
C ASN P 79 -7.26 -6.22 7.48
N LYS P 80 -7.94 -7.35 7.26
CA LYS P 80 -7.92 -8.00 5.95
C LYS P 80 -8.75 -7.21 4.94
N ALA P 81 -9.87 -6.64 5.36
CA ALA P 81 -10.81 -6.01 4.44
C ALA P 81 -11.10 -4.57 4.82
N VAL P 82 -10.12 -3.86 5.37
CA VAL P 82 -10.32 -2.45 5.70
C VAL P 82 -10.43 -1.61 4.43
N ASN P 83 -9.65 -1.96 3.39
CA ASN P 83 -9.58 -1.16 2.18
C ASN P 83 -10.75 -1.41 1.24
N ALA P 84 -11.52 -2.48 1.45
CA ALA P 84 -12.67 -2.77 0.62
C ALA P 84 -13.94 -2.07 1.09
N LEU P 85 -13.89 -1.37 2.22
CA LEU P 85 -15.06 -0.71 2.80
C LEU P 85 -14.96 0.80 2.79
N ILE P 86 -13.80 1.37 3.10
CA ILE P 86 -13.66 2.82 3.23
C ILE P 86 -12.57 3.32 2.29
N ASN P 87 -12.35 4.63 2.31
CA ASN P 87 -11.28 5.28 1.56
C ASN P 87 -10.37 5.98 2.56
N ASP P 88 -9.13 5.51 2.65
CA ASP P 88 -8.19 6.06 3.64
C ASP P 88 -7.82 7.50 3.31
N GLN P 89 -7.83 7.88 2.03
CA GLN P 89 -7.50 9.24 1.69
C GLN P 89 -8.54 10.24 2.17
N LEU P 90 -9.78 9.78 2.41
CA LEU P 90 -10.79 10.68 2.98
C LEU P 90 -10.42 11.08 4.41
N ILE P 91 -10.08 10.10 5.24
CA ILE P 91 -9.69 10.43 6.61
C ILE P 91 -8.35 11.16 6.62
N MET P 92 -7.49 10.87 5.64
CA MET P 92 -6.26 11.64 5.52
C MET P 92 -6.55 13.11 5.21
N LYS P 93 -7.49 13.35 4.30
CA LYS P 93 -7.88 14.73 3.97
C LYS P 93 -8.46 15.43 5.19
N ASN P 94 -9.28 14.72 5.96
CA ASN P 94 -9.80 15.31 7.19
C ASN P 94 -8.69 15.63 8.17
N HIS P 95 -7.67 14.77 8.24
CA HIS P 95 -6.54 15.01 9.12
C HIS P 95 -5.77 16.26 8.70
N LEU P 96 -5.50 16.41 7.40
CA LEU P 96 -4.85 17.62 6.91
C LEU P 96 -5.69 18.87 7.17
N ARG P 97 -7.00 18.79 6.96
CA ARG P 97 -7.85 19.94 7.22
C ARG P 97 -7.84 20.31 8.70
N ASP P 98 -7.78 19.31 9.58
CA ASP P 98 -7.65 19.58 11.00
C ASP P 98 -6.31 20.24 11.31
N ILE P 99 -5.25 19.81 10.64
CA ILE P 99 -3.93 20.37 10.88
C ILE P 99 -3.90 21.86 10.51
N MET P 100 -4.50 22.21 9.38
CA MET P 100 -4.43 23.58 8.87
C MET P 100 -5.38 24.54 9.59
N GLY P 101 -5.93 24.15 10.73
CA GLY P 101 -6.84 25.03 11.45
C GLY P 101 -8.11 25.33 10.70
N ILE P 102 -8.71 24.33 10.09
CA ILE P 102 -9.94 24.47 9.30
C ILE P 102 -10.96 23.50 9.87
N PRO P 103 -12.25 23.85 9.91
CA PRO P 103 -13.25 22.91 10.40
C PRO P 103 -13.19 21.59 9.64
N TYR P 104 -13.24 20.49 10.38
CA TYR P 104 -13.09 19.16 9.81
C TYR P 104 -14.25 18.28 10.24
N CYS P 105 -14.15 16.98 9.99
CA CYS P 105 -15.23 16.05 10.26
C CYS P 105 -14.69 14.83 11.00
N ASN P 106 -15.24 14.55 12.18
CA ASN P 106 -14.81 13.38 12.93
C ASN P 106 -15.79 12.21 12.80
N TYR P 107 -16.73 12.31 11.86
CA TYR P 107 -17.59 11.19 11.45
C TYR P 107 -18.67 10.87 12.48
N SER P 108 -19.07 11.84 13.29
CA SER P 108 -20.03 11.59 14.36
C SER P 108 -21.44 12.04 14.01
N LYS P 109 -21.59 13.26 13.49
CA LYS P 109 -22.89 13.85 13.24
C LYS P 109 -23.05 14.14 11.76
N TYR P 110 -24.27 13.97 11.25
CA TYR P 110 -24.59 14.18 9.85
C TYR P 110 -25.89 14.97 9.75
N TRP P 111 -26.06 15.68 8.64
CA TRP P 111 -27.27 16.43 8.36
C TRP P 111 -27.76 16.15 6.95
N TYR P 112 -29.06 16.26 6.76
CA TYR P 112 -29.68 16.00 5.46
C TYR P 112 -30.92 16.85 5.32
N LEU P 113 -31.45 16.88 4.10
CA LEU P 113 -32.64 17.67 3.77
C LEU P 113 -33.83 16.75 3.54
N ASN P 114 -34.95 17.07 4.18
CA ASN P 114 -36.21 16.36 4.04
C ASN P 114 -37.17 17.13 3.17
N HIS P 115 -37.89 16.41 2.30
CA HIS P 115 -39.07 16.95 1.64
C HIS P 115 -40.27 16.68 2.54
N THR P 116 -40.89 17.75 3.05
CA THR P 116 -41.89 17.60 4.09
C THR P 116 -43.07 16.76 3.63
N THR P 117 -43.54 16.99 2.40
CA THR P 117 -44.70 16.27 1.90
C THR P 117 -44.31 14.97 1.20
N THR P 118 -43.40 15.04 0.23
CA THR P 118 -43.02 13.84 -0.52
C THR P 118 -42.34 12.81 0.37
N GLY P 119 -41.48 13.26 1.28
CA GLY P 119 -40.72 12.36 2.13
C GLY P 119 -39.35 11.97 1.61
N ARG P 120 -39.03 12.34 0.37
CA ARG P 120 -37.71 12.04 -0.17
C ARG P 120 -36.65 12.90 0.50
N THR P 121 -35.47 12.32 0.69
CA THR P 121 -34.36 12.99 1.36
C THR P 121 -33.13 12.98 0.46
N SER P 122 -32.12 13.71 0.88
CA SER P 122 -30.84 13.77 0.18
C SER P 122 -29.80 12.93 0.94
N LEU P 123 -28.67 12.71 0.29
CA LEU P 123 -27.59 11.96 0.92
C LEU P 123 -27.01 12.77 2.07
N PRO P 124 -26.99 12.25 3.29
CA PRO P 124 -26.50 13.05 4.42
C PRO P 124 -25.06 13.46 4.25
N LYS P 125 -24.75 14.69 4.67
CA LYS P 125 -23.39 15.19 4.75
C LYS P 125 -23.03 15.43 6.21
N CYS P 126 -21.77 15.20 6.54
CA CYS P 126 -21.38 15.21 7.94
C CYS P 126 -21.21 16.63 8.45
N TRP P 127 -21.42 16.79 9.75
CA TRP P 127 -21.39 18.10 10.39
C TRP P 127 -19.95 18.46 10.70
N LEU P 128 -19.54 19.67 10.33
CA LEU P 128 -18.18 20.10 10.60
C LEU P 128 -18.02 20.47 12.07
N VAL P 129 -16.76 20.52 12.51
CA VAL P 129 -16.45 20.72 13.92
C VAL P 129 -15.31 21.73 14.03
N SER P 130 -15.39 22.60 15.03
CA SER P 130 -14.34 23.54 15.36
C SER P 130 -14.31 23.73 16.88
N ASN P 131 -13.12 23.98 17.41
CA ASN P 131 -12.93 24.11 18.86
C ASN P 131 -13.43 22.89 19.63
N GLY P 132 -13.47 21.73 18.97
CA GLY P 132 -14.16 20.59 19.56
C GLY P 132 -15.63 20.84 19.77
N SER P 133 -16.25 21.61 18.88
CA SER P 133 -17.69 21.87 18.95
C SER P 133 -18.22 22.00 17.52
N TYR P 134 -19.49 21.63 17.35
CA TYR P 134 -20.06 21.61 16.02
C TYR P 134 -20.26 23.04 15.49
N LEU P 135 -19.96 23.24 14.21
CA LEU P 135 -20.29 24.49 13.56
C LEU P 135 -21.80 24.67 13.53
N ASN P 136 -22.23 25.93 13.54
CA ASN P 136 -23.66 26.11 13.68
C ASN P 136 -24.26 26.47 12.32
N GLU P 137 -25.56 26.23 12.15
CA GLU P 137 -26.14 26.10 10.81
C GLU P 137 -25.90 27.34 9.95
N THR P 138 -25.74 28.52 10.56
CA THR P 138 -25.52 29.71 9.75
C THR P 138 -24.21 29.64 9.00
N HIS P 139 -23.14 29.16 9.66
CA HIS P 139 -21.80 29.25 9.09
C HIS P 139 -21.58 28.29 7.92
N PHE P 140 -22.50 27.36 7.68
CA PHE P 140 -22.49 26.59 6.43
C PHE P 140 -23.84 26.62 5.75
N SER P 141 -24.66 27.64 6.05
CA SER P 141 -25.99 27.72 5.47
C SER P 141 -25.94 27.71 3.94
N ASP P 142 -25.01 28.47 3.36
CA ASP P 142 -24.83 28.46 1.91
C ASP P 142 -24.71 27.05 1.37
N ASP P 143 -23.88 26.23 2.02
CA ASP P 143 -23.72 24.85 1.62
C ASP P 143 -25.08 24.15 1.55
N ILE P 144 -25.88 24.28 2.61
CA ILE P 144 -27.21 23.69 2.63
C ILE P 144 -28.01 24.14 1.42
N GLU P 145 -27.97 25.46 1.15
CA GLU P 145 -28.67 25.98 -0.02
C GLU P 145 -28.27 25.21 -1.26
N GLN P 146 -26.97 25.07 -1.49
CA GLN P 146 -26.48 24.36 -2.66
C GLN P 146 -27.10 22.97 -2.71
N GLN P 147 -27.07 22.26 -1.59
CA GLN P 147 -27.63 20.92 -1.53
C GLN P 147 -29.06 20.93 -2.04
N ALA P 148 -29.89 21.83 -1.52
CA ALA P 148 -31.28 21.92 -1.97
C ALA P 148 -31.33 22.08 -3.48
N ASP P 149 -30.59 23.07 -4.00
CA ASP P 149 -30.59 23.31 -5.43
C ASP P 149 -30.28 22.02 -6.18
N ASN P 150 -29.26 21.30 -5.73
CA ASN P 150 -28.87 20.07 -6.42
C ASN P 150 -30.06 19.13 -6.53
N MET P 151 -30.72 18.83 -5.42
CA MET P 151 -31.80 17.88 -5.51
C MET P 151 -33.01 18.46 -6.23
N ILE P 152 -33.14 19.79 -6.23
CA ILE P 152 -34.16 20.42 -7.06
C ILE P 152 -33.93 20.05 -8.51
N THR P 153 -32.67 20.11 -8.97
CA THR P 153 -32.36 19.65 -10.31
C THR P 153 -32.70 18.17 -10.46
N GLU P 154 -32.42 17.37 -9.42
CA GLU P 154 -32.78 15.96 -9.48
C GLU P 154 -34.29 15.79 -9.53
N MET P 155 -35.05 16.74 -9.00
CA MET P 155 -36.49 16.69 -9.10
C MET P 155 -36.99 17.07 -10.49
N LEU P 156 -36.15 17.76 -11.28
CA LEU P 156 -36.58 18.19 -12.61
C LEU P 156 -36.82 17.00 -13.52
N GLN P 157 -35.95 16.00 -13.49
CA GLN P 157 -36.13 14.80 -14.30
C GLN P 157 -37.03 13.80 -13.58
N THR Q 2 -29.80 -29.51 8.19
CA THR Q 2 -30.08 -29.07 9.55
C THR Q 2 -31.44 -29.57 10.02
N THR Q 3 -31.50 -29.98 11.29
CA THR Q 3 -32.74 -30.47 11.90
C THR Q 3 -33.13 -29.52 13.03
N LEU Q 4 -34.37 -29.06 13.00
CA LEU Q 4 -34.87 -28.13 14.00
C LEU Q 4 -36.04 -28.77 14.76
N THR Q 5 -36.13 -28.46 16.04
CA THR Q 5 -37.12 -29.07 16.93
C THR Q 5 -37.92 -27.99 17.65
N GLN Q 6 -39.12 -28.35 18.06
CA GLN Q 6 -40.00 -27.48 18.82
C GLN Q 6 -40.08 -27.98 20.27
N SER Q 7 -39.93 -27.05 21.22
CA SER Q 7 -39.83 -27.46 22.62
C SER Q 7 -41.15 -27.93 23.21
N PRO Q 8 -42.29 -27.20 23.09
CA PRO Q 8 -43.48 -27.60 23.86
C PRO Q 8 -44.08 -28.92 23.40
N ALA Q 9 -44.21 -29.11 22.08
CA ALA Q 9 -44.76 -30.29 21.43
C ALA Q 9 -46.26 -30.48 21.69
N THR Q 10 -46.86 -29.63 22.52
CA THR Q 10 -48.29 -29.66 22.80
C THR Q 10 -48.62 -28.42 23.61
N LEU Q 11 -49.88 -27.98 23.50
CA LEU Q 11 -50.31 -26.77 24.22
C LEU Q 11 -51.82 -26.85 24.41
N SER Q 12 -52.23 -27.21 25.63
CA SER Q 12 -53.63 -27.17 26.02
C SER Q 12 -53.88 -25.83 26.70
N VAL Q 13 -54.35 -24.86 25.91
CA VAL Q 13 -54.51 -23.49 26.36
C VAL Q 13 -55.96 -23.06 26.14
N SER Q 14 -56.55 -22.42 27.14
CA SER Q 14 -57.91 -21.93 27.02
C SER Q 14 -57.95 -20.67 26.14
N PRO Q 15 -59.06 -20.43 25.46
CA PRO Q 15 -59.17 -19.22 24.64
C PRO Q 15 -59.14 -17.96 25.48
N GLY Q 16 -58.57 -16.90 24.90
CA GLY Q 16 -58.56 -15.61 25.55
C GLY Q 16 -57.18 -15.02 25.80
N GLU Q 17 -56.22 -15.86 26.17
CA GLU Q 17 -54.88 -15.40 26.51
C GLU Q 17 -53.89 -15.78 25.42
N THR Q 18 -52.68 -15.23 25.56
CA THR Q 18 -51.64 -15.39 24.54
C THR Q 18 -51.08 -16.81 24.56
N ALA Q 19 -50.44 -17.18 23.45
CA ALA Q 19 -49.77 -18.45 23.30
C ALA Q 19 -48.37 -18.21 22.75
N THR Q 20 -47.39 -18.94 23.28
CA THR Q 20 -45.99 -18.79 22.90
C THR Q 20 -45.46 -20.12 22.40
N LEU Q 21 -44.81 -20.10 21.24
CA LEU Q 21 -44.25 -21.29 20.60
C LEU Q 21 -42.77 -21.04 20.34
N SER Q 22 -41.95 -22.05 20.57
CA SER Q 22 -40.50 -21.93 20.41
C SER Q 22 -40.01 -22.86 19.32
N CYS Q 23 -38.94 -22.45 18.65
CA CYS Q 23 -38.34 -23.24 17.58
C CYS Q 23 -36.83 -23.10 17.66
N ARG Q 24 -36.15 -24.23 17.81
CA ARG Q 24 -34.69 -24.28 17.97
C ARG Q 24 -34.08 -24.91 16.73
N ALA Q 25 -33.05 -24.27 16.19
CA ALA Q 25 -32.38 -24.74 14.98
C ALA Q 25 -31.05 -25.39 15.32
N SER Q 26 -30.66 -26.37 14.50
CA SER Q 26 -29.39 -27.06 14.72
C SER Q 26 -28.21 -26.13 14.46
N GLN Q 27 -28.25 -25.39 13.36
CA GLN Q 27 -27.19 -24.46 13.00
C GLN Q 27 -27.76 -23.06 12.85
N ASN Q 28 -26.91 -22.14 12.41
CA ASN Q 28 -27.32 -20.76 12.23
C ASN Q 28 -28.25 -20.62 11.03
N VAL Q 29 -29.41 -20.00 11.25
CA VAL Q 29 -30.38 -19.71 10.19
C VAL Q 29 -30.77 -18.25 10.37
N ILE Q 30 -30.13 -17.36 9.62
CA ILE Q 30 -30.37 -15.92 9.76
C ILE Q 30 -31.71 -15.59 9.12
N ASN Q 31 -32.68 -15.21 9.95
CA ASN Q 31 -34.00 -14.68 9.59
C ASN Q 31 -34.58 -15.33 8.33
N ASN Q 32 -34.42 -16.64 8.22
CA ASN Q 32 -34.90 -17.38 7.05
C ASN Q 32 -35.86 -18.47 7.50
N LEU Q 33 -36.78 -18.12 8.40
CA LEU Q 33 -37.69 -19.09 8.99
C LEU Q 33 -39.10 -18.88 8.45
N ALA Q 34 -39.92 -19.91 8.56
CA ALA Q 34 -41.31 -19.84 8.16
C ALA Q 34 -42.17 -20.60 9.15
N TRP Q 35 -43.30 -19.99 9.52
CA TRP Q 35 -44.30 -20.60 10.37
C TRP Q 35 -45.57 -20.85 9.57
N TYR Q 36 -46.02 -22.09 9.56
CA TYR Q 36 -47.27 -22.47 8.91
C TYR Q 36 -48.26 -23.00 9.94
N GLN Q 37 -49.54 -22.91 9.60
CA GLN Q 37 -50.59 -23.53 10.39
C GLN Q 37 -51.36 -24.50 9.52
N GLN Q 38 -51.81 -25.59 10.13
CA GLN Q 38 -52.56 -26.65 9.45
C GLN Q 38 -53.79 -26.96 10.28
N LYS Q 39 -54.96 -26.63 9.74
CA LYS Q 39 -56.22 -26.98 10.39
C LYS Q 39 -56.48 -28.47 10.25
N PRO Q 40 -57.29 -29.05 11.13
CA PRO Q 40 -57.62 -30.47 11.00
C PRO Q 40 -58.29 -30.77 9.66
N GLY Q 41 -57.67 -31.66 8.90
CA GLY Q 41 -58.16 -32.00 7.58
C GLY Q 41 -58.09 -30.88 6.57
N GLN Q 42 -57.02 -30.11 6.59
CA GLN Q 42 -56.83 -29.01 5.65
C GLN Q 42 -55.36 -28.88 5.29
N ALA Q 43 -55.10 -28.28 4.14
CA ALA Q 43 -53.73 -28.07 3.70
C ALA Q 43 -53.10 -26.93 4.51
N PRO Q 44 -51.80 -27.02 4.78
CA PRO Q 44 -51.13 -25.95 5.52
C PRO Q 44 -51.12 -24.66 4.73
N ARG Q 45 -51.10 -23.54 5.46
CA ARG Q 45 -51.02 -22.22 4.87
C ARG Q 45 -49.90 -21.43 5.52
N LEU Q 46 -49.29 -20.55 4.75
CA LEU Q 46 -48.15 -19.78 5.22
C LEU Q 46 -48.61 -18.65 6.13
N LEU Q 47 -48.21 -18.70 7.40
CA LEU Q 47 -48.52 -17.64 8.35
C LEU Q 47 -47.43 -16.58 8.38
N ILE Q 48 -46.19 -17.00 8.64
CA ILE Q 48 -45.06 -16.08 8.76
C ILE Q 48 -43.99 -16.52 7.79
N TYR Q 49 -43.56 -15.62 6.92
CA TYR Q 49 -42.40 -15.84 6.06
C TYR Q 49 -41.32 -14.86 6.47
N GLY Q 50 -40.08 -15.34 6.56
CA GLY Q 50 -39.03 -14.59 7.22
C GLY Q 50 -39.17 -14.72 8.72
N ALA Q 51 -38.26 -14.06 9.44
CA ALA Q 51 -38.27 -14.16 10.89
C ALA Q 51 -39.50 -13.52 11.49
N SER Q 52 -39.80 -12.28 11.11
CA SER Q 52 -40.85 -11.49 11.76
C SER Q 52 -41.66 -10.72 10.75
N THR Q 53 -42.05 -11.37 9.65
CA THR Q 53 -42.87 -10.74 8.62
C THR Q 53 -44.13 -11.57 8.40
N ARG Q 54 -45.28 -10.93 8.44
CA ARG Q 54 -46.56 -11.59 8.25
C ARG Q 54 -46.90 -11.72 6.78
N ALA Q 55 -47.50 -12.84 6.41
CA ALA Q 55 -47.97 -13.02 5.05
C ALA Q 55 -49.22 -12.18 4.79
N THR Q 56 -49.56 -12.04 3.52
CA THR Q 56 -50.74 -11.24 3.16
C THR Q 56 -52.01 -11.92 3.65
N GLY Q 57 -52.92 -11.12 4.20
CA GLY Q 57 -54.18 -11.62 4.70
C GLY Q 57 -54.12 -12.25 6.08
N ILE Q 58 -52.99 -12.21 6.75
CA ILE Q 58 -52.84 -12.80 8.08
C ILE Q 58 -53.19 -11.75 9.13
N PRO Q 59 -54.09 -12.05 10.06
CA PRO Q 59 -54.40 -11.09 11.12
C PRO Q 59 -53.21 -10.84 12.02
N ALA Q 60 -53.19 -9.64 12.62
CA ALA Q 60 -52.07 -9.19 13.44
C ALA Q 60 -51.94 -9.95 14.75
N ARG Q 61 -52.80 -10.94 15.02
CA ARG Q 61 -52.66 -11.72 16.25
C ARG Q 61 -51.35 -12.50 16.28
N PHE Q 62 -50.96 -13.07 15.15
CA PHE Q 62 -49.71 -13.81 15.07
C PHE Q 62 -48.54 -12.86 14.88
N SER Q 63 -47.43 -13.14 15.56
CA SER Q 63 -46.23 -12.33 15.43
C SER Q 63 -45.01 -13.20 15.66
N GLY Q 64 -44.08 -13.18 14.71
CA GLY Q 64 -42.84 -13.92 14.83
C GLY Q 64 -41.71 -13.05 15.37
N SER Q 65 -40.71 -13.71 15.95
CA SER Q 65 -39.56 -13.01 16.49
C SER Q 65 -38.40 -14.00 16.60
N GLY Q 66 -37.22 -13.46 16.83
CA GLY Q 66 -36.03 -14.26 16.99
C GLY Q 66 -35.14 -14.22 15.76
N SER Q 67 -34.01 -14.93 15.86
CA SER Q 67 -33.01 -14.94 14.80
C SER Q 67 -32.00 -16.03 15.13
N GLY Q 68 -31.00 -16.16 14.25
CA GLY Q 68 -29.92 -17.10 14.46
C GLY Q 68 -30.40 -18.52 14.62
N THR Q 69 -30.34 -19.01 15.86
CA THR Q 69 -30.83 -20.33 16.20
C THR Q 69 -32.22 -20.31 16.83
N GLU Q 70 -32.55 -19.27 17.59
CA GLU Q 70 -33.73 -19.27 18.45
C GLU Q 70 -34.84 -18.44 17.82
N PHE Q 71 -36.03 -19.02 17.71
CA PHE Q 71 -37.17 -18.30 17.16
C PHE Q 71 -38.40 -18.54 18.02
N THR Q 72 -39.30 -17.56 18.02
CA THR Q 72 -40.54 -17.64 18.80
C THR Q 72 -41.70 -17.11 17.97
N LEU Q 73 -42.89 -17.65 18.25
CA LEU Q 73 -44.13 -17.20 17.65
C LEU Q 73 -45.13 -16.91 18.77
N THR Q 74 -45.77 -15.74 18.71
CA THR Q 74 -46.66 -15.30 19.76
C THR Q 74 -48.04 -14.98 19.17
N ILE Q 75 -49.08 -15.50 19.80
CA ILE Q 75 -50.46 -15.22 19.44
C ILE Q 75 -51.09 -14.45 20.59
N SER Q 76 -51.57 -13.24 20.30
CA SER Q 76 -52.07 -12.37 21.37
C SER Q 76 -53.45 -12.80 21.84
N SER Q 77 -54.43 -12.77 20.94
CA SER Q 77 -55.81 -13.16 21.26
C SER Q 77 -56.10 -14.48 20.56
N MET Q 78 -55.80 -15.58 21.24
CA MET Q 78 -56.01 -16.91 20.68
C MET Q 78 -57.51 -17.23 20.72
N GLN Q 79 -58.06 -17.57 19.56
CA GLN Q 79 -59.49 -17.76 19.40
C GLN Q 79 -59.78 -19.19 18.94
N SER Q 80 -61.06 -19.45 18.63
CA SER Q 80 -61.47 -20.78 18.19
C SER Q 80 -60.82 -21.16 16.87
N GLU Q 81 -60.74 -20.21 15.93
CA GLU Q 81 -60.13 -20.48 14.63
C GLU Q 81 -58.63 -20.70 14.71
N ASP Q 82 -58.00 -20.42 15.84
CA ASP Q 82 -56.56 -20.58 16.00
C ASP Q 82 -56.17 -21.96 16.48
N PHE Q 83 -57.11 -22.88 16.66
CA PHE Q 83 -56.82 -24.25 17.07
C PHE Q 83 -56.37 -25.03 15.84
N ALA Q 84 -55.05 -25.18 15.69
CA ALA Q 84 -54.49 -25.90 14.55
C ALA Q 84 -53.16 -26.51 14.98
N VAL Q 85 -52.40 -27.00 14.01
CA VAL Q 85 -51.06 -27.55 14.24
C VAL Q 85 -50.06 -26.63 13.56
N TYR Q 86 -49.07 -26.17 14.32
CA TYR Q 86 -48.15 -25.15 13.84
C TYR Q 86 -46.80 -25.78 13.51
N TYR Q 87 -46.25 -25.43 12.36
CA TYR Q 87 -45.03 -26.03 11.83
C TYR Q 87 -43.96 -24.97 11.60
N CYS Q 88 -42.73 -25.32 11.94
CA CYS Q 88 -41.56 -24.46 11.81
C CYS Q 88 -40.66 -25.01 10.71
N GLN Q 89 -40.34 -24.19 9.72
CA GLN Q 89 -39.53 -24.61 8.58
C GLN Q 89 -38.38 -23.64 8.37
N GLN Q 90 -37.21 -24.18 8.05
CA GLN Q 90 -36.06 -23.37 7.67
C GLN Q 90 -35.84 -23.48 6.17
N TYR Q 91 -35.51 -22.36 5.53
CA TYR Q 91 -35.19 -22.37 4.11
C TYR Q 91 -33.86 -21.66 3.85
N ASN Q 92 -32.94 -21.71 4.81
CA ASN Q 92 -31.63 -21.13 4.61
C ASN Q 92 -30.74 -22.01 3.74
N ASP Q 93 -30.98 -23.32 3.74
CA ASP Q 93 -30.14 -24.24 2.99
C ASP Q 93 -30.96 -25.46 2.61
N TRP Q 94 -30.41 -26.25 1.69
CA TRP Q 94 -31.03 -27.47 1.21
C TRP Q 94 -30.47 -28.69 1.92
N PRO Q 95 -31.29 -29.70 2.22
CA PRO Q 95 -32.72 -29.75 1.94
C PRO Q 95 -33.55 -28.96 2.95
N ARG Q 96 -34.73 -28.50 2.54
CA ARG Q 96 -35.62 -27.80 3.46
C ARG Q 96 -36.12 -28.75 4.53
N SER Q 97 -36.13 -28.28 5.78
CA SER Q 97 -36.48 -29.10 6.93
C SER Q 97 -37.67 -28.50 7.66
N PHE Q 98 -38.62 -29.35 8.01
CA PHE Q 98 -39.79 -28.95 8.78
C PHE Q 98 -39.62 -29.37 10.24
N GLY Q 99 -40.33 -28.67 11.12
CA GLY Q 99 -40.33 -29.02 12.52
C GLY Q 99 -41.26 -30.18 12.83
N GLN Q 100 -41.12 -30.69 14.06
CA GLN Q 100 -42.01 -31.75 14.51
C GLN Q 100 -43.45 -31.28 14.64
N GLY Q 101 -43.66 -29.98 14.83
CA GLY Q 101 -45.01 -29.44 14.95
C GLY Q 101 -45.58 -29.62 16.34
N THR Q 102 -46.27 -28.59 16.82
CA THR Q 102 -46.94 -28.64 18.12
C THR Q 102 -48.43 -28.35 17.93
N ARG Q 103 -49.25 -29.07 18.67
CA ARG Q 103 -50.71 -28.96 18.55
C ARG Q 103 -51.24 -28.00 19.59
N LEU Q 104 -52.05 -27.04 19.14
CA LEU Q 104 -52.65 -26.04 20.01
C LEU Q 104 -54.12 -26.40 20.17
N ASP Q 105 -54.46 -27.01 21.31
CA ASP Q 105 -55.83 -27.42 21.59
C ASP Q 105 -56.31 -26.90 22.93
N VAL R 2 -54.93 -18.37 -8.76
CA VAL R 2 -53.76 -18.35 -7.90
C VAL R 2 -53.61 -19.72 -7.23
N GLN R 3 -54.73 -20.37 -7.00
CA GLN R 3 -54.73 -21.65 -6.29
C GLN R 3 -54.15 -22.76 -7.17
N LEU R 4 -53.90 -23.90 -6.53
CA LEU R 4 -53.38 -25.09 -7.19
C LEU R 4 -54.34 -26.24 -6.95
N VAL R 5 -54.57 -27.05 -7.98
CA VAL R 5 -55.47 -28.19 -7.91
C VAL R 5 -54.67 -29.46 -8.17
N GLN R 6 -54.79 -30.44 -7.28
CA GLN R 6 -54.00 -31.66 -7.34
C GLN R 6 -54.79 -32.86 -7.85
N SER R 7 -55.87 -32.62 -8.60
CA SER R 7 -56.58 -33.67 -9.32
C SER R 7 -57.09 -34.77 -8.39
N GLY R 8 -57.74 -34.36 -7.30
CA GLY R 8 -58.33 -35.32 -6.39
C GLY R 8 -57.30 -36.23 -5.77
N ALA R 9 -57.65 -37.52 -5.66
CA ALA R 9 -56.77 -38.50 -5.05
C ALA R 9 -57.15 -39.89 -5.53
N GLU R 10 -56.22 -40.83 -5.37
CA GLU R 10 -56.44 -42.20 -5.75
C GLU R 10 -55.55 -43.11 -4.92
N VAL R 11 -55.93 -44.39 -4.85
CA VAL R 11 -55.21 -45.38 -4.08
C VAL R 11 -54.98 -46.61 -4.96
N LYS R 12 -53.97 -47.39 -4.61
CA LYS R 12 -53.61 -48.58 -5.37
C LYS R 12 -52.83 -49.53 -4.48
N LYS R 13 -52.72 -50.78 -4.95
CA LYS R 13 -52.02 -51.80 -4.22
C LYS R 13 -50.51 -51.53 -4.19
N PRO R 14 -49.82 -52.00 -3.16
CA PRO R 14 -48.36 -51.77 -3.10
C PRO R 14 -47.63 -52.44 -4.24
N GLY R 15 -46.54 -51.80 -4.69
CA GLY R 15 -45.74 -52.29 -5.79
C GLY R 15 -46.00 -51.59 -7.11
N ALA R 16 -47.13 -50.90 -7.25
CA ALA R 16 -47.45 -50.17 -8.47
C ALA R 16 -46.72 -48.83 -8.46
N SER R 17 -47.10 -47.94 -9.37
CA SER R 17 -46.53 -46.60 -9.44
C SER R 17 -47.66 -45.57 -9.31
N VAL R 18 -47.35 -44.46 -8.65
CA VAL R 18 -48.32 -43.39 -8.41
C VAL R 18 -47.86 -42.15 -9.17
N LYS R 19 -48.80 -41.52 -9.87
CA LYS R 19 -48.54 -40.31 -10.66
C LYS R 19 -49.50 -39.24 -10.18
N VAL R 20 -48.99 -38.25 -9.45
CA VAL R 20 -49.79 -37.19 -8.86
C VAL R 20 -49.53 -35.90 -9.64
N SER R 21 -50.61 -35.25 -10.08
CA SER R 21 -50.51 -34.06 -10.92
C SER R 21 -51.12 -32.87 -10.20
N CYS R 22 -50.39 -31.76 -10.17
CA CYS R 22 -50.89 -30.49 -9.64
C CYS R 22 -50.83 -29.44 -10.73
N LYS R 23 -51.96 -28.77 -10.97
CA LYS R 23 -52.09 -27.80 -12.04
C LYS R 23 -52.15 -26.39 -11.44
N ALA R 24 -51.28 -25.51 -11.94
CA ALA R 24 -51.21 -24.14 -11.45
C ALA R 24 -51.97 -23.21 -12.39
N SER R 25 -52.55 -22.17 -11.80
CA SER R 25 -53.30 -21.18 -12.57
C SER R 25 -53.30 -19.86 -11.81
N GLY R 26 -53.63 -18.79 -12.53
CA GLY R 26 -53.71 -17.47 -11.94
C GLY R 26 -52.40 -16.72 -11.83
N TYR R 27 -51.30 -17.30 -12.32
CA TYR R 27 -50.00 -16.64 -12.28
C TYR R 27 -49.13 -17.24 -13.36
N THR R 28 -48.03 -16.56 -13.66
CA THR R 28 -47.12 -17.03 -14.69
C THR R 28 -46.35 -18.25 -14.18
N PHE R 29 -46.56 -19.40 -14.83
CA PHE R 29 -46.02 -20.66 -14.33
C PHE R 29 -44.49 -20.67 -14.36
N THR R 30 -43.89 -20.11 -15.40
CA THR R 30 -42.45 -20.24 -15.59
C THR R 30 -41.63 -19.44 -14.59
N LYS R 31 -42.25 -18.55 -13.81
CA LYS R 31 -41.51 -17.74 -12.84
C LYS R 31 -41.37 -18.42 -11.48
N TYR R 32 -42.13 -19.47 -11.21
CA TYR R 32 -42.13 -20.12 -9.90
C TYR R 32 -41.91 -21.61 -10.07
N GLY R 33 -41.13 -22.20 -9.17
CA GLY R 33 -40.99 -23.64 -9.12
C GLY R 33 -42.00 -24.28 -8.18
N ILE R 34 -42.00 -25.60 -8.19
CA ILE R 34 -42.96 -26.41 -7.44
C ILE R 34 -42.21 -27.28 -6.45
N SER R 35 -42.61 -27.24 -5.19
CA SER R 35 -42.07 -28.09 -4.15
C SER R 35 -43.13 -29.12 -3.74
N TRP R 36 -42.67 -30.29 -3.34
CA TRP R 36 -43.55 -31.39 -2.98
C TRP R 36 -43.33 -31.76 -1.51
N VAL R 37 -44.42 -31.83 -0.75
CA VAL R 37 -44.36 -32.13 0.68
C VAL R 37 -45.22 -33.35 0.97
N ARG R 38 -44.67 -34.30 1.70
CA ARG R 38 -45.37 -35.53 2.07
C ARG R 38 -45.65 -35.52 3.55
N GLN R 39 -46.89 -35.80 3.93
CA GLN R 39 -47.31 -35.87 5.33
C GLN R 39 -47.94 -37.23 5.58
N ALA R 40 -47.27 -38.07 6.37
CA ALA R 40 -47.82 -39.36 6.71
C ALA R 40 -49.01 -39.19 7.66
N PRO R 41 -49.97 -40.10 7.64
CA PRO R 41 -51.12 -40.00 8.55
C PRO R 41 -50.68 -40.03 9.99
N GLY R 42 -50.97 -38.94 10.71
CA GLY R 42 -50.59 -38.80 12.09
C GLY R 42 -49.21 -38.24 12.33
N GLN R 43 -48.42 -38.03 11.28
CA GLN R 43 -47.07 -37.50 11.40
C GLN R 43 -47.01 -36.09 10.82
N GLY R 44 -45.85 -35.45 11.00
CA GLY R 44 -45.64 -34.11 10.51
C GLY R 44 -45.26 -34.07 9.05
N LEU R 45 -45.03 -32.85 8.57
CA LEU R 45 -44.67 -32.63 7.18
C LEU R 45 -43.26 -33.15 6.89
N GLU R 46 -43.02 -33.50 5.63
CA GLU R 46 -41.72 -33.99 5.20
C GLU R 46 -41.46 -33.50 3.79
N TRP R 47 -40.28 -32.93 3.56
CA TRP R 47 -39.93 -32.36 2.27
C TRP R 47 -39.42 -33.45 1.32
N MET R 48 -39.86 -33.37 0.06
CA MET R 48 -39.47 -34.34 -0.96
C MET R 48 -38.53 -33.76 -2.00
N GLY R 49 -38.91 -32.66 -2.64
CA GLY R 49 -38.07 -32.08 -3.66
C GLY R 49 -38.67 -30.80 -4.19
N TRP R 50 -37.89 -30.15 -5.07
CA TRP R 50 -38.27 -28.88 -5.67
C TRP R 50 -37.78 -28.84 -7.11
N ILE R 51 -38.69 -28.55 -8.03
CA ILE R 51 -38.38 -28.50 -9.46
C ILE R 51 -38.72 -27.11 -9.99
N SER R 52 -37.77 -26.50 -10.70
CA SER R 52 -37.99 -25.18 -11.27
C SER R 52 -38.73 -25.31 -12.60
N ALA R 53 -39.81 -24.54 -12.74
CA ALA R 53 -40.58 -24.55 -13.97
C ALA R 53 -39.90 -23.78 -15.10
N PHE R 54 -38.87 -23.01 -14.79
CA PHE R 54 -38.19 -22.23 -15.83
C PHE R 54 -37.43 -23.13 -16.80
N ASN R 55 -36.65 -24.07 -16.27
CA ASN R 55 -35.89 -24.98 -17.12
C ASN R 55 -35.92 -26.44 -16.68
N GLY R 56 -36.47 -26.76 -15.52
CA GLY R 56 -36.53 -28.14 -15.07
C GLY R 56 -35.47 -28.55 -14.08
N TYR R 57 -34.68 -27.61 -13.56
CA TYR R 57 -33.66 -27.95 -12.58
C TYR R 57 -34.31 -28.50 -11.32
N THR R 58 -33.80 -29.63 -10.82
CA THR R 58 -34.41 -30.33 -9.71
C THR R 58 -33.44 -30.46 -8.55
N ARG R 59 -33.94 -30.19 -7.35
CA ARG R 59 -33.26 -30.52 -6.11
C ARG R 59 -34.08 -31.60 -5.41
N TYR R 60 -33.44 -32.73 -5.13
CA TYR R 60 -34.11 -33.89 -4.56
C TYR R 60 -33.76 -34.05 -3.09
N GLY R 61 -34.62 -34.77 -2.38
CA GLY R 61 -34.32 -35.12 -1.01
C GLY R 61 -33.20 -36.13 -0.90
N GLN R 62 -32.64 -36.23 0.30
CA GLN R 62 -31.53 -37.15 0.52
C GLN R 62 -31.95 -38.60 0.29
N ARG R 63 -33.14 -38.97 0.76
CA ARG R 63 -33.61 -40.35 0.68
C ARG R 63 -34.64 -40.57 -0.41
N PHE R 64 -34.80 -39.61 -1.33
CA PHE R 64 -35.80 -39.72 -2.38
C PHE R 64 -35.22 -39.76 -3.78
N GLN R 65 -33.89 -39.73 -3.93
CA GLN R 65 -33.29 -39.82 -5.25
C GLN R 65 -33.51 -41.21 -5.84
N GLY R 66 -33.94 -41.25 -7.10
CA GLY R 66 -34.18 -42.51 -7.77
C GLY R 66 -35.56 -43.06 -7.51
N LYS R 67 -35.99 -43.03 -6.25
CA LYS R 67 -37.32 -43.54 -5.89
C LYS R 67 -38.42 -42.62 -6.38
N VAL R 68 -38.19 -41.31 -6.34
CA VAL R 68 -39.19 -40.30 -6.63
C VAL R 68 -38.66 -39.38 -7.73
N THR R 69 -39.51 -39.07 -8.71
CA THR R 69 -39.13 -38.20 -9.81
C THR R 69 -40.14 -37.08 -9.96
N MET R 70 -39.65 -35.92 -10.40
CA MET R 70 -40.49 -34.75 -10.66
C MET R 70 -40.36 -34.33 -12.12
N THR R 71 -41.49 -33.96 -12.72
CA THR R 71 -41.51 -33.49 -14.09
C THR R 71 -42.40 -32.26 -14.18
N THR R 72 -42.20 -31.47 -15.23
CA THR R 72 -42.97 -30.25 -15.44
C THR R 72 -43.45 -30.19 -16.88
N ASP R 73 -44.52 -29.41 -17.09
CA ASP R 73 -45.10 -29.21 -18.41
C ASP R 73 -45.64 -27.79 -18.45
N THR R 74 -44.89 -26.88 -19.08
CA THR R 74 -45.29 -25.49 -19.16
C THR R 74 -46.37 -25.25 -20.21
N SER R 75 -46.57 -26.20 -21.13
CA SER R 75 -47.63 -26.05 -22.13
C SER R 75 -49.01 -26.02 -21.48
N THR R 76 -49.23 -26.85 -20.47
CA THR R 76 -50.51 -26.92 -19.79
C THR R 76 -50.43 -26.51 -18.32
N ASN R 77 -49.31 -25.92 -17.89
CA ASN R 77 -49.13 -25.44 -16.52
C ASN R 77 -49.36 -26.56 -15.50
N THR R 78 -48.52 -27.59 -15.60
CA THR R 78 -48.71 -28.78 -14.79
C THR R 78 -47.38 -29.24 -14.21
N ALA R 79 -47.41 -29.73 -12.96
CA ALA R 79 -46.27 -30.39 -12.34
C ALA R 79 -46.69 -31.80 -11.96
N SER R 80 -45.80 -32.76 -12.15
CA SER R 80 -46.11 -34.16 -11.95
C SER R 80 -45.07 -34.81 -11.05
N LEU R 81 -45.54 -35.67 -10.16
CA LEU R 81 -44.69 -36.38 -9.21
C LEU R 81 -44.94 -37.87 -9.39
N GLU R 82 -43.86 -38.62 -9.63
CA GLU R 82 -43.96 -40.04 -9.91
C GLU R 82 -43.22 -40.83 -8.83
N VAL R 83 -43.90 -41.83 -8.26
CA VAL R 83 -43.32 -42.74 -7.29
C VAL R 83 -43.40 -44.15 -7.87
N ARG R 84 -42.27 -44.84 -7.91
CA ARG R 84 -42.20 -46.13 -8.59
C ARG R 84 -42.44 -47.31 -7.65
N THR R 85 -41.96 -47.23 -6.41
CA THR R 85 -42.10 -48.32 -5.45
C THR R 85 -42.94 -47.84 -4.28
N LEU R 86 -43.92 -48.65 -3.90
CA LEU R 86 -44.80 -48.34 -2.78
C LEU R 86 -44.58 -49.33 -1.65
N THR R 87 -44.82 -48.86 -0.43
CA THR R 87 -44.61 -49.66 0.77
C THR R 87 -45.65 -49.25 1.79
N SER R 88 -45.83 -50.09 2.81
CA SER R 88 -46.83 -49.83 3.84
C SER R 88 -46.66 -48.47 4.50
N ASN R 89 -45.43 -47.98 4.58
CA ASN R 89 -45.17 -46.66 5.16
C ASN R 89 -45.23 -45.54 4.14
N ASP R 90 -45.46 -45.86 2.86
CA ASP R 90 -45.55 -44.83 1.84
C ASP R 90 -46.93 -44.19 1.75
N THR R 91 -47.93 -44.75 2.40
CA THR R 91 -49.24 -44.10 2.46
C THR R 91 -49.13 -42.76 3.17
N ALA R 92 -49.67 -41.72 2.55
CA ALA R 92 -49.50 -40.36 3.05
C ALA R 92 -50.43 -39.44 2.29
N VAL R 93 -50.25 -38.13 2.51
CA VAL R 93 -50.92 -37.08 1.76
C VAL R 93 -49.84 -36.22 1.13
N TYR R 94 -49.97 -35.96 -0.16
CA TYR R 94 -48.98 -35.21 -0.92
C TYR R 94 -49.52 -33.82 -1.24
N TYR R 95 -48.69 -32.81 -1.03
CA TYR R 95 -49.05 -31.41 -1.23
C TYR R 95 -48.10 -30.79 -2.25
N CYS R 96 -48.69 -30.10 -3.22
CA CYS R 96 -47.97 -29.32 -4.22
C CYS R 96 -47.97 -27.86 -3.80
N ALA R 97 -46.78 -27.28 -3.63
CA ALA R 97 -46.65 -25.91 -3.16
C ALA R 97 -45.84 -25.09 -4.16
N ARG R 98 -46.12 -23.79 -4.22
CA ARG R 98 -45.44 -22.88 -5.12
C ARG R 98 -44.33 -22.17 -4.37
N GLN R 99 -43.12 -22.15 -4.95
CA GLN R 99 -41.97 -21.54 -4.32
C GLN R 99 -41.14 -20.80 -5.35
N TYR R 100 -40.76 -19.58 -5.04
CA TYR R 100 -39.88 -18.84 -5.94
C TYR R 100 -38.45 -19.36 -5.82
N PRO R 101 -37.73 -19.50 -6.93
CA PRO R 101 -36.34 -19.97 -6.85
C PRO R 101 -35.46 -18.98 -6.11
N ASP R 102 -34.49 -19.51 -5.38
CA ASP R 102 -33.54 -18.66 -4.67
C ASP R 102 -32.71 -17.86 -5.67
N GLN R 103 -32.46 -16.60 -5.35
CA GLN R 103 -31.81 -15.68 -6.27
C GLN R 103 -30.46 -15.24 -5.71
N TYR R 104 -29.44 -15.24 -6.56
CA TYR R 104 -28.10 -14.80 -6.20
C TYR R 104 -27.62 -13.80 -7.24
N SER R 105 -26.72 -12.92 -6.83
CA SER R 105 -26.14 -11.94 -7.73
C SER R 105 -24.77 -11.53 -7.21
N SER R 106 -23.96 -10.99 -8.11
CA SER R 106 -22.64 -10.51 -7.72
C SER R 106 -22.75 -9.26 -6.85
N SER R 107 -23.54 -8.29 -7.27
CA SER R 107 -23.75 -7.05 -6.52
C SER R 107 -25.07 -7.18 -5.76
N GLY R 108 -25.04 -7.96 -4.69
CA GLY R 108 -26.23 -8.18 -3.90
C GLY R 108 -26.04 -9.37 -2.98
N TRP R 109 -27.11 -9.68 -2.25
CA TRP R 109 -27.09 -10.75 -1.28
C TRP R 109 -28.19 -11.76 -1.59
N PRO R 110 -28.03 -13.01 -1.17
CA PRO R 110 -29.02 -14.03 -1.51
C PRO R 110 -30.40 -13.68 -1.00
N ARG R 111 -31.41 -14.00 -1.81
CA ARG R 111 -32.81 -13.82 -1.46
C ARG R 111 -33.48 -15.18 -1.52
N LEU R 112 -33.83 -15.73 -0.36
CA LEU R 112 -34.40 -17.06 -0.26
C LEU R 112 -35.89 -16.98 -0.02
N PHE R 113 -36.62 -18.00 -0.46
CA PHE R 113 -38.07 -17.98 -0.46
C PHE R 113 -38.62 -19.26 0.15
N ALA R 114 -39.84 -19.15 0.67
CA ALA R 114 -40.57 -20.28 1.26
C ALA R 114 -41.76 -20.64 0.38
N MET R 115 -42.57 -21.57 0.87
CA MET R 115 -43.74 -22.02 0.12
C MET R 115 -44.90 -21.06 0.35
N ASP R 116 -45.32 -20.37 -0.71
CA ASP R 116 -46.35 -19.35 -0.59
C ASP R 116 -47.74 -19.96 -0.49
N VAL R 117 -48.16 -20.67 -1.53
CA VAL R 117 -49.50 -21.24 -1.59
C VAL R 117 -49.39 -22.76 -1.67
N TRP R 118 -50.42 -23.44 -1.19
CA TRP R 118 -50.49 -24.89 -1.19
C TRP R 118 -51.79 -25.33 -1.85
N GLY R 119 -51.73 -26.47 -2.54
CA GLY R 119 -52.93 -27.09 -3.05
C GLY R 119 -53.52 -28.07 -2.05
N GLN R 120 -54.75 -28.49 -2.32
CA GLN R 120 -55.38 -29.50 -1.49
C GLN R 120 -54.62 -30.82 -1.60
N GLY R 121 -54.49 -31.51 -0.48
CA GLY R 121 -53.67 -32.71 -0.45
C GLY R 121 -54.28 -33.85 -1.26
N THR R 122 -53.42 -34.70 -1.78
CA THR R 122 -53.83 -35.91 -2.48
C THR R 122 -53.41 -37.11 -1.63
N THR R 123 -54.39 -37.90 -1.20
CA THR R 123 -54.11 -39.01 -0.30
C THR R 123 -53.84 -40.29 -1.08
N VAL R 124 -52.85 -41.05 -0.62
CA VAL R 124 -52.48 -42.33 -1.22
C VAL R 124 -52.34 -43.35 -0.11
N THR R 125 -53.10 -44.44 -0.20
CA THR R 125 -53.04 -45.52 0.77
C THR R 125 -52.78 -46.84 0.04
N VAL R 126 -51.93 -47.68 0.61
CA VAL R 126 -51.62 -48.97 0.03
C VAL R 126 -52.13 -50.09 0.93
C1 NAG S . 11.28 27.91 -3.96
C2 NAG S . 12.25 28.74 -4.78
C3 NAG S . 12.09 30.22 -4.44
C4 NAG S . 10.64 30.66 -4.57
C5 NAG S . 9.69 29.69 -3.87
C6 NAG S . 8.23 29.91 -4.20
C7 NAG S . 14.51 28.16 -5.54
C8 NAG S . 15.87 27.71 -5.13
N2 NAG S . 13.62 28.31 -4.56
O3 NAG S . 12.92 30.98 -5.31
O4 NAG S . 10.51 31.93 -3.96
O5 NAG S . 9.97 28.33 -4.24
O6 NAG S . 7.49 28.70 -4.16
O7 NAG S . 14.23 28.40 -6.71
C1 NAG S . 9.83 32.89 -4.79
C2 NAG S . 8.94 33.72 -3.87
C3 NAG S . 8.21 34.80 -4.66
C4 NAG S . 9.21 35.65 -5.43
C5 NAG S . 10.10 34.75 -6.29
C6 NAG S . 11.20 35.50 -7.01
C7 NAG S . 8.01 32.69 -1.84
C8 NAG S . 9.08 33.40 -1.10
N2 NAG S . 7.98 32.87 -3.16
O3 NAG S . 7.44 35.60 -3.78
O4 NAG S . 8.54 36.58 -6.26
O5 NAG S . 10.74 33.77 -5.47
O6 NAG S . 11.93 34.65 -7.87
O7 NAG S . 7.20 31.96 -1.27
C1 BMA S . 8.52 37.87 -5.61
C2 BMA S . 9.43 38.84 -6.41
C3 BMA S . 9.34 40.25 -5.82
C4 BMA S . 7.87 40.69 -5.65
C5 BMA S . 7.10 39.63 -4.85
C6 BMA S . 5.62 39.97 -4.69
O2 BMA S . 9.01 38.94 -7.76
O3 BMA S . 10.04 41.20 -6.62
O4 BMA S . 7.80 41.94 -4.99
O5 BMA S . 7.19 38.38 -5.53
O6 BMA S . 5.51 41.30 -4.22
C1 NAG T . 29.07 16.38 -16.00
C2 NAG T . 30.36 15.81 -16.58
C3 NAG T . 31.42 15.71 -15.49
C4 NAG T . 31.60 17.04 -14.76
C5 NAG T . 30.25 17.59 -14.31
C6 NAG T . 30.33 19.00 -13.77
C7 NAG T . 30.42 14.23 -18.46
C8 NAG T . 30.10 12.84 -18.91
N2 NAG T . 30.12 14.51 -17.18
O3 NAG T . 32.66 15.33 -16.09
O4 NAG T . 32.42 16.81 -13.63
O5 NAG T . 29.34 17.64 -15.42
O6 NAG T . 29.64 19.11 -12.52
O7 NAG T . 30.92 15.06 -19.20
C1 NAG T . 33.54 17.73 -13.59
C2 NAG T . 34.33 17.46 -12.30
C3 NAG T . 35.51 18.41 -12.17
C4 NAG T . 36.36 18.39 -13.44
C5 NAG T . 35.50 18.53 -14.71
C6 NAG T . 36.28 18.29 -15.98
C7 NAG T . 32.77 18.44 -10.55
C8 NAG T . 32.77 19.79 -11.23
N2 NAG T . 33.50 17.44 -11.10
O3 NAG T . 36.30 18.04 -11.05
O4 NAG T . 37.27 19.48 -13.43
O5 NAG T . 34.41 17.58 -14.71
O6 NAG T . 36.75 16.96 -16.07
O7 NAG T . 32.12 18.26 -9.52
C1 BMA T . 38.57 19.14 -12.92
C2 BMA T . 39.57 20.14 -13.53
C3 BMA T . 40.92 20.12 -12.79
C4 BMA T . 40.74 20.09 -11.27
C5 BMA T . 39.83 18.94 -10.90
C6 BMA T . 39.59 18.86 -9.40
O2 BMA T . 39.07 21.46 -13.42
O3 BMA T . 41.73 21.23 -13.16
O4 BMA T . 41.99 19.93 -10.65
O5 BMA T . 38.56 19.17 -11.50
O6 BMA T . 38.47 19.67 -9.10
C1 MAN T . 42.89 20.77 -13.87
C2 MAN T . 43.88 21.97 -13.98
C3 MAN T . 43.24 23.03 -14.87
C4 MAN T . 42.93 22.43 -16.25
C5 MAN T . 41.97 21.25 -16.07
C6 MAN T . 41.70 20.52 -17.37
O2 MAN T . 45.07 21.57 -14.65
O3 MAN T . 44.06 24.18 -15.01
O4 MAN T . 42.32 23.42 -17.06
O5 MAN T . 42.55 20.28 -15.15
O6 MAN T . 40.72 19.52 -17.12
C1 MAN T . 46.24 22.12 -14.02
C2 MAN T . 47.28 20.96 -13.87
C3 MAN T . 48.57 21.47 -13.20
C4 MAN T . 48.33 22.78 -12.43
C5 MAN T . 46.96 22.72 -11.74
C6 MAN T . 46.71 23.91 -10.82
O2 MAN T . 47.67 20.45 -15.14
O3 MAN T . 49.63 21.62 -14.14
O4 MAN T . 49.35 22.95 -11.45
O5 MAN T . 45.92 22.73 -12.76
O6 MAN T . 47.91 24.16 -10.10
C1 MAN T . 38.61 20.18 -7.76
C2 MAN T . 37.35 19.73 -6.99
C3 MAN T . 36.12 20.45 -7.53
C4 MAN T . 36.34 21.97 -7.55
C5 MAN T . 37.60 22.29 -8.36
C6 MAN T . 37.94 23.76 -8.37
O2 MAN T . 37.43 20.10 -5.60
O3 MAN T . 34.94 20.14 -6.77
O4 MAN T . 35.23 22.61 -8.15
O5 MAN T . 38.72 21.59 -7.78
O6 MAN T . 39.01 23.97 -9.30
C1 NAG U . 33.99 1.74 -16.98
C2 NAG U . 34.28 2.48 -18.30
C3 NAG U . 33.77 1.67 -19.49
C4 NAG U . 34.39 0.27 -19.48
C5 NAG U . 34.13 -0.40 -18.14
C6 NAG U . 34.87 -1.70 -17.99
C7 NAG U . 32.46 4.13 -18.04
C8 NAG U . 32.13 5.58 -18.11
N2 NAG U . 33.74 3.82 -18.30
O3 NAG U . 34.12 2.39 -20.66
O4 NAG U . 33.83 -0.56 -20.50
O5 NAG U . 34.57 0.43 -17.04
O6 NAG U . 35.84 -1.63 -16.97
O7 NAG U . 31.62 3.28 -17.78
C1 NAG U . 34.40 -0.30 -21.83
C2 NAG U . 35.31 -1.43 -22.31
C3 NAG U . 35.97 -1.00 -23.61
C4 NAG U . 34.93 -0.62 -24.65
C5 NAG U . 33.88 0.35 -24.07
C6 NAG U . 32.70 0.57 -24.98
C7 NAG U . 36.50 -3.08 -20.95
C8 NAG U . 35.62 -4.09 -21.61
N2 NAG U . 36.31 -1.81 -21.31
O3 NAG U . 36.81 -2.06 -24.09
O4 NAG U . 35.61 0.08 -25.68
O5 NAG U . 33.35 -0.10 -22.81
O6 NAG U . 32.96 1.66 -25.87
O7 NAG U . 37.34 -3.39 -20.12
C1 BMA U . 35.42 -0.36 -27.04
C2 BMA U . 36.01 0.79 -27.91
C3 BMA U . 36.03 0.44 -29.39
C4 BMA U . 36.61 -0.96 -29.62
C5 BMA U . 35.94 -2.01 -28.72
C6 BMA U . 36.61 -3.37 -28.89
O2 BMA U . 37.36 1.03 -27.56
O3 BMA U . 36.83 1.38 -30.12
O4 BMA U . 36.46 -1.34 -30.98
O5 BMA U . 36.04 -1.59 -27.34
O6 BMA U . 36.19 -4.24 -27.85
C1 MAN U . 36.04 2.50 -30.54
C2 MAN U . 35.97 2.49 -32.10
C3 MAN U . 37.27 3.05 -32.72
C4 MAN U . 37.70 4.36 -32.06
C5 MAN U . 37.85 4.13 -30.56
C6 MAN U . 38.29 5.38 -29.82
O2 MAN U . 34.91 3.30 -32.61
O3 MAN U . 37.13 3.24 -34.13
O4 MAN U . 38.93 4.80 -32.59
O5 MAN U . 36.57 3.73 -30.03
O6 MAN U . 37.27 6.36 -29.97
C1 FUC U . 36.68 -2.80 -17.07
C2 FUC U . 37.77 -2.71 -15.99
C3 FUC U . 37.14 -2.80 -14.61
C4 FUC U . 36.37 -4.11 -14.46
C5 FUC U . 35.34 -4.25 -15.60
C6 FUC U . 34.73 -5.64 -15.66
O2 FUC U . 38.58 -1.55 -16.12
O3 FUC U . 38.16 -2.79 -13.62
O4 FUC U . 37.26 -5.21 -14.47
O5 FUC U . 35.91 -3.99 -16.91
C1 NAG V . 31.71 1.24 11.35
C2 NAG V . 33.01 1.71 10.73
C3 NAG V . 34.09 0.66 10.95
C4 NAG V . 34.28 0.45 12.44
C5 NAG V . 32.95 0.13 13.15
C6 NAG V . 33.05 0.22 14.66
C7 NAG V . 32.98 3.25 8.84
C8 NAG V . 32.76 3.42 7.37
N2 NAG V . 32.85 2.01 9.32
O3 NAG V . 35.30 1.09 10.35
O4 NAG V . 35.21 -0.62 12.62
O5 NAG V . 31.91 1.07 12.77
O6 NAG V . 32.49 -0.89 15.32
O7 NAG V . 33.25 4.20 9.57
C1 NAG V . 36.26 -0.31 13.60
C2 NAG V . 37.15 -1.54 13.69
C3 NAG V . 38.19 -1.33 14.78
C4 NAG V . 38.98 -0.05 14.53
C5 NAG V . 38.06 1.15 14.24
C6 NAG V . 38.81 2.36 13.73
C7 NAG V . 36.35 -3.77 13.08
C8 NAG V . 35.50 -4.93 13.49
N2 NAG V . 36.38 -2.74 13.93
O3 NAG V . 39.06 -2.45 14.81
O4 NAG V . 39.73 0.27 15.71
O5 NAG V . 37.07 0.83 13.24
O6 NAG V . 39.28 3.17 14.79
O7 NAG V . 36.99 -3.75 12.03
C1 BMA V . 41.10 -0.17 15.66
C2 BMA V . 41.97 1.01 16.16
C3 BMA V . 43.43 0.59 16.31
C4 BMA V . 43.55 -0.70 17.12
C5 BMA V . 42.69 -1.80 16.50
C6 BMA V . 42.72 -3.10 17.29
O2 BMA V . 41.54 1.44 17.44
O3 BMA V . 44.20 1.62 16.92
O4 BMA V . 44.90 -1.13 17.15
O5 BMA V . 41.31 -1.33 16.45
O6 BMA V . 41.90 -4.05 16.63
C1 FUC V . 33.41 -2.00 15.32
C2 FUC V . 34.31 -1.98 16.61
C3 FUC V . 33.50 -2.27 17.88
C4 FUC V . 32.69 -3.56 17.72
C5 FUC V . 31.87 -3.51 16.42
C6 FUC V . 31.16 -4.83 16.12
O2 FUC V . 35.08 -0.78 16.74
O3 FUC V . 34.38 -2.46 18.99
O4 FUC V . 33.57 -4.68 17.70
O5 FUC V . 32.69 -3.22 15.27
C1 NAG W . 32.93 -4.56 -6.55
C2 NAG W . 34.06 -4.50 -5.52
C3 NAG W . 35.36 -5.00 -6.13
C4 NAG W . 35.18 -6.38 -6.74
C5 NAG W . 34.00 -6.36 -7.71
C6 NAG W . 33.67 -7.73 -8.28
C7 NAG W . 34.00 -2.88 -3.68
C8 NAG W . 34.22 -1.45 -3.29
N2 NAG W . 34.22 -3.17 -4.97
O3 NAG W . 36.37 -5.05 -5.13
O4 NAG W . 36.38 -6.75 -7.40
O5 NAG W . 32.82 -5.89 -7.07
O6 NAG W . 33.13 -8.58 -7.28
O7 NAG W . 33.64 -3.73 -2.87
C1 NAG W . 36.86 -8.01 -6.88
C2 NAG W . 38.02 -8.46 -7.78
C3 NAG W . 38.53 -9.82 -7.32
C4 NAG W . 38.88 -9.79 -5.83
C5 NAG W . 37.74 -9.20 -5.00
C6 NAG W . 38.12 -8.98 -3.55
C7 NAG W . 36.66 -9.24 -9.68
C8 NAG W . 36.43 -9.11 -11.16
N2 NAG W . 37.64 -8.48 -9.18
O3 NAG W . 39.68 -10.18 -8.08
O4 NAG W . 39.12 -11.12 -5.39
O5 NAG W . 37.32 -7.93 -5.52
O6 NAG W . 39.33 -8.24 -3.45
O7 NAG W . 36.00 -10.01 -9.00
C1 BMA W . 40.51 -11.31 -5.07
C2 BMA W . 40.58 -12.23 -3.83
C3 BMA W . 42.03 -12.62 -3.53
C4 BMA W . 42.73 -13.15 -4.79
C5 BMA W . 42.61 -12.11 -5.93
C6 BMA W . 43.26 -12.58 -7.22
O2 BMA W . 39.87 -13.44 -4.07
O3 BMA W . 42.09 -13.58 -2.50
O4 BMA W . 44.10 -13.38 -4.51
O5 BMA W . 41.22 -11.88 -6.18
O6 BMA W . 42.59 -13.77 -7.63
C1 NAG X . 27.19 16.48 4.27
C2 NAG X . 27.85 17.80 3.79
C3 NAG X . 28.82 18.33 4.85
C4 NAG X . 28.17 18.44 6.21
C5 NAG X . 27.60 17.08 6.60
C6 NAG X . 26.89 17.07 7.93
C7 NAG X . 28.80 18.60 1.67
C8 NAG X . 29.53 18.20 0.41
N2 NAG X . 28.55 17.61 2.54
O3 NAG X . 29.34 19.59 4.45
O4 NAG X . 29.14 18.85 7.17
O5 NAG X . 26.65 16.65 5.61
O6 NAG X . 25.65 17.76 7.87
O7 NAG X . 28.46 19.75 1.89
C1 NAG X . 28.70 19.98 7.96
C2 NAG X . 29.89 20.42 8.84
C3 NAG X . 29.51 21.62 9.69
C4 NAG X . 28.96 22.73 8.83
C5 NAG X . 27.80 22.21 7.96
C6 NAG X . 27.27 23.26 7.00
C7 NAG X . 31.44 18.60 9.38
C8 NAG X . 31.76 17.49 10.34
N2 NAG X . 30.35 19.31 9.66
O3 NAG X . 30.65 22.07 10.42
O4 NAG X . 28.47 23.80 9.66
O5 NAG X . 28.26 21.11 7.17
O6 NAG X . 28.32 23.85 6.25
O7 NAG X . 32.13 18.82 8.39
C1 NAG Y . 10.56 16.16 -20.56
C2 NAG Y . 11.49 16.97 -19.66
C3 NAG Y . 11.96 18.24 -20.37
C4 NAG Y . 12.59 17.89 -21.72
C5 NAG Y . 11.62 17.05 -22.54
C6 NAG Y . 12.22 16.55 -23.83
C7 NAG Y . 11.22 16.77 -17.23
C8 NAG Y . 12.33 15.77 -17.28
N2 NAG Y . 10.85 17.32 -18.40
O3 NAG Y . 12.90 18.91 -19.54
O4 NAG Y . 12.88 19.08 -22.45
O5 NAG Y . 11.21 15.87 -21.80
O6 NAG Y . 13.30 15.67 -23.58
O7 NAG Y . 10.66 17.08 -16.18
C1 NAG Y . 14.24 19.55 -22.24
C2 NAG Y . 14.64 20.43 -23.42
C3 NAG Y . 16.03 21.00 -23.21
C4 NAG Y . 16.13 21.71 -21.86
C5 NAG Y . 15.66 20.78 -20.75
C6 NAG Y . 15.60 21.46 -19.40
C7 NAG Y . 13.85 20.10 -25.72
C8 NAG Y . 13.89 19.22 -26.93
N2 NAG Y . 14.57 19.69 -24.67
O3 NAG Y . 16.33 21.91 -24.26
O4 NAG Y . 17.48 22.08 -21.62
O5 NAG Y . 14.34 20.29 -21.02
O6 NAG Y . 16.89 21.81 -18.93
O7 NAG Y . 13.19 21.14 -25.69
C1 BMA Y . 17.65 23.52 -21.65
C2 BMA Y . 18.72 23.88 -20.58
C3 BMA Y . 19.16 25.35 -20.70
C4 BMA Y . 19.43 25.74 -22.16
C5 BMA Y . 18.22 25.38 -23.03
C6 BMA Y . 18.42 25.76 -24.48
O2 BMA Y . 19.89 23.11 -20.78
O3 BMA Y . 20.32 25.59 -19.90
O4 BMA Y . 19.68 27.13 -22.26
O5 BMA Y . 18.03 23.97 -22.94
O6 BMA Y . 19.79 25.58 -24.80
C1 MAN Y . 20.19 26.83 -19.17
C2 MAN Y . 21.60 27.22 -18.67
C3 MAN Y . 22.06 26.23 -17.61
C4 MAN Y . 21.03 26.21 -16.47
C5 MAN Y . 19.67 25.79 -17.03
C6 MAN Y . 18.57 25.82 -15.98
O2 MAN Y . 21.59 28.48 -18.00
O3 MAN Y . 23.34 26.56 -17.10
O4 MAN Y . 21.44 25.28 -15.48
O5 MAN Y . 19.28 26.70 -18.09
O6 MAN Y . 19.10 25.26 -14.79
C1 MAN Y . 21.74 29.54 -18.96
C2 MAN Y . 22.95 30.39 -18.50
C3 MAN Y . 22.61 31.11 -17.20
C4 MAN Y . 21.27 31.85 -17.29
C5 MAN Y . 20.17 30.89 -17.76
C6 MAN Y . 18.84 31.57 -17.97
O2 MAN Y . 23.24 31.43 -19.45
O3 MAN Y . 23.64 32.00 -16.81
O4 MAN Y . 20.92 32.40 -16.03
O5 MAN Y . 20.56 30.31 -19.01
O6 MAN Y . 17.87 30.56 -18.24
C1 MAN Y . 20.13 26.47 -25.88
C2 MAN Y . 20.80 25.61 -27.00
C3 MAN Y . 22.20 25.16 -26.55
C4 MAN Y . 23.03 26.36 -26.08
C5 MAN Y . 22.28 27.07 -24.94
C6 MAN Y . 23.01 28.30 -24.43
O2 MAN Y . 21.01 26.38 -28.18
O3 MAN Y . 22.88 24.48 -27.59
O4 MAN Y . 24.29 25.91 -25.60
O5 MAN Y . 20.99 27.50 -25.43
O6 MAN Y . 22.42 28.67 -23.18
C1 NAG Z . -7.81 31.95 -24.76
C2 NAG Z . -6.92 32.15 -23.53
C3 NAG Z . -7.39 33.39 -22.76
C4 NAG Z . -7.46 34.60 -23.67
C5 NAG Z . -8.33 34.29 -24.89
C6 NAG Z . -8.34 35.40 -25.92
C7 NAG Z . -5.91 30.64 -21.89
C8 NAG Z . -6.11 29.41 -21.07
N2 NAG Z . -6.94 30.98 -22.68
O3 NAG Z . -6.50 33.63 -21.68
O4 NAG Z . -7.99 35.73 -22.99
O5 NAG Z . -7.81 33.13 -25.57
O6 NAG Z . -7.23 35.32 -26.79
O7 NAG Z . -4.89 31.30 -21.83
C1 NAG Z . -6.97 36.74 -22.92
C2 NAG Z . -7.62 38.12 -22.99
C3 NAG Z . -6.56 39.22 -22.85
C4 NAG Z . -5.70 38.99 -21.63
C5 NAG Z . -5.14 37.57 -21.62
C6 NAG Z . -4.37 37.23 -20.37
C7 NAG Z . -9.71 38.27 -24.28
C8 NAG Z . -10.32 38.47 -25.64
N2 NAG Z . -8.37 38.30 -24.22
O3 NAG Z . -7.20 40.49 -22.77
O4 NAG Z . -4.62 39.91 -21.61
O5 NAG Z . -6.22 36.62 -21.71
O6 NAG Z . -3.09 36.69 -20.67
O7 NAG Z . -10.40 38.10 -23.28
C1 NAG AA . 16.84 10.01 -32.11
C2 NAG AA . 16.95 10.53 -33.55
C3 NAG AA . 18.41 10.49 -34.03
C4 NAG AA . 19.30 11.26 -33.05
C5 NAG AA . 19.15 10.68 -31.66
C6 NAG AA . 19.91 11.47 -30.61
C7 NAG AA . 15.14 10.31 -35.18
C8 NAG AA . 14.97 11.79 -35.05
N2 NAG AA . 16.11 9.76 -34.44
O3 NAG AA . 18.49 11.06 -35.33
O4 NAG AA . 20.66 11.16 -33.47
O5 NAG AA . 17.77 10.73 -31.27
O6 NAG AA . 19.10 12.48 -30.03
O7 NAG AA . 14.43 9.64 -35.93
C1 NAG AA . 21.16 12.49 -33.76
C2 NAG AA . 22.69 12.47 -33.71
C3 NAG AA . 23.25 13.84 -34.10
C4 NAG AA . 22.68 14.29 -35.43
C5 NAG AA . 21.15 14.25 -35.38
C6 NAG AA . 20.51 14.61 -36.70
C7 NAG AA . 23.32 10.80 -32.02
C8 NAG AA . 23.83 10.58 -30.63
N2 NAG AA . 23.17 12.07 -32.40
O3 NAG AA . 24.67 13.77 -34.17
O4 NAG AA . 23.12 15.62 -35.73
O5 NAG AA . 20.71 12.93 -35.05
O6 NAG AA . 20.90 13.72 -37.74
O7 NAG AA . 23.06 9.86 -32.78
C1 BMA AA . 23.96 15.59 -36.90
C2 BMA AA . 24.08 17.03 -37.43
C3 BMA AA . 25.10 17.07 -38.58
C4 BMA AA . 26.41 16.38 -38.20
C5 BMA AA . 26.12 14.95 -37.72
C6 BMA AA . 27.36 14.19 -37.29
O2 BMA AA . 24.56 17.89 -36.42
O3 BMA AA . 25.35 18.41 -39.00
O4 BMA AA . 27.27 16.34 -39.31
O5 BMA AA . 25.23 15.03 -36.58
O6 BMA AA . 27.86 14.78 -36.09
C1 FUC AA . 19.94 13.56 -29.59
C2 FUC AA . 19.51 14.84 -30.36
C3 FUC AA . 18.11 15.30 -29.93
C4 FUC AA . 18.04 15.45 -28.40
C5 FUC AA . 18.51 14.16 -27.72
C6 FUC AA . 18.61 14.27 -26.21
O2 FUC AA . 19.57 14.66 -31.76
O3 FUC AA . 17.81 16.56 -30.50
O4 FUC AA . 18.86 16.54 -27.99
O5 FUC AA . 19.81 13.76 -28.19
C1 NAG BA . 6.20 21.10 -35.66
C2 NAG BA . 6.82 22.23 -34.85
C3 NAG BA . 6.57 23.57 -35.53
C4 NAG BA . 7.02 23.54 -36.98
C5 NAG BA . 6.50 22.29 -37.72
C6 NAG BA . 7.15 22.11 -39.07
C7 NAG BA . 7.08 22.13 -32.41
C8 NAG BA . 8.54 21.94 -32.65
N2 NAG BA . 6.31 22.25 -33.49
O3 NAG BA . 7.25 24.59 -34.83
O4 NAG BA . 6.52 24.69 -37.65
O5 NAG BA . 6.77 21.10 -36.97
O6 NAG BA . 8.48 22.63 -39.07
O7 NAG BA . 6.61 22.16 -31.27
C1 NAG BA . 7.54 25.54 -38.22
C2 NAG BA . 6.81 26.73 -38.85
C3 NAG BA . 7.83 27.70 -39.46
C4 NAG BA . 8.89 28.08 -38.43
C5 NAG BA . 9.50 26.83 -37.81
C6 NAG BA . 10.48 27.12 -36.70
C7 NAG BA . 4.54 26.16 -39.59
C8 NAG BA . 3.70 25.71 -40.74
N2 NAG BA . 5.85 26.31 -39.84
O3 NAG BA . 7.14 28.87 -39.90
O4 NAG BA . 9.92 28.81 -39.08
O5 NAG BA . 8.47 26.00 -37.25
O6 NAG BA . 9.84 27.04 -35.43
O7 NAG BA . 4.07 26.38 -38.47
C1 BMA BA . 9.84 30.22 -38.76
C2 BMA BA . 11.27 30.82 -38.96
C3 BMA BA . 11.25 32.35 -38.88
C4 BMA BA . 10.11 32.95 -39.71
C5 BMA BA . 8.78 32.31 -39.32
C6 BMA BA . 7.62 32.86 -40.12
O2 BMA BA . 11.76 30.49 -40.25
O3 BMA BA . 12.48 32.92 -39.31
O4 BMA BA . 10.04 34.35 -39.50
O5 BMA BA . 8.88 30.89 -39.56
O6 BMA BA . 6.46 32.09 -39.84
C1 MAN BA . 13.41 32.95 -38.22
C2 MAN BA . 13.93 34.41 -38.06
C3 MAN BA . 14.89 34.77 -39.20
C4 MAN BA . 15.97 33.70 -39.37
C5 MAN BA . 15.30 32.34 -39.59
C6 MAN BA . 16.30 31.20 -39.73
O2 MAN BA . 14.68 34.58 -36.86
O3 MAN BA . 15.50 36.05 -39.00
O4 MAN BA . 16.80 34.01 -40.48
O5 MAN BA . 14.47 32.04 -38.45
O6 MAN BA . 16.93 31.00 -38.47
C1 MAN BA . 5.34 32.65 -40.56
C2 MAN BA . 4.05 31.99 -40.00
C3 MAN BA . 3.94 30.53 -40.48
C4 MAN BA . 4.12 30.45 -42.01
C5 MAN BA . 5.47 31.05 -42.39
C6 MAN BA . 5.73 31.03 -43.89
O2 MAN BA . 2.87 32.64 -40.50
O3 MAN BA . 2.72 29.93 -40.09
O4 MAN BA . 4.09 29.09 -42.41
O5 MAN BA . 5.49 32.44 -41.97
O6 MAN BA . 4.88 32.00 -44.50
C1 FUC BA . 9.18 22.09 -40.21
C2 FUC BA . 10.09 23.20 -40.76
C3 FUC BA . 11.18 23.57 -39.73
C4 FUC BA . 11.93 22.31 -39.29
C5 FUC BA . 10.94 21.25 -38.81
C6 FUC BA . 11.58 19.91 -38.49
O2 FUC BA . 9.36 24.36 -41.15
O3 FUC BA . 12.13 24.46 -40.33
O4 FUC BA . 12.70 21.80 -40.37
O5 FUC BA . 9.95 20.99 -39.81
C1 NAG CA . -2.60 -36.34 -5.07
C2 NAG CA . -2.78 -37.55 -4.17
C3 NAG CA . -1.43 -38.11 -3.74
C4 NAG CA . -0.54 -38.37 -4.95
C5 NAG CA . -0.45 -37.11 -5.81
C6 NAG CA . 0.32 -37.30 -7.09
C7 NAG CA . -4.73 -37.81 -2.70
C8 NAG CA . -5.41 -37.33 -1.45
N2 NAG CA . -3.58 -37.21 -2.99
O3 NAG CA . -1.62 -39.32 -3.03
O4 NAG CA . 0.77 -38.74 -4.51
O5 NAG CA . -1.77 -36.68 -6.18
O6 NAG CA . -0.53 -37.66 -8.16
O7 NAG CA . -5.20 -38.70 -3.39
C1 NAG CA . 1.13 -40.04 -5.05
C2 NAG CA . 2.63 -40.05 -5.25
C3 NAG CA . 3.07 -41.40 -5.80
C4 NAG CA . 2.56 -42.54 -4.93
C5 NAG CA . 1.06 -42.41 -4.68
C6 NAG CA . 0.53 -43.42 -3.69
C7 NAG CA . 3.81 -37.95 -5.71
C8 NAG CA . 4.15 -36.93 -6.75
N2 NAG CA . 3.05 -38.98 -6.13
O3 NAG CA . 4.49 -41.45 -5.89
O4 NAG CA . 2.80 -43.79 -5.58
O5 NAG CA . 0.75 -41.10 -4.17
O6 NAG CA . -0.80 -43.79 -3.99
O7 NAG CA . 4.19 -37.85 -4.54
C1 BMA CA . 3.94 -44.47 -5.02
C2 BMA CA . 3.91 -45.90 -5.59
C3 BMA CA . 5.20 -46.67 -5.24
C4 BMA CA . 6.45 -45.82 -5.48
C5 BMA CA . 6.31 -44.46 -4.81
C6 BMA CA . 7.50 -43.56 -5.07
O2 BMA CA . 3.84 -45.87 -7.01
O3 BMA CA . 5.30 -47.87 -6.00
O4 BMA CA . 7.58 -46.49 -4.95
O5 BMA CA . 5.15 -43.82 -5.33
O6 BMA CA . 8.25 -44.11 -6.15
C1 MAN CA . 5.15 -49.02 -5.13
C2 MAN CA . 5.62 -50.26 -5.90
C3 MAN CA . 4.71 -50.42 -7.11
C4 MAN CA . 3.26 -50.61 -6.65
C5 MAN CA . 2.83 -49.40 -5.80
C6 MAN CA . 1.48 -49.58 -5.14
O2 MAN CA . 5.43 -51.42 -5.10
O3 MAN CA . 5.10 -51.50 -7.95
O4 MAN CA . 2.40 -50.71 -7.77
O5 MAN CA . 3.79 -49.17 -4.73
O6 MAN CA . 1.27 -48.50 -4.25
C1 MAN CA . 6.51 -52.38 -5.27
C2 MAN CA . 6.68 -53.11 -3.91
C3 MAN CA . 8.07 -53.74 -3.81
C4 MAN CA . 8.68 -53.97 -5.20
C5 MAN CA . 8.85 -52.63 -5.94
C6 MAN CA . 8.98 -52.79 -7.45
O2 MAN CA . 5.76 -54.20 -3.78
O3 MAN CA . 8.06 -54.95 -3.06
O4 MAN CA . 9.95 -54.59 -5.06
O5 MAN CA . 7.72 -51.74 -5.68
O6 MAN CA . 9.53 -51.58 -7.97
C1 MAN CA . 8.27 -43.20 -7.27
C2 MAN CA . 9.74 -42.71 -7.45
C3 MAN CA . 9.77 -41.31 -8.02
C4 MAN CA . 8.58 -41.07 -8.96
C5 MAN CA . 7.27 -41.12 -8.14
C6 MAN CA . 6.04 -41.44 -8.97
O2 MAN CA . 10.44 -43.53 -8.39
O3 MAN CA . 10.99 -41.03 -8.69
O4 MAN CA . 8.70 -39.82 -9.59
O5 MAN CA . 7.38 -42.11 -7.07
O6 MAN CA . 6.34 -42.58 -9.79
C1 NAG DA . -2.83 -37.04 9.96
C2 NAG DA . -4.16 -37.49 9.35
C3 NAG DA . -5.29 -37.30 10.37
C4 NAG DA . -4.97 -38.06 11.65
C5 NAG DA . -3.65 -37.54 12.21
C6 NAG DA . -3.20 -38.27 13.45
C7 NAG DA . -4.32 -37.30 6.92
C8 NAG DA . -4.70 -36.42 5.77
N2 NAG DA . -4.46 -36.76 8.14
O3 NAG DA . -6.51 -37.75 9.80
O4 NAG DA . -6.01 -37.93 12.61
O5 NAG DA . -2.61 -37.71 11.23
O6 NAG DA . -1.96 -37.78 13.92
O7 NAG DA . -3.90 -38.44 6.76
C1 NAG DA . -6.79 -39.14 12.53
C2 NAG DA . -7.15 -39.65 13.92
C3 NAG DA . -8.01 -40.91 13.81
C4 NAG DA . -9.21 -40.67 12.90
C5 NAG DA . -8.79 -40.06 11.57
C6 NAG DA . -9.96 -39.64 10.72
C7 NAG DA . -5.69 -39.29 15.86
C8 NAG DA . -6.70 -38.27 16.30
N2 NAG DA . -5.96 -39.91 14.71
O3 NAG DA . -8.42 -41.30 15.11
O4 NAG DA . -9.87 -41.90 12.62
O5 NAG DA . -8.00 -38.88 11.79
O6 NAG DA . -10.68 -38.57 11.31
O7 NAG DA . -4.67 -39.52 16.50
C1 BMA DA . -10.93 -42.25 13.55
C2 BMA DA . -11.75 -41.00 13.96
C3 BMA DA . -12.84 -41.43 14.92
C4 BMA DA . -13.70 -42.57 14.33
C5 BMA DA . -12.80 -43.73 13.87
C6 BMA DA . -13.58 -44.83 13.14
O2 BMA DA . -12.41 -40.45 12.83
O3 BMA DA . -13.67 -40.34 15.30
O4 BMA DA . -14.61 -43.04 15.30
O5 BMA DA . -11.80 -43.23 12.97
O6 BMA DA . -14.20 -44.25 12.00
C1 FUC DA . -1.86 -38.09 15.32
C2 FUC DA . -0.39 -37.89 15.76
C3 FUC DA . -0.01 -36.41 15.70
C4 FUC DA . -0.98 -35.60 16.54
C5 FUC DA . -2.42 -35.85 16.08
C6 FUC DA . -3.46 -35.20 16.98
O2 FUC DA . 0.51 -38.69 14.99
O3 FUC DA . 1.29 -36.23 16.24
O4 FUC DA . -0.85 -35.95 17.92
O5 FUC DA . -2.73 -37.27 16.08
C1 NAG EA . 22.55 -23.20 8.91
C2 NAG EA . 22.87 -24.69 8.65
C3 NAG EA . 23.44 -25.33 9.91
C4 NAG EA . 24.65 -24.56 10.42
C5 NAG EA . 24.27 -23.10 10.64
C6 NAG EA . 25.45 -22.24 11.04
C7 NAG EA . 21.78 -26.54 7.48
C8 NAG EA . 20.47 -27.16 7.08
N2 NAG EA . 21.70 -25.41 8.19
O3 NAG EA . 23.81 -26.68 9.63
O4 NAG EA . 25.08 -25.11 11.65
O5 NAG EA . 23.73 -22.52 9.43
O6 NAG EA . 26.42 -22.17 10.01
O7 NAG EA . 22.85 -27.04 7.16
C1 NAG EA . 26.32 -25.86 11.55
C2 NAG EA . 26.36 -26.76 12.79
C3 NAG EA . 27.60 -27.64 12.79
C4 NAG EA . 27.69 -28.42 11.48
C5 NAG EA . 27.63 -27.46 10.30
C6 NAG EA . 27.62 -28.15 8.97
C7 NAG EA . 25.26 -26.00 14.85
C8 NAG EA . 25.37 -25.11 16.06
N2 NAG EA . 26.30 -25.96 14.01
O3 NAG EA . 27.53 -28.54 13.89
O4 NAG EA . 28.84 -29.25 11.40
O5 NAG EA . 26.42 -26.67 10.36
O6 NAG EA . 28.88 -28.03 8.31
O7 NAG EA . 24.29 -26.73 14.67
C1 BMA EA . 30.02 -28.78 12.08
C2 BMA EA . 30.42 -29.85 13.13
C3 BMA EA . 31.75 -29.49 13.78
C4 BMA EA . 32.81 -29.18 12.72
C5 BMA EA . 32.29 -28.08 11.78
C6 BMA EA . 33.29 -27.76 10.67
O2 BMA EA . 30.61 -31.11 12.50
O3 BMA EA . 32.20 -30.52 14.64
O4 BMA EA . 34.01 -28.76 13.35
O5 BMA EA . 31.08 -28.53 11.16
O6 BMA EA . 33.65 -28.97 10.03
C1 FUC EA . 27.66 -22.80 10.43
C2 FUC EA . 28.52 -23.08 9.17
C3 FUC EA . 30.03 -22.94 9.46
C4 FUC EA . 30.37 -23.38 10.89
C5 FUC EA . 29.59 -22.54 11.90
C6 FUC EA . 29.19 -23.30 13.16
O2 FUC EA . 28.14 -22.25 8.07
O3 FUC EA . 30.80 -23.74 8.56
O4 FUC EA . 30.07 -24.77 11.05
O5 FUC EA . 28.36 -21.98 11.35
C1 NAG FA . 6.36 -30.18 14.88
C2 NAG FA . 7.66 -30.92 15.17
C3 NAG FA . 7.47 -31.94 16.28
C4 NAG FA . 6.87 -31.29 17.51
C5 NAG FA . 5.58 -30.58 17.13
C6 NAG FA . 4.94 -29.82 18.27
C7 NAG FA . 9.38 -31.39 13.48
C8 NAG FA . 9.70 -32.14 12.22
N2 NAG FA . 8.14 -31.57 13.96
O3 NAG FA . 8.73 -32.51 16.61
O4 NAG FA . 6.59 -32.27 18.50
O5 NAG FA . 5.85 -29.62 16.10
O6 NAG FA . 5.85 -28.89 18.84
O7 NAG FA . 10.21 -30.67 14.04
C1 NAG FA . 7.32 -31.99 19.71
C2 NAG FA . 6.67 -32.76 20.86
C3 NAG FA . 7.46 -32.52 22.15
C4 NAG FA . 8.93 -32.84 21.96
C5 NAG FA . 9.48 -32.08 20.76
C6 NAG FA . 10.91 -32.47 20.43
C7 NAG FA . 4.27 -33.05 20.50
C8 NAG FA . 2.90 -32.51 20.77
N2 NAG FA . 5.29 -32.36 21.03
O3 NAG FA . 6.91 -33.33 23.19
O4 NAG FA . 9.67 -32.48 23.12
O5 NAG FA . 8.70 -32.37 19.60
O6 NAG FA . 11.43 -31.67 19.37
O7 NAG FA . 4.44 -34.06 19.82
C1 BMA FA . 10.09 -33.66 23.83
C2 BMA FA . 11.43 -33.34 24.53
C3 BMA FA . 11.85 -34.50 25.44
C4 BMA FA . 10.70 -34.93 26.36
C5 BMA FA . 9.46 -35.26 25.52
C6 BMA FA . 8.27 -35.66 26.36
O2 BMA FA . 11.31 -32.20 25.36
O3 BMA FA . 12.99 -34.16 26.22
O4 BMA FA . 11.08 -36.06 27.11
O5 BMA FA . 9.10 -34.08 24.77
O6 BMA FA . 7.86 -34.53 27.12
C1 NAG GA . 2.36 -20.36 -22.43
C2 NAG GA . 1.96 -21.72 -22.99
C3 NAG GA . 2.16 -21.74 -24.50
C4 NAG GA . 1.56 -20.51 -25.17
C5 NAG GA . 1.88 -19.22 -24.41
C6 NAG GA . 1.10 -18.02 -24.90
C7 NAG GA . 2.16 -23.68 -21.53
C8 NAG GA . 3.09 -24.70 -20.97
N2 NAG GA . 2.71 -22.79 -22.36
O3 NAG GA . 1.57 -22.91 -25.04
O4 NAG GA . 2.12 -20.37 -26.47
O5 NAG GA . 1.58 -19.36 -23.02
O6 NAG GA . 1.55 -16.82 -24.29
O7 NAG GA . 0.97 -23.65 -21.26
C1 NAG GA . 1.14 -20.64 -27.48
C2 NAG GA . 1.58 -19.94 -28.76
C3 NAG GA . 0.59 -20.24 -29.88
C4 NAG GA . 0.44 -21.74 -30.06
C5 NAG GA . 0.07 -22.39 -28.72
C6 NAG GA . 0.04 -23.90 -28.78
C7 NAG GA . 2.87 -17.87 -28.53
C8 NAG GA . 2.80 -16.38 -28.31
N2 NAG GA . 1.69 -18.50 -28.55
O3 NAG GA . 1.07 -19.65 -31.08
O4 NAG GA . -0.60 -22.03 -30.99
O5 NAG GA . 1.03 -22.04 -27.71
O6 NAG GA . 1.31 -24.43 -29.13
O7 NAG GA . 3.93 -18.46 -28.68
C1 BMA GA . 0.00 -22.29 -32.28
C2 BMA GA . -0.56 -23.63 -32.83
C3 BMA GA . -0.18 -23.81 -34.30
C4 BMA GA . -0.42 -22.53 -35.12
C5 BMA GA . 0.29 -21.35 -34.44
C6 BMA GA . 0.10 -20.03 -35.18
O2 BMA GA . -1.97 -23.66 -32.76
O3 BMA GA . -0.88 -24.89 -34.89
O4 BMA GA . 0.07 -22.68 -36.43
O5 BMA GA . -0.28 -21.20 -33.15
O6 BMA GA . 0.92 -19.05 -34.55
C1 NAG HA . 9.43 -23.57 -22.78
C2 NAG HA . 9.30 -24.48 -24.01
C3 NAG HA . 10.52 -24.32 -24.92
C4 NAG HA . 10.73 -22.85 -25.26
C5 NAG HA . 10.76 -21.99 -24.00
C6 NAG HA . 10.79 -20.51 -24.30
C7 NAG HA . 10.00 -26.60 -22.95
C8 NAG HA . 9.61 -28.02 -22.68
N2 NAG HA . 9.11 -25.87 -23.63
O3 NAG HA . 10.32 -25.09 -26.09
O4 NAG HA . 11.98 -22.69 -25.92
O5 NAG HA . 9.57 -22.22 -23.21
O6 NAG HA . 9.86 -20.17 -25.32
O7 NAG HA . 11.07 -26.14 -22.58
C1 NAG HA . 11.80 -22.63 -27.34
C2 NAG HA . 12.93 -21.80 -27.94
C3 NAG HA . 12.82 -21.77 -29.47
C4 NAG HA . 12.78 -23.20 -30.00
C5 NAG HA . 11.66 -23.99 -29.33
C6 NAG HA . 11.63 -25.44 -29.72
C7 NAG HA . 13.84 -19.95 -26.60
C8 NAG HA . 13.65 -18.53 -26.15
N2 NAG HA . 12.90 -20.44 -27.41
O3 NAG HA . 13.94 -21.08 -30.01
O4 NAG HA . 12.55 -23.17 -31.41
O5 NAG HA . 11.84 -23.95 -27.90
O6 NAG HA . 11.27 -25.60 -31.09
O7 NAG HA . 14.80 -20.62 -26.24
C1 NAG IA . 15.06 -27.67 -7.35
C2 NAG IA . 15.15 -28.87 -8.29
C3 NAG IA . 16.58 -29.43 -8.30
C4 NAG IA . 17.59 -28.33 -8.61
C5 NAG IA . 17.39 -27.17 -7.64
C6 NAG IA . 18.27 -25.97 -7.95
C7 NAG IA . 13.47 -30.59 -8.79
C8 NAG IA . 12.54 -31.62 -8.22
N2 NAG IA . 14.21 -29.91 -7.91
O3 NAG IA . 16.67 -30.45 -9.29
O4 NAG IA . 18.90 -28.84 -8.46
O5 NAG IA . 16.04 -26.70 -7.72
O6 NAG IA . 18.11 -25.54 -9.29
O7 NAG IA . 13.54 -30.38 -10.01
C1 NAG IA . 19.64 -28.60 -9.68
C2 NAG IA . 20.93 -29.41 -9.62
C3 NAG IA . 21.74 -29.23 -10.90
C4 NAG IA . 20.87 -29.53 -12.11
C5 NAG IA . 19.58 -28.72 -12.06
C6 NAG IA . 18.61 -29.07 -13.18
C7 NAG IA . 21.75 -29.75 -7.32
C8 NAG IA . 22.62 -29.21 -6.23
N2 NAG IA . 21.73 -29.04 -8.46
O3 NAG IA . 22.87 -30.08 -10.87
O4 NAG IA . 21.58 -29.23 -13.30
O5 NAG IA . 18.89 -28.98 -10.83
O6 NAG IA . 18.49 -30.48 -13.32
O7 NAG IA . 21.10 -30.79 -7.20
C1 NAG JA . -14.28 -22.55 -11.23
C2 NAG JA . -12.83 -23.01 -11.28
C3 NAG JA . -12.72 -24.17 -12.26
C4 NAG JA . -13.77 -25.24 -12.01
C5 NAG JA . -15.16 -24.66 -11.71
C6 NAG JA . -16.11 -25.67 -11.11
C7 NAG JA . -10.74 -21.76 -11.08
C8 NAG JA . -9.94 -20.58 -11.58
N2 NAG JA . -11.94 -21.93 -11.64
O3 NAG JA . -11.41 -24.73 -12.17
O4 NAG JA . -13.94 -26.00 -13.20
O5 NAG JA . -15.07 -23.58 -10.76
O6 NAG JA . -16.19 -25.51 -9.69
O7 NAG JA . -10.32 -22.51 -10.21
C1 NAG JA . -13.48 -27.36 -13.09
C2 NAG JA . -14.31 -28.23 -14.03
C3 NAG JA . -13.79 -29.65 -14.03
C4 NAG JA . -12.31 -29.68 -14.37
C5 NAG JA . -11.54 -28.76 -13.42
C6 NAG JA . -10.09 -28.61 -13.80
C7 NAG JA . -16.25 -28.65 -12.56
C8 NAG JA . -17.75 -28.53 -12.44
N2 NAG JA . -15.73 -28.19 -13.70
O3 NAG JA . -14.52 -30.42 -14.98
O4 NAG JA . -11.79 -30.99 -14.26
O5 NAG JA . -12.10 -27.43 -13.45
O6 NAG JA . -9.93 -28.19 -15.13
O7 NAG JA . -15.57 -29.15 -11.67
C1 BMA JA . -11.58 -31.53 -15.58
C2 BMA JA . -10.23 -32.25 -15.57
C3 BMA JA . -10.02 -33.00 -16.89
C4 BMA JA . -11.26 -33.83 -17.26
C5 BMA JA . -12.51 -32.95 -17.24
C6 BMA JA . -13.78 -33.72 -17.56
O2 BMA JA . -10.20 -33.23 -14.54
O3 BMA JA . -8.89 -33.84 -16.81
O4 BMA JA . -11.09 -34.39 -18.56
O5 BMA JA . -12.64 -32.40 -15.93
O6 BMA JA . -14.17 -34.45 -16.40
C1 MAN JA . -8.02 -33.62 -17.94
C2 MAN JA . -6.98 -34.75 -17.95
C3 MAN JA . -6.07 -34.60 -16.74
C4 MAN JA . -5.42 -33.21 -16.74
C5 MAN JA . -6.51 -32.14 -16.72
C6 MAN JA . -5.95 -30.74 -16.85
O2 MAN JA . -6.12 -34.64 -19.08
O3 MAN JA . -5.07 -35.61 -16.70
O4 MAN JA . -4.59 -33.07 -15.60
O5 MAN JA . -7.40 -32.34 -17.86
O6 MAN JA . -5.54 -30.53 -18.19
C1 MAN JA . -6.12 -35.88 -19.80
C2 MAN JA . -4.75 -36.00 -20.49
C3 MAN JA . -4.62 -34.92 -21.55
C4 MAN JA . -5.81 -34.95 -22.52
C5 MAN JA . -7.13 -34.85 -21.73
C6 MAN JA . -8.35 -34.99 -22.61
O2 MAN JA . -4.62 -37.25 -21.18
O3 MAN JA . -3.40 -35.05 -22.28
O4 MAN JA . -5.73 -33.85 -23.42
O5 MAN JA . -7.18 -35.90 -20.74
O6 MAN JA . -9.50 -35.13 -21.77
C1 MAN JA . -14.30 -35.84 -16.72
C2 MAN JA . -13.87 -36.65 -15.47
C3 MAN JA . -13.05 -37.86 -15.88
C4 MAN JA . -13.64 -38.51 -17.12
C5 MAN JA . -13.53 -37.54 -18.32
C6 MAN JA . -14.67 -37.68 -19.31
O2 MAN JA . -15.00 -37.17 -14.77
O3 MAN JA . -12.95 -38.81 -14.83
O4 MAN JA . -12.95 -39.71 -17.43
O5 MAN JA . -13.50 -36.16 -17.86
O6 MAN JA . -14.39 -36.83 -20.42
C1 NAG KA . -23.93 -12.77 -31.00
C2 NAG KA . -22.46 -13.16 -31.10
C3 NAG KA . -21.93 -12.94 -32.51
C4 NAG KA . -22.82 -13.64 -33.54
C5 NAG KA . -24.27 -13.19 -33.34
C6 NAG KA . -25.25 -13.92 -34.25
C7 NAG KA . -20.73 -12.95 -29.36
C8 NAG KA . -20.01 -12.02 -28.44
N2 NAG KA . -21.67 -12.40 -30.14
O3 NAG KA . -20.60 -13.43 -32.61
O4 NAG KA . -22.39 -13.33 -34.86
O5 NAG KA . -24.68 -13.48 -32.00
O6 NAG KA . -25.43 -13.22 -35.47
O7 NAG KA . -20.48 -14.15 -29.40
C1 NAG KA . -22.11 -14.56 -35.57
C2 NAG KA . -21.49 -14.23 -36.93
C3 NAG KA . -21.12 -15.52 -37.67
C4 NAG KA . -20.26 -16.41 -36.78
C5 NAG KA . -20.93 -16.65 -35.44
C6 NAG KA . -20.08 -17.44 -34.47
C7 NAG KA . -23.59 -13.78 -38.17
C8 NAG KA . -24.32 -12.78 -39.00
N2 NAG KA . -22.37 -13.40 -37.74
O3 NAG KA . -20.42 -15.20 -38.86
O4 NAG KA . -20.04 -17.66 -37.42
O5 NAG KA . -21.22 -15.38 -34.81
O6 NAG KA . -20.87 -18.34 -33.71
O7 NAG KA . -24.07 -14.87 -37.89
C1 NAG LA . -22.18 -29.95 -1.75
C2 NAG LA . -23.52 -30.69 -1.80
C3 NAG LA . -23.38 -32.09 -1.19
C4 NAG LA . -22.24 -32.85 -1.86
C5 NAG LA . -20.95 -32.03 -1.75
C6 NAG LA . -19.80 -32.65 -2.52
C7 NAG LA . -24.56 -29.59 0.16
C8 NAG LA . -25.75 -28.81 0.64
N2 NAG LA . -24.57 -29.95 -1.14
O3 NAG LA . -24.60 -32.81 -1.36
O4 NAG LA . -22.07 -34.11 -1.23
O5 NAG LA . -21.16 -30.74 -2.34
O6 NAG LA . -19.81 -32.19 -3.87
O7 NAG LA . -23.63 -29.88 0.90
C1 NAG LA . -22.09 -35.15 -2.25
C2 NAG LA . -21.90 -36.50 -1.58
C3 NAG LA . -21.93 -37.62 -2.62
C4 NAG LA . -23.20 -37.54 -3.45
C5 NAG LA . -23.37 -36.13 -4.03
C6 NAG LA . -24.70 -35.94 -4.74
C7 NAG LA . -19.44 -36.39 -1.33
C8 NAG LA . -18.30 -36.46 -0.35
N2 NAG LA . -20.66 -36.55 -0.80
O3 NAG LA . -21.87 -38.88 -1.96
O4 NAG LA . -23.13 -38.46 -4.54
O5 NAG LA . -23.34 -35.16 -2.97
O6 NAG LA . -24.94 -34.57 -5.03
O7 NAG LA . -19.26 -36.19 -2.52
C1 BMA LA . -24.02 -39.56 -4.27
C2 BMA LA . -24.95 -39.74 -5.52
C3 BMA LA . -25.80 -40.99 -5.36
C4 BMA LA . -24.96 -42.21 -4.95
C5 BMA LA . -24.13 -41.88 -3.70
C6 BMA LA . -23.22 -43.02 -3.27
O2 BMA LA . -24.17 -39.92 -6.69
O3 BMA LA . -26.53 -41.28 -6.55
O4 BMA LA . -25.81 -43.32 -4.66
O5 BMA LA . -23.30 -40.75 -4.01
O6 BMA LA . -22.55 -42.63 -2.08
C1 FUC LA . -18.99 -33.05 -4.69
C2 FUC LA . -19.84 -33.45 -5.91
C3 FUC LA . -20.18 -32.23 -6.78
C4 FUC LA . -18.90 -31.47 -7.16
C5 FUC LA . -18.04 -31.19 -5.91
C6 FUC LA . -16.65 -30.66 -6.26
O2 FUC LA . -21.02 -34.15 -5.55
O3 FUC LA . -20.81 -32.64 -7.99
O4 FUC LA . -18.15 -32.23 -8.10
O5 FUC LA . -17.83 -32.37 -5.10
C1 NAG MA . -29.89 -26.18 -15.32
C2 NAG MA . -28.81 -26.62 -16.30
C3 NAG MA . -29.44 -26.89 -17.66
C4 NAG MA . -30.59 -27.87 -17.54
C5 NAG MA . -31.57 -27.46 -16.44
C6 NAG MA . -32.59 -28.53 -16.12
C7 NAG MA . -26.51 -25.84 -15.96
C8 NAG MA . -26.25 -27.16 -15.31
N2 NAG MA . -27.75 -25.63 -16.41
O3 NAG MA . -28.45 -27.42 -18.54
O4 NAG MA . -31.29 -27.91 -18.78
O5 NAG MA . -30.87 -27.20 -15.20
O6 NAG MA . -32.13 -29.38 -15.07
O7 NAG MA . -25.64 -24.99 -16.07
C1 NAG MA . -31.33 -29.25 -19.29
C2 NAG MA . -31.96 -29.21 -20.68
C3 NAG MA . -32.04 -30.61 -21.26
C4 NAG MA . -30.67 -31.29 -21.22
C5 NAG MA . -30.04 -31.18 -19.83
C6 NAG MA . -28.61 -31.67 -19.80
C7 NAG MA . -33.50 -27.31 -20.89
C8 NAG MA . -34.92 -26.85 -20.80
N2 NAG MA . -33.28 -28.60 -20.63
O3 NAG MA . -32.52 -30.55 -22.60
O4 NAG MA . -30.81 -32.67 -21.54
O5 NAG MA . -30.02 -29.82 -19.38
O6 NAG MA . -27.85 -31.10 -20.85
O7 NAG MA . -32.59 -26.55 -21.19
C1 BMA MA . -30.41 -32.93 -22.89
C2 BMA MA . -29.56 -34.20 -22.87
C3 BMA MA . -29.26 -34.66 -24.32
C4 BMA MA . -30.51 -34.64 -25.24
C5 BMA MA . -31.23 -33.29 -25.10
C6 BMA MA . -32.53 -33.23 -25.90
O2 BMA MA . -30.27 -35.24 -22.21
O3 BMA MA . -28.55 -35.94 -24.36
O4 BMA MA . -30.14 -34.83 -26.59
O5 BMA MA . -31.55 -33.07 -23.72
O6 BMA MA . -33.25 -32.07 -25.48
C1 MAN MA . -29.43 -37.08 -24.53
C2 MAN MA . -29.18 -38.04 -23.32
C3 MAN MA . -27.83 -38.75 -23.47
C4 MAN MA . -27.69 -39.37 -24.87
C5 MAN MA . -27.89 -38.28 -25.93
C6 MAN MA . -27.80 -38.82 -27.34
O2 MAN MA . -30.16 -39.08 -23.27
O3 MAN MA . -27.65 -39.73 -22.46
O4 MAN MA . -26.41 -39.95 -25.01
O5 MAN MA . -29.21 -37.72 -25.76
O6 MAN MA . -28.98 -39.57 -27.61
C1 MAN MA . -34.65 -32.27 -25.77
C2 MAN MA . -35.33 -30.87 -25.81
C3 MAN MA . -35.49 -30.31 -24.40
C4 MAN MA . -36.13 -31.34 -23.46
C5 MAN MA . -35.29 -32.61 -23.46
C6 MAN MA . -35.86 -33.71 -22.58
O2 MAN MA . -36.66 -30.95 -26.35
O3 MAN MA . -36.26 -29.10 -24.39
O4 MAN MA . -36.20 -30.82 -22.14
O5 MAN MA . -35.24 -33.13 -24.81
O6 MAN MA . -34.88 -34.73 -22.45
C1 FUC MA . -31.79 -30.67 -15.63
C2 FUC MA . -30.82 -31.36 -14.63
C3 FUC MA . -31.08 -32.88 -14.56
C4 FUC MA . -31.47 -33.44 -15.93
C5 FUC MA . -32.77 -32.76 -16.41
C6 FUC MA . -32.86 -32.60 -17.92
O2 FUC MA . -30.88 -30.79 -13.33
O3 FUC MA . -29.90 -33.55 -14.13
O4 FUC MA . -30.42 -33.21 -16.87
O5 FUC MA . -32.95 -31.45 -15.84
C1 NAG NA . 6.66 17.64 33.23
C2 NAG NA . 5.68 18.79 33.08
C3 NAG NA . 6.40 20.04 32.59
C4 NAG NA . 7.51 20.40 33.58
C5 NAG NA . 8.42 19.19 33.83
C6 NAG NA . 9.41 19.43 34.95
C7 NAG NA . 3.31 18.48 32.59
C8 NAG NA . 2.28 18.12 31.55
N2 NAG NA . 4.58 18.45 32.19
O3 NAG NA . 5.45 21.09 32.48
O4 NAG NA . 8.25 21.53 33.14
O5 NAG NA . 7.67 18.01 34.20
O6 NAG NA . 10.30 18.33 35.06
O7 NAG NA . 2.99 18.78 33.74
C1 NAG NA . 7.63 22.71 33.76
C2 NAG NA . 8.68 23.72 34.27
C3 NAG NA . 7.96 24.88 34.97
C4 NAG NA . 6.81 25.44 34.13
C5 NAG NA . 5.95 24.36 33.46
C6 NAG NA . 5.02 24.90 32.40
C7 NAG NA . 10.94 23.12 35.00
C8 NAG NA . 11.77 22.41 36.04
N2 NAG NA . 9.62 23.08 35.18
O3 NAG NA . 8.89 25.90 35.28
O4 NAG NA . 5.97 26.17 35.01
O5 NAG NA . 6.76 23.36 32.83
O6 NAG NA . 3.74 25.23 32.94
O7 NAG NA . 11.45 23.67 34.04
C1 BMA NA . 5.48 27.48 34.59
C2 BMA NA . 4.65 28.01 35.79
C3 BMA NA . 4.32 29.51 35.69
C4 BMA NA . 5.48 30.34 35.15
C5 BMA NA . 6.08 29.67 33.91
C6 BMA NA . 7.28 30.41 33.36
O2 BMA NA . 5.38 27.85 36.99
O3 BMA NA . 3.97 30.00 36.99
O4 BMA NA . 5.04 31.66 34.83
O5 BMA NA . 6.53 28.35 34.27
O6 BMA NA . 7.63 29.81 32.12
C1 MAN NA . 2.78 30.83 37.01
C2 MAN NA . 1.76 30.12 37.95
C3 MAN NA . 0.33 30.42 37.50
C4 MAN NA . 0.25 31.85 36.95
C5 MAN NA . 1.06 31.93 35.65
C6 MAN NA . 1.54 33.34 35.34
O2 MAN NA . 1.85 30.62 39.29
O3 MAN NA . -0.61 30.24 38.56
O4 MAN NA . -1.11 32.18 36.69
O5 MAN NA . 2.24 31.05 35.71
O6 MAN NA . 1.66 33.47 33.93
C1 FUC NA . 11.63 18.85 34.92
C2 FUC NA . 12.58 17.65 35.08
C3 FUC NA . 12.41 16.71 33.89
C4 FUC NA . 12.71 17.46 32.59
C5 FUC NA . 11.78 18.67 32.46
C6 FUC NA . 12.15 19.59 31.31
O2 FUC NA . 12.37 16.96 36.30
O3 FUC NA . 13.33 15.63 34.00
O4 FUC NA . 14.07 17.89 32.58
O5 FUC NA . 11.80 19.50 33.67
C1 NAG OA . -20.83 -4.86 21.79
C2 NAG OA . -21.74 -3.88 22.54
C3 NAG OA . -23.12 -4.48 22.80
C4 NAG OA . -23.72 -5.02 21.51
C5 NAG OA . -22.73 -5.90 20.74
C6 NAG OA . -23.20 -6.24 19.35
C7 NAG OA . -20.76 -4.00 24.89
C8 NAG OA . -20.99 -5.49 24.95
N2 NAG OA . -21.13 -3.35 23.77
O3 NAG OA . -23.97 -3.47 23.35
O4 NAG OA . -24.83 -5.85 21.83
O5 NAG OA . -21.46 -5.24 20.58
O6 NAG OA . -23.12 -5.11 18.49
O7 NAG OA . -20.26 -3.40 25.83
C1 NAG OA . -26.11 -5.25 21.58
C2 NAG OA . -27.00 -6.33 20.96
C3 NAG OA . -28.42 -5.81 20.78
C4 NAG OA . -28.96 -5.29 22.11
C5 NAG OA . -28.01 -4.23 22.66
C6 NAG OA . -28.42 -3.72 24.01
C7 NAG OA . -26.29 -8.08 19.40
C8 NAG OA . -25.73 -8.38 18.04
N2 NAG OA . -26.46 -6.78 19.69
O3 NAG OA . -29.25 -6.87 20.30
O4 NAG OA . -30.26 -4.73 21.93
O5 NAG OA . -26.70 -4.78 22.79
O6 NAG OA . -27.69 -4.38 25.05
O7 NAG OA . -26.58 -8.96 20.19
C1 BMA OA . -31.23 -5.66 22.46
C2 BMA OA . -31.91 -5.01 23.68
C3 BMA OA . -33.05 -5.90 24.17
C4 BMA OA . -33.98 -6.29 23.02
C5 BMA OA . -33.17 -6.95 21.90
C6 BMA OA . -34.02 -7.34 20.70
O2 BMA OA . -32.49 -3.76 23.33
O3 BMA OA . -33.80 -5.26 25.20
O4 BMA OA . -34.97 -7.21 23.48
O5 BMA OA . -32.18 -6.01 21.45
O6 BMA OA . -33.23 -8.12 19.82
C1 NAG PA . -7.70 12.16 33.82
C2 NAG PA . -7.11 12.99 34.96
C3 NAG PA . -6.27 12.12 35.89
C4 NAG PA . -7.05 10.90 36.35
C5 NAG PA . -7.63 10.16 35.15
C6 NAG PA . -8.54 9.02 35.54
C7 NAG PA . -6.76 15.33 34.33
C8 NAG PA . -5.80 16.33 33.75
N2 NAG PA . -6.31 14.09 34.42
O3 NAG PA . -5.86 12.89 37.01
O4 NAG PA . -6.19 10.02 37.07
O5 NAG PA . -8.43 11.05 34.37
O6 NAG PA . -9.86 9.45 35.79
O7 NAG PA . -7.88 15.66 34.70
C1 NAG PA . -6.67 9.83 38.41
C2 NAG PA . -6.23 8.44 38.86
C3 NAG PA . -6.70 8.17 40.29
C4 NAG PA . -6.26 9.28 41.22
C5 NAG PA . -6.63 10.65 40.66
C6 NAG PA . -6.06 11.80 41.46
C7 NAG PA . -5.91 6.54 37.34
C8 NAG PA . -6.59 5.56 36.44
N2 NAG PA . -6.72 7.41 37.96
O3 NAG PA . -6.18 6.92 40.73
O4 NAG PA . -6.92 9.14 42.47
O5 NAG PA . -6.14 10.81 39.32
O6 NAG PA . -6.56 13.05 41.01
O7 NAG PA . -4.70 6.54 37.50
C1 BMA PA . -6.09 8.56 43.49
C2 BMA PA . -6.62 9.08 44.82
C3 BMA PA . -5.85 8.51 46.00
C4 BMA PA . -5.01 7.26 45.66
C5 BMA PA . -5.67 6.38 44.57
C6 BMA PA . -6.84 5.55 45.10
O2 BMA PA . -7.97 8.70 44.99
O3 BMA PA . -6.74 8.22 47.07
O4 BMA PA . -3.69 7.63 45.28
O5 BMA PA . -6.13 7.14 43.41
O6 BMA PA . -6.58 4.18 44.83
C1 MAN PA . -6.31 8.86 48.28
C2 MAN PA . -7.32 8.45 49.41
C3 MAN PA . -8.61 9.26 49.32
C4 MAN PA . -8.30 10.75 49.21
C5 MAN PA . -7.47 10.98 47.96
C6 MAN PA . -7.13 12.44 47.72
O2 MAN PA . -6.79 8.72 50.71
O3 MAN PA . -9.46 9.02 50.44
O4 MAN PA . -9.52 11.49 49.12
O5 MAN PA . -6.22 10.28 48.11
O6 MAN PA . -6.45 12.54 46.48
C1 MAN PA . -5.91 7.63 51.08
C2 MAN PA . -6.73 6.61 51.93
C3 MAN PA . -6.96 7.14 53.36
C4 MAN PA . -5.65 7.65 53.96
C5 MAN PA . -5.10 8.75 53.04
C6 MAN PA . -3.84 9.40 53.57
O2 MAN PA . -6.03 5.38 52.08
O3 MAN PA . -7.53 6.13 54.20
O4 MAN PA . -5.89 8.19 55.25
O5 MAN PA . -4.80 8.15 51.79
O6 MAN PA . -3.43 10.37 52.62
C1 MAN PA . -7.69 3.66 44.07
C2 MAN PA . -7.98 2.24 44.59
C3 MAN PA . -6.82 1.33 44.23
C4 MAN PA . -6.49 1.42 42.74
C5 MAN PA . -6.21 2.88 42.36
C6 MAN PA . -5.95 3.07 40.88
O2 MAN PA . -9.13 1.68 43.96
O3 MAN PA . -7.08 -0.02 44.60
O4 MAN PA . -5.34 0.64 42.44
O5 MAN PA . -7.37 3.67 42.69
O6 MAN PA . -4.89 2.21 40.50
C1 NAG QA . -19.38 -9.59 25.78
C2 NAG QA . -19.99 -10.20 27.04
C3 NAG QA . -20.09 -11.72 26.88
C4 NAG QA . -20.83 -12.07 25.59
C5 NAG QA . -20.21 -11.35 24.40
C6 NAG QA . -20.98 -11.54 23.11
C7 NAG QA . -19.61 -9.00 29.15
C8 NAG QA . -20.94 -8.36 28.93
N2 NAG QA . -19.21 -9.87 28.22
O3 NAG QA . -20.79 -12.27 27.99
O4 NAG QA . -20.74 -13.48 25.35
O5 NAG QA . -20.17 -9.93 24.65
O6 NAG QA . -22.36 -11.22 23.28
O7 NAG QA . -18.93 -8.75 30.14
C1 NAG QA . -22.02 -14.09 25.62
C2 NAG QA . -21.82 -15.61 25.61
C3 NAG QA . -23.12 -16.33 26.00
C4 NAG QA . -23.65 -15.77 27.32
C5 NAG QA . -23.80 -14.26 27.23
C6 NAG QA . -24.23 -13.63 28.53
C7 NAG QA . -22.01 -15.95 23.17
C8 NAG QA . -21.33 -16.51 21.96
N2 NAG QA . -21.34 -16.08 24.32
O3 NAG QA . -22.87 -17.72 26.11
O4 NAG QA . -24.92 -16.35 27.60
O5 NAG QA . -22.52 -13.68 26.89
O6 NAG QA . -23.44 -14.11 29.62
O7 NAG QA . -23.11 -15.41 23.10
C1 NAG RA . 15.10 -8.19 28.99
C2 NAG RA . 14.66 -8.38 30.44
C3 NAG RA . 15.84 -8.20 31.38
C4 NAG RA . 17.02 -9.08 30.97
C5 NAG RA . 17.36 -8.84 29.50
C6 NAG RA . 18.41 -9.78 28.97
C7 NAG RA . 12.50 -7.83 31.47
C8 NAG RA . 11.49 -6.75 31.74
N2 NAG RA . 13.59 -7.47 30.79
O3 NAG RA . 15.44 -8.52 32.71
O4 NAG RA . 18.15 -8.79 31.78
O5 NAG RA . 16.19 -9.05 28.70
O6 NAG RA . 18.19 -11.11 29.43
O7 NAG RA . 12.33 -8.98 31.85
C1 NAG RA . 18.71 -9.98 32.38
C2 NAG RA . 20.22 -9.77 32.56
C3 NAG RA . 20.85 -11.00 33.19
C4 NAG RA . 20.13 -11.37 34.48
C5 NAG RA . 18.63 -11.50 34.24
C6 NAG RA . 17.84 -11.74 35.51
C7 NAG RA . 21.49 -8.32 31.04
C8 NAG RA . 22.09 -8.19 29.67
N2 NAG RA . 20.85 -9.47 31.28
O3 NAG RA . 22.23 -10.75 33.45
O4 NAG RA . 20.62 -12.62 34.96
O5 NAG RA . 18.12 -10.29 33.66
O6 NAG RA . 17.93 -13.10 35.93
O7 NAG RA . 21.59 -7.44 31.88
C1 BMA RA . 21.48 -12.41 36.11
C2 BMA RA . 21.09 -13.45 37.18
C3 BMA RA . 22.07 -13.42 38.34
C4 BMA RA . 23.53 -13.47 37.84
C5 BMA RA . 23.77 -12.34 36.83
C6 BMA RA . 25.18 -12.36 36.26
O2 BMA RA . 21.15 -14.77 36.64
O3 BMA RA . 21.84 -14.47 39.27
O4 BMA RA . 24.42 -13.32 38.94
O5 BMA RA . 22.85 -12.52 35.74
O6 BMA RA . 25.37 -11.17 35.49
C1 FUC RA . 18.47 -12.06 28.38
C2 FUC RA . 18.49 -13.45 29.03
C3 FUC RA . 17.09 -13.81 29.55
C4 FUC RA . 16.06 -13.72 28.42
C5 FUC RA . 16.15 -12.35 27.73
C6 FUC RA . 15.34 -12.27 26.45
O2 FUC RA . 19.45 -13.53 30.08
O3 FUC RA . 17.08 -15.15 30.04
O4 FUC RA . 16.30 -14.75 27.47
O5 FUC RA . 17.51 -12.00 27.36
C1 NAG SA . 14.52 9.66 29.56
C2 NAG SA . 15.14 8.78 30.63
C3 NAG SA . 16.03 9.61 31.56
C4 NAG SA . 17.05 10.40 30.75
C5 NAG SA . 16.34 11.23 29.69
C6 NAG SA . 17.30 11.96 28.77
C7 NAG SA . 14.18 6.82 31.77
C8 NAG SA . 13.03 6.29 32.56
N2 NAG SA . 14.11 8.10 31.41
O3 NAG SA . 16.71 8.75 32.47
O4 NAG SA . 17.80 11.26 31.61
O5 NAG SA . 15.56 10.36 28.85
O6 NAG SA . 17.12 11.57 27.41
O7 NAG SA . 15.14 6.11 31.48
C1 NAG SA . 19.20 10.93 31.57
C2 NAG SA . 20.00 12.20 31.90
C3 NAG SA . 21.49 11.88 31.91
C4 NAG SA . 21.79 10.71 32.83
C5 NAG SA . 20.91 9.51 32.47
C6 NAG SA . 21.06 8.35 33.44
C7 NAG SA . 19.00 14.35 31.29
C8 NAG SA . 18.80 15.35 30.19
N2 NAG SA . 19.70 13.26 30.96
O3 NAG SA . 22.21 13.03 32.35
O4 NAG SA . 23.15 10.33 32.71
O5 NAG SA . 19.53 9.90 32.50
O6 NAG SA . 20.29 7.24 33.02
O7 NAG SA . 18.55 14.52 32.41
C1 BMA SA . 23.87 10.58 33.93
C2 BMA SA . 25.38 10.28 33.67
C3 BMA SA . 26.23 10.68 34.87
C4 BMA SA . 25.90 12.10 35.34
C5 BMA SA . 24.39 12.21 35.62
C6 BMA SA . 23.98 13.59 36.11
O2 BMA SA . 25.85 11.03 32.56
O3 BMA SA . 27.61 10.58 34.58
O4 BMA SA . 26.63 12.41 36.52
O5 BMA SA . 23.69 11.92 34.40
O6 BMA SA . 22.69 13.48 36.70
C1 NAG TA . -2.65 -7.39 31.17
C2 NAG TA . -3.66 -7.37 32.34
C3 NAG TA . -3.27 -8.41 33.38
C4 NAG TA . -3.10 -9.78 32.75
C5 NAG TA . -2.12 -9.70 31.59
C6 NAG TA . -2.00 -11.01 30.82
C7 NAG TA . -4.88 -5.55 33.45
C8 NAG TA . -4.78 -4.18 34.03
N2 NAG TA . -3.75 -6.05 32.94
O3 NAG TA . -4.27 -8.46 34.39
O4 NAG TA . -2.57 -10.68 33.72
O5 NAG TA . -2.56 -8.72 30.64
O6 NAG TA . -2.99 -11.11 29.82
O7 NAG TA . -5.92 -6.19 33.44
C1 NAG TA . -3.52 -11.74 33.99
C2 NAG TA . -2.99 -12.56 35.16
C3 NAG TA . -3.96 -13.69 35.50
C4 NAG TA . -5.35 -13.12 35.74
C5 NAG TA . -5.79 -12.27 34.55
C6 NAG TA . -7.12 -11.57 34.77
C7 NAG TA . -0.54 -12.49 35.26
C8 NAG TA . 0.74 -13.19 34.88
N2 NAG TA . -1.67 -13.09 34.88
O3 NAG TA . -3.51 -14.36 36.66
O4 NAG TA . -6.28 -14.19 35.91
O5 NAG TA . -4.82 -11.24 34.30
O6 NAG TA . -7.53 -11.67 36.12
O7 NAG TA . -0.54 -11.43 35.88
C1 NAG UA . -16.79 14.82 17.25
C2 NAG UA . -16.84 13.83 18.41
C3 NAG UA . -17.98 14.19 19.35
C4 NAG UA . -17.90 15.65 19.79
C5 NAG UA . -17.81 16.55 18.56
C6 NAG UA . -17.60 18.00 18.91
C7 NAG UA . -15.95 11.62 17.80
C8 NAG UA . -16.28 10.26 17.30
N2 NAG UA . -16.98 12.47 17.93
O3 NAG UA . -17.93 13.33 20.48
O4 NAG UA . -19.05 16.01 20.53
O5 NAG UA . -16.68 16.15 17.75
O6 NAG UA . -17.20 18.16 20.26
O7 NAG UA . -14.80 11.96 18.08
C1 NAG UA . -18.83 15.85 21.95
C2 NAG UA . -19.84 16.70 22.71
C3 NAG UA . -19.70 16.46 24.21
C4 NAG UA . -19.79 14.98 24.54
C5 NAG UA . -18.77 14.21 23.71
C6 NAG UA . -18.84 12.72 23.89
C7 NAG UA . -20.63 18.88 21.90
C8 NAG UA . -20.26 20.31 21.65
N2 NAG UA . -19.66 18.12 22.41
O3 NAG UA . -20.74 17.17 24.90
O4 NAG UA . -19.54 14.76 25.91
O5 NAG UA . -18.99 14.48 22.32
O6 NAG UA . -20.19 12.29 24.04
O7 NAG UA . -21.75 18.44 21.65
C1 BMA UA . -20.74 14.30 26.56
C2 BMA UA . -20.31 13.24 27.60
C3 BMA UA . -21.46 12.90 28.55
C4 BMA UA . -22.18 14.15 29.05
C5 BMA UA . -22.60 15.01 27.86
C6 BMA UA . -23.31 16.27 28.29
O2 BMA UA . -19.26 13.75 28.41
O3 BMA UA . -20.97 12.16 29.66
O4 BMA UA . -23.34 13.81 29.79
O5 BMA UA . -21.42 15.39 27.16
O6 BMA UA . -22.55 16.86 29.33
C1 MAN UA . -21.81 11.01 29.88
C2 MAN UA . -21.45 10.44 31.27
C3 MAN UA . -20.06 9.84 31.23
C4 MAN UA . -19.98 8.77 30.15
C5 MAN UA . -20.29 9.41 28.80
C6 MAN UA . -20.33 8.41 27.67
O2 MAN UA . -22.32 9.36 31.61
O3 MAN UA . -19.68 9.28 32.50
O4 MAN UA . -18.69 8.21 30.11
O5 MAN UA . -21.61 10.04 28.86
O6 MAN UA . -19.55 7.29 28.06
C1 MAN UA . -22.89 9.60 32.91
C2 MAN UA . -22.90 8.24 33.65
C3 MAN UA . -23.87 7.29 32.97
C4 MAN UA . -25.25 7.94 32.80
C5 MAN UA . -25.11 9.27 32.04
C6 MAN UA . -26.42 10.02 31.93
O2 MAN UA . -23.38 8.39 34.98
O3 MAN UA . -23.99 6.06 33.67
O4 MAN UA . -26.10 7.08 32.06
O5 MAN UA . -24.19 10.12 32.77
O6 MAN UA . -26.73 10.55 33.21
C1 MAN UA . -23.32 17.92 29.93
C2 MAN UA . -22.36 19.10 30.21
C3 MAN UA . -21.41 18.73 31.35
C4 MAN UA . -22.17 18.21 32.57
C5 MAN UA . -23.05 17.02 32.16
C6 MAN UA . -23.89 16.49 33.29
O2 MAN UA . -23.07 20.26 30.65
O3 MAN UA . -20.59 19.84 31.72
O4 MAN UA . -21.26 17.80 33.58
O5 MAN UA . -23.95 17.45 31.12
O6 MAN UA . -24.48 15.26 32.87
C1 NAG VA . -38.32 12.77 6.24
C2 NAG VA . -37.80 11.63 7.11
C3 NAG VA . -38.86 10.53 7.23
C4 NAG VA . -40.19 11.11 7.71
C5 NAG VA . -40.60 12.26 6.79
C6 NAG VA . -41.86 12.97 7.24
C7 NAG VA . -35.55 10.67 7.30
C8 NAG VA . -34.37 10.13 6.55
N2 NAG VA . -36.57 11.08 6.55
O3 NAG VA . -38.41 9.56 8.17
O4 NAG VA . -41.19 10.11 7.66
O5 NAG VA . -39.56 13.25 6.77
O6 NAG VA . -42.11 14.13 6.45
O7 NAG VA . -35.56 10.75 8.52
C1 NAG VA . -41.73 9.89 8.99
C2 NAG VA . -43.19 9.47 8.85
C3 NAG VA . -43.78 9.18 10.22
C4 NAG VA . -42.93 8.17 10.98
C5 NAG VA . -41.48 8.65 11.03
C6 NAG VA . -40.55 7.63 11.65
C7 NAG VA . -44.58 10.26 6.99
C8 NAG VA . -45.34 11.42 6.42
N2 NAG VA . -43.96 10.49 8.16
O3 NAG VA . -45.11 8.68 10.07
O4 NAG VA . -43.42 8.02 12.30
O5 NAG VA . -41.00 8.88 9.70
O6 NAG VA . -40.52 6.43 10.90
O7 NAG VA . -44.53 9.17 6.43
C1 NAG WA . -12.17 28.67 20.45
C2 NAG WA . -13.12 29.86 20.58
C3 NAG WA . -12.83 30.65 21.84
C4 NAG WA . -12.80 29.72 23.04
C5 NAG WA . -11.63 28.75 22.89
C6 NAG WA . -11.97 27.33 23.31
C7 NAG WA . -14.13 31.19 18.77
C8 NAG WA . -13.85 32.05 17.57
N2 NAG WA . -13.05 30.72 19.41
O3 NAG WA . -13.84 31.64 22.03
O4 NAG WA . -12.63 30.47 24.23
O5 NAG WA . -11.17 28.70 21.53
O6 NAG WA . -13.33 27.19 23.67
O7 NAG WA . -15.26 30.93 19.14
C1 NAG WA . -13.68 30.15 25.16
C2 NAG WA . -13.07 30.03 26.55
C3 NAG WA . -14.15 29.75 27.59
C4 NAG WA . -15.26 30.78 27.50
C5 NAG WA . -15.79 30.87 26.07
C6 NAG WA . -16.79 31.99 25.88
C7 NAG WA . -10.97 29.05 27.38
C8 NAG WA . -10.01 27.89 27.27
N2 NAG WA . -12.04 28.99 26.58
O3 NAG WA . -13.56 29.76 28.89
O4 NAG WA . -16.33 30.45 28.38
O5 NAG WA . -14.70 31.15 25.16
O6 NAG WA . -18.10 31.56 26.25
O7 NAG WA . -10.78 29.99 28.15
C1 BMA WA . -16.43 31.47 29.39
C2 BMA WA . -17.89 31.49 29.93
C3 BMA WA . -18.01 32.47 31.10
C4 BMA WA . -16.90 32.25 32.13
C5 BMA WA . -15.52 32.26 31.45
C6 BMA WA . -14.38 31.99 32.42
O2 BMA WA . -18.27 30.21 30.42
O3 BMA WA . -19.28 32.39 31.72
O4 BMA WA . -16.94 33.28 33.12
O5 BMA WA . -15.51 31.23 30.45
O6 BMA WA . -14.47 30.65 32.85
C1 FUC WA . -13.40 26.44 24.90
C2 FUC WA . -14.90 26.33 25.34
C3 FUC WA . -15.67 25.41 24.40
C4 FUC WA . -15.00 24.04 24.37
C5 FUC WA . -13.55 24.19 23.93
C6 FUC WA . -12.76 22.88 24.01
O2 FUC WA . -15.54 27.59 25.45
O3 FUC WA . -17.00 25.22 24.89
O4 FUC WA . -15.06 23.46 25.65
O5 FUC WA . -12.82 25.15 24.75
C1 NAG XA . -27.44 28.04 16.12
C2 NAG XA . -27.90 26.94 17.07
C3 NAG XA . -29.38 27.09 17.34
C4 NAG XA . -29.70 28.49 17.87
C5 NAG XA . -29.06 29.58 16.99
C6 NAG XA . -29.08 30.93 17.68
C7 NAG XA . -27.46 24.54 17.37
C8 NAG XA . -27.17 23.25 16.68
N2 NAG XA . -27.60 25.61 16.57
O3 NAG XA . -29.80 26.12 18.31
O4 NAG XA . -31.11 28.67 17.84
O5 NAG XA . -27.68 29.30 16.70
O6 NAG XA . -29.05 30.75 19.10
O7 NAG XA . -27.54 24.63 18.59
C1 NAG XA . -31.64 28.85 19.16
C2 NAG XA . -33.16 28.98 19.00
C3 NAG XA . -33.80 29.19 20.36
C4 NAG XA . -33.40 28.09 21.33
C5 NAG XA . -31.88 27.94 21.37
C6 NAG XA . -31.43 26.75 22.18
C7 NAG XA . -33.75 29.84 16.78
C8 NAG XA . -34.09 31.05 15.98
N2 NAG XA . -33.50 30.05 18.09
O3 NAG XA . -35.23 29.22 20.20
O4 NAG XA . -33.87 28.39 22.64
O5 NAG XA . -31.35 27.76 20.04
O6 NAG XA . -31.64 26.95 23.57
O7 NAG XA . -33.70 28.71 16.28
C1 BMA XA . -35.10 27.68 22.89
C2 BMA XA . -34.95 26.97 24.25
C3 BMA XA . -36.30 26.28 24.59
C4 BMA XA . -37.50 27.26 24.48
C5 BMA XA . -37.49 27.94 23.09
C6 BMA XA . -38.55 29.00 22.94
O2 BMA XA . -34.66 27.90 25.26
O3 BMA XA . -36.30 25.46 25.82
O4 BMA XA . -38.72 26.56 24.64
O5 BMA XA . -36.20 28.58 22.91
O6 BMA XA . -38.29 29.74 21.75
C1 MAN XA . -36.32 26.11 27.13
C2 MAN XA . -37.74 25.83 27.76
C3 MAN XA . -38.07 26.86 28.83
C4 MAN XA . -36.77 27.43 29.45
C5 MAN XA . -36.01 28.22 28.38
C6 MAN XA . -34.56 28.49 28.74
O2 MAN XA . -37.77 24.56 28.42
O3 MAN XA . -38.91 26.33 29.85
O4 MAN XA . -37.10 28.28 30.54
O5 MAN XA . -36.04 27.52 27.10
O6 MAN XA . -34.10 29.55 27.92
C1 MAN XA . -39.48 29.70 20.91
C2 MAN XA . -39.11 28.93 19.61
C3 MAN XA . -38.22 29.80 18.71
C4 MAN XA . -38.84 31.18 18.50
C5 MAN XA . -39.07 31.84 19.86
C6 MAN XA . -39.71 33.21 19.76
O2 MAN XA . -40.27 28.62 18.84
O3 MAN XA . -37.99 29.17 17.45
O4 MAN XA . -37.97 31.99 17.72
O5 MAN XA . -39.95 31.01 20.65
O6 MAN XA . -41.06 33.05 19.36
C1 FUC XA . -28.69 31.97 19.76
C2 FUC XA . -29.35 31.95 21.14
C3 FUC XA . -28.79 30.79 21.96
C4 FUC XA . -27.26 30.91 22.06
C5 FUC XA . -26.67 31.04 20.65
C6 FUC XA . -25.19 31.37 20.68
O2 FUC XA . -30.78 31.86 21.05
O3 FUC XA . -29.31 30.84 23.29
O4 FUC XA . -26.93 32.05 22.83
O5 FUC XA . -27.30 32.07 19.88
C1 NAG YA . 16.67 29.55 1.27
C2 NAG YA . 16.98 31.01 0.93
C3 NAG YA . 16.87 31.88 2.18
C4 NAG YA . 15.51 31.68 2.84
C5 NAG YA . 15.25 30.21 3.11
C6 NAG YA . 13.87 29.94 3.66
C7 NAG YA . 19.45 30.84 0.91
C8 NAG YA . 20.68 31.08 0.09
N2 NAG YA . 18.30 31.16 0.31
O3 NAG YA . 17.03 33.25 1.82
O4 NAG YA . 15.47 32.40 4.08
O5 NAG YA . 15.38 29.46 1.89
O6 NAG YA . 13.60 30.71 4.80
O7 NAG YA . 19.50 30.38 2.05
#